data_9B0Y
#
_entry.id   9B0Y
#
_cell.length_a   1.00
_cell.length_b   1.00
_cell.length_c   1.00
_cell.angle_alpha   90.00
_cell.angle_beta   90.00
_cell.angle_gamma   90.00
#
_symmetry.space_group_name_H-M   'P 1'
#
loop_
_entity.id
_entity.type
_entity.pdbx_description
1 polymer 'Spike glycoprotein'
2 branched 2-acetamido-2-deoxy-beta-D-glucopyranose-(1-4)-[alpha-L-fucopyranose-(1-6)]2-acetamido-2-deoxy-beta-D-glucopyranose
3 branched 2-acetamido-2-deoxy-beta-D-glucopyranose-(1-4)-2-acetamido-2-deoxy-beta-D-glucopyranose
4 branched beta-D-mannopyranose-(1-4)-2-acetamido-2-deoxy-beta-D-glucopyranose-(1-4)-2-acetamido-2-deoxy-beta-D-glucopyranose
5 branched alpha-D-mannopyranose-(1-4)-2-acetamido-2-deoxy-beta-D-glucopyranose-(1-4)-2-acetamido-2-deoxy-beta-D-glucopyranose
6 non-polymer 2-acetamido-2-deoxy-beta-D-glucopyranose
#
_entity_poly.entity_id   1
_entity_poly.type   'polypeptide(L)'
_entity_poly.pdbx_seq_one_letter_code
;MFVFLVLLPLVSSQCVNLSAWSHPQFEKGGGSGGGSGGSSAWSHPQFEKSALVPRGSTTRTQLPPAYTNSFTRGVYYPDK
VFRSSVLHSTQDLFLPFFSNVTWFHAIHVSGTNGTKRFDNPVLPFNDGVYFASTEKSNIIRGWIFGTTLDSKTQSLLIVN
NATNVVIKVCEFQFCNDPFLGVYYHKNNKSWMESEFRVYSSANNCTFEYVSQPFLMDLEGKQGNFKNLREFVFKNIDGYF
KIYSKHTPINLVRDLPQGFSALEPLVDLPIGINITRFQTLLALHRSYLTPGDSSSGWTAGAAAYYVGYLQPRTFLLKYNE
NGTITDAVDCALDPLSETKCTLKSFTVEKGIYQTSNFRVQPTESIVRFPNITNLCPFGEVFNATRFASVYAWNRKRISNC
VADYSVLYNSASFSTFKCYGVSPTKLNDLCFTNVYADSFVIRGDEVRQIAPGQTGKIADYNYKLPDDFTGCVIAWNSNNL
DSKVGGNYNYLYRLFRKSNLKPFERDISTEIYQAGSTPCNGVEGFNCYFPLQSYGFQPTNGVGYQPYRVVVLSFELLHAP
ATVCGPKKSTNLVKNKCVNFNFNGLTGTGVLTESNKKFLPFQQFGRDIADTTDAVRDPQTLEILDITPCSFGGVSVITPG
TNTSNQVAVLYQGVNCTEVPVAIHADQLTPTWRVYSTGSNVFQTRAGCLIGAEHVNNSYECDIPIGAGICASYQTQTNSP
GSASSVASQSIIAYTMSLGAENSVAYSNNSIAIPTNFTISVTTEILPVSMTKTSVDCTMYICGDSTECSNLLLQYGSFCT
QLNRALTGIAVEQDKNTQEVFAQVKQIYKTPPIKDFGGFNFSQILPDPSKPSKRSFIEDLLFNKVTLADAGFIKQYGDCL
GDIAARDLICAQKFNGLTVLPPLLTDEMIAQYTSALLAGTITSGWTFGAGAALQIPFAMQMAYRFNGIGVTQNVLYENQK
LIANQFNSAIGKIQDSLSSTASALGKLQDVVNQNAQALNTLVKQLSSNFGAISSVLNDILSRLDPPEAEVQIDRLITGRL
QSLQTYVTQQLIRAAEIRASANLAATKMSECVLGQSKRVDFCGKGYHLMSFPQSAPHGVVFLHVTYVPAQEKNFTTAPAI
CHDGKAHFPREGVFVSNGTHWFVTQRNFYEPQIITTDNTFVSGNCDVVIGIVNNTVYDPLQPELDSFKEELDKYFKNHTS
PDVDLGDISGINASVVNIQKEIDRLNEVAKNLNESLIDLQELGKYEQGSGYIPEAPRDGQAYVRKDGEWVLLSTF
;
_entity_poly.pdbx_strand_id   A,B,C
#
loop_
_chem_comp.id
_chem_comp.type
_chem_comp.name
_chem_comp.formula
BMA D-saccharide, beta linking beta-D-mannopyranose 'C6 H12 O6'
FUC L-saccharide, alpha linking alpha-L-fucopyranose 'C6 H12 O5'
MAN D-saccharide, alpha linking alpha-D-mannopyranose 'C6 H12 O6'
NAG D-saccharide, beta linking 2-acetamido-2-deoxy-beta-D-glucopyranose 'C8 H15 N O6'
#
# COMPACT_ATOMS: atom_id res chain seq x y z
N ALA A 66 -14.29 -33.14 47.42
CA ALA A 66 -13.32 -32.12 47.78
C ALA A 66 -12.79 -31.43 46.53
N TYR A 67 -11.70 -30.68 46.70
CA TYR A 67 -11.07 -29.97 45.59
C TYR A 67 -9.55 -30.04 45.75
N THR A 68 -8.86 -29.88 44.63
CA THR A 68 -7.41 -29.82 44.62
C THR A 68 -6.97 -29.07 43.37
N ASN A 69 -5.70 -28.67 43.36
CA ASN A 69 -5.17 -27.76 42.35
C ASN A 69 -4.46 -28.54 41.26
N SER A 70 -4.87 -28.33 40.01
CA SER A 70 -4.18 -28.89 38.85
C SER A 70 -3.21 -27.84 38.32
N PHE A 71 -1.96 -27.94 38.75
CA PHE A 71 -0.98 -26.90 38.47
C PHE A 71 -0.75 -26.73 36.97
N THR A 72 -0.19 -27.75 36.33
CA THR A 72 0.09 -27.70 34.89
C THR A 72 -0.19 -29.06 34.27
N ARG A 73 -1.32 -29.66 34.64
CA ARG A 73 -1.69 -30.98 34.17
C ARG A 73 -2.67 -30.90 33.01
N GLY A 74 -2.88 -32.05 32.37
CA GLY A 74 -3.82 -32.13 31.26
C GLY A 74 -3.38 -31.39 30.02
N VAL A 75 -2.10 -31.47 29.66
CA VAL A 75 -1.58 -30.90 28.43
C VAL A 75 -1.20 -32.06 27.51
N TYR A 76 -1.72 -32.02 26.28
CA TYR A 76 -1.51 -33.09 25.31
C TYR A 76 -1.07 -32.48 23.99
N TYR A 77 -0.75 -33.36 23.05
CA TYR A 77 -0.37 -32.92 21.71
C TYR A 77 -1.63 -32.64 20.90
N PRO A 78 -1.84 -31.41 20.43
CA PRO A 78 -3.16 -31.07 19.87
C PRO A 78 -3.42 -31.69 18.50
N ASP A 79 -2.40 -31.83 17.67
CA ASP A 79 -2.58 -32.24 16.29
C ASP A 79 -1.71 -33.44 15.97
N LYS A 80 -1.91 -33.99 14.77
CA LYS A 80 -1.16 -35.14 14.28
C LYS A 80 0.13 -34.75 13.58
N VAL A 81 0.65 -33.56 13.85
CA VAL A 81 1.82 -33.04 13.16
C VAL A 81 2.96 -32.89 14.15
N PHE A 82 4.18 -33.07 13.67
CA PHE A 82 5.37 -32.94 14.50
C PHE A 82 5.92 -31.52 14.41
N ARG A 83 6.57 -31.10 15.50
CA ARG A 83 7.27 -29.83 15.54
C ARG A 83 8.48 -29.97 16.43
N SER A 84 9.46 -29.10 16.22
CA SER A 84 10.74 -29.21 16.92
C SER A 84 11.36 -27.83 17.13
N SER A 85 11.78 -27.58 18.37
CA SER A 85 12.52 -26.36 18.71
C SER A 85 11.74 -25.12 18.30
N VAL A 86 10.42 -25.17 18.45
CA VAL A 86 9.55 -24.07 18.08
C VAL A 86 8.50 -23.89 19.16
N LEU A 87 7.97 -22.68 19.25
CA LEU A 87 6.84 -22.36 20.12
C LEU A 87 5.60 -22.21 19.26
N HIS A 88 4.59 -23.04 19.54
CA HIS A 88 3.38 -23.09 18.74
C HIS A 88 2.19 -22.69 19.59
N SER A 89 1.24 -21.99 18.98
CA SER A 89 0.02 -21.55 19.65
C SER A 89 -1.17 -22.28 19.04
N THR A 90 -1.97 -22.91 19.88
CA THR A 90 -3.12 -23.69 19.44
C THR A 90 -4.34 -23.36 20.28
N GLN A 91 -5.49 -23.25 19.62
CA GLN A 91 -6.77 -23.07 20.27
C GLN A 91 -7.49 -24.41 20.26
N ASP A 92 -7.60 -25.04 21.43
CA ASP A 92 -8.21 -26.35 21.52
C ASP A 92 -8.66 -26.58 22.96
N LEU A 93 -9.50 -27.60 23.14
CA LEU A 93 -9.99 -27.95 24.47
C LEU A 93 -8.84 -28.37 25.37
N PHE A 94 -8.49 -27.52 26.33
CA PHE A 94 -7.42 -27.79 27.28
C PHE A 94 -7.95 -27.68 28.71
N LEU A 95 -7.16 -28.20 29.65
CA LEU A 95 -7.46 -28.06 31.06
C LEU A 95 -6.79 -26.79 31.58
N PRO A 96 -7.56 -25.79 32.03
CA PRO A 96 -6.92 -24.55 32.49
C PRO A 96 -5.95 -24.81 33.63
N PHE A 97 -4.83 -24.10 33.63
CA PHE A 97 -3.85 -24.25 34.69
C PHE A 97 -4.42 -23.80 36.02
N PHE A 98 -3.98 -24.47 37.09
CA PHE A 98 -4.37 -24.12 38.45
C PHE A 98 -5.89 -24.14 38.63
N SER A 99 -6.53 -25.13 38.03
CA SER A 99 -7.97 -25.29 38.15
C SER A 99 -8.35 -26.20 39.31
N ASN A 100 -9.62 -26.16 39.67
CA ASN A 100 -10.23 -27.03 40.66
C ASN A 100 -10.58 -28.35 39.99
N VAL A 101 -9.83 -29.42 40.30
CA VAL A 101 -10.19 -30.77 39.87
C VAL A 101 -10.75 -31.52 41.06
N THR A 102 -11.93 -32.10 40.89
CA THR A 102 -12.63 -32.75 41.99
C THR A 102 -12.01 -34.10 42.30
N TRP A 103 -11.51 -34.26 43.51
CA TRP A 103 -11.00 -35.55 43.95
C TRP A 103 -12.15 -36.39 44.51
N PHE A 104 -12.20 -37.65 44.10
CA PHE A 104 -13.27 -38.56 44.49
C PHE A 104 -12.71 -39.71 45.31
N HIS A 105 -13.35 -40.02 46.43
CA HIS A 105 -12.98 -41.11 47.30
C HIS A 105 -14.21 -41.93 47.64
N ALA A 106 -14.01 -43.24 47.78
CA ALA A 106 -15.09 -44.17 48.10
C ALA A 106 -14.89 -44.71 49.51
N ILE A 107 -15.91 -44.57 50.34
CA ILE A 107 -15.87 -45.04 51.73
C ILE A 107 -16.35 -46.48 51.70
N HIS A 108 -15.41 -47.40 51.46
CA HIS A 108 -15.64 -48.85 51.39
C HIS A 108 -17.08 -49.29 51.70
N LYS A 116 -21.23 -50.12 52.83
CA LYS A 116 -21.01 -48.88 53.57
C LYS A 116 -21.31 -47.67 52.68
N ARG A 117 -20.72 -46.53 53.00
CA ARG A 117 -20.94 -45.32 52.23
C ARG A 117 -20.04 -45.28 51.00
N PHE A 118 -20.06 -46.35 50.21
CA PHE A 118 -19.27 -46.40 48.99
C PHE A 118 -19.72 -45.31 48.02
N ASP A 119 -18.76 -44.64 47.39
CA ASP A 119 -19.03 -43.52 46.50
C ASP A 119 -18.40 -43.80 45.14
N ASN A 120 -19.21 -43.63 44.09
CA ASN A 120 -18.74 -43.75 42.71
C ASN A 120 -19.76 -43.07 41.80
N PRO A 121 -19.85 -41.74 41.86
CA PRO A 121 -20.90 -41.04 41.12
C PRO A 121 -20.68 -41.09 39.62
N VAL A 122 -21.74 -40.78 38.89
CA VAL A 122 -21.72 -40.70 37.43
C VAL A 122 -21.62 -39.22 37.08
N LEU A 123 -20.43 -38.77 36.71
CA LEU A 123 -20.18 -37.36 36.46
C LEU A 123 -20.69 -36.93 35.09
N PRO A 124 -20.89 -35.63 34.90
CA PRO A 124 -21.21 -35.13 33.55
C PRO A 124 -20.00 -35.21 32.63
N PHE A 125 -20.26 -35.02 31.34
CA PHE A 125 -19.22 -35.03 30.32
C PHE A 125 -19.59 -33.99 29.27
N ASN A 126 -19.01 -32.80 29.38
CA ASN A 126 -19.27 -31.72 28.45
C ASN A 126 -17.95 -31.20 27.90
N ASP A 127 -17.91 -30.99 26.59
CA ASP A 127 -16.74 -30.43 25.90
C ASP A 127 -15.44 -30.99 26.47
N GLY A 128 -15.34 -32.31 26.48
CA GLY A 128 -14.12 -32.97 26.90
C GLY A 128 -14.03 -33.13 28.41
N VAL A 129 -13.11 -33.99 28.83
CA VAL A 129 -12.89 -34.27 30.24
C VAL A 129 -11.46 -34.73 30.43
N TYR A 130 -10.88 -34.36 31.57
CA TYR A 130 -9.56 -34.79 31.98
C TYR A 130 -9.69 -35.73 33.17
N PHE A 131 -8.88 -36.79 33.20
CA PHE A 131 -8.97 -37.79 34.24
C PHE A 131 -7.57 -38.11 34.76
N ALA A 132 -7.47 -38.29 36.07
CA ALA A 132 -6.22 -38.67 36.71
C ALA A 132 -6.54 -39.56 37.90
N SER A 133 -5.62 -40.47 38.21
CA SER A 133 -5.87 -41.42 39.29
C SER A 133 -4.58 -42.15 39.64
N THR A 134 -4.36 -42.35 40.94
CA THR A 134 -3.27 -43.19 41.42
C THR A 134 -3.81 -44.61 41.58
N GLU A 135 -3.89 -45.31 40.46
CA GLU A 135 -4.54 -46.60 40.42
C GLU A 135 -3.76 -47.64 41.22
N LYS A 136 -4.42 -48.75 41.51
CA LYS A 136 -3.81 -49.87 42.26
C LYS A 136 -4.30 -51.16 41.62
N SER A 137 -3.40 -51.83 40.90
CA SER A 137 -3.74 -53.07 40.18
C SER A 137 -4.89 -52.85 39.21
N ASN A 138 -4.95 -51.66 38.60
CA ASN A 138 -5.99 -51.31 37.64
C ASN A 138 -7.38 -51.48 38.27
N ILE A 139 -7.53 -50.95 39.48
CA ILE A 139 -8.84 -50.97 40.14
C ILE A 139 -9.85 -50.13 39.36
N ILE A 140 -9.38 -49.09 38.68
CA ILE A 140 -10.25 -48.31 37.81
C ILE A 140 -10.33 -49.02 36.47
N ARG A 141 -11.27 -49.96 36.35
CA ARG A 141 -11.38 -50.81 35.17
C ARG A 141 -12.20 -50.10 34.09
N GLY A 142 -11.57 -49.10 33.49
CA GLY A 142 -12.19 -48.39 32.40
C GLY A 142 -13.30 -47.46 32.87
N TRP A 143 -14.07 -46.99 31.88
CA TRP A 143 -15.10 -45.99 32.12
C TRP A 143 -16.26 -46.23 31.17
N ILE A 144 -17.41 -45.67 31.52
CA ILE A 144 -18.60 -45.69 30.67
C ILE A 144 -18.87 -44.27 30.20
N PHE A 145 -19.29 -44.15 28.94
CA PHE A 145 -19.62 -42.86 28.36
C PHE A 145 -20.95 -43.00 27.62
N GLY A 146 -21.95 -42.25 28.05
CA GLY A 146 -23.26 -42.31 27.44
C GLY A 146 -24.08 -41.09 27.76
N THR A 147 -25.38 -41.20 27.50
CA THR A 147 -26.31 -40.10 27.73
C THR A 147 -27.44 -40.46 28.69
N THR A 148 -27.96 -41.68 28.61
CA THR A 148 -29.01 -42.13 29.51
C THR A 148 -28.61 -43.34 30.34
N LEU A 149 -27.79 -44.24 29.81
CA LEU A 149 -27.30 -45.39 30.56
C LEU A 149 -28.44 -46.26 31.08
N ASP A 150 -29.51 -46.35 30.29
CA ASP A 150 -30.65 -47.20 30.62
C ASP A 150 -31.09 -48.01 29.40
N SER A 151 -30.14 -48.39 28.55
CA SER A 151 -30.40 -49.17 27.35
C SER A 151 -31.24 -48.39 26.33
N LYS A 152 -31.32 -47.08 26.48
CA LYS A 152 -32.09 -46.25 25.55
C LYS A 152 -31.16 -45.50 24.59
N GLN A 154 -26.66 -44.97 23.27
CA GLN A 154 -25.52 -45.87 23.23
C GLN A 154 -24.61 -45.62 24.43
N SER A 155 -23.63 -46.50 24.62
CA SER A 155 -22.72 -46.41 25.76
C SER A 155 -21.37 -46.97 25.36
N LEU A 156 -20.31 -46.38 25.90
CA LEU A 156 -18.96 -46.76 25.55
C LEU A 156 -18.37 -47.56 26.70
N LEU A 157 -18.30 -48.87 26.54
CA LEU A 157 -17.70 -49.74 27.57
C LEU A 157 -16.22 -49.93 27.24
N ILE A 158 -15.47 -48.86 27.45
CA ILE A 158 -14.02 -48.90 27.26
C ILE A 158 -13.43 -49.42 28.56
N VAL A 159 -13.40 -50.74 28.70
CA VAL A 159 -13.06 -51.39 29.96
C VAL A 159 -11.85 -52.28 29.75
N ASN A 160 -11.11 -52.49 30.84
CA ASN A 160 -9.91 -53.33 30.85
C ASN A 160 -10.14 -54.42 31.90
N ASN A 161 -10.77 -55.50 31.48
CA ASN A 161 -11.03 -56.63 32.35
C ASN A 161 -9.86 -57.61 32.28
N ALA A 162 -10.03 -58.80 32.86
CA ALA A 162 -8.94 -59.78 32.86
C ALA A 162 -8.52 -60.18 31.46
N THR A 163 -9.38 -60.00 30.45
CA THR A 163 -9.03 -60.37 29.09
C THR A 163 -8.17 -59.30 28.44
N ASN A 164 -8.74 -58.12 28.22
CA ASN A 164 -8.00 -57.02 27.61
C ASN A 164 -8.79 -55.71 27.67
N VAL A 165 -8.25 -54.66 27.07
CA VAL A 165 -8.93 -53.36 27.01
C VAL A 165 -9.89 -53.41 25.82
N VAL A 166 -11.16 -53.69 26.10
CA VAL A 166 -12.15 -53.89 25.07
C VAL A 166 -13.04 -52.67 24.96
N ILE A 167 -13.49 -52.38 23.74
CA ILE A 167 -14.44 -51.31 23.46
C ILE A 167 -15.75 -51.96 23.04
N LYS A 168 -16.86 -51.24 23.28
CA LYS A 168 -18.16 -51.77 22.93
C LYS A 168 -19.15 -50.62 22.84
N VAL A 169 -20.11 -50.72 21.92
CA VAL A 169 -21.13 -49.70 21.79
C VAL A 169 -22.48 -50.38 21.57
N CYS A 170 -23.27 -50.51 22.64
CA CYS A 170 -24.62 -51.03 22.56
C CYS A 170 -25.49 -50.30 23.57
N GLU A 171 -26.71 -50.81 23.76
CA GLU A 171 -27.64 -50.31 24.74
C GLU A 171 -27.71 -51.31 25.87
N PHE A 172 -27.40 -50.87 27.09
CA PHE A 172 -27.24 -51.74 28.23
C PHE A 172 -28.20 -51.33 29.34
N GLN A 173 -28.83 -52.32 29.96
CA GLN A 173 -29.68 -52.08 31.13
C GLN A 173 -28.80 -52.11 32.38
N PHE A 174 -28.02 -51.04 32.54
CA PHE A 174 -27.10 -50.94 33.66
C PHE A 174 -27.85 -51.08 34.97
N CYS A 175 -27.29 -51.89 35.88
CA CYS A 175 -27.92 -52.13 37.17
C CYS A 175 -27.83 -50.87 38.04
N ASN A 176 -28.62 -50.87 39.11
CA ASN A 176 -28.62 -49.73 40.03
C ASN A 176 -27.22 -49.51 40.62
N ASP A 177 -26.44 -50.57 40.77
CA ASP A 177 -25.07 -50.49 41.30
C ASP A 177 -24.14 -51.25 40.37
N PRO A 178 -23.79 -50.67 39.22
CA PRO A 178 -22.90 -51.35 38.27
C PRO A 178 -21.46 -51.33 38.75
N PHE A 179 -20.98 -52.48 39.22
CA PHE A 179 -19.60 -52.61 39.67
C PHE A 179 -19.27 -54.10 39.74
N LEU A 180 -17.98 -54.38 39.91
CA LEU A 180 -17.50 -55.75 40.01
C LEU A 180 -17.52 -56.18 41.48
N GLY A 181 -18.33 -57.19 41.78
CA GLY A 181 -18.50 -57.66 43.15
C GLY A 181 -17.27 -58.35 43.69
N VAL A 182 -16.57 -57.71 44.63
CA VAL A 182 -15.37 -58.24 45.25
C VAL A 182 -15.55 -58.19 46.76
N TYR A 183 -15.26 -59.30 47.43
CA TYR A 183 -15.35 -59.40 48.88
C TYR A 183 -13.95 -59.23 49.47
N TYR A 184 -13.80 -58.24 50.35
CA TYR A 184 -12.51 -57.96 50.99
C TYR A 184 -12.46 -58.69 52.33
N HIS A 185 -12.20 -59.99 52.25
CA HIS A 185 -12.12 -60.84 53.42
C HIS A 185 -13.38 -60.72 54.28
N LYS A 189 -8.09 -64.23 50.92
CA LYS A 189 -7.78 -63.60 49.64
C LYS A 189 -8.86 -63.91 48.61
N SER A 190 -9.87 -63.06 48.54
CA SER A 190 -11.00 -63.20 47.62
C SER A 190 -11.15 -61.96 46.77
N TRP A 191 -10.04 -61.43 46.26
CA TRP A 191 -10.05 -60.21 45.45
C TRP A 191 -10.32 -60.53 43.98
N MET A 192 -11.47 -61.14 43.74
CA MET A 192 -11.92 -61.49 42.40
C MET A 192 -13.38 -61.10 42.25
N GLU A 193 -13.72 -60.57 41.07
CA GLU A 193 -15.11 -60.22 40.79
C GLU A 193 -16.01 -61.43 40.98
N SER A 194 -17.11 -61.25 41.71
CA SER A 194 -18.08 -62.31 41.96
C SER A 194 -19.47 -61.96 41.43
N GLU A 195 -19.96 -60.76 41.74
CA GLU A 195 -21.26 -60.29 41.23
C GLU A 195 -21.00 -59.36 40.05
N PHE A 196 -21.55 -59.72 38.90
CA PHE A 196 -21.39 -58.93 37.67
C PHE A 196 -22.69 -58.16 37.45
N ARG A 197 -22.80 -57.00 38.08
CA ARG A 197 -23.96 -56.12 37.95
C ARG A 197 -23.71 -55.00 36.94
N VAL A 198 -22.71 -55.14 36.07
CA VAL A 198 -22.38 -54.08 35.13
C VAL A 198 -23.57 -53.79 34.22
N TYR A 199 -24.17 -54.84 33.66
CA TYR A 199 -25.30 -54.69 32.77
C TYR A 199 -26.01 -56.03 32.63
N SER A 200 -27.18 -55.99 31.98
CA SER A 200 -28.01 -57.17 31.78
C SER A 200 -27.81 -57.78 30.40
N SER A 201 -27.92 -56.98 29.33
CA SER A 201 -27.83 -57.50 27.98
C SER A 201 -27.35 -56.40 27.05
N ALA A 202 -26.85 -56.81 25.88
CA ALA A 202 -26.43 -55.85 24.87
C ALA A 202 -27.61 -55.16 24.21
N ASN A 203 -28.78 -55.82 24.17
CA ASN A 203 -29.98 -55.22 23.61
C ASN A 203 -29.70 -54.73 22.20
N ASN A 204 -30.31 -53.60 21.81
CA ASN A 204 -29.98 -52.99 20.53
C ASN A 204 -28.53 -52.53 20.54
N CYS A 205 -27.66 -53.22 19.83
CA CYS A 205 -26.23 -52.92 19.82
C CYS A 205 -25.82 -52.27 18.51
N THR A 206 -24.55 -51.91 18.44
CA THR A 206 -23.98 -51.16 17.33
C THR A 206 -22.53 -51.59 17.16
N PHE A 207 -21.73 -50.78 16.47
CA PHE A 207 -20.36 -51.14 16.15
C PHE A 207 -19.58 -51.55 17.38
N GLU A 208 -18.85 -52.67 17.26
CA GLU A 208 -18.04 -53.24 18.34
C GLU A 208 -16.56 -53.05 18.03
N TYR A 209 -15.74 -53.20 19.07
CA TYR A 209 -14.29 -53.07 18.89
C TYR A 209 -13.58 -53.70 20.08
N VAL A 210 -12.80 -54.74 19.82
CA VAL A 210 -12.01 -55.42 20.85
C VAL A 210 -10.56 -55.44 20.39
N SER A 211 -9.67 -54.86 21.19
CA SER A 211 -8.25 -54.79 20.83
C SER A 211 -7.45 -54.43 22.09
N GLN A 212 -6.19 -54.07 21.88
CA GLN A 212 -5.33 -53.54 22.93
C GLN A 212 -5.16 -54.55 24.06
N PRO A 213 -4.51 -55.69 23.81
CA PRO A 213 -4.26 -56.69 24.87
C PRO A 213 -3.07 -56.31 25.75
N PHE A 214 -3.19 -55.19 26.46
CA PHE A 214 -2.13 -54.68 27.31
C PHE A 214 -2.66 -54.43 28.72
N LEU A 215 -1.86 -54.78 29.71
CA LEU A 215 -2.21 -54.58 31.11
C LEU A 215 -1.80 -53.18 31.55
N MET A 216 -2.59 -52.61 32.45
CA MET A 216 -2.39 -51.25 32.96
C MET A 216 -1.92 -50.30 31.87
N LYS A 226 1.69 -45.45 43.62
CA LYS A 226 2.85 -44.60 43.37
C LYS A 226 2.90 -44.13 41.92
N ASN A 227 2.09 -44.76 41.07
CA ASN A 227 2.02 -44.42 39.66
C ASN A 227 0.73 -43.67 39.38
N LEU A 228 0.83 -42.59 38.62
CA LEU A 228 -0.30 -41.75 38.28
C LEU A 228 -0.67 -41.99 36.81
N ARG A 229 -1.94 -42.34 36.58
CA ARG A 229 -2.48 -42.48 35.24
C ARG A 229 -3.23 -41.21 34.88
N GLU A 230 -2.79 -40.54 33.82
CA GLU A 230 -3.43 -39.32 33.34
C GLU A 230 -4.07 -39.60 31.98
N PHE A 231 -5.34 -39.22 31.84
CA PHE A 231 -6.07 -39.45 30.60
C PHE A 231 -6.83 -38.19 30.21
N VAL A 232 -7.04 -38.03 28.91
CA VAL A 232 -7.86 -36.94 28.36
C VAL A 232 -8.84 -37.55 27.38
N PHE A 233 -10.12 -37.24 27.57
CA PHE A 233 -11.19 -37.72 26.70
C PHE A 233 -11.93 -36.53 26.11
N LYS A 234 -12.25 -36.62 24.83
CA LYS A 234 -12.98 -35.54 24.16
C LYS A 234 -13.73 -36.12 22.97
N ASN A 235 -15.05 -36.01 22.98
CA ASN A 235 -15.91 -36.50 21.92
C ASN A 235 -16.28 -35.31 21.03
N ILE A 236 -15.57 -35.18 19.91
CA ILE A 236 -15.74 -34.05 19.00
C ILE A 236 -15.93 -34.57 17.59
N ASP A 237 -16.87 -33.98 16.87
CA ASP A 237 -17.17 -34.33 15.48
C ASP A 237 -17.21 -35.83 15.28
N GLY A 238 -17.92 -36.51 16.18
CA GLY A 238 -18.04 -37.95 16.10
C GLY A 238 -16.74 -38.70 16.31
N TYR A 239 -15.72 -38.03 16.86
CA TYR A 239 -14.44 -38.65 17.16
C TYR A 239 -14.20 -38.62 18.66
N PHE A 240 -13.92 -39.79 19.24
CA PHE A 240 -13.66 -39.90 20.67
C PHE A 240 -12.16 -40.04 20.86
N LYS A 241 -11.46 -38.91 20.91
CA LYS A 241 -10.02 -38.92 21.10
C LYS A 241 -9.69 -39.30 22.53
N ILE A 242 -8.62 -40.08 22.70
CA ILE A 242 -8.14 -40.48 24.01
C ILE A 242 -6.64 -40.25 24.06
N TYR A 243 -6.18 -39.51 25.07
CA TYR A 243 -4.77 -39.28 25.31
C TYR A 243 -4.42 -39.83 26.69
N SER A 244 -3.16 -40.21 26.86
CA SER A 244 -2.74 -40.87 28.09
C SER A 244 -1.28 -40.57 28.37
N LYS A 245 -0.89 -40.80 29.62
CA LYS A 245 0.49 -40.63 30.05
C LYS A 245 0.68 -41.32 31.39
N HIS A 246 1.81 -41.99 31.56
CA HIS A 246 2.14 -42.71 32.78
C HIS A 246 3.40 -42.12 33.39
N THR A 247 3.37 -41.91 34.70
CA THR A 247 4.50 -41.32 35.40
C THR A 247 4.41 -41.58 36.90
N PRO A 248 5.49 -42.05 37.53
CA PRO A 248 5.44 -42.26 38.98
C PRO A 248 5.33 -40.93 39.73
N ILE A 249 4.70 -41.00 40.90
CA ILE A 249 4.47 -39.82 41.73
C ILE A 249 4.83 -40.15 43.17
N ASN A 250 4.97 -39.10 43.98
CA ASN A 250 5.28 -39.24 45.39
C ASN A 250 4.29 -38.55 46.31
N LEU A 251 3.40 -37.71 45.78
CA LEU A 251 2.37 -37.08 46.60
C LEU A 251 1.23 -38.05 46.86
N VAL A 252 0.38 -37.67 47.82
CA VAL A 252 -0.72 -38.53 48.25
C VAL A 252 -2.05 -37.80 48.09
N ARG A 253 -2.19 -36.66 48.77
CA ARG A 253 -3.46 -35.95 48.85
C ARG A 253 -3.64 -34.90 47.77
N ASP A 254 -2.67 -34.76 46.85
CA ASP A 254 -2.74 -33.70 45.87
C ASP A 254 -2.04 -34.14 44.58
N LEU A 255 -2.36 -33.46 43.49
CA LEU A 255 -1.74 -33.74 42.21
C LEU A 255 -0.25 -33.42 42.26
N PRO A 256 0.55 -34.04 41.40
CA PRO A 256 1.98 -33.79 41.41
C PRO A 256 2.33 -32.45 40.77
N GLN A 257 3.51 -31.97 41.11
CA GLN A 257 4.03 -30.70 40.59
C GLN A 257 5.03 -31.01 39.48
N GLY A 258 4.74 -30.52 38.28
CA GLY A 258 5.60 -30.78 37.15
C GLY A 258 4.81 -30.67 35.86
N PHE A 259 5.47 -31.01 34.76
CA PHE A 259 4.87 -30.94 33.44
C PHE A 259 5.21 -32.19 32.64
N SER A 260 4.21 -32.72 31.95
CA SER A 260 4.39 -33.89 31.10
C SER A 260 3.22 -33.97 30.14
N ALA A 261 3.53 -34.04 28.84
CA ALA A 261 2.49 -34.06 27.83
C ALA A 261 1.89 -35.46 27.69
N LEU A 262 0.64 -35.51 27.26
CA LEU A 262 -0.10 -36.76 27.09
C LEU A 262 -0.19 -37.10 25.61
N GLU A 263 0.23 -38.36 25.25
CA GLU A 263 0.14 -38.78 23.87
C GLU A 263 -1.23 -39.39 23.58
N PRO A 264 -1.69 -39.31 22.33
CA PRO A 264 -2.94 -39.99 21.97
C PRO A 264 -2.82 -41.50 22.04
N LEU A 265 -3.95 -42.15 22.28
CA LEU A 265 -4.03 -43.61 22.28
C LEU A 265 -4.91 -44.14 21.16
N VAL A 266 -6.17 -43.71 21.09
CA VAL A 266 -7.13 -44.22 20.12
C VAL A 266 -8.01 -43.09 19.62
N ASP A 267 -8.73 -43.35 18.53
CA ASP A 267 -9.56 -42.37 17.86
C ASP A 267 -10.91 -42.97 17.48
N LEU A 268 -11.57 -43.62 18.46
CA LEU A 268 -12.84 -44.29 18.22
C LEU A 268 -13.80 -43.41 17.42
N PRO A 269 -14.08 -43.75 16.15
CA PRO A 269 -15.03 -42.96 15.31
C PRO A 269 -16.48 -43.42 15.43
N ILE A 270 -17.12 -42.99 16.51
CA ILE A 270 -18.44 -43.52 16.88
C ILE A 270 -19.55 -42.65 16.29
N GLY A 271 -19.61 -41.38 16.70
CA GLY A 271 -20.64 -40.48 16.21
C GLY A 271 -21.83 -40.37 17.13
N ILE A 272 -21.58 -40.36 18.44
CA ILE A 272 -22.64 -40.15 19.43
C ILE A 272 -22.30 -38.90 20.23
N ASN A 273 -23.19 -38.52 21.15
CA ASN A 273 -22.95 -37.38 22.03
C ASN A 273 -23.08 -37.85 23.48
N ILE A 274 -22.15 -37.40 24.31
CA ILE A 274 -22.02 -37.85 25.69
C ILE A 274 -22.26 -36.68 26.61
N THR A 275 -23.15 -36.85 27.59
CA THR A 275 -23.39 -35.86 28.62
C THR A 275 -23.09 -36.36 30.02
N ARG A 276 -23.14 -37.68 30.23
CA ARG A 276 -22.80 -38.28 31.52
C ARG A 276 -21.81 -39.40 31.29
N PHE A 277 -20.95 -39.62 32.28
CA PHE A 277 -19.97 -40.70 32.21
C PHE A 277 -19.66 -41.15 33.63
N GLN A 278 -19.25 -42.41 33.77
CA GLN A 278 -18.96 -42.99 35.07
C GLN A 278 -17.78 -43.95 34.95
N THR A 279 -16.99 -44.01 36.01
CA THR A 279 -15.86 -44.91 36.08
C THR A 279 -16.31 -46.27 36.64
N LEU A 280 -15.37 -47.21 36.74
CA LEU A 280 -15.66 -48.55 37.22
C LEU A 280 -14.67 -48.95 38.29
N LEU A 281 -15.17 -49.61 39.33
CA LEU A 281 -14.36 -49.97 40.48
C LEU A 281 -14.73 -51.36 40.96
N ALA A 282 -13.83 -51.96 41.74
CA ALA A 282 -14.06 -53.27 42.33
C ALA A 282 -13.72 -53.20 43.82
N LEU A 283 -14.65 -53.66 44.66
CA LEU A 283 -14.43 -53.65 46.10
C LEU A 283 -13.27 -54.54 46.49
N ALA A 301 -11.08 -46.03 49.59
CA ALA A 301 -10.71 -46.97 48.54
C ALA A 301 -10.41 -46.25 47.24
N ALA A 302 -11.46 -45.66 46.65
CA ALA A 302 -11.29 -44.94 45.39
C ALA A 302 -10.44 -43.69 45.59
N ALA A 303 -9.65 -43.37 44.57
CA ALA A 303 -8.86 -42.14 44.59
C ALA A 303 -8.59 -41.74 43.14
N TYR A 304 -9.35 -40.77 42.64
CA TYR A 304 -9.14 -40.28 41.28
C TYR A 304 -9.69 -38.87 41.18
N TYR A 305 -9.10 -38.10 40.26
CA TYR A 305 -9.48 -36.71 40.02
C TYR A 305 -10.14 -36.60 38.65
N VAL A 306 -11.04 -35.63 38.52
CA VAL A 306 -11.74 -35.36 37.28
C VAL A 306 -11.63 -33.88 36.97
N GLY A 307 -10.91 -33.55 35.89
CA GLY A 307 -10.87 -32.20 35.37
C GLY A 307 -11.86 -32.02 34.23
N TYR A 308 -11.97 -30.79 33.76
CA TYR A 308 -12.84 -30.44 32.65
C TYR A 308 -12.07 -29.56 31.68
N LEU A 309 -12.17 -29.90 30.39
CA LEU A 309 -11.48 -29.14 29.35
C LEU A 309 -12.33 -27.98 28.87
N GLN A 310 -11.66 -26.89 28.48
CA GLN A 310 -12.32 -25.69 28.02
C GLN A 310 -11.60 -25.18 26.78
N PRO A 311 -12.29 -24.45 25.91
CA PRO A 311 -11.61 -23.89 24.73
C PRO A 311 -10.68 -22.74 25.11
N ARG A 312 -9.38 -22.99 25.09
CA ARG A 312 -8.40 -21.99 25.51
C ARG A 312 -7.15 -22.12 24.66
N THR A 313 -6.46 -21.00 24.50
CA THR A 313 -5.26 -20.94 23.67
C THR A 313 -4.04 -21.14 24.55
N PHE A 314 -3.13 -22.01 24.10
CA PHE A 314 -1.92 -22.34 24.84
C PHE A 314 -0.71 -22.07 23.96
N LEU A 315 0.42 -21.80 24.61
CA LEU A 315 1.69 -21.59 23.92
C LEU A 315 2.60 -22.75 24.29
N LEU A 316 2.52 -23.82 23.51
CA LEU A 316 3.29 -25.02 23.78
C LEU A 316 4.71 -24.85 23.28
N LYS A 317 5.67 -25.28 24.08
CA LYS A 317 7.09 -25.17 23.75
C LYS A 317 7.64 -26.55 23.42
N TYR A 318 7.87 -26.80 22.14
CA TYR A 318 8.52 -28.03 21.71
C TYR A 318 10.04 -27.89 21.78
N ASN A 319 10.72 -29.02 21.79
CA ASN A 319 12.17 -29.07 21.72
C ASN A 319 12.62 -29.84 20.48
N GLU A 320 13.94 -29.80 20.22
CA GLU A 320 14.50 -30.30 18.95
C GLU A 320 14.09 -31.74 18.72
N ASN A 321 13.66 -32.35 19.80
CA ASN A 321 13.24 -33.69 20.15
C ASN A 321 11.74 -33.92 20.03
N GLY A 322 10.95 -32.87 19.96
CA GLY A 322 9.55 -32.94 19.63
C GLY A 322 8.62 -32.96 20.81
N THR A 323 9.11 -33.31 22.00
CA THR A 323 8.23 -33.42 23.14
C THR A 323 7.94 -32.04 23.71
N ILE A 324 6.67 -31.79 24.00
CA ILE A 324 6.24 -30.51 24.56
C ILE A 324 6.83 -30.41 25.98
N THR A 325 7.81 -29.53 26.15
CA THR A 325 8.50 -29.41 27.42
C THR A 325 7.84 -28.42 28.37
N ASP A 326 7.07 -27.48 27.85
CA ASP A 326 6.42 -26.48 28.69
C ASP A 326 5.27 -25.86 27.91
N ALA A 327 4.39 -25.16 28.64
CA ALA A 327 3.25 -24.50 28.02
C ALA A 327 2.87 -23.29 28.86
N VAL A 328 2.14 -22.38 28.23
CA VAL A 328 1.63 -21.18 28.88
C VAL A 328 0.14 -21.07 28.57
N ASP A 329 -0.67 -20.85 29.59
CA ASP A 329 -2.10 -20.61 29.42
C ASP A 329 -2.31 -19.11 29.23
N CYS A 330 -2.66 -18.71 28.01
CA CYS A 330 -2.68 -17.29 27.66
C CYS A 330 -3.67 -16.51 28.52
N ALA A 331 -4.80 -17.10 28.83
CA ALA A 331 -5.86 -16.42 29.57
C ALA A 331 -5.72 -16.57 31.08
N LEU A 332 -4.64 -17.20 31.56
CA LEU A 332 -4.48 -17.41 32.99
C LEU A 332 -4.39 -16.09 33.73
N ASP A 333 -3.49 -15.21 33.30
CA ASP A 333 -3.23 -13.97 34.01
C ASP A 333 -2.51 -13.02 33.07
N PRO A 334 -2.38 -11.74 33.43
CA PRO A 334 -1.76 -10.78 32.50
C PRO A 334 -0.36 -11.16 32.07
N LEU A 335 0.46 -11.70 32.99
CA LEU A 335 1.82 -12.07 32.62
C LEU A 335 1.81 -13.17 31.56
N SER A 336 0.96 -14.17 31.73
CA SER A 336 0.86 -15.23 30.72
C SER A 336 0.39 -14.66 29.39
N GLU A 337 -0.59 -13.76 29.43
CA GLU A 337 -1.09 -13.17 28.19
C GLU A 337 0.01 -12.36 27.50
N THR A 338 0.87 -11.72 28.28
CA THR A 338 2.01 -11.02 27.68
C THR A 338 2.94 -11.99 26.97
N LYS A 339 3.19 -13.14 27.59
CA LYS A 339 4.08 -14.13 26.97
C LYS A 339 3.51 -14.62 25.65
N CYS A 340 2.20 -14.88 25.60
CA CYS A 340 1.59 -15.34 24.36
C CYS A 340 1.68 -14.28 23.27
N THR A 341 1.45 -13.02 23.62
CA THR A 341 1.54 -11.96 22.62
C THR A 341 2.95 -11.85 22.07
N LEU A 342 3.96 -12.00 22.93
CA LEU A 342 5.35 -11.92 22.50
C LEU A 342 5.87 -13.23 21.93
N LYS A 343 5.08 -14.30 21.94
CA LYS A 343 5.51 -15.60 21.44
C LYS A 343 6.83 -16.02 22.09
N SER A 344 6.93 -15.75 23.39
CA SER A 344 8.15 -16.04 24.14
C SER A 344 7.79 -16.43 25.55
N PHE A 345 8.63 -17.26 26.17
CA PHE A 345 8.43 -17.70 27.54
C PHE A 345 9.09 -16.79 28.56
N THR A 346 9.91 -15.83 28.12
CA THR A 346 10.51 -14.83 28.98
C THR A 346 10.34 -13.47 28.32
N VAL A 347 9.91 -12.48 29.08
CA VAL A 347 9.64 -11.14 28.55
C VAL A 347 10.55 -10.16 29.26
N GLU A 348 11.19 -9.29 28.49
CA GLU A 348 12.10 -8.30 29.06
C GLU A 348 11.32 -7.19 29.77
N LYS A 349 12.05 -6.41 30.55
CA LYS A 349 11.46 -5.28 31.24
C LYS A 349 10.80 -4.32 30.25
N GLY A 350 9.63 -3.83 30.60
CA GLY A 350 8.94 -2.86 29.78
C GLY A 350 7.44 -2.96 29.97
N ILE A 351 6.73 -2.27 29.07
CA ILE A 351 5.27 -2.25 29.04
C ILE A 351 4.84 -2.71 27.66
N TYR A 352 3.91 -3.67 27.62
CA TYR A 352 3.54 -4.34 26.39
C TYR A 352 2.05 -4.23 26.15
N GLN A 353 1.68 -3.94 24.91
CA GLN A 353 0.28 -3.82 24.54
C GLN A 353 -0.34 -5.21 24.42
N THR A 354 -1.49 -5.39 25.05
CA THR A 354 -2.19 -6.67 25.08
C THR A 354 -3.61 -6.45 24.60
N SER A 355 -4.28 -7.55 24.23
CA SER A 355 -5.62 -7.47 23.64
C SER A 355 -6.46 -6.40 24.31
N ASN A 356 -7.14 -5.60 23.49
CA ASN A 356 -7.95 -4.51 24.00
C ASN A 356 -9.08 -5.05 24.87
N PHE A 357 -9.51 -4.24 25.82
CA PHE A 357 -10.67 -4.55 26.64
C PHE A 357 -11.87 -3.72 26.19
N ARG A 358 -13.05 -4.21 26.53
CA ARG A 358 -14.28 -3.58 26.08
C ARG A 358 -15.42 -4.00 27.01
N VAL A 359 -16.37 -3.10 27.20
CA VAL A 359 -17.50 -3.35 28.08
C VAL A 359 -18.60 -4.03 27.26
N GLN A 360 -18.93 -5.26 27.61
CA GLN A 360 -19.95 -5.98 26.87
C GLN A 360 -21.34 -5.50 27.25
N PRO A 361 -22.30 -5.59 26.32
CA PRO A 361 -23.67 -5.18 26.64
C PRO A 361 -24.27 -6.03 27.75
N THR A 362 -25.01 -5.38 28.64
CA THR A 362 -25.65 -6.10 29.74
C THR A 362 -26.86 -6.91 29.26
N GLU A 363 -27.68 -6.33 28.40
CA GLU A 363 -28.91 -6.99 27.97
C GLU A 363 -29.35 -6.39 26.64
N SER A 364 -30.26 -7.09 25.97
CA SER A 364 -30.79 -6.67 24.68
C SER A 364 -32.01 -5.78 24.85
N ILE A 365 -32.24 -4.93 23.86
CA ILE A 365 -33.40 -4.05 23.81
C ILE A 365 -34.03 -4.14 22.43
N VAL A 366 -35.35 -4.31 22.39
CA VAL A 366 -36.11 -4.29 21.16
C VAL A 366 -37.17 -3.20 21.28
N ARG A 367 -37.22 -2.31 20.29
CA ARG A 367 -38.18 -1.20 20.28
C ARG A 367 -38.79 -1.12 18.89
N PHE A 368 -39.98 -1.67 18.74
CA PHE A 368 -40.77 -1.58 17.52
C PHE A 368 -42.07 -0.83 17.80
N PRO A 369 -42.67 -0.21 16.79
CA PRO A 369 -44.02 0.33 16.97
C PRO A 369 -44.99 -0.79 17.30
N ASN A 370 -45.93 -0.50 18.19
CA ASN A 370 -46.88 -1.50 18.66
C ASN A 370 -48.06 -1.55 17.70
N ILE A 371 -48.14 -2.63 16.92
CA ILE A 371 -49.26 -2.90 16.04
C ILE A 371 -49.58 -4.39 16.17
N THR A 372 -50.86 -4.73 15.94
CA THR A 372 -51.30 -6.11 16.11
C THR A 372 -51.96 -6.65 14.85
N ASN A 373 -52.49 -5.77 14.01
CA ASN A 373 -53.21 -6.23 12.82
C ASN A 373 -52.23 -6.85 11.82
N LEU A 374 -52.55 -8.06 11.38
CA LEU A 374 -51.73 -8.73 10.39
C LEU A 374 -51.88 -8.07 9.03
N CYS A 375 -50.84 -8.18 8.21
CA CYS A 375 -50.88 -7.63 6.86
C CYS A 375 -51.84 -8.45 5.99
N PRO A 376 -52.38 -7.85 4.93
CA PRO A 376 -53.34 -8.57 4.06
C PRO A 376 -52.64 -9.52 3.09
N PHE A 377 -51.86 -10.45 3.65
CA PHE A 377 -51.23 -11.47 2.80
C PHE A 377 -52.27 -12.39 2.18
N GLY A 378 -53.29 -12.77 2.96
CA GLY A 378 -54.33 -13.63 2.41
C GLY A 378 -55.04 -12.99 1.23
N GLU A 379 -55.13 -11.66 1.21
CA GLU A 379 -55.77 -10.98 0.10
C GLU A 379 -54.93 -11.11 -1.17
N VAL A 380 -53.63 -10.84 -1.07
CA VAL A 380 -52.78 -10.92 -2.24
C VAL A 380 -52.56 -12.37 -2.67
N PHE A 381 -52.43 -13.29 -1.70
CA PHE A 381 -52.08 -14.67 -2.04
C PHE A 381 -53.30 -15.46 -2.50
N ASN A 382 -54.31 -15.63 -1.64
CA ASN A 382 -55.61 -16.21 -2.00
C ASN A 382 -56.56 -15.22 -2.65
N ALA A 383 -56.15 -14.35 -3.57
CA ALA A 383 -57.15 -13.62 -4.34
C ALA A 383 -57.84 -14.56 -5.33
N THR A 384 -59.10 -14.23 -5.65
CA THR A 384 -59.87 -15.08 -6.56
C THR A 384 -59.21 -15.16 -7.94
N ARG A 385 -58.80 -14.02 -8.48
CA ARG A 385 -58.14 -13.99 -9.79
C ARG A 385 -56.98 -13.01 -9.73
N PHE A 386 -55.94 -13.32 -10.49
CA PHE A 386 -54.77 -12.47 -10.60
C PHE A 386 -54.79 -11.70 -11.92
N ALA A 387 -54.19 -10.51 -11.89
CA ALA A 387 -54.13 -9.67 -13.07
C ALA A 387 -53.11 -10.21 -14.07
N SER A 388 -53.16 -9.69 -15.29
CA SER A 388 -52.25 -10.11 -16.33
C SER A 388 -50.87 -9.51 -16.11
N VAL A 389 -49.88 -10.07 -16.83
CA VAL A 389 -48.50 -9.62 -16.65
C VAL A 389 -48.35 -8.16 -17.07
N TYR A 390 -48.92 -7.79 -18.22
CA TYR A 390 -48.89 -6.39 -18.63
C TYR A 390 -49.74 -5.52 -17.73
N ALA A 391 -50.86 -6.06 -17.24
CA ALA A 391 -51.73 -5.36 -16.29
C ALA A 391 -51.42 -5.73 -14.86
N TRP A 392 -50.16 -6.06 -14.56
CA TRP A 392 -49.78 -6.47 -13.22
C TRP A 392 -50.19 -5.42 -12.20
N ASN A 393 -50.93 -5.86 -11.18
CA ASN A 393 -51.40 -4.97 -10.13
C ASN A 393 -50.38 -4.87 -9.01
N ARG A 394 -50.35 -3.71 -8.37
CA ARG A 394 -49.44 -3.43 -7.26
C ARG A 394 -50.27 -3.03 -6.04
N LYS A 395 -50.38 -3.93 -5.08
CA LYS A 395 -51.13 -3.68 -3.85
C LYS A 395 -50.16 -3.24 -2.76
N ARG A 396 -50.46 -2.11 -2.13
CA ARG A 396 -49.62 -1.57 -1.06
C ARG A 396 -49.88 -2.29 0.25
N ILE A 397 -48.81 -2.53 1.00
CA ILE A 397 -48.88 -3.12 2.34
C ILE A 397 -48.24 -2.14 3.30
N SER A 398 -48.95 -1.81 4.37
CA SER A 398 -48.46 -0.84 5.34
C SER A 398 -49.28 -0.92 6.62
N ASN A 399 -48.74 -0.32 7.68
CA ASN A 399 -49.43 -0.22 8.96
C ASN A 399 -49.91 -1.59 9.43
N CYS A 400 -49.01 -2.56 9.44
CA CYS A 400 -49.36 -3.92 9.82
C CYS A 400 -48.13 -4.65 10.29
N VAL A 401 -48.34 -5.85 10.81
CA VAL A 401 -47.28 -6.75 11.26
C VAL A 401 -47.34 -7.99 10.39
N ALA A 402 -46.23 -8.30 9.72
CA ALA A 402 -46.16 -9.39 8.76
C ALA A 402 -45.38 -10.55 9.36
N ASP A 403 -46.01 -11.72 9.42
CA ASP A 403 -45.36 -12.95 9.88
C ASP A 403 -44.96 -13.75 8.65
N TYR A 404 -43.79 -13.39 8.09
CA TYR A 404 -43.34 -14.02 6.86
C TYR A 404 -43.04 -15.50 7.02
N SER A 405 -42.91 -16.00 8.26
CA SER A 405 -42.60 -17.41 8.45
C SER A 405 -43.68 -18.30 7.85
N VAL A 406 -44.95 -17.92 7.99
CA VAL A 406 -46.03 -18.76 7.47
C VAL A 406 -45.95 -18.86 5.95
N LEU A 407 -45.66 -17.75 5.28
CA LEU A 407 -45.51 -17.79 3.82
C LEU A 407 -44.37 -18.72 3.40
N TYR A 408 -43.23 -18.64 4.09
CA TYR A 408 -42.08 -19.42 3.67
C TYR A 408 -42.25 -20.90 3.97
N ASN A 409 -43.01 -21.24 5.02
CA ASN A 409 -43.18 -22.62 5.43
C ASN A 409 -44.16 -23.38 4.54
N SER A 410 -44.93 -22.69 3.70
CA SER A 410 -45.89 -23.34 2.82
C SER A 410 -45.15 -23.95 1.63
N ALA A 411 -45.33 -25.25 1.41
CA ALA A 411 -44.69 -25.93 0.29
C ALA A 411 -45.42 -25.70 -1.02
N SER A 412 -46.60 -25.09 -1.00
CA SER A 412 -47.34 -24.85 -2.24
C SER A 412 -46.58 -23.95 -3.20
N PHE A 413 -45.60 -23.20 -2.72
CA PHE A 413 -44.84 -22.28 -3.57
C PHE A 413 -43.70 -23.04 -4.23
N SER A 414 -43.68 -23.02 -5.57
CA SER A 414 -42.61 -23.66 -6.32
C SER A 414 -41.31 -22.86 -6.30
N THR A 415 -41.39 -21.55 -6.04
CA THR A 415 -40.22 -20.69 -6.00
C THR A 415 -40.39 -19.66 -4.90
N PHE A 416 -39.41 -19.59 -3.99
CA PHE A 416 -39.39 -18.58 -2.93
C PHE A 416 -37.94 -18.11 -2.82
N LYS A 417 -37.61 -17.06 -3.57
CA LYS A 417 -36.24 -16.57 -3.68
C LYS A 417 -36.19 -15.13 -3.21
N CYS A 418 -35.29 -14.84 -2.27
CA CYS A 418 -35.07 -13.50 -1.75
C CYS A 418 -33.69 -13.02 -2.18
N TYR A 419 -33.63 -11.78 -2.68
CA TYR A 419 -32.43 -11.28 -3.35
C TYR A 419 -31.63 -10.27 -2.54
N GLY A 420 -32.24 -9.63 -1.55
CA GLY A 420 -31.53 -8.66 -0.72
C GLY A 420 -31.63 -8.97 0.75
N VAL A 421 -32.36 -10.04 1.08
CA VAL A 421 -32.63 -10.41 2.46
C VAL A 421 -32.85 -11.91 2.50
N SER A 422 -32.69 -12.51 3.68
CA SER A 422 -33.00 -13.92 3.78
C SER A 422 -34.42 -14.11 4.29
N PRO A 423 -35.15 -15.13 3.82
CA PRO A 423 -36.53 -15.30 4.28
C PRO A 423 -36.65 -15.47 5.78
N THR A 424 -35.68 -16.16 6.40
CA THR A 424 -35.72 -16.34 7.85
C THR A 424 -35.57 -15.01 8.57
N LYS A 425 -34.70 -14.13 8.07
CA LYS A 425 -34.44 -12.86 8.75
C LYS A 425 -35.61 -11.89 8.64
N LEU A 426 -36.53 -12.10 7.69
CA LEU A 426 -37.64 -11.17 7.52
C LEU A 426 -38.43 -11.02 8.81
N ASN A 427 -38.59 -12.11 9.56
CA ASN A 427 -39.45 -12.08 10.74
C ASN A 427 -38.98 -11.07 11.77
N ASP A 428 -37.69 -10.72 11.75
CA ASP A 428 -37.11 -9.82 12.73
C ASP A 428 -36.74 -8.46 12.16
N LEU A 429 -37.32 -8.08 11.02
CA LEU A 429 -36.87 -6.91 10.27
C LEU A 429 -37.99 -5.91 10.05
N CYS A 430 -37.67 -4.64 10.25
CA CYS A 430 -38.66 -3.57 10.24
C CYS A 430 -38.48 -2.73 8.98
N PHE A 431 -39.53 -2.66 8.15
CA PHE A 431 -39.43 -2.05 6.83
C PHE A 431 -40.24 -0.76 6.77
N THR A 432 -39.90 0.04 5.76
CA THR A 432 -40.59 1.30 5.49
C THR A 432 -41.91 1.07 4.77
N ASN A 433 -41.85 0.53 3.55
CA ASN A 433 -43.05 0.24 2.77
C ASN A 433 -42.80 -1.02 1.96
N VAL A 434 -43.89 -1.72 1.63
CA VAL A 434 -43.84 -2.96 0.89
C VAL A 434 -44.81 -2.88 -0.27
N TYR A 435 -44.35 -3.27 -1.45
CA TYR A 435 -45.18 -3.31 -2.65
C TYR A 435 -45.35 -4.77 -3.06
N ALA A 436 -46.58 -5.27 -2.95
CA ALA A 436 -46.91 -6.64 -3.34
C ALA A 436 -47.51 -6.61 -4.74
N ASP A 437 -46.75 -7.09 -5.71
CA ASP A 437 -47.17 -7.10 -7.11
C ASP A 437 -47.53 -8.53 -7.51
N SER A 438 -48.71 -8.70 -8.11
CA SER A 438 -49.22 -10.01 -8.50
C SER A 438 -49.51 -10.03 -9.98
N PHE A 439 -49.16 -11.14 -10.62
CA PHE A 439 -49.46 -11.34 -12.04
C PHE A 439 -49.33 -12.83 -12.34
N VAL A 440 -49.86 -13.22 -13.50
CA VAL A 440 -49.78 -14.59 -13.98
C VAL A 440 -48.96 -14.60 -15.26
N ILE A 441 -47.95 -15.47 -15.32
CA ILE A 441 -47.06 -15.58 -16.46
C ILE A 441 -46.85 -17.05 -16.81
N ARG A 442 -46.36 -17.28 -18.02
CA ARG A 442 -45.99 -18.61 -18.45
C ARG A 442 -44.84 -19.13 -17.59
N GLY A 443 -44.84 -20.45 -17.36
CA GLY A 443 -43.85 -21.03 -16.48
C GLY A 443 -42.42 -20.75 -16.91
N ASP A 444 -42.17 -20.81 -18.22
CA ASP A 444 -40.82 -20.58 -18.73
C ASP A 444 -40.32 -19.17 -18.42
N GLU A 445 -41.23 -18.22 -18.19
CA GLU A 445 -40.86 -16.83 -17.97
C GLU A 445 -40.51 -16.54 -16.52
N VAL A 446 -40.59 -17.53 -15.63
CA VAL A 446 -40.27 -17.29 -14.22
C VAL A 446 -38.82 -16.82 -14.07
N ARG A 447 -37.92 -17.39 -14.86
CA ARG A 447 -36.52 -16.97 -14.80
C ARG A 447 -36.37 -15.49 -15.16
N GLN A 448 -37.09 -15.04 -16.19
CA GLN A 448 -37.00 -13.64 -16.60
C GLN A 448 -37.46 -12.71 -15.50
N ILE A 449 -38.25 -13.19 -14.53
CA ILE A 449 -38.70 -12.34 -13.44
C ILE A 449 -37.53 -11.93 -12.55
N ALA A 450 -36.49 -12.75 -12.47
CA ALA A 450 -35.37 -12.44 -11.60
C ALA A 450 -34.68 -11.17 -12.09
N PRO A 451 -34.04 -10.43 -11.18
CA PRO A 451 -33.41 -9.16 -11.58
C PRO A 451 -32.24 -9.39 -12.53
N GLY A 452 -32.01 -8.39 -13.38
CA GLY A 452 -30.89 -8.44 -14.30
C GLY A 452 -31.10 -9.34 -15.51
N GLN A 453 -32.33 -9.74 -15.78
CA GLN A 453 -32.62 -10.62 -16.91
C GLN A 453 -33.01 -9.77 -18.12
N THR A 454 -33.44 -10.43 -19.19
CA THR A 454 -33.88 -9.73 -20.40
C THR A 454 -34.78 -10.66 -21.20
N GLY A 455 -35.56 -10.06 -22.08
CA GLY A 455 -36.50 -10.79 -22.90
C GLY A 455 -37.71 -9.94 -23.21
N LYS A 456 -38.63 -10.52 -23.98
CA LYS A 456 -39.84 -9.80 -24.33
C LYS A 456 -40.63 -9.43 -23.08
N ILE A 457 -40.74 -10.36 -22.13
CA ILE A 457 -41.40 -10.06 -20.86
C ILE A 457 -40.61 -8.99 -20.11
N ALA A 458 -39.30 -9.18 -20.02
CA ALA A 458 -38.46 -8.25 -19.27
C ALA A 458 -38.28 -6.91 -19.97
N ASP A 459 -38.69 -6.79 -21.23
CA ASP A 459 -38.48 -5.56 -21.99
C ASP A 459 -39.77 -4.91 -22.47
N TYR A 460 -40.93 -5.49 -22.19
CA TYR A 460 -42.19 -4.90 -22.66
C TYR A 460 -43.21 -4.71 -21.56
N ASN A 461 -43.32 -5.63 -20.61
CA ASN A 461 -44.40 -5.60 -19.62
C ASN A 461 -43.90 -5.45 -18.19
N TYR A 462 -42.91 -6.23 -17.78
CA TYR A 462 -42.48 -6.24 -16.38
C TYR A 462 -40.96 -6.37 -16.32
N LYS A 463 -40.32 -5.41 -15.65
CA LYS A 463 -38.87 -5.37 -15.52
C LYS A 463 -38.50 -5.08 -14.07
N LEU A 464 -37.58 -5.88 -13.52
CA LEU A 464 -37.07 -5.64 -12.18
C LEU A 464 -35.78 -4.82 -12.22
N PRO A 465 -35.48 -4.10 -11.15
CA PRO A 465 -34.23 -3.34 -11.11
C PRO A 465 -33.02 -4.23 -10.85
N ASP A 466 -31.86 -3.72 -11.22
CA ASP A 466 -30.62 -4.46 -11.01
C ASP A 466 -30.36 -4.68 -9.52
N ASP A 467 -30.63 -3.66 -8.70
CA ASP A 467 -30.37 -3.71 -7.26
C ASP A 467 -31.61 -4.14 -6.48
N PHE A 468 -32.46 -4.97 -7.05
CA PHE A 468 -33.69 -5.37 -6.40
C PHE A 468 -33.40 -6.01 -5.04
N THR A 469 -34.19 -5.62 -4.04
CA THR A 469 -34.12 -6.21 -2.70
C THR A 469 -35.53 -6.61 -2.30
N GLY A 470 -35.75 -7.91 -2.14
CA GLY A 470 -37.07 -8.41 -1.83
C GLY A 470 -37.14 -9.90 -2.06
N CYS A 471 -38.36 -10.42 -2.03
CA CYS A 471 -38.62 -11.84 -2.23
C CYS A 471 -39.66 -12.03 -3.32
N VAL A 472 -39.42 -13.00 -4.20
CA VAL A 472 -40.33 -13.37 -5.27
C VAL A 472 -40.92 -14.72 -4.92
N ILE A 473 -42.25 -14.83 -5.00
CA ILE A 473 -42.97 -16.05 -4.65
C ILE A 473 -43.84 -16.45 -5.83
N ALA A 474 -43.81 -17.73 -6.20
CA ALA A 474 -44.58 -18.23 -7.33
C ALA A 474 -45.09 -19.63 -7.02
N TRP A 475 -46.17 -20.00 -7.70
CA TRP A 475 -46.74 -21.33 -7.56
C TRP A 475 -47.66 -21.59 -8.74
N ASN A 476 -47.61 -22.80 -9.28
CA ASN A 476 -48.46 -23.17 -10.41
C ASN A 476 -49.93 -23.05 -10.03
N SER A 477 -50.70 -22.44 -10.92
CA SER A 477 -52.15 -22.27 -10.75
C SER A 477 -52.89 -22.79 -11.97
N ASN A 478 -52.38 -23.89 -12.55
CA ASN A 478 -53.03 -24.46 -13.73
C ASN A 478 -54.46 -24.89 -13.41
N ASN A 479 -54.64 -25.69 -12.36
CA ASN A 479 -55.98 -26.14 -12.00
C ASN A 479 -56.87 -24.96 -11.62
N LEU A 480 -56.29 -23.91 -11.01
CA LEU A 480 -57.11 -22.80 -10.55
C LEU A 480 -57.60 -21.93 -11.70
N ASP A 481 -56.72 -21.63 -12.66
CA ASP A 481 -57.03 -20.64 -13.70
C ASP A 481 -56.61 -21.15 -15.08
N SER A 482 -57.00 -22.39 -15.39
CA SER A 482 -56.83 -22.93 -16.73
C SER A 482 -58.07 -23.69 -17.14
N LYS A 483 -58.36 -23.68 -18.43
CA LYS A 483 -59.52 -24.37 -19.00
C LYS A 483 -59.09 -25.12 -20.25
N VAL A 484 -59.84 -26.19 -20.56
CA VAL A 484 -59.49 -27.03 -21.70
C VAL A 484 -59.56 -26.22 -22.99
N GLY A 485 -60.55 -25.33 -23.10
CA GLY A 485 -60.70 -24.52 -24.30
C GLY A 485 -59.70 -23.39 -24.44
N GLY A 486 -58.92 -23.12 -23.40
CA GLY A 486 -57.94 -22.05 -23.44
C GLY A 486 -58.42 -20.83 -22.68
N ASN A 487 -57.90 -20.65 -21.46
CA ASN A 487 -58.26 -19.50 -20.63
C ASN A 487 -57.47 -18.29 -21.11
N TYR A 488 -58.02 -17.64 -22.15
CA TYR A 488 -57.36 -16.50 -22.78
C TYR A 488 -57.52 -15.21 -21.99
N ASN A 489 -57.98 -15.27 -20.73
CA ASN A 489 -58.10 -14.07 -19.93
C ASN A 489 -56.74 -13.44 -19.63
N TYR A 490 -55.66 -14.21 -19.74
CA TYR A 490 -54.31 -13.74 -19.44
C TYR A 490 -53.59 -13.43 -20.74
N LEU A 491 -53.22 -12.17 -20.94
CA LEU A 491 -52.48 -11.70 -22.09
C LEU A 491 -51.15 -11.11 -21.65
N TYR A 492 -50.29 -10.82 -22.63
CA TYR A 492 -49.04 -10.14 -22.39
C TYR A 492 -48.74 -9.24 -23.57
N ARG A 493 -47.93 -8.22 -23.32
CA ARG A 493 -47.58 -7.23 -24.35
C ARG A 493 -46.35 -7.72 -25.10
N LEU A 494 -46.53 -8.03 -26.39
CA LEU A 494 -45.44 -8.49 -27.24
C LEU A 494 -44.83 -7.38 -28.09
N PHE A 495 -45.59 -6.34 -28.40
CA PHE A 495 -45.13 -5.25 -29.27
C PHE A 495 -45.10 -3.96 -28.47
N ARG A 496 -43.96 -3.27 -28.54
CA ARG A 496 -43.82 -1.99 -27.86
C ARG A 496 -42.74 -1.18 -28.57
N LYS A 497 -42.96 0.13 -28.66
CA LYS A 497 -42.02 0.99 -29.37
C LYS A 497 -40.64 0.99 -28.70
N SER A 498 -40.61 1.06 -27.37
CA SER A 498 -39.36 1.11 -26.63
C SER A 498 -39.48 0.27 -25.37
N ASN A 499 -38.34 -0.17 -24.87
CA ASN A 499 -38.32 -0.98 -23.66
C ASN A 499 -38.83 -0.15 -22.48
N LEU A 500 -39.65 -0.78 -21.65
CA LEU A 500 -40.20 -0.11 -20.48
C LEU A 500 -39.17 -0.02 -19.36
N LYS A 501 -39.29 1.03 -18.56
CA LYS A 501 -38.43 1.19 -17.40
C LYS A 501 -38.84 0.20 -16.31
N PRO A 502 -37.94 -0.09 -15.37
CA PRO A 502 -38.27 -1.03 -14.30
C PRO A 502 -39.51 -0.59 -13.53
N PHE A 503 -40.34 -1.56 -13.16
CA PHE A 503 -41.58 -1.28 -12.44
C PHE A 503 -42.46 -0.31 -13.22
N GLU A 504 -42.59 -0.54 -14.51
CA GLU A 504 -43.45 0.26 -15.38
C GLU A 504 -44.59 -0.59 -15.91
N ARG A 505 -45.80 -0.02 -15.91
CA ARG A 505 -47.00 -0.71 -16.35
C ARG A 505 -47.56 -0.02 -17.58
N ASP A 506 -47.86 -0.80 -18.61
CA ASP A 506 -48.39 -0.29 -19.87
C ASP A 506 -49.75 -0.93 -20.12
N ILE A 507 -50.77 -0.10 -20.27
CA ILE A 507 -52.12 -0.58 -20.57
C ILE A 507 -52.62 -0.13 -21.93
N SER A 508 -52.03 0.90 -22.52
CA SER A 508 -52.50 1.39 -23.81
C SER A 508 -52.44 0.29 -24.86
N THR A 509 -53.49 0.19 -25.68
CA THR A 509 -53.60 -0.81 -26.72
C THR A 509 -53.20 -0.27 -28.09
N GLU A 510 -52.35 0.76 -28.12
CA GLU A 510 -51.92 1.34 -29.38
C GLU A 510 -51.25 0.28 -30.25
N ILE A 511 -51.56 0.30 -31.54
CA ILE A 511 -51.05 -0.70 -32.47
C ILE A 511 -49.63 -0.29 -32.85
N TYR A 512 -48.66 -1.10 -32.43
CA TYR A 512 -47.26 -0.83 -32.76
C TYR A 512 -46.95 -1.30 -34.17
N GLN A 513 -46.01 -0.60 -34.81
CA GLN A 513 -45.61 -0.88 -36.19
C GLN A 513 -44.10 -0.96 -36.26
N ALA A 514 -43.56 -2.18 -36.22
CA ALA A 514 -42.11 -2.36 -36.30
C ALA A 514 -41.58 -1.89 -37.65
N GLY A 515 -42.26 -2.26 -38.73
CA GLY A 515 -41.80 -1.91 -40.06
C GLY A 515 -42.40 -0.62 -40.59
N SER A 516 -42.38 0.42 -39.77
CA SER A 516 -42.92 1.72 -40.17
C SER A 516 -44.38 1.50 -40.60
N THR A 517 -44.89 2.38 -41.48
CA THR A 517 -46.27 2.26 -41.95
C THR A 517 -47.22 2.29 -40.76
N PRO A 518 -47.35 3.44 -40.08
CA PRO A 518 -48.17 3.48 -38.86
C PRO A 518 -49.65 3.33 -39.14
N CYS A 519 -50.26 2.21 -38.74
CA CYS A 519 -51.71 2.06 -38.80
C CYS A 519 -52.26 2.27 -37.39
N ASN A 520 -53.57 2.07 -37.27
CA ASN A 520 -54.21 2.10 -35.97
C ASN A 520 -55.52 1.30 -36.03
N GLY A 521 -56.02 0.93 -34.86
CA GLY A 521 -57.25 0.17 -34.78
C GLY A 521 -57.09 -1.24 -35.34
N VAL A 522 -57.70 -1.49 -36.50
CA VAL A 522 -57.57 -2.79 -37.12
C VAL A 522 -56.11 -3.04 -37.49
N GLU A 523 -55.71 -4.31 -37.46
CA GLU A 523 -54.33 -4.67 -37.77
C GLU A 523 -54.10 -4.56 -39.28
N GLY A 524 -52.89 -4.92 -39.70
CA GLY A 524 -52.54 -4.86 -41.11
C GLY A 524 -51.08 -5.07 -41.39
N PHE A 525 -50.52 -4.24 -42.26
CA PHE A 525 -49.12 -4.38 -42.69
C PHE A 525 -48.20 -3.85 -41.59
N ASN A 526 -47.41 -4.75 -41.02
CA ASN A 526 -46.41 -4.46 -39.99
C ASN A 526 -47.02 -4.06 -38.65
N CYS A 527 -48.34 -3.96 -38.56
CA CYS A 527 -49.00 -3.46 -37.36
C CYS A 527 -49.97 -4.51 -36.82
N TYR A 528 -49.81 -4.84 -35.55
CA TYR A 528 -50.55 -5.91 -34.91
C TYR A 528 -50.96 -5.49 -33.51
N PHE A 529 -51.94 -6.19 -32.96
CA PHE A 529 -52.41 -5.91 -31.60
C PHE A 529 -51.28 -6.20 -30.62
N PRO A 530 -50.86 -5.24 -29.80
CA PRO A 530 -49.69 -5.47 -28.94
C PRO A 530 -49.87 -6.62 -27.97
N LEU A 531 -51.08 -6.85 -27.47
CA LEU A 531 -51.33 -7.87 -26.47
C LEU A 531 -51.65 -9.21 -27.14
N GLN A 532 -51.08 -10.28 -26.61
CA GLN A 532 -51.33 -11.63 -27.11
C GLN A 532 -51.71 -12.54 -25.96
N SER A 533 -52.71 -13.38 -26.19
CA SER A 533 -53.24 -14.24 -25.14
C SER A 533 -52.43 -15.52 -25.03
N TYR A 534 -52.30 -16.02 -23.81
CA TYR A 534 -51.63 -17.29 -23.57
C TYR A 534 -52.59 -18.45 -23.78
N GLY A 535 -52.04 -19.57 -24.24
CA GLY A 535 -52.82 -20.79 -24.41
C GLY A 535 -52.82 -21.62 -23.14
N PHE A 536 -53.26 -21.03 -22.04
CA PHE A 536 -53.26 -21.72 -20.74
C PHE A 536 -54.36 -22.78 -20.75
N GLN A 537 -53.96 -24.03 -20.92
CA GLN A 537 -54.86 -25.17 -20.88
C GLN A 537 -54.26 -26.25 -20.01
N PRO A 538 -55.10 -27.06 -19.34
CA PRO A 538 -54.56 -28.15 -18.52
C PRO A 538 -53.74 -29.15 -19.33
N THR A 539 -54.08 -29.35 -20.59
CA THR A 539 -53.33 -30.29 -21.43
C THR A 539 -51.94 -29.76 -21.77
N ASN A 540 -51.69 -28.47 -21.61
CA ASN A 540 -50.39 -27.91 -21.93
C ASN A 540 -49.32 -28.50 -21.01
N GLY A 541 -48.13 -28.68 -21.57
CA GLY A 541 -47.03 -29.25 -20.81
C GLY A 541 -46.48 -28.29 -19.78
N VAL A 542 -45.62 -28.82 -18.92
CA VAL A 542 -45.01 -28.01 -17.87
C VAL A 542 -44.25 -26.85 -18.51
N GLY A 543 -44.25 -25.72 -17.84
CA GLY A 543 -43.66 -24.49 -18.36
C GLY A 543 -44.67 -23.65 -19.10
N TYR A 544 -45.45 -24.26 -19.99
CA TYR A 544 -46.55 -23.57 -20.64
C TYR A 544 -47.74 -23.36 -19.73
N GLN A 545 -47.79 -24.07 -18.60
CA GLN A 545 -48.89 -23.89 -17.66
C GLN A 545 -48.82 -22.52 -17.00
N PRO A 546 -49.96 -21.93 -16.67
CA PRO A 546 -49.94 -20.64 -15.98
C PRO A 546 -49.35 -20.75 -14.59
N TYR A 547 -48.69 -19.68 -14.16
CA TYR A 547 -48.09 -19.60 -12.84
C TYR A 547 -48.49 -18.30 -12.18
N ARG A 548 -48.95 -18.37 -10.94
CA ARG A 548 -49.27 -17.19 -10.15
C ARG A 548 -48.04 -16.75 -9.38
N VAL A 549 -47.65 -15.49 -9.57
CA VAL A 549 -46.42 -14.95 -9.00
C VAL A 549 -46.76 -13.71 -8.20
N VAL A 550 -46.26 -13.64 -6.96
CA VAL A 550 -46.37 -12.45 -6.12
C VAL A 550 -44.96 -12.07 -5.67
N VAL A 551 -44.60 -10.81 -5.83
CA VAL A 551 -43.27 -10.31 -5.55
C VAL A 551 -43.37 -9.14 -4.58
N LEU A 552 -42.51 -9.14 -3.56
CA LEU A 552 -42.42 -8.06 -2.60
C LEU A 552 -41.13 -7.28 -2.84
N SER A 553 -41.24 -5.96 -2.93
CA SER A 553 -40.12 -5.08 -3.26
C SER A 553 -39.96 -4.00 -2.20
N PHE A 554 -39.98 -4.42 -0.94
CA PHE A 554 -39.92 -3.47 0.17
C PHE A 554 -38.58 -2.73 0.19
N GLU A 555 -38.64 -1.47 0.62
CA GLU A 555 -37.45 -0.67 0.86
C GLU A 555 -36.99 -0.84 2.31
N LEU A 556 -35.69 -0.71 2.53
CA LEU A 556 -35.08 -1.13 3.79
C LEU A 556 -34.26 0.00 4.41
N LEU A 557 -34.51 0.24 5.70
CA LEU A 557 -33.63 1.02 6.56
C LEU A 557 -33.24 2.36 5.92
N HIS A 558 -34.25 3.13 5.53
CA HIS A 558 -34.01 4.47 5.00
C HIS A 558 -35.01 5.51 5.48
N ALA A 559 -36.01 5.13 6.28
CA ALA A 559 -37.07 6.05 6.66
C ALA A 559 -37.80 5.45 7.85
N PRO A 560 -38.65 6.24 8.53
CA PRO A 560 -39.45 5.65 9.63
C PRO A 560 -40.20 4.40 9.19
N ALA A 561 -39.83 3.27 9.77
CA ALA A 561 -40.43 2.00 9.40
C ALA A 561 -41.90 1.96 9.79
N THR A 562 -42.69 1.29 8.96
CA THR A 562 -44.14 1.19 9.16
C THR A 562 -44.61 -0.24 9.39
N VAL A 563 -44.13 -1.20 8.60
CA VAL A 563 -44.48 -2.61 8.75
C VAL A 563 -43.28 -3.32 9.35
N CYS A 564 -43.51 -4.17 10.34
CA CYS A 564 -42.40 -4.94 10.87
C CYS A 564 -42.87 -6.13 11.72
N GLY A 565 -41.91 -6.90 12.20
CA GLY A 565 -42.11 -8.29 12.51
C GLY A 565 -42.96 -8.55 13.73
N PRO A 566 -43.44 -9.75 13.86
CA PRO A 566 -44.29 -10.16 14.99
C PRO A 566 -43.48 -10.53 16.23
N LYS A 567 -42.48 -9.70 16.55
CA LYS A 567 -41.65 -9.90 17.73
C LYS A 567 -41.98 -8.83 18.75
N LYS A 568 -42.25 -9.27 19.98
CA LYS A 568 -42.69 -8.35 21.03
C LYS A 568 -41.56 -7.41 21.43
N SER A 569 -41.87 -6.12 21.49
CA SER A 569 -40.90 -5.13 21.94
C SER A 569 -40.69 -5.24 23.44
N THR A 570 -39.45 -5.06 23.88
CA THR A 570 -39.10 -5.15 25.28
C THR A 570 -39.12 -3.77 25.93
N ASN A 571 -38.68 -3.71 27.18
CA ASN A 571 -38.63 -2.46 27.92
C ASN A 571 -37.42 -1.63 27.51
N LEU A 572 -37.44 -0.36 27.88
CA LEU A 572 -36.39 0.59 27.53
C LEU A 572 -35.58 0.92 28.78
N VAL A 573 -34.28 0.67 28.72
CA VAL A 573 -33.36 0.96 29.82
C VAL A 573 -32.19 1.74 29.27
N LYS A 574 -31.79 2.80 29.99
CA LYS A 574 -30.74 3.71 29.54
C LYS A 574 -29.62 3.75 30.57
N ASN A 575 -28.56 4.47 30.23
CA ASN A 575 -27.35 4.63 31.04
C ASN A 575 -26.61 3.32 31.26
N LYS A 576 -26.95 2.28 30.50
CA LYS A 576 -26.33 0.97 30.63
C LYS A 576 -25.84 0.51 29.26
N CYS A 577 -24.65 -0.09 29.23
CA CYS A 577 -24.15 -0.68 28.00
C CYS A 577 -25.05 -1.84 27.59
N VAL A 578 -25.83 -1.66 26.53
CA VAL A 578 -26.84 -2.63 26.12
C VAL A 578 -26.87 -2.75 24.60
N ASN A 579 -27.48 -3.83 24.14
CA ASN A 579 -27.76 -4.02 22.72
C ASN A 579 -29.16 -3.48 22.42
N PHE A 580 -29.25 -2.57 21.47
CA PHE A 580 -30.49 -1.90 21.13
C PHE A 580 -30.93 -2.31 19.72
N ASN A 581 -32.24 -2.27 19.50
CA ASN A 581 -32.80 -2.61 18.19
C ASN A 581 -34.02 -1.73 17.98
N PHE A 582 -33.85 -0.66 17.21
CA PHE A 582 -34.92 0.30 16.93
C PHE A 582 -35.39 0.09 15.50
N ASN A 583 -36.47 -0.67 15.34
CA ASN A 583 -37.05 -0.92 14.02
C ASN A 583 -36.03 -1.57 13.10
N GLY A 584 -35.39 -2.62 13.59
CA GLY A 584 -34.41 -3.35 12.81
C GLY A 584 -33.03 -2.76 12.83
N LEU A 585 -32.83 -1.61 13.49
CA LEU A 585 -31.52 -0.99 13.60
C LEU A 585 -30.84 -1.55 14.85
N THR A 586 -30.20 -2.70 14.68
CA THR A 586 -29.50 -3.33 15.79
C THR A 586 -28.16 -2.64 16.02
N GLY A 587 -27.66 -2.76 17.24
CA GLY A 587 -26.39 -2.14 17.59
C GLY A 587 -26.10 -2.31 19.06
N THR A 588 -24.96 -1.75 19.47
CA THR A 588 -24.51 -1.84 20.85
C THR A 588 -24.03 -0.47 21.30
N GLY A 589 -24.34 -0.12 22.55
CA GLY A 589 -23.94 1.16 23.08
C GLY A 589 -24.68 1.44 24.37
N VAL A 590 -24.48 2.66 24.88
CA VAL A 590 -25.11 3.12 26.11
C VAL A 590 -26.09 4.23 25.75
N LEU A 591 -27.36 4.01 26.07
CA LEU A 591 -28.39 5.00 25.79
C LEU A 591 -28.34 6.13 26.82
N THR A 592 -28.93 7.26 26.45
CA THR A 592 -28.99 8.42 27.34
C THR A 592 -29.94 9.44 26.74
N GLU A 593 -30.75 10.07 27.59
CA GLU A 593 -31.66 11.09 27.11
C GLU A 593 -30.87 12.24 26.49
N SER A 594 -31.41 12.82 25.42
CA SER A 594 -30.72 13.83 24.64
C SER A 594 -31.61 15.05 24.46
N ASN A 595 -30.98 16.20 24.21
CA ASN A 595 -31.65 17.43 23.89
C ASN A 595 -31.83 17.62 22.38
N LYS A 596 -31.90 16.52 21.64
CA LYS A 596 -31.94 16.58 20.18
C LYS A 596 -33.29 17.11 19.71
N LYS A 597 -33.30 17.62 18.48
CA LYS A 597 -34.52 18.05 17.81
C LYS A 597 -34.61 17.30 16.49
N PHE A 598 -35.39 16.21 16.48
CA PHE A 598 -35.71 15.51 15.25
C PHE A 598 -36.97 16.11 14.64
N LEU A 599 -36.95 16.31 13.32
CA LEU A 599 -38.16 16.70 12.64
C LEU A 599 -39.18 15.57 12.74
N PRO A 600 -40.47 15.87 12.59
CA PRO A 600 -41.49 14.86 12.90
C PRO A 600 -41.27 13.54 12.18
N PHE A 601 -40.78 13.59 10.95
CA PHE A 601 -40.59 12.40 10.12
C PHE A 601 -39.19 11.81 10.26
N GLN A 602 -38.37 12.36 11.15
CA GLN A 602 -37.02 11.85 11.41
C GLN A 602 -37.06 10.79 12.50
N GLN A 603 -36.22 9.76 12.33
CA GLN A 603 -36.16 8.65 13.27
C GLN A 603 -34.74 8.39 13.72
N PHE A 604 -33.76 8.58 12.82
CA PHE A 604 -32.37 8.25 13.10
C PHE A 604 -31.48 9.43 12.77
N GLY A 605 -30.47 9.64 13.63
CA GLY A 605 -29.44 10.64 13.36
C GLY A 605 -28.07 9.98 13.29
N ARG A 606 -27.39 10.12 12.15
CA ARG A 606 -26.20 9.34 11.88
C ARG A 606 -24.94 10.15 12.17
N ASP A 607 -23.81 9.44 12.20
CA ASP A 607 -22.51 10.00 12.55
C ASP A 607 -21.71 10.24 11.28
N ILE A 608 -20.51 10.83 11.44
CA ILE A 608 -19.63 11.08 10.31
C ILE A 608 -19.29 9.77 9.61
N ALA A 609 -19.09 8.71 10.38
CA ALA A 609 -18.77 7.39 9.83
C ALA A 609 -20.02 6.60 9.43
N ASP A 610 -21.14 7.28 9.23
CA ASP A 610 -22.39 6.63 8.82
C ASP A 610 -22.93 5.71 9.90
N THR A 611 -22.72 6.07 11.17
CA THR A 611 -23.22 5.30 12.30
C THR A 611 -24.23 6.13 13.07
N THR A 612 -25.32 5.49 13.49
CA THR A 612 -26.37 6.19 14.22
C THR A 612 -25.90 6.51 15.63
N ASP A 613 -25.80 7.80 15.95
CA ASP A 613 -25.41 8.26 17.27
C ASP A 613 -26.55 8.93 18.01
N ALA A 614 -27.78 8.81 17.51
CA ALA A 614 -28.96 9.31 18.19
C ALA A 614 -30.21 8.73 17.55
N VAL A 615 -31.13 8.19 18.36
CA VAL A 615 -32.29 7.49 17.84
C VAL A 615 -33.55 8.05 18.48
N ARG A 616 -34.67 7.82 17.80
CA ARG A 616 -35.99 8.18 18.30
C ARG A 616 -36.76 6.89 18.59
N ASP A 617 -37.21 6.74 19.83
CA ASP A 617 -37.89 5.52 20.23
C ASP A 617 -39.23 5.42 19.53
N PRO A 618 -39.52 4.34 18.81
CA PRO A 618 -40.79 4.27 18.06
C PRO A 618 -42.02 4.35 18.95
N GLN A 619 -41.97 3.78 20.15
CA GLN A 619 -43.14 3.76 21.02
C GLN A 619 -43.37 5.11 21.68
N THR A 620 -42.35 5.65 22.34
CA THR A 620 -42.40 6.99 22.92
C THR A 620 -41.56 7.92 22.05
N LEU A 621 -42.18 8.97 21.55
CA LEU A 621 -41.48 9.86 20.61
C LEU A 621 -40.47 10.72 21.36
N GLU A 622 -39.39 10.09 21.82
CA GLU A 622 -38.30 10.78 22.51
C GLU A 622 -36.98 10.40 21.85
N ILE A 623 -36.02 11.31 21.92
CA ILE A 623 -34.72 11.13 21.27
C ILE A 623 -33.72 10.67 22.31
N LEU A 624 -33.00 9.59 22.00
CA LEU A 624 -32.01 9.01 22.90
C LEU A 624 -30.63 9.13 22.28
N ASP A 625 -29.64 9.43 23.12
CA ASP A 625 -28.26 9.49 22.68
C ASP A 625 -27.69 8.08 22.59
N ILE A 626 -26.92 7.82 21.54
CA ILE A 626 -26.32 6.51 21.30
C ILE A 626 -24.81 6.66 21.41
N THR A 627 -24.18 5.72 22.11
CA THR A 627 -22.73 5.75 22.27
C THR A 627 -22.20 4.34 22.49
N PRO A 628 -21.38 3.83 21.56
CA PRO A 628 -20.75 2.52 21.80
C PRO A 628 -20.00 2.51 23.12
N CYS A 629 -20.04 1.36 23.79
CA CYS A 629 -19.56 1.25 25.15
C CYS A 629 -18.06 1.51 25.22
N SER A 630 -17.58 1.76 26.44
CA SER A 630 -16.19 2.14 26.63
C SER A 630 -15.25 1.02 26.23
N PHE A 631 -14.08 1.40 25.72
CA PHE A 631 -13.08 0.45 25.26
C PHE A 631 -11.70 1.09 25.44
N GLY A 632 -10.68 0.29 25.16
CA GLY A 632 -9.32 0.79 25.22
C GLY A 632 -8.33 -0.36 25.19
N GLY A 633 -7.08 0.01 24.98
CA GLY A 633 -6.02 -0.97 25.02
C GLY A 633 -5.71 -1.42 26.43
N VAL A 634 -5.09 -2.58 26.53
CA VAL A 634 -4.64 -3.14 27.81
C VAL A 634 -3.14 -3.37 27.71
N SER A 635 -2.39 -2.69 28.56
CA SER A 635 -0.93 -2.79 28.59
C SER A 635 -0.50 -3.42 29.90
N VAL A 636 0.38 -4.40 29.81
CA VAL A 636 0.90 -5.11 30.98
C VAL A 636 2.29 -4.55 31.27
N ILE A 637 2.48 -4.05 32.49
CA ILE A 637 3.74 -3.49 32.93
C ILE A 637 4.45 -4.55 33.75
N THR A 638 5.67 -4.89 33.34
CA THR A 638 6.42 -5.94 34.00
C THR A 638 7.90 -5.61 34.00
N PRO A 639 8.61 -5.87 35.09
CA PRO A 639 10.07 -5.97 35.00
C PRO A 639 10.44 -7.27 34.31
N GLY A 640 11.72 -7.58 34.19
CA GLY A 640 12.10 -8.86 33.61
C GLY A 640 11.45 -10.01 34.36
N THR A 641 11.05 -11.03 33.61
CA THR A 641 10.47 -12.21 34.25
C THR A 641 11.44 -12.82 35.24
N ASN A 642 12.71 -12.94 34.85
CA ASN A 642 13.71 -13.48 35.77
C ASN A 642 14.02 -12.52 36.91
N THR A 643 13.56 -11.28 36.83
CA THR A 643 13.62 -10.38 37.98
C THR A 643 12.42 -10.58 38.90
N SER A 644 11.25 -10.81 38.33
CA SER A 644 10.04 -11.05 39.10
C SER A 644 8.91 -11.40 38.15
N ASN A 645 7.93 -12.12 38.68
CA ASN A 645 6.72 -12.44 37.94
C ASN A 645 5.56 -11.52 38.28
N GLN A 646 5.78 -10.53 39.14
CA GLN A 646 4.74 -9.56 39.47
C GLN A 646 4.61 -8.56 38.32
N VAL A 647 3.36 -8.13 38.07
CA VAL A 647 3.08 -7.23 36.96
C VAL A 647 2.01 -6.22 37.39
N ALA A 648 1.91 -5.15 36.61
CA ALA A 648 0.85 -4.16 36.75
C ALA A 648 0.16 -4.00 35.42
N VAL A 649 -1.12 -3.62 35.46
CA VAL A 649 -1.97 -3.54 34.29
C VAL A 649 -2.44 -2.11 34.12
N LEU A 650 -2.35 -1.60 32.90
CA LEU A 650 -2.85 -0.27 32.55
C LEU A 650 -4.02 -0.42 31.58
N TYR A 651 -5.18 0.07 31.99
CA TYR A 651 -6.36 0.15 31.13
C TYR A 651 -6.38 1.56 30.57
N GLN A 652 -5.70 1.76 29.45
CA GLN A 652 -5.43 3.09 28.93
C GLN A 652 -6.68 3.67 28.27
N GLY A 653 -6.98 4.93 28.60
CA GLY A 653 -8.04 5.68 27.95
C GLY A 653 -9.38 5.68 28.65
N VAL A 654 -9.53 4.93 29.74
CA VAL A 654 -10.79 4.79 30.45
C VAL A 654 -10.49 5.10 31.91
N ASN A 655 -11.30 5.92 32.56
CA ASN A 655 -10.97 6.24 33.94
C ASN A 655 -11.43 5.07 34.80
N CYS A 656 -10.84 4.97 35.99
CA CYS A 656 -10.91 3.71 36.72
C CYS A 656 -12.31 3.36 37.20
N THR A 657 -13.20 4.34 37.40
CA THR A 657 -14.51 4.02 37.96
C THR A 657 -15.24 2.97 37.13
N GLU A 658 -14.98 2.92 35.83
CA GLU A 658 -15.63 1.93 34.97
C GLU A 658 -15.17 0.52 35.32
N VAL A 659 -13.87 0.32 35.55
CA VAL A 659 -13.34 -1.04 35.68
C VAL A 659 -14.05 -1.83 36.77
N PRO A 660 -14.22 -1.31 37.99
CA PRO A 660 -15.09 -2.00 38.94
C PRO A 660 -16.51 -2.14 38.45
N VAL A 661 -17.01 -1.15 37.70
CA VAL A 661 -18.36 -1.20 37.16
C VAL A 661 -18.41 -2.22 36.03
N LEU A 668 -16.06 -8.73 30.89
CA LEU A 668 -15.34 -7.91 29.90
C LEU A 668 -14.41 -8.80 29.07
N THR A 669 -13.65 -8.17 28.19
CA THR A 669 -12.77 -8.89 27.26
C THR A 669 -11.49 -9.42 27.90
N PRO A 670 -10.85 -8.70 28.83
CA PRO A 670 -9.48 -9.10 29.22
C PRO A 670 -9.39 -10.48 29.84
N THR A 671 -10.50 -11.04 30.30
CA THR A 671 -10.68 -12.43 30.71
C THR A 671 -10.11 -12.72 32.11
N TRP A 672 -9.43 -11.76 32.75
CA TRP A 672 -8.94 -11.94 34.12
C TRP A 672 -9.43 -10.79 34.98
N ARG A 673 -10.66 -10.92 35.47
CA ARG A 673 -11.21 -9.93 36.40
C ARG A 673 -10.87 -10.29 37.84
N VAL A 674 -9.57 -10.53 38.07
CA VAL A 674 -9.08 -10.85 39.40
C VAL A 674 -8.33 -9.69 40.04
N TYR A 675 -7.76 -8.79 39.23
CA TYR A 675 -7.13 -7.59 39.76
C TYR A 675 -8.15 -6.56 40.22
N SER A 676 -9.44 -6.80 39.98
CA SER A 676 -10.47 -5.85 40.37
C SER A 676 -10.56 -5.67 41.88
N THR A 677 -9.94 -6.58 42.66
CA THR A 677 -9.93 -6.41 44.10
C THR A 677 -9.38 -5.04 44.49
N GLY A 678 -8.40 -4.56 43.74
CA GLY A 678 -7.96 -3.18 43.90
C GLY A 678 -7.14 -2.97 45.16
N SER A 679 -7.46 -1.89 45.88
CA SER A 679 -6.72 -1.42 47.04
C SER A 679 -5.42 -0.74 46.63
N ASN A 680 -5.10 -0.76 45.34
CA ASN A 680 -3.93 -0.06 44.82
C ASN A 680 -4.19 0.46 43.41
N VAL A 681 -5.45 0.69 43.07
CA VAL A 681 -5.80 1.21 41.75
C VAL A 681 -5.48 2.70 41.71
N PHE A 682 -4.71 3.11 40.72
CA PHE A 682 -4.27 4.49 40.57
C PHE A 682 -4.80 5.03 39.25
N GLN A 683 -5.50 6.16 39.31
CA GLN A 683 -6.10 6.76 38.13
C GLN A 683 -5.10 7.78 37.57
N THR A 684 -4.43 7.42 36.50
CA THR A 684 -3.50 8.31 35.82
C THR A 684 -4.18 8.97 34.63
N ARG A 685 -3.52 10.01 34.12
CA ARG A 685 -4.01 10.68 32.92
C ARG A 685 -3.93 9.80 31.68
N ALA A 686 -3.22 8.68 31.76
CA ALA A 686 -3.13 7.73 30.66
C ALA A 686 -4.09 6.55 30.82
N GLY A 687 -4.95 6.57 31.83
CA GLY A 687 -5.84 5.48 32.13
C GLY A 687 -5.65 4.99 33.56
N CYS A 688 -6.43 3.97 33.92
CA CYS A 688 -6.30 3.37 35.23
C CYS A 688 -5.15 2.37 35.27
N LEU A 689 -4.36 2.46 36.34
CA LEU A 689 -3.24 1.57 36.57
C LEU A 689 -3.54 0.72 37.79
N ILE A 690 -3.49 -0.61 37.63
CA ILE A 690 -3.81 -1.55 38.69
C ILE A 690 -2.58 -2.39 38.98
N GLY A 691 -2.32 -2.62 40.27
CA GLY A 691 -1.20 -3.42 40.69
C GLY A 691 0.08 -2.66 40.94
N ALA A 692 0.03 -1.33 40.93
CA ALA A 692 1.20 -0.49 41.16
C ALA A 692 0.93 0.46 42.31
N GLU A 693 1.88 0.55 43.23
CA GLU A 693 1.75 1.44 44.38
C GLU A 693 2.18 2.84 44.00
N HIS A 694 1.28 3.81 44.19
CA HIS A 694 1.61 5.20 43.93
C HIS A 694 2.43 5.78 45.08
N VAL A 695 3.43 6.58 44.72
CA VAL A 695 4.33 7.20 45.69
C VAL A 695 4.54 8.65 45.26
N ASN A 696 4.82 9.53 46.22
CA ASN A 696 5.20 10.90 45.86
C ASN A 696 6.67 11.06 45.50
N ASN A 697 7.56 10.14 45.86
CA ASN A 697 8.95 10.30 45.46
C ASN A 697 9.08 10.23 43.94
N SER A 698 9.85 11.15 43.38
CA SER A 698 10.09 11.21 41.94
C SER A 698 11.47 10.65 41.64
N TYR A 699 11.53 9.75 40.66
CA TYR A 699 12.77 9.10 40.26
C TYR A 699 12.94 9.25 38.76
N GLU A 700 14.11 8.82 38.27
CA GLU A 700 14.32 8.74 36.84
C GLU A 700 13.35 7.73 36.23
N CYS A 701 12.80 8.08 35.08
CA CYS A 701 11.83 7.20 34.44
C CYS A 701 12.45 5.84 34.15
N ASP A 702 11.71 4.78 34.48
CA ASP A 702 12.15 3.42 34.26
C ASP A 702 11.28 2.71 33.23
N ILE A 703 9.97 2.67 33.45
CA ILE A 703 9.03 2.11 32.49
C ILE A 703 8.01 3.19 32.16
N PRO A 704 8.04 3.77 30.96
CA PRO A 704 7.13 4.89 30.68
C PRO A 704 5.68 4.43 30.62
N ILE A 705 4.80 5.19 31.27
CA ILE A 705 3.36 4.96 31.21
C ILE A 705 2.66 6.04 30.42
N GLY A 706 3.12 7.29 30.53
CA GLY A 706 2.53 8.39 29.81
C GLY A 706 2.10 9.51 30.72
N ALA A 707 2.02 10.72 30.18
CA ALA A 707 1.59 11.89 30.94
C ALA A 707 2.47 12.10 32.18
N GLY A 708 3.77 11.86 32.02
CA GLY A 708 4.72 12.09 33.08
C GLY A 708 4.77 11.03 34.16
N ILE A 709 4.06 9.91 33.98
CA ILE A 709 4.02 8.84 34.96
C ILE A 709 4.91 7.70 34.47
N CYS A 710 5.73 7.17 35.36
CA CYS A 710 6.60 6.05 35.05
C CYS A 710 6.49 5.01 36.15
N ALA A 711 6.76 3.75 35.80
CA ALA A 711 6.67 2.64 36.73
C ALA A 711 8.04 2.01 36.93
N SER A 712 8.34 1.63 38.16
CA SER A 712 9.59 0.99 38.49
C SER A 712 9.35 -0.12 39.50
N TYR A 713 10.25 -1.09 39.51
CA TYR A 713 10.19 -2.22 40.43
C TYR A 713 11.31 -2.04 41.45
N GLN A 714 10.94 -1.67 42.67
CA GLN A 714 11.92 -1.38 43.72
C GLN A 714 11.40 -1.91 45.05
N THR A 715 12.33 -2.12 45.98
CA THR A 715 11.99 -2.57 47.32
C THR A 715 11.09 -1.56 48.02
N SER A 728 8.52 -7.12 50.29
CA SER A 728 9.26 -5.87 50.31
C SER A 728 9.35 -5.27 48.90
N GLN A 729 9.52 -6.14 47.92
CA GLN A 729 9.56 -5.71 46.52
C GLN A 729 8.14 -5.47 46.01
N SER A 730 8.00 -4.46 45.18
CA SER A 730 6.70 -4.13 44.59
C SER A 730 6.91 -3.23 43.38
N ILE A 731 5.87 -3.11 42.58
CA ILE A 731 5.86 -2.19 41.44
C ILE A 731 5.25 -0.88 41.90
N ILE A 732 5.97 0.22 41.67
CA ILE A 732 5.52 1.55 42.09
C ILE A 732 5.25 2.40 40.86
N ALA A 733 4.39 3.40 41.04
CA ALA A 733 4.10 4.40 40.02
C ALA A 733 4.39 5.77 40.60
N TYR A 734 5.00 6.63 39.79
CA TYR A 734 5.47 7.92 40.27
C TYR A 734 5.55 8.89 39.11
N THR A 735 5.64 10.18 39.43
CA THR A 735 5.92 11.20 38.44
C THR A 735 7.43 11.25 38.21
N MET A 736 7.83 11.15 36.95
CA MET A 736 9.25 11.10 36.63
C MET A 736 9.93 12.42 37.01
N SER A 737 11.19 12.31 37.44
CA SER A 737 12.01 13.47 37.76
C SER A 737 12.87 13.82 36.56
N LEU A 738 12.89 15.11 36.22
CA LEU A 738 13.67 15.56 35.07
C LEU A 738 15.17 15.63 35.37
N GLY A 739 15.54 15.77 36.62
CA GLY A 739 16.95 15.84 36.97
C GLY A 739 17.13 16.50 38.32
N ALA A 740 18.40 16.58 38.72
CA ALA A 740 18.73 17.18 40.00
C ALA A 740 18.61 18.71 39.92
N GLU A 741 17.97 19.29 40.91
CA GLU A 741 17.86 20.74 40.99
C GLU A 741 19.24 21.35 41.21
N ASN A 742 19.47 22.51 40.59
CA ASN A 742 20.76 23.17 40.69
C ASN A 742 20.58 24.65 40.43
N SER A 743 21.11 25.49 41.31
CA SER A 743 21.09 26.94 41.15
C SER A 743 22.52 27.40 40.89
N VAL A 744 22.78 27.82 39.66
CA VAL A 744 24.10 28.34 39.33
C VAL A 744 24.34 29.61 40.13
N ALA A 745 25.50 29.69 40.79
CA ALA A 745 25.82 30.82 41.65
C ALA A 745 26.24 32.03 40.81
N TYR A 746 25.31 32.50 39.99
CA TYR A 746 25.59 33.62 39.11
C TYR A 746 25.68 34.91 39.90
N SER A 747 26.72 35.69 39.60
CA SER A 747 26.87 37.05 40.11
C SER A 747 27.46 37.86 38.97
N ASN A 748 27.40 39.19 39.09
CA ASN A 748 27.90 39.99 37.99
C ASN A 748 29.42 40.17 38.03
N ASN A 749 30.10 39.67 39.05
CA ASN A 749 31.55 39.77 39.13
C ASN A 749 32.18 38.48 39.63
N SER A 750 31.51 37.35 39.41
CA SER A 750 31.99 36.05 39.84
C SER A 750 32.14 35.13 38.65
N ILE A 751 33.25 34.40 38.60
CA ILE A 751 33.54 33.47 37.52
C ILE A 751 34.10 32.19 38.12
N ALA A 752 33.71 31.05 37.55
CA ALA A 752 34.24 29.76 37.92
C ALA A 752 35.16 29.28 36.80
N ILE A 753 36.39 28.91 37.15
CA ILE A 753 37.36 28.46 36.16
C ILE A 753 37.85 27.07 36.57
N PRO A 754 37.86 26.10 35.65
CA PRO A 754 38.31 24.75 36.03
C PRO A 754 39.81 24.74 36.28
N THR A 755 40.20 24.13 37.40
CA THR A 755 41.61 24.01 37.76
C THR A 755 42.23 22.69 37.33
N ASN A 756 41.46 21.81 36.70
CA ASN A 756 41.94 20.47 36.39
C ASN A 756 41.01 19.92 35.32
N PHE A 757 41.24 18.69 34.87
CA PHE A 757 40.47 18.18 33.76
C PHE A 757 40.40 16.66 33.81
N THR A 758 39.48 16.11 33.02
CA THR A 758 39.38 14.68 32.82
C THR A 758 39.24 14.40 31.32
N ILE A 759 40.00 13.42 30.84
CA ILE A 759 39.85 12.91 29.48
C ILE A 759 38.81 11.81 29.51
N SER A 760 37.71 12.01 28.80
CA SER A 760 36.62 11.05 28.74
C SER A 760 36.55 10.44 27.36
N VAL A 761 36.32 9.13 27.32
CA VAL A 761 36.12 8.40 26.07
C VAL A 761 34.73 7.80 26.11
N THR A 762 33.87 8.22 25.19
CA THR A 762 32.51 7.74 25.12
C THR A 762 32.27 7.07 23.76
N THR A 763 31.39 6.09 23.75
CA THR A 763 31.11 5.30 22.56
C THR A 763 29.80 5.75 21.92
N GLU A 764 29.77 5.75 20.59
CA GLU A 764 28.57 6.04 19.83
C GLU A 764 28.38 4.97 18.78
N ILE A 765 27.18 4.38 18.73
CA ILE A 765 26.86 3.29 17.82
C ILE A 765 25.86 3.81 16.80
N LEU A 766 26.15 3.56 15.52
CA LEU A 766 25.29 4.01 14.42
C LEU A 766 25.08 2.85 13.46
N PRO A 767 23.84 2.44 13.19
CA PRO A 767 23.61 1.49 12.09
C PRO A 767 24.05 2.08 10.77
N VAL A 768 24.63 1.22 9.92
CA VAL A 768 25.15 1.63 8.63
C VAL A 768 24.47 0.91 7.48
N SER A 769 24.24 -0.40 7.62
CA SER A 769 23.62 -1.19 6.58
C SER A 769 22.67 -2.19 7.21
N MET A 770 21.86 -2.82 6.38
CA MET A 770 21.00 -3.91 6.81
C MET A 770 21.12 -5.05 5.81
N THR A 771 20.61 -6.21 6.20
CA THR A 771 20.77 -7.41 5.40
C THR A 771 20.21 -7.21 3.99
N LYS A 772 20.98 -7.59 2.99
CA LYS A 772 20.54 -7.52 1.61
C LYS A 772 19.62 -8.70 1.31
N THR A 773 18.36 -8.42 1.04
CA THR A 773 17.34 -9.44 0.84
C THR A 773 16.79 -9.34 -0.58
N SER A 774 16.63 -10.49 -1.22
CA SER A 774 16.04 -10.58 -2.53
C SER A 774 14.92 -11.60 -2.49
N VAL A 775 13.80 -11.29 -3.13
CA VAL A 775 12.62 -12.14 -3.13
C VAL A 775 12.22 -12.41 -4.57
N ASP A 776 12.04 -13.68 -4.90
CA ASP A 776 11.53 -14.07 -6.22
C ASP A 776 10.01 -14.02 -6.16
N CYS A 777 9.42 -13.05 -6.85
CA CYS A 777 7.98 -12.83 -6.75
C CYS A 777 7.20 -14.08 -7.09
N THR A 778 7.53 -14.71 -8.23
CA THR A 778 6.76 -15.88 -8.66
C THR A 778 6.90 -17.03 -7.67
N MET A 779 8.10 -17.27 -7.16
CA MET A 779 8.29 -18.37 -6.22
C MET A 779 7.48 -18.15 -4.95
N TYR A 780 7.49 -16.93 -4.42
CA TYR A 780 6.74 -16.67 -3.19
C TYR A 780 5.24 -16.82 -3.41
N ILE A 781 4.72 -16.30 -4.52
CA ILE A 781 3.29 -16.33 -4.76
C ILE A 781 2.87 -17.67 -5.34
N CYS A 782 3.58 -18.15 -6.34
CA CYS A 782 3.24 -19.36 -7.08
C CYS A 782 4.43 -20.31 -7.00
N GLY A 783 4.47 -21.13 -5.95
CA GLY A 783 5.56 -22.06 -5.82
C GLY A 783 5.52 -23.12 -6.90
N ASP A 784 6.41 -23.00 -7.88
CA ASP A 784 6.53 -23.96 -8.99
C ASP A 784 5.16 -24.45 -9.45
N SER A 785 4.24 -23.51 -9.67
CA SER A 785 2.89 -23.81 -10.12
C SER A 785 2.63 -23.04 -11.41
N THR A 786 2.56 -23.77 -12.53
CA THR A 786 2.31 -23.13 -13.82
C THR A 786 0.93 -22.49 -13.86
N GLU A 787 -0.08 -23.16 -13.28
CA GLU A 787 -1.42 -22.59 -13.30
C GLU A 787 -1.47 -21.26 -12.56
N CYS A 788 -0.83 -21.20 -11.39
CA CYS A 788 -0.79 -19.95 -10.63
C CYS A 788 0.03 -18.89 -11.35
N SER A 789 1.16 -19.28 -11.93
CA SER A 789 2.02 -18.30 -12.60
C SER A 789 1.34 -17.69 -13.80
N ASN A 790 0.60 -18.49 -14.57
CA ASN A 790 -0.13 -17.94 -15.70
C ASN A 790 -1.19 -16.95 -15.24
N LEU A 791 -1.85 -17.24 -14.12
CA LEU A 791 -2.80 -16.30 -13.56
C LEU A 791 -2.10 -15.03 -13.09
N LEU A 792 -0.88 -15.17 -12.55
CA LEU A 792 -0.16 -14.02 -12.04
C LEU A 792 0.25 -13.05 -13.15
N LEU A 793 0.35 -13.52 -14.39
CA LEU A 793 0.67 -12.63 -15.50
C LEU A 793 -0.42 -11.59 -15.73
N GLN A 794 -1.65 -11.87 -15.30
CA GLN A 794 -2.75 -10.93 -15.51
C GLN A 794 -2.63 -9.69 -14.66
N TYR A 795 -1.70 -9.65 -13.71
CA TYR A 795 -1.50 -8.49 -12.85
C TYR A 795 -0.44 -7.54 -13.38
N GLY A 796 0.09 -7.79 -14.57
CA GLY A 796 1.04 -6.88 -15.16
C GLY A 796 2.43 -7.02 -14.60
N SER A 797 3.07 -5.88 -14.32
CA SER A 797 4.45 -5.84 -13.86
C SER A 797 4.57 -5.55 -12.38
N PHE A 798 3.62 -6.03 -11.57
CA PHE A 798 3.76 -5.87 -10.13
C PHE A 798 4.99 -6.60 -9.62
N CYS A 799 5.24 -7.81 -10.12
CA CYS A 799 6.39 -8.58 -9.67
C CYS A 799 7.70 -7.90 -10.05
N THR A 800 7.78 -7.36 -11.27
CA THR A 800 9.01 -6.68 -11.69
C THR A 800 9.29 -5.47 -10.81
N GLN A 801 8.24 -4.72 -10.45
CA GLN A 801 8.43 -3.57 -9.56
C GLN A 801 8.99 -4.00 -8.22
N LEU A 802 8.45 -5.07 -7.65
CA LEU A 802 8.89 -5.50 -6.32
C LEU A 802 10.34 -5.94 -6.33
N ASN A 803 10.74 -6.71 -7.35
CA ASN A 803 12.15 -7.11 -7.45
C ASN A 803 13.05 -5.90 -7.66
N ARG A 804 12.62 -4.96 -8.50
CA ARG A 804 13.40 -3.75 -8.73
C ARG A 804 13.54 -2.94 -7.46
N ALA A 805 12.46 -2.84 -6.68
CA ALA A 805 12.52 -2.08 -5.44
C ALA A 805 13.50 -2.71 -4.46
N LEU A 806 13.48 -4.04 -4.34
CA LEU A 806 14.38 -4.70 -3.40
C LEU A 806 15.82 -4.67 -3.89
N THR A 807 16.03 -4.73 -5.20
CA THR A 807 17.38 -4.61 -5.73
C THR A 807 17.96 -3.24 -5.42
N GLY A 808 17.15 -2.18 -5.54
CA GLY A 808 17.62 -0.86 -5.19
C GLY A 808 18.04 -0.77 -3.73
N ILE A 809 17.30 -1.43 -2.85
CA ILE A 809 17.68 -1.45 -1.44
C ILE A 809 19.00 -2.19 -1.26
N ALA A 810 19.13 -3.36 -1.89
CA ALA A 810 20.34 -4.16 -1.72
C ALA A 810 21.57 -3.42 -2.21
N VAL A 811 21.47 -2.77 -3.35
CA VAL A 811 22.61 -2.01 -3.87
C VAL A 811 22.96 -0.87 -2.92
N GLU A 812 21.95 -0.24 -2.33
CA GLU A 812 22.20 0.91 -1.46
C GLU A 812 22.94 0.50 -0.19
N GLN A 813 22.73 -0.72 0.31
CA GLN A 813 23.42 -1.15 1.51
C GLN A 813 24.93 -1.18 1.30
N ASP A 814 25.37 -1.67 0.14
CA ASP A 814 26.79 -1.62 -0.18
C ASP A 814 27.27 -0.19 -0.30
N LYS A 815 26.45 0.69 -0.88
CA LYS A 815 26.81 2.09 -0.98
C LYS A 815 26.94 2.73 0.40
N ASN A 816 26.06 2.36 1.33
CA ASN A 816 26.16 2.90 2.68
C ASN A 816 27.49 2.56 3.32
N THR A 817 27.90 1.29 3.21
CA THR A 817 29.18 0.88 3.81
C THR A 817 30.35 1.58 3.15
N GLN A 818 30.29 1.74 1.83
CA GLN A 818 31.38 2.42 1.12
C GLN A 818 31.55 3.85 1.62
N GLU A 819 30.44 4.56 1.81
CA GLU A 819 30.52 5.96 2.23
C GLU A 819 31.16 6.08 3.61
N VAL A 820 30.78 5.22 4.54
CA VAL A 820 31.25 5.35 5.92
C VAL A 820 32.73 4.99 6.02
N PHE A 821 33.13 3.88 5.40
CA PHE A 821 34.43 3.28 5.69
C PHE A 821 35.48 3.54 4.62
N ALA A 822 35.10 3.64 3.36
CA ALA A 822 36.07 3.85 2.28
C ALA A 822 36.37 5.34 2.12
N GLN A 823 36.83 5.94 3.22
CA GLN A 823 37.17 7.36 3.24
C GLN A 823 38.67 7.59 3.15
N VAL A 824 39.46 6.54 2.92
CA VAL A 824 40.90 6.66 2.71
C VAL A 824 41.26 5.83 1.50
N LYS A 825 42.04 6.40 0.60
CA LYS A 825 42.50 5.68 -0.59
C LYS A 825 43.84 5.01 -0.38
N GLN A 826 44.43 5.13 0.81
CA GLN A 826 45.65 4.42 1.18
C GLN A 826 45.40 3.64 2.45
N ILE A 827 45.91 2.41 2.49
CA ILE A 827 45.75 1.56 3.67
C ILE A 827 46.97 1.83 4.56
N TYR A 828 46.86 2.86 5.39
CA TYR A 828 47.92 3.17 6.33
C TYR A 828 48.04 2.07 7.37
N LYS A 829 49.27 1.83 7.82
CA LYS A 829 49.53 0.87 8.88
C LYS A 829 50.44 1.50 9.92
N THR A 830 50.16 1.21 11.19
CA THR A 830 50.92 1.78 12.28
C THR A 830 52.33 1.19 12.32
N PRO A 831 53.32 1.95 12.78
CA PRO A 831 54.69 1.44 12.80
C PRO A 831 54.84 0.34 13.83
N PRO A 832 55.86 -0.52 13.69
CA PRO A 832 56.07 -1.56 14.70
C PRO A 832 56.35 -1.02 16.09
N ILE A 833 56.99 0.14 16.21
CA ILE A 833 57.30 0.72 17.51
C ILE A 833 56.14 1.64 17.90
N LYS A 834 55.51 1.32 19.02
CA LYS A 834 54.35 2.05 19.51
C LYS A 834 54.74 3.14 20.50
N ASP A 835 55.65 4.04 20.12
CA ASP A 835 56.05 5.15 20.99
C ASP A 835 55.13 6.33 20.70
N PHE A 836 53.98 6.33 21.36
CA PHE A 836 52.95 7.35 21.17
C PHE A 836 52.84 8.28 22.37
N GLY A 837 53.94 8.52 23.06
CA GLY A 837 53.94 9.45 24.17
C GLY A 837 53.24 8.96 25.41
N GLY A 838 53.10 7.65 25.57
CA GLY A 838 52.42 7.07 26.70
C GLY A 838 51.00 6.64 26.43
N PHE A 839 50.39 7.14 25.36
CA PHE A 839 49.06 6.69 24.98
C PHE A 839 49.10 5.27 24.43
N ASN A 840 48.10 4.48 24.82
CA ASN A 840 48.05 3.05 24.53
C ASN A 840 46.81 2.77 23.68
N PHE A 841 47.02 2.37 22.43
CA PHE A 841 45.94 2.03 21.52
C PHE A 841 45.86 0.54 21.22
N SER A 842 46.47 -0.29 22.08
CA SER A 842 46.56 -1.71 21.77
C SER A 842 45.19 -2.37 21.69
N GLN A 843 44.20 -1.84 22.41
CA GLN A 843 42.88 -2.45 22.43
C GLN A 843 42.01 -2.03 21.26
N ILE A 844 42.41 -1.02 20.49
CA ILE A 844 41.68 -0.62 19.29
C ILE A 844 42.45 -0.87 18.01
N LEU A 845 43.74 -1.15 18.10
CA LEU A 845 44.51 -1.51 16.93
C LEU A 845 44.31 -2.98 16.58
N PRO A 846 44.59 -3.37 15.33
CA PRO A 846 44.36 -4.75 14.93
C PRO A 846 45.21 -5.72 15.73
N ASP A 847 44.66 -6.92 15.93
CA ASP A 847 45.39 -8.00 16.58
C ASP A 847 45.85 -8.99 15.53
N PRO A 848 47.14 -9.07 15.22
CA PRO A 848 47.58 -9.97 14.14
C PRO A 848 47.26 -11.44 14.39
N SER A 849 47.18 -11.86 15.66
CA SER A 849 47.02 -13.27 15.95
C SER A 849 45.73 -13.83 15.36
N LYS A 850 44.64 -13.09 15.49
CA LYS A 850 43.36 -13.59 15.03
C LYS A 850 43.34 -13.74 13.51
N PRO A 851 42.58 -14.71 12.99
CA PRO A 851 42.49 -14.83 11.52
C PRO A 851 41.95 -13.58 10.86
N SER A 852 40.99 -12.92 11.51
CA SER A 852 40.54 -11.60 11.10
C SER A 852 41.29 -10.56 11.93
N LYS A 853 41.91 -9.59 11.26
CA LYS A 853 42.74 -8.61 11.94
C LYS A 853 41.85 -7.55 12.62
N ARG A 854 41.00 -8.03 13.51
CA ARG A 854 40.12 -7.17 14.29
C ARG A 854 40.77 -6.84 15.63
N SER A 855 40.52 -5.62 16.11
CA SER A 855 41.03 -5.22 17.40
C SER A 855 40.30 -5.98 18.51
N PHE A 856 40.80 -5.81 19.74
CA PHE A 856 40.15 -6.43 20.88
C PHE A 856 38.72 -5.94 21.03
N ILE A 857 38.51 -4.63 20.92
CA ILE A 857 37.17 -4.07 21.09
C ILE A 857 36.27 -4.49 19.93
N GLU A 858 36.81 -4.55 18.71
CA GLU A 858 36.00 -4.98 17.57
C GLU A 858 35.54 -6.42 17.75
N ASP A 859 36.38 -7.28 18.32
CA ASP A 859 35.96 -8.64 18.61
C ASP A 859 34.82 -8.67 19.60
N LEU A 860 34.89 -7.84 20.64
CA LEU A 860 33.79 -7.78 21.60
C LEU A 860 32.49 -7.36 20.92
N LEU A 861 32.56 -6.37 20.03
CA LEU A 861 31.35 -5.89 19.37
C LEU A 861 30.71 -6.98 18.52
N PHE A 862 31.53 -7.78 17.84
CA PHE A 862 30.99 -8.83 16.98
C PHE A 862 30.43 -10.00 17.75
N ASN A 863 30.74 -10.10 19.05
CA ASN A 863 30.15 -11.14 19.89
C ASN A 863 28.86 -10.68 20.54
N LYS A 864 28.75 -9.39 20.90
CA LYS A 864 27.53 -8.91 21.52
C LYS A 864 26.33 -9.03 20.58
N VAL A 865 26.52 -8.69 19.30
CA VAL A 865 25.45 -8.75 18.33
C VAL A 865 25.31 -10.19 17.85
N THR A 866 24.11 -10.75 17.98
CA THR A 866 23.82 -12.13 17.61
C THR A 866 22.68 -12.17 16.61
N LEU A 867 22.80 -13.04 15.62
CA LEU A 867 21.76 -13.20 14.62
C LEU A 867 20.47 -13.71 15.28
N ALA A 868 19.39 -13.68 14.52
CA ALA A 868 18.07 -14.04 15.02
C ALA A 868 17.52 -15.32 14.40
N ASP A 869 17.49 -15.42 13.08
CA ASP A 869 16.90 -16.59 12.42
C ASP A 869 17.96 -17.66 12.14
N ALA A 870 18.98 -17.32 11.36
CA ALA A 870 20.04 -18.26 11.00
C ALA A 870 21.17 -17.48 10.36
N GLY A 871 22.19 -18.19 9.92
CA GLY A 871 23.34 -17.57 9.29
C GLY A 871 22.98 -16.75 8.08
N PHE A 872 23.49 -15.53 8.01
CA PHE A 872 23.20 -14.64 6.89
C PHE A 872 24.10 -14.96 5.70
N ASP A 882 28.46 -13.62 6.64
CA ASP A 882 28.20 -14.65 7.64
C ASP A 882 29.27 -15.74 7.58
N ILE A 883 29.11 -16.76 8.43
CA ILE A 883 30.05 -17.88 8.48
C ILE A 883 29.49 -19.09 7.75
N ALA A 884 28.55 -18.89 6.82
CA ALA A 884 27.95 -19.98 6.08
C ALA A 884 28.92 -20.49 5.03
N ALA A 885 29.27 -21.77 5.12
CA ALA A 885 30.12 -22.42 4.13
C ALA A 885 29.32 -23.22 3.11
N ARG A 886 28.00 -23.08 3.13
CA ARG A 886 27.10 -23.84 2.26
C ARG A 886 25.91 -22.96 1.94
N ASP A 887 24.81 -23.57 1.51
CA ASP A 887 23.59 -22.83 1.22
C ASP A 887 23.21 -21.97 2.41
N LEU A 888 22.35 -20.96 2.18
CA LEU A 888 22.01 -20.04 3.25
C LEU A 888 21.47 -20.78 4.48
N ILE A 889 20.67 -21.82 4.25
CA ILE A 889 20.17 -22.65 5.33
C ILE A 889 19.29 -21.83 6.25
N CYS A 890 18.19 -21.30 5.71
CA CYS A 890 17.25 -20.50 6.47
C CYS A 890 15.83 -20.95 6.14
N ALA A 891 14.90 -20.64 7.05
CA ALA A 891 13.50 -20.98 6.83
C ALA A 891 12.95 -20.24 5.62
N GLN A 892 13.33 -18.97 5.44
CA GLN A 892 12.81 -18.20 4.32
C GLN A 892 13.23 -18.79 2.99
N LYS A 893 14.36 -19.49 2.94
CA LYS A 893 14.89 -19.97 1.67
C LYS A 893 13.88 -20.84 0.93
N PHE A 894 13.00 -21.52 1.66
CA PHE A 894 12.09 -22.47 1.03
C PHE A 894 11.16 -21.82 0.01
N ASN A 895 10.95 -20.51 0.09
CA ASN A 895 9.86 -19.85 -0.64
C ASN A 895 10.37 -18.65 -1.42
N GLY A 896 11.46 -18.83 -2.16
CA GLY A 896 11.93 -17.80 -3.05
C GLY A 896 12.59 -16.61 -2.38
N LEU A 897 12.91 -16.72 -1.10
CA LEU A 897 13.55 -15.65 -0.35
C LEU A 897 15.02 -15.97 -0.18
N THR A 898 15.89 -15.05 -0.59
CA THR A 898 17.33 -15.25 -0.52
C THR A 898 18.00 -14.02 0.05
N VAL A 899 19.17 -14.23 0.63
CA VAL A 899 19.97 -13.19 1.25
C VAL A 899 21.28 -13.06 0.48
N LEU A 900 21.59 -11.85 0.06
CA LEU A 900 22.78 -11.57 -0.73
C LEU A 900 23.92 -11.15 0.17
N PRO A 901 25.13 -11.70 0.01
CA PRO A 901 26.23 -11.29 0.87
C PRO A 901 26.62 -9.85 0.58
N PRO A 902 27.10 -9.11 1.58
CA PRO A 902 27.57 -7.75 1.31
C PRO A 902 28.82 -7.74 0.45
N LEU A 903 29.00 -6.65 -0.29
CA LEU A 903 30.15 -6.54 -1.18
C LEU A 903 31.46 -6.55 -0.40
N LEU A 904 31.52 -5.82 0.71
CA LEU A 904 32.71 -5.76 1.54
C LEU A 904 32.59 -6.77 2.67
N THR A 905 33.53 -7.70 2.73
CA THR A 905 33.56 -8.65 3.82
C THR A 905 33.94 -7.96 5.12
N ASP A 906 33.62 -8.61 6.24
CA ASP A 906 33.98 -8.05 7.54
C ASP A 906 35.48 -7.82 7.66
N GLU A 907 36.27 -8.69 7.03
CA GLU A 907 37.72 -8.51 7.06
C GLU A 907 38.14 -7.24 6.32
N MET A 908 37.40 -6.88 5.27
CA MET A 908 37.69 -5.64 4.56
C MET A 908 37.28 -4.42 5.36
N ILE A 909 36.13 -4.49 6.04
CA ILE A 909 35.69 -3.38 6.87
C ILE A 909 36.71 -3.10 7.96
N ALA A 910 37.26 -4.17 8.55
CA ALA A 910 38.27 -3.99 9.59
C ALA A 910 39.51 -3.33 9.03
N GLN A 911 39.91 -3.70 7.81
CA GLN A 911 41.08 -3.07 7.20
C GLN A 911 40.88 -1.57 7.04
N TYR A 912 39.70 -1.17 6.55
CA TYR A 912 39.42 0.25 6.42
C TYR A 912 39.47 0.94 7.78
N THR A 913 38.87 0.33 8.79
CA THR A 913 38.91 0.90 10.13
C THR A 913 40.34 0.93 10.65
N SER A 914 41.12 -0.11 10.36
CA SER A 914 42.52 -0.11 10.78
C SER A 914 43.30 1.01 10.11
N ALA A 915 43.05 1.25 8.82
CA ALA A 915 43.76 2.31 8.11
C ALA A 915 43.36 3.68 8.64
N LEU A 916 42.07 3.89 8.88
CA LEU A 916 41.61 5.16 9.44
C LEU A 916 42.23 5.40 10.81
N LEU A 917 42.32 4.34 11.62
CA LEU A 917 42.90 4.48 12.95
C LEU A 917 44.41 4.69 12.88
N ALA A 918 45.09 3.96 11.99
CA ALA A 918 46.53 4.13 11.84
C ALA A 918 46.87 5.50 11.29
N GLY A 919 46.06 5.99 10.34
CA GLY A 919 46.30 7.32 9.81
C GLY A 919 46.10 8.42 10.84
N THR A 920 45.15 8.24 11.76
CA THR A 920 44.86 9.28 12.74
C THR A 920 45.99 9.40 13.76
N ILE A 921 46.46 8.27 14.30
CA ILE A 921 47.42 8.34 15.38
C ILE A 921 48.83 8.66 14.89
N THR A 922 49.12 8.41 13.61
CA THR A 922 50.43 8.72 13.05
C THR A 922 50.48 10.05 12.33
N SER A 923 49.33 10.60 11.92
CA SER A 923 49.33 11.78 11.08
C SER A 923 48.29 12.83 11.46
N GLY A 924 47.57 12.64 12.56
CA GLY A 924 46.56 13.61 12.94
C GLY A 924 45.48 13.73 11.88
N TRP A 925 45.11 14.96 11.56
CA TRP A 925 44.08 15.24 10.57
C TRP A 925 44.64 15.50 9.18
N THR A 926 45.95 15.37 8.99
CA THR A 926 46.54 15.71 7.70
C THR A 926 46.14 14.73 6.61
N PHE A 927 46.10 13.43 6.94
CA PHE A 927 45.80 12.43 5.92
C PHE A 927 44.41 12.60 5.35
N GLY A 928 43.50 13.27 6.06
CA GLY A 928 42.18 13.54 5.52
C GLY A 928 42.14 14.69 4.54
N ALA A 929 43.11 15.60 4.60
CA ALA A 929 43.17 16.74 3.70
C ALA A 929 44.16 16.55 2.56
N GLY A 930 44.87 15.42 2.53
CA GLY A 930 45.87 15.19 1.51
C GLY A 930 46.79 14.05 1.89
N ALA A 931 48.09 14.23 1.66
CA ALA A 931 49.06 13.21 2.06
C ALA A 931 49.17 13.17 3.57
N ALA A 932 49.42 11.97 4.10
CA ALA A 932 49.59 11.79 5.53
C ALA A 932 50.96 12.32 5.95
N LEU A 933 50.96 13.30 6.83
CA LEU A 933 52.19 13.92 7.33
C LEU A 933 52.42 13.46 8.75
N GLN A 934 53.54 12.79 8.99
CA GLN A 934 53.81 12.29 10.33
C GLN A 934 53.97 13.43 11.32
N ILE A 935 53.60 13.16 12.56
CA ILE A 935 53.82 14.10 13.67
C ILE A 935 53.77 13.30 14.96
N PRO A 936 54.65 13.54 15.92
CA PRO A 936 54.59 12.79 17.17
C PRO A 936 53.24 12.96 17.83
N PHE A 937 52.73 11.86 18.41
CA PHE A 937 51.36 11.90 18.91
C PHE A 937 51.20 12.94 20.01
N ALA A 938 52.21 13.10 20.86
CA ALA A 938 52.13 14.11 21.91
C ALA A 938 51.98 15.50 21.31
N MET A 939 52.74 15.79 20.24
CA MET A 939 52.60 17.08 19.58
C MET A 939 51.24 17.21 18.91
N GLN A 940 50.73 16.11 18.35
CA GLN A 940 49.39 16.15 17.76
C GLN A 940 48.37 16.51 18.82
N MET A 941 48.46 15.90 20.00
CA MET A 941 47.53 16.22 21.08
C MET A 941 47.66 17.68 21.50
N ALA A 942 48.86 18.24 21.40
CA ALA A 942 49.04 19.65 21.73
C ALA A 942 48.26 20.53 20.76
N TYR A 943 48.22 20.15 19.48
CA TYR A 943 47.38 20.86 18.52
C TYR A 943 45.91 20.75 18.90
N ARG A 944 45.48 19.55 19.31
CA ARG A 944 44.09 19.37 19.68
C ARG A 944 43.72 20.25 20.87
N PHE A 945 44.61 20.35 21.86
CA PHE A 945 44.35 21.22 22.99
C PHE A 945 44.22 22.67 22.55
N ASN A 946 45.10 23.12 21.65
CA ASN A 946 44.92 24.46 21.07
C ASN A 946 43.58 24.57 20.36
N GLY A 947 43.09 23.48 19.79
CA GLY A 947 41.81 23.53 19.11
C GLY A 947 40.65 23.83 20.04
N ILE A 948 40.77 23.43 21.30
CA ILE A 948 39.69 23.64 22.27
C ILE A 948 39.99 24.81 23.21
N GLY A 949 40.96 25.67 22.85
CA GLY A 949 41.23 26.85 23.63
C GLY A 949 42.09 26.64 24.85
N VAL A 950 42.87 25.57 24.89
CA VAL A 950 43.81 25.30 25.98
C VAL A 950 45.22 25.39 25.41
N THR A 951 46.10 26.12 26.10
CA THR A 951 47.46 26.27 25.63
C THR A 951 48.18 24.91 25.64
N GLN A 952 49.08 24.74 24.68
CA GLN A 952 49.72 23.44 24.50
C GLN A 952 50.64 23.08 25.65
N ASN A 953 51.14 24.07 26.40
CA ASN A 953 51.96 23.75 27.55
C ASN A 953 51.18 22.96 28.59
N VAL A 954 49.85 23.10 28.60
CA VAL A 954 49.03 22.35 29.55
C VAL A 954 49.14 20.86 29.29
N LEU A 955 49.14 20.46 28.01
CA LEU A 955 49.29 19.05 27.69
C LEU A 955 50.68 18.55 28.05
N TYR A 956 51.71 19.27 27.64
CA TYR A 956 53.07 18.78 27.83
C TYR A 956 53.41 18.64 29.30
N GLU A 957 52.93 19.57 30.13
CA GLU A 957 53.20 19.52 31.56
C GLU A 957 52.35 18.47 32.27
N ASN A 958 51.31 17.96 31.63
CA ASN A 958 50.44 16.93 32.20
C ASN A 958 50.39 15.71 31.31
N GLN A 959 51.43 15.47 30.53
CA GLN A 959 51.37 14.44 29.50
C GLN A 959 51.13 13.06 30.11
N LYS A 960 51.88 12.70 31.15
CA LYS A 960 51.71 11.40 31.76
C LYS A 960 50.32 11.26 32.37
N LEU A 961 49.83 12.30 33.04
CA LEU A 961 48.48 12.25 33.60
C LEU A 961 47.46 12.07 32.49
N ILE A 962 47.59 12.84 31.41
CA ILE A 962 46.62 12.77 30.31
C ILE A 962 46.65 11.40 29.65
N ALA A 963 47.85 10.87 29.43
CA ALA A 963 47.95 9.53 28.85
C ALA A 963 47.31 8.49 29.75
N ASN A 964 47.53 8.59 31.06
CA ASN A 964 46.90 7.66 31.99
C ASN A 964 45.39 7.76 31.94
N GLN A 965 44.85 8.97 31.90
CA GLN A 965 43.41 9.14 31.85
C GLN A 965 42.83 8.55 30.58
N PHE A 966 43.50 8.76 29.44
CA PHE A 966 43.04 8.15 28.20
C PHE A 966 43.09 6.63 28.30
N ASN A 967 44.21 6.09 28.77
CA ASN A 967 44.33 4.64 28.88
C ASN A 967 43.28 4.08 29.82
N SER A 968 43.07 4.74 30.96
CA SER A 968 42.06 4.27 31.91
C SER A 968 40.67 4.33 31.29
N ALA A 969 40.37 5.41 30.55
CA ALA A 969 39.05 5.54 29.94
C ALA A 969 38.83 4.46 28.88
N ILE A 970 39.86 4.13 28.10
CA ILE A 970 39.73 3.07 27.11
C ILE A 970 39.45 1.74 27.79
N GLY A 971 40.12 1.48 28.91
CA GLY A 971 39.90 0.24 29.63
C GLY A 971 38.45 0.08 30.07
N LYS A 972 37.83 1.18 30.48
CA LYS A 972 36.43 1.12 30.90
C LYS A 972 35.51 0.74 29.75
N ILE A 973 35.85 1.17 28.53
CA ILE A 973 35.04 0.78 27.37
C ILE A 973 35.02 -0.73 27.22
N GLN A 974 36.18 -1.37 27.38
CA GLN A 974 36.24 -2.83 27.29
C GLN A 974 35.37 -3.47 28.36
N ASP A 975 35.48 -3.00 29.60
CA ASP A 975 34.69 -3.57 30.68
C ASP A 975 33.21 -3.40 30.42
N SER A 976 32.79 -2.22 29.98
CA SER A 976 31.38 -1.99 29.69
C SER A 976 30.89 -2.97 28.61
N LEU A 977 31.63 -3.07 27.51
CA LEU A 977 31.22 -3.97 26.44
C LEU A 977 31.25 -5.43 26.90
N SER A 978 32.30 -5.82 27.62
CA SER A 978 32.40 -7.20 28.08
C SER A 978 31.31 -7.54 29.10
N SER A 979 30.83 -6.55 29.86
CA SER A 979 29.86 -6.82 30.92
C SER A 979 28.43 -6.62 30.45
N THR A 980 28.09 -5.41 30.01
CA THR A 980 26.71 -5.10 29.67
C THR A 980 26.30 -5.80 28.37
N ALA A 981 25.00 -5.96 28.20
CA ALA A 981 24.44 -6.65 27.04
C ALA A 981 23.70 -5.73 26.08
N SER A 982 23.05 -4.68 26.59
CA SER A 982 22.23 -3.80 25.77
C SER A 982 23.03 -2.61 25.22
N ALA A 983 24.35 -2.71 25.18
CA ALA A 983 25.15 -1.61 24.63
C ALA A 983 24.85 -1.40 23.15
N LEU A 984 24.72 -2.49 22.39
CA LEU A 984 24.51 -2.43 20.94
C LEU A 984 23.05 -2.60 20.57
N GLY A 985 22.14 -2.04 21.37
CA GLY A 985 20.72 -2.18 21.08
C GLY A 985 20.34 -1.63 19.72
N LYS A 986 20.96 -0.52 19.31
CA LYS A 986 20.66 0.06 18.01
C LYS A 986 20.90 -0.95 16.89
N LEU A 987 22.06 -1.61 16.92
CA LEU A 987 22.39 -2.57 15.87
C LEU A 987 21.49 -3.79 15.96
N GLN A 988 21.19 -4.25 17.18
CA GLN A 988 20.34 -5.42 17.34
C GLN A 988 18.93 -5.14 16.84
N ASP A 989 18.42 -3.94 17.08
CA ASP A 989 17.08 -3.60 16.63
C ASP A 989 16.95 -3.73 15.12
N VAL A 990 17.98 -3.31 14.38
CA VAL A 990 17.93 -3.44 12.93
C VAL A 990 17.86 -4.91 12.52
N VAL A 991 18.67 -5.75 13.17
CA VAL A 991 18.65 -7.18 12.86
C VAL A 991 17.29 -7.77 13.20
N ASN A 992 16.77 -7.46 14.38
CA ASN A 992 15.50 -8.04 14.81
C ASN A 992 14.36 -7.60 13.89
N GLN A 993 14.32 -6.32 13.53
CA GLN A 993 13.24 -5.82 12.69
C GLN A 993 13.25 -6.51 11.33
N ASN A 994 14.42 -6.66 10.73
CA ASN A 994 14.50 -7.34 9.45
C ASN A 994 14.10 -8.81 9.57
N ALA A 995 14.57 -9.48 10.62
CA ALA A 995 14.19 -10.87 10.82
C ALA A 995 12.69 -11.00 11.08
N GLN A 996 12.14 -10.09 11.88
CA GLN A 996 10.71 -10.14 12.16
C GLN A 996 9.90 -9.92 10.88
N ALA A 997 10.33 -8.99 10.03
CA ALA A 997 9.61 -8.74 8.79
C ALA A 997 9.63 -9.96 7.88
N LEU A 998 10.78 -10.63 7.77
CA LEU A 998 10.85 -11.82 6.93
C LEU A 998 9.97 -12.93 7.48
N ASN A 999 9.97 -13.12 8.81
CA ASN A 999 9.13 -14.15 9.39
C ASN A 999 7.66 -13.88 9.13
N THR A 1000 7.24 -12.62 9.26
CA THR A 1000 5.86 -12.28 8.95
C THR A 1000 5.54 -12.57 7.49
N LEU A 1001 6.48 -12.26 6.60
CA LEU A 1001 6.27 -12.55 5.19
C LEU A 1001 6.10 -14.03 4.94
N VAL A 1002 6.93 -14.86 5.57
CA VAL A 1002 6.84 -16.31 5.37
C VAL A 1002 5.58 -16.85 6.02
N LYS A 1003 5.21 -16.34 7.19
CA LYS A 1003 4.00 -16.80 7.86
C LYS A 1003 2.75 -16.49 7.06
N GLN A 1004 2.79 -15.52 6.15
CA GLN A 1004 1.63 -15.19 5.36
C GLN A 1004 1.28 -16.26 4.33
N LEU A 1005 2.18 -17.22 4.08
CA LEU A 1005 1.89 -18.32 3.18
C LEU A 1005 0.99 -19.36 3.80
N SER A 1006 0.66 -19.23 5.09
CA SER A 1006 -0.23 -20.14 5.77
C SER A 1006 -1.66 -19.62 5.87
N SER A 1007 -1.96 -18.50 5.21
CA SER A 1007 -3.26 -17.87 5.29
C SER A 1007 -4.11 -18.27 4.09
N ASN A 1008 -5.39 -18.58 4.37
CA ASN A 1008 -6.31 -18.91 3.30
C ASN A 1008 -6.63 -17.70 2.44
N PHE A 1009 -6.80 -16.54 3.06
CA PHE A 1009 -7.31 -15.35 2.36
C PHE A 1009 -8.69 -15.62 1.76
N GLY A 1010 -9.43 -16.55 2.35
CA GLY A 1010 -10.74 -16.92 1.87
C GLY A 1010 -10.78 -18.13 0.97
N ALA A 1011 -9.62 -18.68 0.60
CA ALA A 1011 -9.59 -19.89 -0.22
C ALA A 1011 -9.89 -21.11 0.63
N ILE A 1012 -10.11 -22.24 -0.04
CA ILE A 1012 -10.41 -23.48 0.68
C ILE A 1012 -9.22 -23.91 1.52
N SER A 1013 -8.00 -23.67 1.02
CA SER A 1013 -6.80 -24.00 1.77
C SER A 1013 -5.68 -23.05 1.35
N SER A 1014 -4.69 -22.94 2.22
CA SER A 1014 -3.53 -22.10 1.93
C SER A 1014 -2.47 -22.84 1.12
N VAL A 1015 -2.65 -24.13 0.88
CA VAL A 1015 -1.68 -24.94 0.15
C VAL A 1015 -2.09 -24.96 -1.32
N LEU A 1016 -1.23 -24.41 -2.18
CA LEU A 1016 -1.57 -24.30 -3.59
C LEU A 1016 -1.69 -25.67 -4.24
N ASN A 1017 -0.83 -26.61 -3.86
CA ASN A 1017 -0.90 -27.96 -4.43
C ASN A 1017 -2.21 -28.65 -4.05
N ASP A 1018 -2.68 -28.45 -2.82
CA ASP A 1018 -3.92 -29.08 -2.40
C ASP A 1018 -5.10 -28.59 -3.25
N ILE A 1019 -5.14 -27.30 -3.56
CA ILE A 1019 -6.21 -26.78 -4.41
C ILE A 1019 -6.15 -27.42 -5.78
N LEU A 1020 -4.96 -27.51 -6.35
CA LEU A 1020 -4.81 -28.09 -7.68
C LEU A 1020 -5.18 -29.58 -7.68
N SER A 1021 -4.75 -30.31 -6.65
CA SER A 1021 -5.03 -31.74 -6.62
C SER A 1021 -6.52 -32.01 -6.42
N ARG A 1022 -7.24 -31.09 -5.78
CA ARG A 1022 -8.64 -31.34 -5.44
C ARG A 1022 -9.60 -30.82 -6.51
N LEU A 1023 -9.32 -29.66 -7.09
CA LEU A 1023 -10.26 -28.99 -7.98
C LEU A 1023 -9.75 -28.97 -9.40
N ASP A 1024 -10.69 -28.84 -10.32
CA ASP A 1024 -10.42 -28.71 -11.74
C ASP A 1024 -10.11 -27.26 -12.10
N PRO A 1025 -9.54 -27.02 -13.28
CA PRO A 1025 -9.09 -25.66 -13.64
C PRO A 1025 -10.14 -24.61 -13.36
N PRO A 1026 -11.38 -24.76 -13.87
CA PRO A 1026 -12.35 -23.67 -13.70
C PRO A 1026 -12.56 -23.26 -12.25
N GLU A 1027 -12.82 -24.21 -11.34
CA GLU A 1027 -13.02 -23.87 -9.95
C GLU A 1027 -11.70 -23.58 -9.24
N ALA A 1028 -10.60 -24.18 -9.69
CA ALA A 1028 -9.32 -23.93 -9.06
C ALA A 1028 -8.87 -22.49 -9.22
N GLU A 1029 -9.20 -21.86 -10.36
CA GLU A 1029 -8.79 -20.48 -10.59
C GLU A 1029 -9.38 -19.55 -9.54
N VAL A 1030 -10.64 -19.76 -9.18
CA VAL A 1030 -11.26 -18.91 -8.17
C VAL A 1030 -10.51 -19.01 -6.85
N GLN A 1031 -10.18 -20.22 -6.44
CA GLN A 1031 -9.44 -20.40 -5.19
C GLN A 1031 -8.01 -19.89 -5.31
N ILE A 1032 -7.34 -20.18 -6.43
CA ILE A 1032 -5.97 -19.73 -6.61
C ILE A 1032 -5.91 -18.21 -6.64
N ASP A 1033 -6.90 -17.57 -7.27
CA ASP A 1033 -6.89 -16.11 -7.37
C ASP A 1033 -6.95 -15.46 -6.00
N ARG A 1034 -7.68 -16.07 -5.06
CA ARG A 1034 -7.72 -15.52 -3.71
C ARG A 1034 -6.35 -15.56 -3.07
N LEU A 1035 -5.62 -16.65 -3.25
CA LEU A 1035 -4.27 -16.74 -2.69
C LEU A 1035 -3.34 -15.72 -3.34
N ILE A 1036 -3.45 -15.54 -4.66
CA ILE A 1036 -2.59 -14.58 -5.34
C ILE A 1036 -2.81 -13.19 -4.78
N THR A 1037 -4.07 -12.81 -4.58
CA THR A 1037 -4.35 -11.47 -4.06
C THR A 1037 -3.75 -11.28 -2.68
N GLY A 1038 -3.91 -12.27 -1.80
CA GLY A 1038 -3.35 -12.15 -0.46
C GLY A 1038 -1.84 -12.19 -0.45
N ARG A 1039 -1.25 -13.15 -1.17
CA ARG A 1039 0.20 -13.25 -1.23
C ARG A 1039 0.81 -12.01 -1.85
N LEU A 1040 0.21 -11.51 -2.94
CA LEU A 1040 0.71 -10.30 -3.56
C LEU A 1040 0.62 -9.11 -2.62
N GLN A 1041 -0.49 -9.00 -1.89
CA GLN A 1041 -0.62 -7.94 -0.91
C GLN A 1041 0.41 -8.08 0.20
N SER A 1042 0.73 -9.31 0.59
CA SER A 1042 1.75 -9.52 1.61
C SER A 1042 3.11 -9.05 1.12
N LEU A 1043 3.45 -9.35 -0.13
CA LEU A 1043 4.74 -8.93 -0.66
C LEU A 1043 4.83 -7.41 -0.75
N GLN A 1044 3.76 -6.75 -1.20
CA GLN A 1044 3.79 -5.30 -1.32
C GLN A 1044 3.96 -4.64 0.04
N THR A 1045 3.28 -5.16 1.06
CA THR A 1045 3.44 -4.64 2.40
C THR A 1045 4.88 -4.80 2.88
N TYR A 1046 5.50 -5.94 2.58
CA TYR A 1046 6.87 -6.18 2.99
C TYR A 1046 7.83 -5.21 2.31
N VAL A 1047 7.66 -5.02 0.99
CA VAL A 1047 8.59 -4.18 0.25
C VAL A 1047 8.46 -2.72 0.66
N THR A 1048 7.23 -2.26 0.88
CA THR A 1048 7.03 -0.87 1.30
C THR A 1048 7.69 -0.61 2.65
N GLN A 1049 7.56 -1.56 3.59
CA GLN A 1049 8.24 -1.42 4.87
C GLN A 1049 9.75 -1.41 4.68
N GLN A 1050 10.27 -2.26 3.80
CA GLN A 1050 11.70 -2.31 3.58
C GLN A 1050 12.21 -1.00 2.99
N LEU A 1051 11.45 -0.41 2.07
CA LEU A 1051 11.84 0.89 1.52
C LEU A 1051 11.89 1.95 2.61
N ILE A 1052 10.90 1.96 3.51
CA ILE A 1052 10.89 2.94 4.58
C ILE A 1052 12.03 2.68 5.56
N ARG A 1053 12.27 1.41 5.88
CA ARG A 1053 13.41 1.09 6.73
C ARG A 1053 14.73 1.44 6.06
N ALA A 1054 14.85 1.16 4.77
CA ALA A 1054 16.08 1.47 4.05
C ALA A 1054 16.38 2.95 4.10
N ALA A 1055 15.35 3.79 3.95
CA ALA A 1055 15.55 5.22 4.03
C ALA A 1055 16.06 5.63 5.40
N GLU A 1056 15.53 5.01 6.46
CA GLU A 1056 16.01 5.29 7.80
C GLU A 1056 17.46 4.86 7.98
N ILE A 1057 17.82 3.72 7.41
CA ILE A 1057 19.21 3.26 7.49
C ILE A 1057 20.11 4.18 6.67
N ARG A 1058 19.64 4.66 5.53
CA ARG A 1058 20.43 5.57 4.73
C ARG A 1058 20.74 6.85 5.48
N ALA A 1059 19.73 7.40 6.17
CA ALA A 1059 19.96 8.60 6.97
C ALA A 1059 20.99 8.34 8.06
N SER A 1060 20.90 7.19 8.72
CA SER A 1060 21.88 6.82 9.72
C SER A 1060 23.27 6.68 9.10
N ALA A 1061 23.35 6.04 7.93
CA ALA A 1061 24.64 5.88 7.27
C ALA A 1061 25.22 7.22 6.86
N ASN A 1062 24.39 8.14 6.38
CA ASN A 1062 24.88 9.47 6.03
C ASN A 1062 25.42 10.18 7.26
N LEU A 1063 24.74 10.05 8.40
CA LEU A 1063 25.25 10.63 9.63
C LEU A 1063 26.58 10.00 10.03
N ALA A 1064 26.68 8.67 9.91
CA ALA A 1064 27.92 8.00 10.27
C ALA A 1064 29.06 8.44 9.36
N ALA A 1065 28.78 8.60 8.06
CA ALA A 1065 29.81 9.08 7.15
C ALA A 1065 30.25 10.49 7.53
N THR A 1066 29.29 11.35 7.90
CA THR A 1066 29.65 12.70 8.32
C THR A 1066 30.47 12.67 9.60
N LYS A 1067 30.10 11.81 10.55
CA LYS A 1067 30.88 11.70 11.77
C LYS A 1067 32.29 11.20 11.48
N MET A 1068 32.42 10.27 10.55
CA MET A 1068 33.74 9.77 10.19
C MET A 1068 34.62 10.89 9.65
N SER A 1069 34.06 11.73 8.80
CA SER A 1069 34.85 12.81 8.22
C SER A 1069 35.18 13.89 9.25
N GLU A 1070 34.20 14.26 10.06
CA GLU A 1070 34.34 15.43 10.92
C GLU A 1070 34.84 15.11 12.31
N CYS A 1071 34.69 13.86 12.77
CA CYS A 1071 35.16 13.48 14.09
C CYS A 1071 36.47 12.69 14.05
N VAL A 1072 36.68 11.88 13.00
CA VAL A 1072 37.86 11.05 12.89
C VAL A 1072 38.91 11.70 11.99
N LEU A 1073 38.51 12.23 10.85
CA LEU A 1073 39.43 12.88 9.93
C LEU A 1073 39.72 14.32 10.31
N GLY A 1074 39.13 14.82 11.40
CA GLY A 1074 39.39 16.18 11.83
C GLY A 1074 38.93 16.36 13.26
N GLN A 1075 39.08 17.58 13.74
CA GLN A 1075 38.61 17.99 15.07
C GLN A 1075 37.41 18.91 14.88
N SER A 1076 36.32 18.58 15.56
CA SER A 1076 35.03 19.23 15.32
C SER A 1076 34.75 20.23 16.44
N LYS A 1077 34.36 21.44 16.05
CA LYS A 1077 33.90 22.45 16.99
C LYS A 1077 32.39 22.43 17.18
N ARG A 1078 31.69 21.57 16.45
CA ARG A 1078 30.25 21.43 16.65
C ARG A 1078 29.98 20.78 18.00
N VAL A 1079 29.11 21.41 18.79
CA VAL A 1079 28.87 20.94 20.15
C VAL A 1079 28.08 19.65 20.11
N ASP A 1080 28.56 18.65 20.85
CA ASP A 1080 27.90 17.36 21.04
C ASP A 1080 27.84 16.54 19.76
N PHE A 1081 28.49 16.97 18.68
CA PHE A 1081 28.47 16.19 17.46
C PHE A 1081 29.42 15.00 17.54
N CYS A 1082 30.52 15.14 18.29
CA CYS A 1082 31.50 14.08 18.44
C CYS A 1082 31.68 13.76 19.92
N GLY A 1083 30.58 13.60 20.63
CA GLY A 1083 30.61 13.28 22.05
C GLY A 1083 30.38 14.50 22.93
N LYS A 1084 30.19 14.23 24.21
CA LYS A 1084 29.98 15.29 25.19
C LYS A 1084 31.31 15.84 25.67
N GLY A 1085 31.40 17.16 25.75
CA GLY A 1085 32.63 17.85 26.07
C GLY A 1085 33.30 18.42 24.84
N TYR A 1086 34.46 19.01 25.05
CA TYR A 1086 35.24 19.58 23.95
C TYR A 1086 35.94 18.45 23.21
N HIS A 1087 35.60 18.28 21.94
CA HIS A 1087 36.09 17.15 21.18
C HIS A 1087 37.58 17.28 20.93
N LEU A 1088 38.33 16.21 21.24
CA LEU A 1088 39.74 16.11 20.90
C LEU A 1088 39.94 15.25 19.66
N MET A 1089 39.50 14.00 19.70
CA MET A 1089 39.65 13.10 18.57
C MET A 1089 38.71 11.93 18.74
N SER A 1090 38.45 11.24 17.64
CA SER A 1090 37.58 10.07 17.63
C SER A 1090 38.25 8.93 16.88
N PHE A 1091 37.94 7.71 17.30
CA PHE A 1091 38.49 6.52 16.70
C PHE A 1091 37.36 5.62 16.20
N PRO A 1092 37.41 5.15 14.95
CA PRO A 1092 36.35 4.27 14.46
C PRO A 1092 36.60 2.81 14.80
N GLN A 1093 35.51 2.10 15.09
CA GLN A 1093 35.54 0.66 15.29
C GLN A 1093 34.38 0.06 14.52
N SER A 1094 34.66 -0.97 13.73
CA SER A 1094 33.62 -1.61 12.94
C SER A 1094 32.80 -2.56 13.80
N ALA A 1095 31.50 -2.57 13.59
CA ALA A 1095 30.57 -3.45 14.25
C ALA A 1095 29.66 -4.09 13.21
N PRO A 1096 29.02 -5.20 13.53
CA PRO A 1096 28.13 -5.84 12.54
C PRO A 1096 27.05 -4.88 12.06
N HIS A 1097 27.07 -4.59 10.76
CA HIS A 1097 26.08 -3.73 10.13
C HIS A 1097 26.09 -2.33 10.74
N GLY A 1098 27.23 -1.88 11.22
CA GLY A 1098 27.29 -0.58 11.83
C GLY A 1098 28.72 -0.16 12.09
N VAL A 1099 28.86 0.96 12.79
CA VAL A 1099 30.15 1.51 13.17
C VAL A 1099 30.04 2.05 14.58
N VAL A 1100 31.12 1.94 15.33
CA VAL A 1100 31.21 2.48 16.69
C VAL A 1100 32.29 3.54 16.71
N PHE A 1101 31.96 4.71 17.21
CA PHE A 1101 32.91 5.80 17.38
C PHE A 1101 33.30 5.93 18.83
N LEU A 1102 34.60 5.96 19.09
CA LEU A 1102 35.13 6.23 20.42
C LEU A 1102 35.54 7.69 20.45
N HIS A 1103 34.68 8.53 21.02
CA HIS A 1103 34.92 9.97 21.04
C HIS A 1103 35.76 10.33 22.25
N VAL A 1104 36.89 10.99 22.01
CA VAL A 1104 37.77 11.46 23.07
C VAL A 1104 37.50 12.95 23.26
N THR A 1105 37.09 13.34 24.46
CA THR A 1105 36.73 14.71 24.74
C THR A 1105 37.50 15.23 25.95
N TYR A 1106 37.59 16.54 26.04
CA TYR A 1106 38.19 17.24 27.16
C TYR A 1106 37.07 17.76 28.06
N VAL A 1107 37.11 17.41 29.33
CA VAL A 1107 36.06 17.79 30.26
C VAL A 1107 36.68 18.51 31.46
N PRO A 1108 36.47 19.82 31.62
CA PRO A 1108 36.97 20.50 32.82
C PRO A 1108 36.38 19.89 34.09
N ALA A 1109 37.20 19.81 35.13
CA ALA A 1109 36.91 18.94 36.27
C ALA A 1109 36.65 19.70 37.56
N GLN A 1110 37.60 20.51 38.03
CA GLN A 1110 37.57 21.05 39.39
C GLN A 1110 37.60 22.58 39.34
N GLU A 1111 36.42 23.19 39.35
CA GLU A 1111 36.32 24.64 39.23
C GLU A 1111 36.43 25.31 40.58
N LYS A 1112 36.86 26.57 40.55
CA LYS A 1112 36.99 27.41 41.73
C LYS A 1112 36.32 28.75 41.45
N ASN A 1113 35.63 29.31 42.43
CA ASN A 1113 35.22 30.70 42.32
C ASN A 1113 36.40 31.65 42.35
N PHE A 1114 36.32 32.66 41.48
CA PHE A 1114 37.21 33.81 41.47
C PHE A 1114 36.37 35.06 41.26
N THR A 1115 36.86 36.18 41.78
CA THR A 1115 36.31 37.47 41.42
C THR A 1115 36.90 37.91 40.08
N THR A 1116 36.07 38.47 39.22
CA THR A 1116 36.48 38.80 37.86
C THR A 1116 36.03 40.22 37.52
N ALA A 1117 36.71 40.79 36.53
CA ALA A 1117 36.39 42.12 36.01
C ALA A 1117 36.52 42.09 34.50
N PRO A 1118 35.76 42.91 33.79
CA PRO A 1118 35.90 42.93 32.32
C PRO A 1118 37.17 43.61 31.85
N ALA A 1119 37.68 44.59 32.58
CA ALA A 1119 38.87 45.33 32.16
C ALA A 1119 39.58 45.87 33.39
N ILE A 1120 40.84 46.26 33.19
CA ILE A 1120 41.66 46.83 34.24
C ILE A 1120 41.93 48.28 33.90
N CYS A 1121 41.71 49.17 34.87
CA CYS A 1121 42.08 50.57 34.75
C CYS A 1121 43.46 50.76 35.38
N HIS A 1122 44.42 51.21 34.59
CA HIS A 1122 45.80 51.28 35.04
C HIS A 1122 46.31 52.72 35.13
N ASP A 1123 46.27 53.47 34.04
CA ASP A 1123 46.85 54.81 33.99
C ASP A 1123 45.90 55.74 33.23
N GLY A 1124 44.61 55.65 33.55
CA GLY A 1124 43.60 56.28 32.74
C GLY A 1124 43.24 55.52 31.49
N LYS A 1125 43.77 54.31 31.32
CA LYS A 1125 43.54 53.48 30.16
C LYS A 1125 42.83 52.20 30.57
N ALA A 1126 42.01 51.68 29.67
CA ALA A 1126 41.29 50.43 29.89
C ALA A 1126 42.05 49.30 29.21
N HIS A 1127 42.45 48.31 29.99
CA HIS A 1127 43.17 47.15 29.48
C HIS A 1127 42.23 45.96 29.42
N PHE A 1128 42.25 45.25 28.30
CA PHE A 1128 41.47 44.04 28.11
C PHE A 1128 42.39 42.86 27.85
N PRO A 1129 41.99 41.64 28.23
CA PRO A 1129 42.85 40.49 27.97
C PRO A 1129 42.94 40.20 26.48
N ARG A 1130 44.16 39.96 26.00
CA ARG A 1130 44.33 39.52 24.61
C ARG A 1130 43.66 38.18 24.39
N GLU A 1131 43.90 37.23 25.29
CA GLU A 1131 43.22 35.93 25.23
C GLU A 1131 43.21 35.38 26.66
N GLY A 1132 42.09 35.52 27.32
CA GLY A 1132 41.97 35.10 28.70
C GLY A 1132 40.92 35.91 29.42
N VAL A 1133 40.98 35.87 30.74
CA VAL A 1133 40.01 36.58 31.59
C VAL A 1133 40.72 37.03 32.86
N PHE A 1134 40.37 38.22 33.33
CA PHE A 1134 40.93 38.75 34.57
C PHE A 1134 40.28 38.07 35.76
N VAL A 1135 41.12 37.60 36.70
CA VAL A 1135 40.65 36.97 37.93
C VAL A 1135 41.45 37.50 39.11
N SER A 1136 40.85 37.36 40.28
CA SER A 1136 41.45 37.81 41.54
C SER A 1136 41.32 36.70 42.56
N ASN A 1137 42.39 36.43 43.31
CA ASN A 1137 42.28 35.45 44.39
C ASN A 1137 41.81 36.09 45.68
N GLY A 1138 41.31 37.33 45.63
CA GLY A 1138 40.94 38.09 46.80
C GLY A 1138 41.80 39.32 47.01
N THR A 1139 43.07 39.27 46.66
CA THR A 1139 43.98 40.40 46.89
C THR A 1139 44.68 40.85 45.62
N HIS A 1140 45.05 39.92 44.75
CA HIS A 1140 45.80 40.23 43.54
C HIS A 1140 45.02 39.81 42.31
N TRP A 1141 45.31 40.47 41.19
CA TRP A 1141 44.65 40.21 39.92
C TRP A 1141 45.62 39.55 38.94
N PHE A 1142 45.11 38.61 38.15
CA PHE A 1142 45.91 37.89 37.17
C PHE A 1142 45.12 37.76 35.88
N VAL A 1143 45.80 37.27 34.84
CA VAL A 1143 45.16 36.85 33.60
C VAL A 1143 45.32 35.34 33.50
N THR A 1144 44.24 34.65 33.19
CA THR A 1144 44.26 33.21 32.98
C THR A 1144 43.54 32.87 31.69
N GLN A 1145 44.05 31.87 30.99
CA GLN A 1145 43.28 31.28 29.90
C GLN A 1145 41.96 30.77 30.45
N ARG A 1146 40.89 30.98 29.69
CA ARG A 1146 39.55 30.72 30.20
C ARG A 1146 39.10 29.29 29.97
N ASN A 1147 39.97 28.32 30.20
CA ASN A 1147 39.55 26.92 30.27
C ASN A 1147 40.38 26.12 31.25
N PHE A 1148 41.32 26.74 31.95
CA PHE A 1148 42.25 26.05 32.84
C PHE A 1148 42.95 27.09 33.68
N TYR A 1149 42.88 26.97 35.00
CA TYR A 1149 43.40 28.04 35.86
C TYR A 1149 44.92 28.07 35.77
N GLU A 1150 45.46 29.09 35.11
CA GLU A 1150 46.90 29.30 35.01
C GLU A 1150 47.17 30.79 35.19
N PRO A 1151 47.07 31.29 36.43
CA PRO A 1151 47.17 32.72 36.65
C PRO A 1151 48.52 33.28 36.21
N GLN A 1152 48.50 34.48 35.66
CA GLN A 1152 49.71 35.15 35.18
C GLN A 1152 49.62 36.63 35.49
N ILE A 1153 50.80 37.25 35.65
CA ILE A 1153 50.84 38.68 35.94
C ILE A 1153 50.23 39.45 34.77
N ILE A 1154 49.46 40.49 35.10
CA ILE A 1154 48.84 41.33 34.09
C ILE A 1154 49.91 42.27 33.56
N THR A 1155 50.37 42.04 32.33
CA THR A 1155 51.40 42.85 31.71
C THR A 1155 50.85 43.49 30.43
N THR A 1156 51.71 44.26 29.77
CA THR A 1156 51.32 44.88 28.51
C THR A 1156 51.29 43.89 27.35
N ASP A 1157 51.93 42.73 27.51
CA ASP A 1157 51.84 41.68 26.50
C ASP A 1157 50.58 40.85 26.67
N ASN A 1158 50.08 40.72 27.90
CA ASN A 1158 48.86 39.95 28.14
C ASN A 1158 47.62 40.68 27.66
N THR A 1159 47.64 42.00 27.69
CA THR A 1159 46.45 42.81 27.48
C THR A 1159 46.65 43.75 26.29
N PHE A 1160 45.57 44.41 25.90
CA PHE A 1160 45.61 45.50 24.94
C PHE A 1160 44.77 46.65 25.46
N VAL A 1161 45.12 47.86 25.04
CA VAL A 1161 44.49 49.08 25.52
C VAL A 1161 43.42 49.52 24.54
N SER A 1162 42.33 50.09 25.07
CA SER A 1162 41.27 50.64 24.23
C SER A 1162 40.50 51.67 25.04
N GLY A 1163 40.69 52.94 24.73
CA GLY A 1163 39.95 53.99 25.38
C GLY A 1163 40.40 54.22 26.81
N ASN A 1164 39.55 54.94 27.53
CA ASN A 1164 39.78 55.28 28.93
C ASN A 1164 38.86 54.44 29.82
N CYS A 1165 38.90 54.72 31.12
CA CYS A 1165 38.22 53.92 32.12
C CYS A 1165 36.79 54.37 32.38
N ASP A 1166 36.29 55.36 31.66
CA ASP A 1166 35.02 55.99 31.99
C ASP A 1166 33.81 55.33 31.36
N VAL A 1167 34.00 54.32 30.50
CA VAL A 1167 32.89 53.80 29.71
C VAL A 1167 32.60 52.35 30.07
N VAL A 1168 33.62 51.60 30.48
CA VAL A 1168 33.45 50.18 30.76
C VAL A 1168 32.77 50.01 32.11
N ILE A 1169 31.73 49.18 32.15
CA ILE A 1169 30.97 48.91 33.37
C ILE A 1169 31.64 47.76 34.10
N GLY A 1170 32.06 48.00 35.34
CA GLY A 1170 32.71 46.98 36.14
C GLY A 1170 34.22 47.01 36.09
N ILE A 1171 34.81 47.99 35.42
CA ILE A 1171 36.27 48.09 35.38
C ILE A 1171 36.81 48.28 36.80
N VAL A 1172 38.01 47.77 37.05
CA VAL A 1172 38.63 47.81 38.37
C VAL A 1172 40.04 48.37 38.24
N ASN A 1173 40.44 49.18 39.22
CA ASN A 1173 41.80 49.69 39.26
C ASN A 1173 42.78 48.55 39.54
N ASN A 1174 43.91 48.57 38.83
CA ASN A 1174 45.02 47.68 39.12
C ASN A 1174 46.19 48.07 38.23
N THR A 1175 47.38 47.69 38.65
CA THR A 1175 48.60 48.01 37.92
C THR A 1175 48.82 47.00 36.81
N VAL A 1176 49.21 47.50 35.64
CA VAL A 1176 49.59 46.67 34.51
C VAL A 1176 51.11 46.81 34.35
N TYR A 1177 51.82 45.71 34.57
CA TYR A 1177 53.27 45.74 34.63
C TYR A 1177 53.87 45.74 33.23
N ASP A 1178 54.80 46.67 32.99
CA ASP A 1178 55.44 46.78 31.69
C ASP A 1178 56.74 45.99 31.70
N PRO A 1179 56.88 44.92 30.91
CA PRO A 1179 58.12 44.14 30.94
C PRO A 1179 59.34 44.95 30.53
N LEU A 1180 59.16 45.98 29.71
CA LEU A 1180 60.30 46.78 29.26
C LEU A 1180 60.82 47.69 30.36
N GLN A 1181 59.97 48.05 31.32
CA GLN A 1181 60.39 49.01 32.35
C GLN A 1181 61.55 48.50 33.19
N PRO A 1182 61.44 47.34 33.87
CA PRO A 1182 62.57 46.89 34.70
C PRO A 1182 63.83 46.65 33.88
N GLU A 1183 63.70 46.23 32.63
CA GLU A 1183 64.87 46.07 31.78
C GLU A 1183 65.63 47.39 31.65
N LEU A 1184 64.91 48.51 31.64
CA LEU A 1184 65.57 49.81 31.61
C LEU A 1184 66.13 50.20 32.97
N ASP A 1185 65.50 49.76 34.05
CA ASP A 1185 66.02 50.07 35.38
C ASP A 1185 67.36 49.39 35.63
N SER A 1186 67.52 48.15 35.16
CA SER A 1186 68.75 47.41 35.42
C SER A 1186 69.96 48.13 34.85
N PHE A 1187 69.90 48.50 33.56
CA PHE A 1187 71.01 49.24 32.97
C PHE A 1187 71.01 50.71 33.36
N LYS A 1188 69.88 51.22 33.85
CA LYS A 1188 69.85 52.59 34.36
C LYS A 1188 70.78 52.74 35.55
N GLU A 1189 70.78 51.78 36.46
CA GLU A 1189 71.64 51.83 37.63
C GLU A 1189 73.10 51.63 37.24
N ALA B 66 -44.29 35.61 -18.74
CA ALA B 66 -43.34 36.34 -17.90
C ALA B 66 -42.18 35.42 -17.48
N TYR B 67 -41.23 36.00 -16.76
CA TYR B 67 -40.07 35.25 -16.28
C TYR B 67 -39.57 35.87 -14.98
N THR B 68 -38.83 35.07 -14.22
CA THR B 68 -38.29 35.49 -12.94
C THR B 68 -37.00 34.71 -12.66
N ASN B 69 -36.24 35.20 -11.69
CA ASN B 69 -35.02 34.54 -11.24
C ASN B 69 -35.27 33.90 -9.88
N SER B 70 -34.44 32.90 -9.57
CA SER B 70 -34.55 32.18 -8.30
C SER B 70 -33.71 32.79 -7.19
N PHE B 71 -32.63 33.48 -7.55
CA PHE B 71 -31.74 34.12 -6.60
C PHE B 71 -31.10 33.10 -5.66
N THR B 72 -31.66 32.88 -4.46
CA THR B 72 -31.10 31.88 -3.56
C THR B 72 -32.13 31.09 -2.77
N ARG B 73 -33.19 30.62 -3.41
CA ARG B 73 -34.26 29.89 -2.72
C ARG B 73 -34.23 28.42 -3.09
N GLY B 74 -35.22 27.68 -2.57
CA GLY B 74 -35.36 26.28 -2.88
C GLY B 74 -34.44 25.35 -2.11
N VAL B 75 -34.01 25.75 -0.92
CA VAL B 75 -33.12 24.94 -0.09
C VAL B 75 -33.97 24.27 1.00
N TYR B 76 -33.86 22.95 1.10
CA TYR B 76 -34.67 22.17 2.01
C TYR B 76 -33.81 21.09 2.66
N TYR B 77 -34.30 20.58 3.78
CA TYR B 77 -33.59 19.52 4.49
C TYR B 77 -33.67 18.23 3.67
N PRO B 78 -32.54 17.63 3.29
CA PRO B 78 -32.62 16.49 2.36
C PRO B 78 -32.79 15.14 3.03
N ASP B 79 -32.45 15.02 4.31
CA ASP B 79 -32.38 13.73 4.96
C ASP B 79 -32.99 13.84 6.36
N LYS B 80 -32.81 12.79 7.16
CA LYS B 80 -33.39 12.68 8.49
C LYS B 80 -32.44 13.11 9.60
N VAL B 81 -31.23 13.51 9.26
CA VAL B 81 -30.13 13.52 10.22
C VAL B 81 -29.98 14.91 10.80
N PHE B 82 -29.90 14.98 12.13
CA PHE B 82 -29.51 16.20 12.81
C PHE B 82 -28.00 16.37 12.71
N ARG B 83 -27.56 17.63 12.69
CA ARG B 83 -26.14 17.93 12.63
C ARG B 83 -25.88 19.25 13.36
N SER B 84 -24.67 19.39 13.89
CA SER B 84 -24.29 20.56 14.66
C SER B 84 -22.96 21.09 14.15
N SER B 85 -22.97 22.31 13.61
CA SER B 85 -21.76 22.95 13.11
C SER B 85 -21.01 22.03 12.14
N VAL B 86 -21.77 21.45 11.21
CA VAL B 86 -21.23 20.55 10.20
C VAL B 86 -21.52 21.12 8.83
N LEU B 87 -20.50 21.23 7.99
CA LEU B 87 -20.67 21.68 6.61
C LEU B 87 -20.88 20.45 5.72
N HIS B 88 -22.04 19.83 5.92
CA HIS B 88 -22.38 18.63 5.18
C HIS B 88 -22.69 18.97 3.72
N SER B 89 -22.24 18.11 2.81
CA SER B 89 -22.47 18.27 1.39
C SER B 89 -23.34 17.13 0.90
N THR B 90 -24.39 17.46 0.16
CA THR B 90 -25.37 16.48 -0.30
C THR B 90 -25.63 16.68 -1.79
N GLN B 91 -25.71 15.56 -2.50
CA GLN B 91 -26.05 15.53 -3.92
C GLN B 91 -27.53 15.18 -4.00
N ASP B 92 -28.36 16.14 -4.38
CA ASP B 92 -29.80 15.93 -4.43
C ASP B 92 -30.43 16.99 -5.32
N LEU B 93 -31.67 16.73 -5.72
CA LEU B 93 -32.42 17.67 -6.55
C LEU B 93 -32.65 18.98 -5.82
N PHE B 94 -32.06 20.06 -6.33
CA PHE B 94 -32.17 21.39 -5.73
C PHE B 94 -32.50 22.41 -6.79
N LEU B 95 -33.03 23.55 -6.35
CA LEU B 95 -33.23 24.67 -7.25
C LEU B 95 -31.93 25.44 -7.39
N PRO B 96 -31.34 25.52 -8.58
CA PRO B 96 -30.02 26.18 -8.69
C PRO B 96 -30.09 27.64 -8.25
N PHE B 97 -29.05 28.07 -7.55
CA PHE B 97 -28.95 29.47 -7.18
C PHE B 97 -28.90 30.34 -8.43
N PHE B 98 -29.69 31.41 -8.45
CA PHE B 98 -29.69 32.35 -9.56
C PHE B 98 -30.04 31.63 -10.87
N SER B 99 -31.22 31.03 -10.90
CA SER B 99 -31.68 30.22 -12.01
C SER B 99 -32.86 30.88 -12.71
N ASN B 100 -33.21 30.32 -13.87
CA ASN B 100 -34.36 30.79 -14.63
C ASN B 100 -35.62 30.11 -14.11
N VAL B 101 -36.48 30.88 -13.46
CA VAL B 101 -37.74 30.39 -12.91
C VAL B 101 -38.87 31.14 -13.60
N THR B 102 -39.75 30.39 -14.26
CA THR B 102 -40.86 31.00 -14.98
C THR B 102 -41.82 31.69 -14.02
N TRP B 103 -42.52 32.71 -14.52
CA TRP B 103 -43.49 33.47 -13.75
C TRP B 103 -44.85 33.38 -14.43
N PHE B 104 -45.88 33.14 -13.64
CA PHE B 104 -47.23 32.92 -14.16
C PHE B 104 -48.21 33.92 -13.54
N HIS B 105 -49.31 34.15 -14.26
CA HIS B 105 -50.37 35.03 -13.82
C HIS B 105 -51.58 34.18 -13.44
N ALA B 106 -51.89 34.14 -12.15
CA ALA B 106 -53.03 33.38 -11.65
C ALA B 106 -54.27 34.26 -11.76
N ILE B 107 -55.04 34.07 -12.83
CA ILE B 107 -56.21 34.89 -13.10
C ILE B 107 -57.48 34.11 -12.86
N LYS B 116 -60.34 34.82 -16.56
CA LYS B 116 -60.41 34.57 -18.00
C LYS B 116 -59.04 34.17 -18.53
N ARG B 117 -58.01 34.93 -18.14
CA ARG B 117 -56.63 34.67 -18.58
C ARG B 117 -56.01 33.61 -17.67
N PHE B 118 -56.56 32.39 -17.77
CA PHE B 118 -56.15 31.30 -16.92
C PHE B 118 -54.77 30.78 -17.31
N ASP B 119 -53.72 31.32 -16.71
CA ASP B 119 -52.36 30.82 -16.93
C ASP B 119 -52.10 29.63 -16.01
N ASN B 120 -52.85 28.56 -16.25
CA ASN B 120 -52.85 27.36 -15.43
C ASN B 120 -52.70 26.14 -16.33
N PRO B 121 -51.57 26.01 -17.02
CA PRO B 121 -51.41 24.91 -17.98
C PRO B 121 -50.89 23.63 -17.34
N VAL B 122 -50.75 22.57 -18.14
CA VAL B 122 -50.21 21.30 -17.65
C VAL B 122 -48.70 21.40 -17.81
N LEU B 123 -48.06 22.02 -16.81
CA LEU B 123 -46.63 22.23 -16.86
C LEU B 123 -45.89 20.92 -16.57
N PRO B 124 -44.70 20.74 -17.12
CA PRO B 124 -43.90 19.56 -16.78
C PRO B 124 -43.48 19.60 -15.31
N PHE B 125 -43.30 18.40 -14.75
CA PHE B 125 -42.83 18.22 -13.39
C PHE B 125 -41.44 17.58 -13.38
N ASN B 126 -40.56 18.07 -14.24
CA ASN B 126 -39.24 17.46 -14.36
C ASN B 126 -38.56 17.48 -13.01
N ASP B 127 -38.37 16.29 -12.44
CA ASP B 127 -37.67 16.06 -11.18
C ASP B 127 -37.84 17.24 -10.22
N GLY B 128 -39.10 17.55 -9.91
CA GLY B 128 -39.42 18.49 -8.86
C GLY B 128 -39.78 19.87 -9.40
N VAL B 129 -40.31 20.69 -8.49
CA VAL B 129 -40.73 22.05 -8.81
C VAL B 129 -40.67 22.88 -7.54
N TYR B 130 -40.42 24.18 -7.71
CA TYR B 130 -40.40 25.14 -6.61
C TYR B 130 -41.55 26.12 -6.82
N PHE B 131 -42.37 26.29 -5.79
CA PHE B 131 -43.65 27.00 -5.92
C PHE B 131 -43.85 27.98 -4.78
N ALA B 132 -42.87 28.85 -4.54
CA ALA B 132 -43.09 29.94 -3.62
C ALA B 132 -44.04 30.96 -4.23
N SER B 133 -44.75 31.69 -3.38
CA SER B 133 -45.66 32.72 -3.85
C SER B 133 -46.22 33.47 -2.64
N THR B 134 -46.58 34.73 -2.87
CA THR B 134 -47.27 35.56 -1.89
C THR B 134 -48.61 35.97 -2.47
N GLU B 135 -49.68 35.69 -1.75
CA GLU B 135 -51.03 35.98 -2.21
C GLU B 135 -52.01 35.63 -1.10
N LYS B 136 -53.26 36.03 -1.30
CA LYS B 136 -54.34 35.75 -0.36
C LYS B 136 -55.44 34.98 -1.07
N SER B 137 -56.17 34.17 -0.29
CA SER B 137 -57.18 33.22 -0.73
C SER B 137 -56.53 31.96 -1.29
N ASN B 138 -55.20 31.91 -1.42
CA ASN B 138 -54.47 30.71 -1.82
C ASN B 138 -54.68 30.39 -3.30
N ILE B 139 -55.56 31.13 -3.97
CA ILE B 139 -55.68 31.14 -5.43
C ILE B 139 -55.45 29.77 -6.04
N ILE B 140 -54.21 29.29 -5.96
CA ILE B 140 -53.79 28.09 -6.68
C ILE B 140 -53.79 26.91 -5.71
N ARG B 141 -54.67 26.97 -4.71
CA ARG B 141 -54.62 26.04 -3.59
C ARG B 141 -54.19 24.64 -4.00
N GLY B 142 -54.82 24.09 -5.02
CA GLY B 142 -54.59 22.72 -5.41
C GLY B 142 -53.56 22.57 -6.51
N TRP B 143 -53.18 21.32 -6.76
CA TRP B 143 -52.22 21.00 -7.79
C TRP B 143 -52.50 19.58 -8.29
N ILE B 144 -52.01 19.29 -9.49
CA ILE B 144 -52.21 18.00 -10.15
C ILE B 144 -50.85 17.45 -10.54
N PHE B 145 -50.63 16.15 -10.28
CA PHE B 145 -49.38 15.49 -10.60
C PHE B 145 -49.69 14.09 -11.09
N GLY B 146 -49.30 13.81 -12.34
CA GLY B 146 -49.53 12.49 -12.91
C GLY B 146 -48.94 12.36 -14.30
N THR B 147 -49.55 11.51 -15.13
CA THR B 147 -49.14 11.34 -16.51
C THR B 147 -50.28 11.45 -17.51
N THR B 148 -51.53 11.37 -17.07
CA THR B 148 -52.69 11.57 -17.94
C THR B 148 -53.49 12.80 -17.55
N LEU B 149 -53.84 12.94 -16.27
CA LEU B 149 -54.50 14.14 -15.73
C LEU B 149 -55.90 14.33 -16.32
N ASP B 150 -56.52 13.28 -16.83
CA ASP B 150 -57.90 13.36 -17.33
C ASP B 150 -58.70 12.14 -16.93
N SER B 151 -58.51 11.67 -15.70
CA SER B 151 -59.18 10.52 -15.09
C SER B 151 -58.67 9.20 -15.63
N LYS B 152 -57.78 9.19 -16.63
CA LYS B 152 -57.29 7.92 -17.17
C LYS B 152 -56.44 7.20 -16.14
N THR B 153 -55.51 7.90 -15.50
CA THR B 153 -54.67 7.37 -14.45
C THR B 153 -54.98 8.10 -13.14
N GLN B 154 -54.45 7.56 -12.04
CA GLN B 154 -54.72 8.13 -10.73
C GLN B 154 -53.94 9.43 -10.55
N SER B 155 -54.30 10.45 -11.32
CA SER B 155 -53.61 11.73 -11.25
C SER B 155 -53.84 12.36 -9.88
N LEU B 156 -52.75 12.75 -9.22
CA LEU B 156 -52.86 13.36 -7.91
C LEU B 156 -53.74 14.59 -7.96
N LEU B 157 -54.60 14.74 -6.95
CA LEU B 157 -55.45 15.91 -6.79
C LEU B 157 -55.24 16.38 -5.35
N ILE B 158 -54.22 17.19 -5.14
CA ILE B 158 -53.89 17.75 -3.83
C ILE B 158 -54.42 19.18 -3.80
N VAL B 159 -55.18 19.51 -2.76
CA VAL B 159 -55.93 20.76 -2.75
C VAL B 159 -55.26 21.79 -1.84
N ASN B 160 -54.65 21.32 -0.75
CA ASN B 160 -54.03 22.22 0.22
C ASN B 160 -54.94 23.41 0.51
N ASN B 161 -56.23 23.14 0.68
CA ASN B 161 -57.20 24.20 0.90
C ASN B 161 -57.02 24.80 2.30
N ALA B 162 -57.89 25.76 2.63
CA ALA B 162 -57.78 26.46 3.90
C ALA B 162 -57.87 25.54 5.10
N THR B 163 -58.48 24.37 4.94
CA THR B 163 -58.64 23.43 6.05
C THR B 163 -57.42 22.52 6.19
N ASN B 164 -57.12 21.75 5.15
CA ASN B 164 -56.08 20.73 5.24
C ASN B 164 -55.69 20.30 3.84
N VAL B 165 -54.54 19.63 3.75
CA VAL B 165 -53.97 19.21 2.47
C VAL B 165 -54.58 17.83 2.18
N VAL B 166 -55.75 17.84 1.55
CA VAL B 166 -56.49 16.63 1.27
C VAL B 166 -55.89 15.93 0.06
N ILE B 167 -54.95 15.02 0.31
CA ILE B 167 -54.40 14.23 -0.78
C ILE B 167 -55.52 13.39 -1.36
N LYS B 168 -55.80 13.59 -2.65
CA LYS B 168 -56.78 12.80 -3.38
C LYS B 168 -56.09 12.32 -4.66
N VAL B 169 -55.38 11.20 -4.55
CA VAL B 169 -54.75 10.59 -5.72
C VAL B 169 -55.76 9.59 -6.26
N CYS B 170 -56.69 10.11 -7.05
CA CYS B 170 -57.76 9.30 -7.64
C CYS B 170 -57.69 9.43 -9.16
N GLU B 171 -58.26 8.45 -9.85
CA GLU B 171 -58.40 8.54 -11.29
C GLU B 171 -59.51 9.53 -11.59
N PHE B 172 -59.28 10.79 -11.25
CA PHE B 172 -60.29 11.82 -11.23
C PHE B 172 -60.26 12.61 -12.53
N GLN B 173 -61.42 13.15 -12.90
CA GLN B 173 -61.55 13.91 -14.14
C GLN B 173 -61.28 15.39 -13.89
N PHE B 174 -60.41 15.97 -14.71
CA PHE B 174 -60.10 17.39 -14.69
C PHE B 174 -60.53 17.97 -16.03
N CYS B 175 -61.65 18.70 -16.03
CA CYS B 175 -62.16 19.27 -17.26
C CYS B 175 -61.14 20.23 -17.86
N ASN B 176 -61.42 20.67 -19.09
CA ASN B 176 -60.51 21.59 -19.77
C ASN B 176 -60.20 22.80 -18.89
N ASP B 177 -61.18 23.29 -18.15
CA ASP B 177 -61.01 24.39 -17.21
C ASP B 177 -61.65 23.96 -15.89
N PRO B 178 -60.95 23.14 -15.09
CA PRO B 178 -61.53 22.66 -13.82
C PRO B 178 -61.35 23.68 -12.70
N PHE B 179 -62.22 24.68 -12.69
CA PHE B 179 -62.11 25.80 -11.77
C PHE B 179 -63.50 26.17 -11.26
N LEU B 180 -63.54 26.76 -10.07
CA LEU B 180 -64.79 27.22 -9.50
C LEU B 180 -65.26 28.53 -10.13
N GLY B 181 -64.36 29.26 -10.78
CA GLY B 181 -64.74 30.52 -11.43
C GLY B 181 -65.38 31.50 -10.47
N VAL B 182 -64.91 31.54 -9.24
CA VAL B 182 -65.49 32.41 -8.22
C VAL B 182 -64.91 33.80 -8.38
N TYR B 183 -65.70 34.72 -8.93
CA TYR B 183 -65.29 36.12 -9.04
C TYR B 183 -65.49 36.84 -7.71
N TYR B 184 -64.85 36.28 -6.67
CA TYR B 184 -65.06 36.76 -5.32
C TYR B 184 -64.49 38.16 -5.14
N HIS B 185 -65.18 38.96 -4.32
CA HIS B 185 -64.74 40.32 -3.99
C HIS B 185 -64.63 41.19 -5.24
N LYS B 186 -65.45 40.90 -6.25
CA LYS B 186 -65.47 41.69 -7.47
C LYS B 186 -66.84 42.34 -7.67
N TRP B 191 -68.02 37.59 -2.17
CA TRP B 191 -67.69 36.26 -2.65
C TRP B 191 -68.82 35.71 -3.51
N MET B 192 -68.53 35.44 -4.78
CA MET B 192 -69.52 34.94 -5.73
C MET B 192 -68.93 33.78 -6.51
N GLU B 193 -69.81 32.94 -7.04
CA GLU B 193 -69.45 31.75 -7.79
C GLU B 193 -70.12 31.77 -9.15
N SER B 194 -69.44 31.18 -10.14
CA SER B 194 -69.94 31.11 -11.51
C SER B 194 -70.36 29.69 -11.89
N GLU B 195 -69.51 28.70 -11.63
CA GLU B 195 -69.85 27.31 -11.93
C GLU B 195 -69.12 26.43 -10.93
N PHE B 196 -69.22 25.10 -11.12
CA PHE B 196 -68.60 24.11 -10.24
C PHE B 196 -67.90 23.07 -11.11
N ARG B 197 -66.62 23.29 -11.40
CA ARG B 197 -65.82 22.34 -12.16
C ARG B 197 -64.49 22.04 -11.48
N VAL B 198 -64.29 22.49 -10.24
CA VAL B 198 -63.05 22.19 -9.53
C VAL B 198 -62.86 20.69 -9.42
N TYR B 199 -63.93 19.95 -9.12
CA TYR B 199 -63.92 18.50 -9.01
C TYR B 199 -64.96 17.97 -9.99
N SER B 200 -64.51 17.70 -11.23
CA SER B 200 -65.43 17.26 -12.27
C SER B 200 -66.17 15.99 -11.84
N SER B 201 -65.43 14.90 -11.65
CA SER B 201 -66.03 13.63 -11.27
C SER B 201 -64.93 12.64 -10.93
N ALA B 202 -65.24 11.73 -10.01
CA ALA B 202 -64.31 10.68 -9.59
C ALA B 202 -64.73 9.39 -10.28
N ASN B 203 -64.17 9.15 -11.47
CA ASN B 203 -64.46 7.92 -12.18
C ASN B 203 -63.99 6.71 -11.38
N ASN B 204 -62.79 6.79 -10.82
CA ASN B 204 -62.26 5.78 -9.92
C ASN B 204 -61.36 6.47 -8.91
N CYS B 205 -60.65 5.69 -8.11
CA CYS B 205 -59.68 6.25 -7.19
C CYS B 205 -58.65 5.20 -6.80
N THR B 206 -57.55 5.68 -6.24
CA THR B 206 -56.45 4.82 -5.76
C THR B 206 -56.12 5.04 -4.30
N PHE B 207 -56.17 6.29 -3.83
CA PHE B 207 -55.82 6.59 -2.44
C PHE B 207 -56.17 8.04 -2.16
N GLU B 208 -56.60 8.30 -0.92
CA GLU B 208 -57.01 9.63 -0.51
C GLU B 208 -56.63 9.81 0.96
N TYR B 209 -55.90 10.89 1.25
CA TYR B 209 -55.42 11.16 2.60
C TYR B 209 -55.72 12.61 2.97
N VAL B 210 -56.09 12.83 4.22
CA VAL B 210 -56.42 14.14 4.75
C VAL B 210 -55.53 14.39 5.97
N SER B 211 -54.91 15.56 6.01
CA SER B 211 -53.96 15.90 7.06
C SER B 211 -54.64 16.72 8.16
N GLN B 212 -53.84 17.25 9.07
CA GLN B 212 -54.37 18.06 10.15
C GLN B 212 -55.10 19.27 9.58
N PRO B 213 -56.23 19.69 10.17
CA PRO B 213 -56.92 20.89 9.67
C PRO B 213 -56.14 22.16 9.97
N PHE B 214 -55.07 22.38 9.21
CA PHE B 214 -54.25 23.58 9.33
C PHE B 214 -54.94 24.75 8.64
N LEU B 215 -54.21 25.85 8.47
CA LEU B 215 -54.69 26.99 7.69
C LEU B 215 -53.50 27.86 7.33
N MET B 216 -53.20 27.96 6.04
CA MET B 216 -52.22 28.93 5.60
C MET B 216 -52.70 30.35 5.91
N ASP B 217 -51.82 31.32 5.70
CA ASP B 217 -52.13 32.72 5.88
C ASP B 217 -52.80 33.33 4.65
N LEU B 218 -53.42 32.50 3.81
CA LEU B 218 -54.17 32.98 2.66
C LEU B 218 -55.24 33.98 3.06
N GLU B 219 -55.66 33.96 4.33
CA GLU B 219 -56.63 34.91 4.85
C GLU B 219 -56.27 36.33 4.42
N GLY B 220 -57.29 37.15 4.16
CA GLY B 220 -57.06 38.48 3.61
C GLY B 220 -56.13 39.34 4.44
N LYS B 221 -54.90 39.50 3.96
CA LYS B 221 -53.92 40.36 4.62
C LYS B 221 -52.79 40.67 3.65
N GLN B 222 -52.54 41.95 3.38
CA GLN B 222 -51.44 42.36 2.51
C GLN B 222 -50.35 43.07 3.29
N GLY B 223 -50.66 44.20 3.93
CA GLY B 223 -49.74 44.88 4.83
C GLY B 223 -48.29 44.78 4.39
N ASN B 224 -47.45 44.24 5.26
CA ASN B 224 -46.14 43.72 4.87
C ASN B 224 -46.33 42.22 4.62
N PHE B 225 -46.27 41.82 3.36
CA PHE B 225 -46.77 40.50 2.96
C PHE B 225 -45.87 39.42 3.55
N LYS B 226 -46.35 38.76 4.61
CA LYS B 226 -45.67 37.62 5.20
C LYS B 226 -46.14 36.30 4.62
N ASN B 227 -46.59 36.30 3.36
CA ASN B 227 -47.20 35.14 2.73
C ASN B 227 -46.25 34.40 1.80
N LEU B 228 -44.94 34.48 2.04
CA LEU B 228 -43.99 33.74 1.22
C LEU B 228 -44.07 32.28 1.63
N ARG B 229 -45.13 31.62 1.18
CA ARG B 229 -45.38 30.22 1.47
C ARG B 229 -44.55 29.35 0.51
N GLU B 230 -43.24 29.39 0.73
CA GLU B 230 -42.32 28.65 -0.11
C GLU B 230 -42.61 27.17 -0.02
N PHE B 231 -42.92 26.56 -1.17
CA PHE B 231 -43.21 25.13 -1.25
C PHE B 231 -42.28 24.51 -2.28
N VAL B 232 -41.71 23.36 -1.93
CA VAL B 232 -40.91 22.57 -2.86
C VAL B 232 -41.65 21.26 -3.06
N PHE B 233 -42.36 21.14 -4.18
CA PHE B 233 -43.07 19.92 -4.52
C PHE B 233 -42.14 19.03 -5.33
N LYS B 234 -41.77 17.89 -4.76
CA LYS B 234 -40.86 16.95 -5.39
C LYS B 234 -41.49 15.57 -5.38
N ASN B 235 -41.45 14.88 -6.53
CA ASN B 235 -41.98 13.54 -6.66
C ASN B 235 -40.88 12.65 -7.23
N ILE B 236 -40.58 11.56 -6.52
CA ILE B 236 -39.49 10.66 -6.94
C ILE B 236 -39.61 9.35 -6.16
N ASP B 237 -39.12 8.27 -6.76
CA ASP B 237 -39.08 6.94 -6.15
C ASP B 237 -40.41 6.62 -5.45
N GLY B 238 -41.50 6.80 -6.19
CA GLY B 238 -42.81 6.49 -5.64
C GLY B 238 -43.16 7.29 -4.40
N TYR B 239 -42.77 8.55 -4.35
CA TYR B 239 -43.06 9.41 -3.22
C TYR B 239 -43.34 10.82 -3.71
N PHE B 240 -44.10 11.57 -2.92
CA PHE B 240 -44.41 12.96 -3.22
C PHE B 240 -44.17 13.78 -1.96
N LYS B 241 -43.22 14.70 -2.02
CA LYS B 241 -42.77 15.46 -0.86
C LYS B 241 -43.13 16.93 -1.02
N ILE B 242 -43.56 17.54 0.08
CA ILE B 242 -44.22 18.86 0.05
C ILE B 242 -43.45 19.84 0.95
N TYR B 243 -42.12 19.71 0.98
CA TYR B 243 -41.31 20.63 1.79
C TYR B 243 -41.85 22.04 1.71
N SER B 244 -41.94 22.70 2.87
CA SER B 244 -42.64 23.97 2.97
C SER B 244 -41.94 24.87 3.97
N LYS B 245 -42.29 26.15 3.92
CA LYS B 245 -41.76 27.13 4.85
C LYS B 245 -42.54 28.42 4.71
N HIS B 246 -42.85 29.06 5.82
CA HIS B 246 -43.61 30.31 5.85
C HIS B 246 -42.66 31.43 6.27
N THR B 247 -42.11 32.13 5.28
CA THR B 247 -41.13 33.17 5.53
C THR B 247 -41.82 34.53 5.55
N PRO B 248 -41.72 35.31 6.64
CA PRO B 248 -42.35 36.64 6.67
C PRO B 248 -41.52 37.73 5.98
N ILE B 249 -41.65 37.80 4.66
CA ILE B 249 -40.96 38.80 3.85
C ILE B 249 -41.75 40.10 3.86
N ASN B 250 -41.17 41.17 3.33
CA ASN B 250 -41.75 42.50 3.42
C ASN B 250 -42.12 43.12 2.07
N LEU B 251 -41.71 42.52 0.95
CA LEU B 251 -41.91 43.11 -0.37
C LEU B 251 -42.84 42.23 -1.21
N VAL B 252 -43.87 42.85 -1.78
CA VAL B 252 -44.84 42.12 -2.60
C VAL B 252 -44.37 41.91 -4.02
N ARG B 253 -43.26 42.54 -4.42
CA ARG B 253 -42.77 42.44 -5.79
C ARG B 253 -42.05 41.12 -6.01
N ASP B 254 -41.29 41.03 -7.11
CA ASP B 254 -40.59 39.81 -7.46
C ASP B 254 -39.90 39.19 -6.24
N LEU B 255 -39.69 37.88 -6.31
CA LEU B 255 -39.16 37.04 -5.24
C LEU B 255 -38.02 37.74 -4.51
N PRO B 256 -37.98 37.69 -3.16
CA PRO B 256 -37.02 38.49 -2.41
C PRO B 256 -35.68 37.81 -2.19
N GLN B 257 -34.77 38.52 -1.53
CA GLN B 257 -33.41 38.02 -1.27
C GLN B 257 -33.31 37.58 0.19
N GLY B 258 -32.80 36.38 0.40
CA GLY B 258 -32.63 35.85 1.74
C GLY B 258 -32.35 34.37 1.69
N PHE B 259 -32.25 33.78 2.87
CA PHE B 259 -32.00 32.35 3.00
C PHE B 259 -32.90 31.77 4.09
N SER B 260 -33.54 30.66 3.79
CA SER B 260 -34.42 29.98 4.74
C SER B 260 -34.67 28.56 4.26
N ALA B 261 -34.33 27.58 5.08
CA ALA B 261 -34.51 26.19 4.71
C ALA B 261 -35.98 25.79 4.85
N LEU B 262 -36.41 24.90 3.96
CA LEU B 262 -37.79 24.42 3.94
C LEU B 262 -37.87 23.09 4.67
N GLU B 263 -38.69 23.04 5.72
CA GLU B 263 -38.88 21.79 6.45
C GLU B 263 -39.80 20.85 5.66
N PRO B 264 -39.55 19.54 5.73
CA PRO B 264 -40.47 18.60 5.09
C PRO B 264 -41.85 18.66 5.73
N LEU B 265 -42.87 18.43 4.92
CA LEU B 265 -44.26 18.50 5.39
C LEU B 265 -45.00 17.18 5.21
N VAL B 266 -44.91 16.56 4.04
CA VAL B 266 -45.69 15.35 3.74
C VAL B 266 -44.80 14.37 2.98
N ASP B 267 -44.92 13.10 3.33
CA ASP B 267 -44.19 12.03 2.65
C ASP B 267 -45.16 10.87 2.45
N LEU B 268 -45.28 10.41 1.20
CA LEU B 268 -46.32 9.44 0.86
C LEU B 268 -45.80 8.35 -0.06
N PRO B 269 -45.75 7.09 0.39
CA PRO B 269 -45.35 6.01 -0.52
C PRO B 269 -46.43 5.71 -1.57
N ILE B 270 -46.52 6.56 -2.59
CA ILE B 270 -47.55 6.38 -3.61
C ILE B 270 -47.19 5.23 -4.53
N GLY B 271 -45.99 5.28 -5.12
CA GLY B 271 -45.50 4.22 -5.98
C GLY B 271 -45.86 4.35 -7.44
N ILE B 272 -46.66 5.35 -7.82
CA ILE B 272 -47.07 5.53 -9.21
C ILE B 272 -45.95 6.19 -10.00
N ASN B 273 -46.10 6.24 -11.31
CA ASN B 273 -45.19 6.95 -12.19
C ASN B 273 -45.83 8.27 -12.61
N ILE B 274 -45.08 9.36 -12.51
CA ILE B 274 -45.56 10.69 -12.84
C ILE B 274 -44.62 11.31 -13.86
N THR B 275 -45.19 11.90 -14.91
CA THR B 275 -44.41 12.53 -15.97
C THR B 275 -44.82 13.97 -16.25
N ARG B 276 -45.96 14.44 -15.73
CA ARG B 276 -46.45 15.79 -15.97
C ARG B 276 -47.09 16.29 -14.68
N PHE B 277 -47.54 17.55 -14.70
CA PHE B 277 -48.29 18.09 -13.58
C PHE B 277 -49.07 19.31 -14.04
N GLN B 278 -50.02 19.72 -13.21
CA GLN B 278 -50.90 20.82 -13.49
C GLN B 278 -51.36 21.43 -12.17
N THR B 279 -51.49 22.75 -12.15
CA THR B 279 -51.96 23.44 -10.97
C THR B 279 -53.48 23.65 -11.05
N LEU B 280 -54.11 23.75 -9.88
CA LEU B 280 -55.56 23.85 -9.78
C LEU B 280 -55.97 25.24 -9.32
N LEU B 281 -56.78 25.91 -10.12
CA LEU B 281 -57.23 27.26 -9.86
C LEU B 281 -58.73 27.27 -9.63
N ALA B 282 -59.16 27.93 -8.55
CA ALA B 282 -60.58 28.05 -8.23
C ALA B 282 -61.22 29.29 -8.85
N LEU B 283 -60.43 30.18 -9.44
CA LEU B 283 -60.95 31.41 -10.02
C LEU B 283 -60.54 31.53 -11.48
N SER B 293 -69.32 37.60 -18.19
CA SER B 293 -68.26 36.71 -17.71
C SER B 293 -66.89 37.25 -18.13
N SER B 294 -66.63 37.23 -19.44
CA SER B 294 -65.36 37.72 -19.98
C SER B 294 -65.39 39.20 -20.33
N SER B 295 -66.55 39.86 -20.24
CA SER B 295 -66.69 41.27 -20.57
C SER B 295 -66.41 42.09 -19.32
N GLY B 296 -65.39 42.95 -19.40
CA GLY B 296 -65.02 43.77 -18.26
C GLY B 296 -64.62 42.96 -17.05
N TRP B 297 -63.88 41.87 -17.26
CA TRP B 297 -63.45 41.01 -16.17
C TRP B 297 -62.15 41.53 -15.58
N THR B 298 -62.14 41.71 -14.26
CA THR B 298 -60.94 42.19 -13.56
C THR B 298 -60.02 41.01 -13.30
N ALA B 299 -58.88 41.00 -13.99
CA ALA B 299 -57.92 39.91 -13.82
C ALA B 299 -57.41 39.88 -12.38
N GLY B 300 -57.35 38.68 -11.81
CA GLY B 300 -56.91 38.55 -10.44
C GLY B 300 -55.47 38.99 -10.26
N ALA B 301 -55.20 39.57 -9.10
CA ALA B 301 -53.85 40.03 -8.75
C ALA B 301 -53.14 38.95 -7.95
N ALA B 302 -52.75 37.90 -8.66
CA ALA B 302 -52.07 36.77 -8.05
C ALA B 302 -51.13 36.14 -9.07
N ALA B 303 -49.96 35.70 -8.61
CA ALA B 303 -48.97 35.08 -9.47
C ALA B 303 -48.24 34.00 -8.69
N TYR B 304 -47.70 33.04 -9.44
CA TYR B 304 -46.93 31.95 -8.85
C TYR B 304 -45.72 31.65 -9.73
N TYR B 305 -44.65 31.20 -9.08
CA TYR B 305 -43.43 30.81 -9.77
C TYR B 305 -43.37 29.29 -9.87
N VAL B 306 -42.67 28.81 -10.90
CA VAL B 306 -42.46 27.38 -11.10
C VAL B 306 -40.98 27.20 -11.40
N GLY B 307 -40.18 26.97 -10.36
CA GLY B 307 -38.78 26.63 -10.53
C GLY B 307 -38.63 25.16 -10.83
N TYR B 308 -37.43 24.79 -11.27
CA TYR B 308 -37.15 23.40 -11.61
C TYR B 308 -35.90 22.96 -10.87
N LEU B 309 -35.91 21.70 -10.43
CA LEU B 309 -34.79 21.11 -9.69
C LEU B 309 -34.04 20.16 -10.59
N GLN B 310 -32.71 20.24 -10.56
CA GLN B 310 -31.83 19.34 -11.30
C GLN B 310 -30.77 18.81 -10.36
N PRO B 311 -30.20 17.65 -10.66
CA PRO B 311 -29.17 17.09 -9.77
C PRO B 311 -28.00 18.04 -9.57
N ARG B 312 -27.84 18.52 -8.33
CA ARG B 312 -26.79 19.46 -8.00
C ARG B 312 -26.31 19.21 -6.58
N THR B 313 -25.01 19.34 -6.37
CA THR B 313 -24.42 19.16 -5.05
C THR B 313 -24.41 20.49 -4.31
N PHE B 314 -24.85 20.46 -3.06
CA PHE B 314 -24.90 21.65 -2.21
C PHE B 314 -24.13 21.39 -0.93
N LEU B 315 -23.37 22.40 -0.49
CA LEU B 315 -22.65 22.34 0.77
C LEU B 315 -23.50 23.06 1.81
N LEU B 316 -24.17 22.28 2.66
CA LEU B 316 -25.14 22.83 3.61
C LEU B 316 -24.47 23.09 4.94
N LYS B 317 -24.55 24.34 5.41
CA LYS B 317 -24.01 24.72 6.71
C LYS B 317 -25.08 24.50 7.77
N TYR B 318 -24.89 23.47 8.60
CA TYR B 318 -25.75 23.25 9.74
C TYR B 318 -25.19 24.03 10.93
N ASN B 319 -26.00 24.90 11.51
CA ASN B 319 -25.58 25.64 12.69
C ASN B 319 -25.53 24.68 13.88
N GLU B 320 -25.27 25.21 15.06
CA GLU B 320 -25.15 24.35 16.23
C GLU B 320 -26.48 23.72 16.62
N ASN B 321 -27.56 24.03 15.90
CA ASN B 321 -28.92 23.70 16.31
C ASN B 321 -29.57 22.73 15.32
N GLY B 322 -28.81 22.28 14.33
CA GLY B 322 -29.35 21.51 13.23
C GLY B 322 -30.30 22.27 12.32
N THR B 323 -30.06 23.56 12.10
CA THR B 323 -30.81 24.35 11.14
C THR B 323 -29.85 24.84 10.06
N ILE B 324 -30.19 24.55 8.80
CA ILE B 324 -29.36 24.98 7.67
C ILE B 324 -29.35 26.49 7.61
N THR B 325 -28.19 27.10 7.87
CA THR B 325 -28.07 28.55 7.86
C THR B 325 -27.52 29.11 6.56
N ASP B 326 -26.70 28.33 5.85
CA ASP B 326 -26.16 28.75 4.56
C ASP B 326 -25.99 27.53 3.67
N ALA B 327 -25.84 27.80 2.38
CA ALA B 327 -25.58 26.74 1.42
C ALA B 327 -24.73 27.31 0.29
N VAL B 328 -24.04 26.42 -0.41
CA VAL B 328 -23.22 26.77 -1.56
C VAL B 328 -23.62 25.87 -2.71
N ASP B 329 -23.97 26.46 -3.84
CA ASP B 329 -24.22 25.69 -5.06
C ASP B 329 -22.86 25.37 -5.68
N CYS B 330 -22.46 24.11 -5.62
CA CYS B 330 -21.11 23.73 -5.96
C CYS B 330 -20.80 23.89 -7.44
N ALA B 331 -21.81 24.15 -8.27
CA ALA B 331 -21.62 24.35 -9.70
C ALA B 331 -22.02 25.76 -10.15
N LEU B 332 -22.24 26.67 -9.22
CA LEU B 332 -22.67 28.02 -9.61
C LEU B 332 -21.53 28.78 -10.29
N ASP B 333 -20.34 28.76 -9.70
CA ASP B 333 -19.23 29.56 -10.19
C ASP B 333 -17.95 29.00 -9.59
N PRO B 334 -16.78 29.40 -10.11
CA PRO B 334 -15.53 28.81 -9.60
C PRO B 334 -15.34 29.00 -8.10
N LEU B 335 -15.71 30.16 -7.56
CA LEU B 335 -15.52 30.38 -6.13
C LEU B 335 -16.34 29.40 -5.30
N SER B 336 -17.59 29.17 -5.71
CA SER B 336 -18.41 28.19 -5.01
C SER B 336 -17.82 26.79 -5.14
N GLU B 337 -17.34 26.45 -6.33
CA GLU B 337 -16.74 25.13 -6.53
C GLU B 337 -15.49 24.98 -5.67
N THR B 338 -14.71 26.05 -5.52
CA THR B 338 -13.56 26.00 -4.62
C THR B 338 -13.99 25.76 -3.18
N LYS B 339 -15.05 26.45 -2.73
CA LYS B 339 -15.56 26.21 -1.38
C LYS B 339 -16.02 24.77 -1.23
N CYS B 340 -16.70 24.23 -2.24
CA CYS B 340 -17.15 22.85 -2.18
C CYS B 340 -15.96 21.89 -2.08
N THR B 341 -14.92 22.14 -2.87
CA THR B 341 -13.75 21.25 -2.84
C THR B 341 -13.07 21.26 -1.48
N LEU B 342 -12.94 22.44 -0.87
CA LEU B 342 -12.32 22.56 0.44
C LEU B 342 -13.25 22.20 1.58
N LYS B 343 -14.52 21.92 1.29
CA LYS B 343 -15.50 21.58 2.31
C LYS B 343 -15.56 22.67 3.38
N SER B 344 -15.46 23.92 2.93
CA SER B 344 -15.47 25.07 3.82
C SER B 344 -16.21 26.22 3.15
N PHE B 345 -16.76 27.11 3.97
CA PHE B 345 -17.46 28.28 3.48
C PHE B 345 -16.55 29.50 3.32
N THR B 346 -15.30 29.40 3.77
CA THR B 346 -14.31 30.45 3.58
C THR B 346 -13.01 29.80 3.14
N VAL B 347 -12.40 30.34 2.08
CA VAL B 347 -11.20 29.77 1.48
C VAL B 347 -10.08 30.77 1.62
N GLU B 348 -8.92 30.31 2.08
CA GLU B 348 -7.78 31.19 2.27
C GLU B 348 -7.16 31.55 0.93
N LYS B 349 -6.30 32.57 0.97
CA LYS B 349 -5.58 32.99 -0.22
C LYS B 349 -4.75 31.83 -0.78
N GLY B 350 -4.78 31.68 -2.10
CA GLY B 350 -4.00 30.66 -2.75
C GLY B 350 -4.65 30.21 -4.04
N ILE B 351 -4.12 29.13 -4.59
CA ILE B 351 -4.61 28.51 -5.81
C ILE B 351 -4.96 27.08 -5.51
N TYR B 352 -6.18 26.67 -5.86
CA TYR B 352 -6.74 25.39 -5.47
C TYR B 352 -7.14 24.59 -6.69
N GLN B 353 -6.81 23.30 -6.66
CA GLN B 353 -7.15 22.40 -7.76
C GLN B 353 -8.62 22.02 -7.69
N THR B 354 -9.29 22.11 -8.83
CA THR B 354 -10.72 21.83 -8.93
C THR B 354 -10.93 20.80 -10.03
N SER B 355 -12.09 20.15 -10.00
CA SER B 355 -12.40 19.06 -10.93
C SER B 355 -11.88 19.39 -12.32
N ASN B 356 -11.26 18.38 -12.94
CA ASN B 356 -10.66 18.57 -14.26
C ASN B 356 -11.73 18.86 -15.29
N PHE B 357 -11.34 19.59 -16.33
CA PHE B 357 -12.20 19.85 -17.47
C PHE B 357 -11.79 18.94 -18.62
N ARG B 358 -12.73 18.75 -19.55
CA ARG B 358 -12.46 17.91 -20.71
C ARG B 358 -13.39 18.34 -21.84
N VAL B 359 -12.91 18.17 -23.06
CA VAL B 359 -13.66 18.53 -24.26
C VAL B 359 -14.51 17.33 -24.64
N GLN B 360 -15.82 17.43 -24.49
CA GLN B 360 -16.69 16.32 -24.81
C GLN B 360 -16.80 16.14 -26.31
N PRO B 361 -17.03 14.90 -26.78
CA PRO B 361 -17.19 14.68 -28.21
C PRO B 361 -18.40 15.42 -28.76
N THR B 362 -18.25 15.94 -29.98
CA THR B 362 -19.35 16.69 -30.59
C THR B 362 -20.44 15.74 -31.08
N GLU B 363 -20.06 14.63 -31.71
CA GLU B 363 -21.03 13.73 -32.31
C GLU B 363 -20.40 12.35 -32.45
N SER B 364 -21.25 11.37 -32.76
CA SER B 364 -20.84 9.99 -32.89
C SER B 364 -20.46 9.68 -34.34
N ILE B 365 -19.59 8.69 -34.51
CA ILE B 365 -19.17 8.21 -35.82
C ILE B 365 -19.28 6.68 -35.82
N VAL B 366 -19.85 6.13 -36.88
CA VAL B 366 -19.93 4.69 -37.08
C VAL B 366 -19.33 4.38 -38.45
N ARG B 367 -18.41 3.41 -38.48
CA ARG B 367 -17.76 3.00 -39.72
C ARG B 367 -17.69 1.48 -39.74
N PHE B 368 -18.49 0.86 -40.59
CA PHE B 368 -18.53 -0.58 -40.78
C PHE B 368 -18.34 -0.89 -42.25
N PRO B 369 -17.85 -2.10 -42.58
CA PRO B 369 -17.85 -2.51 -43.99
C PRO B 369 -19.26 -2.52 -44.55
N ASN B 370 -19.37 -2.18 -45.83
CA ASN B 370 -20.66 -2.08 -46.50
C ASN B 370 -21.02 -3.45 -47.06
N ILE B 371 -21.83 -4.20 -46.31
CA ILE B 371 -22.34 -5.50 -46.74
C ILE B 371 -23.85 -5.49 -46.53
N THR B 372 -24.59 -5.99 -47.51
CA THR B 372 -26.05 -6.00 -47.46
C THR B 372 -26.65 -7.40 -47.37
N ASN B 373 -25.87 -8.45 -47.60
CA ASN B 373 -26.40 -9.80 -47.61
C ASN B 373 -26.48 -10.33 -46.19
N LEU B 374 -27.68 -10.74 -45.78
CA LEU B 374 -27.86 -11.33 -44.45
C LEU B 374 -27.12 -12.66 -44.36
N CYS B 375 -26.60 -12.95 -43.16
CA CYS B 375 -25.87 -14.19 -42.97
C CYS B 375 -26.81 -15.39 -43.15
N PRO B 376 -26.34 -16.47 -43.79
CA PRO B 376 -27.23 -17.62 -43.98
C PRO B 376 -27.53 -18.38 -42.67
N PHE B 377 -28.37 -17.79 -41.83
CA PHE B 377 -28.79 -18.49 -40.62
C PHE B 377 -29.91 -19.49 -40.89
N GLY B 378 -30.71 -19.25 -41.94
CA GLY B 378 -31.77 -20.18 -42.26
C GLY B 378 -31.25 -21.58 -42.54
N GLU B 379 -30.15 -21.67 -43.27
CA GLU B 379 -29.56 -22.98 -43.58
C GLU B 379 -29.02 -23.67 -42.33
N VAL B 380 -28.83 -22.93 -41.24
CA VAL B 380 -28.31 -23.50 -40.01
C VAL B 380 -29.49 -23.83 -39.11
N PHE B 381 -30.34 -22.83 -38.83
CA PHE B 381 -31.47 -23.05 -37.93
C PHE B 381 -32.56 -23.88 -38.60
N ASN B 382 -32.95 -23.52 -39.83
CA ASN B 382 -33.72 -24.42 -40.68
C ASN B 382 -32.75 -25.37 -41.37
N ALA B 383 -32.56 -26.56 -40.81
CA ALA B 383 -31.91 -27.65 -41.52
C ALA B 383 -32.80 -28.89 -41.47
N THR B 384 -32.93 -29.56 -42.62
CA THR B 384 -33.78 -30.74 -42.70
C THR B 384 -33.37 -31.79 -41.67
N ARG B 385 -32.07 -32.01 -41.51
CA ARG B 385 -31.57 -32.95 -40.52
C ARG B 385 -30.29 -32.40 -39.92
N PHE B 386 -30.17 -32.47 -38.60
CA PHE B 386 -28.97 -32.08 -37.89
C PHE B 386 -28.02 -33.26 -37.78
N ALA B 387 -26.73 -32.95 -37.72
CA ALA B 387 -25.72 -33.99 -37.59
C ALA B 387 -25.68 -34.52 -36.16
N SER B 388 -24.99 -35.64 -35.99
CA SER B 388 -24.88 -36.27 -34.68
C SER B 388 -23.84 -35.54 -33.82
N VAL B 389 -23.83 -35.89 -32.54
CA VAL B 389 -22.92 -35.24 -31.60
C VAL B 389 -21.47 -35.52 -31.97
N TYR B 390 -21.15 -36.81 -32.15
CA TYR B 390 -19.79 -37.16 -32.61
C TYR B 390 -19.52 -36.61 -33.99
N ALA B 391 -20.56 -36.55 -34.85
CA ALA B 391 -20.43 -36.00 -36.19
C ALA B 391 -20.90 -34.56 -36.26
N TRP B 392 -20.74 -33.81 -35.17
CA TRP B 392 -21.17 -32.42 -35.15
C TRP B 392 -20.50 -31.64 -36.28
N ASN B 393 -21.30 -30.89 -37.03
CA ASN B 393 -20.83 -30.15 -38.19
C ASN B 393 -20.60 -28.69 -37.82
N ARG B 394 -19.67 -28.06 -38.53
CA ARG B 394 -19.32 -26.66 -38.32
C ARG B 394 -19.47 -25.92 -39.64
N LYS B 395 -20.27 -24.85 -39.61
CA LYS B 395 -20.51 -24.02 -40.78
C LYS B 395 -19.91 -22.65 -40.54
N ARG B 396 -18.83 -22.34 -41.25
CA ARG B 396 -18.18 -21.04 -41.09
C ARG B 396 -19.02 -19.96 -41.73
N ILE B 397 -19.24 -18.87 -40.99
CA ILE B 397 -20.06 -17.76 -41.43
C ILE B 397 -19.17 -16.53 -41.56
N SER B 398 -19.26 -15.84 -42.69
CA SER B 398 -18.41 -14.69 -42.96
C SER B 398 -18.99 -13.91 -44.13
N ASN B 399 -18.44 -12.71 -44.33
CA ASN B 399 -18.81 -11.85 -45.45
C ASN B 399 -20.32 -11.63 -45.52
N CYS B 400 -20.90 -11.28 -44.37
CA CYS B 400 -22.34 -11.09 -44.28
C CYS B 400 -22.65 -10.19 -43.10
N VAL B 401 -23.91 -9.79 -43.00
CA VAL B 401 -24.42 -8.98 -41.90
C VAL B 401 -25.42 -9.83 -41.13
N ALA B 402 -25.16 -10.02 -39.84
CA ALA B 402 -26.00 -10.87 -39.00
C ALA B 402 -26.88 -10.00 -38.11
N ASP B 403 -28.19 -10.21 -38.20
CA ASP B 403 -29.16 -9.53 -37.34
C ASP B 403 -29.59 -10.52 -36.27
N TYR B 404 -28.88 -10.51 -35.14
CA TYR B 404 -29.12 -11.48 -34.08
C TYR B 404 -30.41 -11.21 -33.33
N SER B 405 -31.04 -10.05 -33.53
CA SER B 405 -32.25 -9.74 -32.78
C SER B 405 -33.36 -10.73 -33.08
N VAL B 406 -33.52 -11.12 -34.35
CA VAL B 406 -34.59 -12.04 -34.72
C VAL B 406 -34.38 -13.40 -34.08
N LEU B 407 -33.13 -13.87 -34.04
CA LEU B 407 -32.85 -15.15 -33.40
C LEU B 407 -33.20 -15.12 -31.92
N TYR B 408 -32.84 -14.03 -31.22
CA TYR B 408 -33.07 -13.98 -29.78
C TYR B 408 -34.56 -13.82 -29.46
N ASN B 409 -35.30 -13.12 -30.31
CA ASN B 409 -36.72 -12.89 -30.06
C ASN B 409 -37.59 -14.11 -30.30
N SER B 410 -37.04 -15.17 -30.88
CA SER B 410 -37.81 -16.39 -31.15
C SER B 410 -37.94 -17.20 -29.86
N ALA B 411 -39.18 -17.41 -29.42
CA ALA B 411 -39.43 -18.18 -28.21
C ALA B 411 -39.25 -19.68 -28.42
N SER B 412 -39.10 -20.14 -29.65
CA SER B 412 -38.93 -21.57 -29.91
C SER B 412 -37.68 -22.12 -29.24
N PHE B 413 -36.72 -21.27 -28.88
CA PHE B 413 -35.48 -21.71 -28.28
C PHE B 413 -35.67 -21.85 -26.77
N SER B 414 -35.44 -23.06 -26.26
CA SER B 414 -35.51 -23.27 -24.81
C SER B 414 -34.33 -22.62 -24.11
N THR B 415 -33.16 -22.63 -24.76
CA THR B 415 -31.91 -22.18 -24.17
C THR B 415 -31.28 -21.16 -25.10
N PHE B 416 -30.96 -19.97 -24.57
CA PHE B 416 -30.23 -18.96 -25.33
C PHE B 416 -29.30 -18.27 -24.33
N LYS B 417 -28.08 -18.78 -24.19
CA LYS B 417 -27.12 -18.29 -23.22
C LYS B 417 -25.86 -17.81 -23.94
N CYS B 418 -25.43 -16.61 -23.61
CA CYS B 418 -24.21 -16.02 -24.15
C CYS B 418 -23.19 -15.87 -23.03
N TYR B 419 -21.97 -16.34 -23.27
CA TYR B 419 -20.98 -16.47 -22.22
C TYR B 419 -19.91 -15.39 -22.22
N GLY B 420 -19.74 -14.66 -23.31
CA GLY B 420 -18.75 -13.61 -23.36
C GLY B 420 -19.31 -12.31 -23.91
N VAL B 421 -20.60 -12.30 -24.20
CA VAL B 421 -21.27 -11.16 -24.82
C VAL B 421 -22.73 -11.22 -24.43
N SER B 422 -23.41 -10.08 -24.53
CA SER B 422 -24.84 -10.12 -24.27
C SER B 422 -25.61 -10.23 -25.56
N PRO B 423 -26.72 -10.97 -25.60
CA PRO B 423 -27.47 -11.10 -26.86
C PRO B 423 -27.92 -9.76 -27.42
N THR B 424 -28.31 -8.83 -26.55
CA THR B 424 -28.73 -7.51 -27.01
C THR B 424 -27.57 -6.77 -27.68
N LYS B 425 -26.37 -6.87 -27.11
CA LYS B 425 -25.22 -6.15 -27.65
C LYS B 425 -24.72 -6.72 -28.96
N LEU B 426 -25.07 -7.97 -29.29
CA LEU B 426 -24.59 -8.58 -30.52
C LEU B 426 -24.93 -7.73 -31.74
N ASN B 427 -26.09 -7.07 -31.72
CA ASN B 427 -26.55 -6.36 -32.90
C ASN B 427 -25.61 -5.22 -33.28
N ASP B 428 -24.92 -4.63 -32.31
CA ASP B 428 -24.07 -3.47 -32.53
C ASP B 428 -22.59 -3.82 -32.57
N LEU B 429 -22.25 -5.10 -32.65
CA LEU B 429 -20.87 -5.56 -32.53
C LEU B 429 -20.46 -6.31 -33.78
N CYS B 430 -19.18 -6.18 -34.15
CA CYS B 430 -18.63 -6.83 -35.33
C CYS B 430 -17.56 -7.83 -34.91
N PHE B 431 -17.46 -8.91 -35.68
CA PHE B 431 -16.60 -10.03 -35.35
C PHE B 431 -15.69 -10.36 -36.54
N THR B 432 -14.63 -11.11 -36.25
CA THR B 432 -13.75 -11.59 -37.31
C THR B 432 -14.45 -12.66 -38.15
N ASN B 433 -14.83 -13.75 -37.51
CA ASN B 433 -15.60 -14.80 -38.18
C ASN B 433 -16.40 -15.55 -37.14
N VAL B 434 -17.45 -16.24 -37.60
CA VAL B 434 -18.39 -16.93 -36.73
C VAL B 434 -18.45 -18.39 -37.16
N TYR B 435 -18.38 -19.29 -36.19
CA TYR B 435 -18.49 -20.73 -36.42
C TYR B 435 -19.79 -21.22 -35.80
N ALA B 436 -20.75 -21.59 -36.63
CA ALA B 436 -22.02 -22.12 -36.18
C ALA B 436 -21.96 -23.64 -36.23
N ASP B 437 -21.97 -24.27 -35.05
CA ASP B 437 -21.88 -25.72 -34.93
C ASP B 437 -23.23 -26.27 -34.53
N SER B 438 -23.71 -27.29 -35.26
CA SER B 438 -25.02 -27.87 -35.04
C SER B 438 -24.89 -29.35 -34.73
N PHE B 439 -25.65 -29.79 -33.72
CA PHE B 439 -25.72 -31.20 -33.38
C PHE B 439 -26.99 -31.43 -32.58
N VAL B 440 -27.36 -32.70 -32.44
CA VAL B 440 -28.53 -33.12 -31.67
C VAL B 440 -28.05 -33.90 -30.46
N ILE B 441 -28.46 -33.47 -29.27
CA ILE B 441 -28.03 -34.08 -28.02
C ILE B 441 -29.25 -34.43 -27.19
N ARG B 442 -29.06 -35.38 -26.28
CA ARG B 442 -30.09 -35.70 -25.31
C ARG B 442 -30.33 -34.50 -24.40
N GLY B 443 -31.58 -34.35 -23.97
CA GLY B 443 -31.94 -33.16 -23.20
C GLY B 443 -31.12 -33.01 -21.93
N ASP B 444 -30.83 -34.12 -21.25
CA ASP B 444 -30.05 -34.07 -20.03
C ASP B 444 -28.62 -33.60 -20.28
N GLU B 445 -28.12 -33.74 -21.50
CA GLU B 445 -26.74 -33.41 -21.82
C GLU B 445 -26.53 -31.94 -22.17
N VAL B 446 -27.59 -31.13 -22.13
CA VAL B 446 -27.46 -29.72 -22.48
C VAL B 446 -26.50 -29.03 -21.52
N ARG B 447 -26.53 -29.41 -20.24
CA ARG B 447 -25.66 -28.77 -19.26
C ARG B 447 -24.20 -28.99 -19.61
N GLN B 448 -23.84 -30.20 -20.02
CA GLN B 448 -22.44 -30.50 -20.35
C GLN B 448 -21.92 -29.63 -21.48
N ILE B 449 -22.81 -29.02 -22.27
CA ILE B 449 -22.37 -28.19 -23.39
C ILE B 449 -21.66 -26.95 -22.88
N ALA B 450 -22.09 -26.41 -21.75
CA ALA B 450 -21.53 -25.16 -21.25
C ALA B 450 -20.05 -25.33 -20.96
N PRO B 451 -19.26 -24.26 -21.05
CA PRO B 451 -17.82 -24.38 -20.86
C PRO B 451 -17.46 -24.77 -19.44
N GLY B 452 -16.34 -25.47 -19.30
CA GLY B 452 -15.86 -25.89 -18.00
C GLY B 452 -16.57 -27.09 -17.41
N GLN B 453 -17.39 -27.79 -18.19
CA GLN B 453 -18.11 -28.95 -17.72
C GLN B 453 -17.27 -30.20 -17.95
N THR B 454 -17.87 -31.37 -17.70
CA THR B 454 -17.19 -32.64 -17.94
C THR B 454 -18.25 -33.73 -18.06
N GLY B 455 -17.79 -34.91 -18.45
CA GLY B 455 -18.65 -36.06 -18.67
C GLY B 455 -18.27 -36.79 -19.92
N LYS B 456 -18.99 -37.89 -20.18
CA LYS B 456 -18.71 -38.69 -21.37
C LYS B 456 -18.89 -37.86 -22.63
N ILE B 457 -19.96 -37.05 -22.69
CA ILE B 457 -20.16 -36.16 -23.84
C ILE B 457 -19.05 -35.14 -23.90
N ALA B 458 -18.75 -34.48 -22.77
CA ALA B 458 -17.75 -33.44 -22.73
C ALA B 458 -16.32 -33.97 -22.86
N ASP B 459 -16.11 -35.28 -22.74
CA ASP B 459 -14.78 -35.85 -22.76
C ASP B 459 -14.54 -36.80 -23.92
N TYR B 460 -15.54 -37.05 -24.77
CA TYR B 460 -15.34 -37.99 -25.87
C TYR B 460 -15.74 -37.41 -27.22
N ASN B 461 -16.78 -36.59 -27.30
CA ASN B 461 -17.30 -36.13 -28.58
C ASN B 461 -17.27 -34.63 -28.77
N TYR B 462 -17.65 -33.85 -27.76
CA TYR B 462 -17.76 -32.40 -27.93
C TYR B 462 -17.33 -31.71 -26.65
N LYS B 463 -16.31 -30.86 -26.73
CA LYS B 463 -15.74 -30.17 -25.59
C LYS B 463 -15.58 -28.69 -25.92
N LEU B 464 -16.08 -27.82 -25.03
CA LEU B 464 -15.91 -26.39 -25.19
C LEU B 464 -14.68 -25.92 -24.42
N PRO B 465 -14.10 -24.79 -24.82
CA PRO B 465 -12.96 -24.24 -24.09
C PRO B 465 -13.39 -23.52 -22.82
N ASP B 466 -12.43 -23.38 -21.91
CA ASP B 466 -12.71 -22.69 -20.64
C ASP B 466 -13.08 -21.23 -20.88
N ASP B 467 -12.38 -20.57 -21.82
CA ASP B 467 -12.58 -19.15 -22.10
C ASP B 467 -13.55 -18.92 -23.24
N PHE B 468 -14.54 -19.80 -23.42
CA PHE B 468 -15.45 -19.69 -24.54
C PHE B 468 -16.18 -18.34 -24.51
N THR B 469 -16.28 -17.72 -25.68
CA THR B 469 -17.07 -16.51 -25.87
C THR B 469 -18.00 -16.73 -27.05
N GLY B 470 -19.29 -16.51 -26.84
CA GLY B 470 -20.29 -16.73 -27.86
C GLY B 470 -21.63 -17.02 -27.22
N CYS B 471 -22.56 -17.47 -28.07
CA CYS B 471 -23.91 -17.78 -27.64
C CYS B 471 -24.28 -19.19 -28.05
N VAL B 472 -24.91 -19.93 -27.14
CA VAL B 472 -25.38 -21.28 -27.37
C VAL B 472 -26.89 -21.26 -27.43
N ILE B 473 -27.46 -21.88 -28.46
CA ILE B 473 -28.90 -21.88 -28.70
C ILE B 473 -29.35 -23.32 -28.86
N ALA B 474 -30.43 -23.69 -28.17
CA ALA B 474 -30.96 -25.04 -28.21
C ALA B 474 -32.49 -24.99 -28.18
N TRP B 475 -33.10 -26.04 -28.71
CA TRP B 475 -34.55 -26.17 -28.72
C TRP B 475 -34.92 -27.62 -28.96
N ASN B 476 -35.93 -28.11 -28.23
CA ASN B 476 -36.38 -29.47 -28.41
C ASN B 476 -36.92 -29.68 -29.82
N SER B 477 -36.55 -30.80 -30.42
CA SER B 477 -37.00 -31.19 -31.76
C SER B 477 -37.54 -32.61 -31.74
N ASN B 478 -38.28 -32.95 -30.68
CA ASN B 478 -38.83 -34.31 -30.57
C ASN B 478 -39.81 -34.60 -31.70
N ASN B 479 -40.68 -33.64 -32.01
CA ASN B 479 -41.68 -33.86 -33.05
C ASN B 479 -41.07 -34.05 -34.43
N LEU B 480 -39.82 -33.64 -34.61
CA LEU B 480 -39.14 -33.79 -35.90
C LEU B 480 -37.95 -34.73 -35.86
N ASP B 481 -37.37 -34.97 -34.67
CA ASP B 481 -36.19 -35.82 -34.55
C ASP B 481 -36.40 -36.96 -33.57
N SER B 482 -37.64 -37.38 -33.33
CA SER B 482 -37.94 -38.52 -32.46
C SER B 482 -38.91 -39.46 -33.17
N LYS B 483 -38.38 -40.57 -33.69
CA LYS B 483 -39.21 -41.57 -34.36
C LYS B 483 -39.94 -42.44 -33.34
N VAL B 484 -41.08 -42.98 -33.76
CA VAL B 484 -41.87 -43.83 -32.87
C VAL B 484 -41.09 -45.07 -32.48
N GLY B 485 -40.43 -45.70 -33.43
CA GLY B 485 -39.65 -46.90 -33.18
C GLY B 485 -38.26 -46.64 -32.63
N GLY B 486 -37.89 -45.39 -32.43
CA GLY B 486 -36.57 -45.06 -31.93
C GLY B 486 -35.70 -44.43 -32.99
N ASN B 487 -35.32 -43.16 -32.79
CA ASN B 487 -34.49 -42.44 -33.74
C ASN B 487 -33.02 -42.72 -33.40
N TYR B 488 -32.58 -43.91 -33.79
CA TYR B 488 -31.21 -44.35 -33.59
C TYR B 488 -30.23 -43.71 -34.56
N ASN B 489 -30.73 -42.90 -35.51
CA ASN B 489 -29.84 -42.23 -36.45
C ASN B 489 -28.81 -41.37 -35.73
N TYR B 490 -29.15 -40.86 -34.56
CA TYR B 490 -28.26 -40.01 -33.77
C TYR B 490 -27.55 -40.86 -32.72
N LEU B 491 -26.22 -40.81 -32.74
CA LEU B 491 -25.39 -41.55 -31.82
C LEU B 491 -24.35 -40.61 -31.21
N TYR B 492 -23.61 -41.14 -30.23
CA TYR B 492 -22.54 -40.40 -29.58
C TYR B 492 -21.40 -41.37 -29.28
N ARG B 493 -20.24 -40.81 -28.96
CA ARG B 493 -19.06 -41.61 -28.65
C ARG B 493 -18.99 -41.86 -27.16
N LEU B 494 -19.10 -43.14 -26.77
CA LEU B 494 -19.03 -43.54 -25.37
C LEU B 494 -17.67 -44.09 -24.96
N PHE B 495 -16.85 -44.55 -25.91
CA PHE B 495 -15.55 -45.15 -25.60
C PHE B 495 -14.48 -44.44 -26.39
N ARG B 496 -13.40 -44.06 -25.71
CA ARG B 496 -12.28 -43.38 -26.35
C ARG B 496 -11.02 -43.63 -25.54
N LYS B 497 -9.89 -43.81 -26.24
CA LYS B 497 -8.63 -44.06 -25.56
C LYS B 497 -8.19 -42.86 -24.73
N SER B 498 -8.47 -41.65 -25.20
CA SER B 498 -8.10 -40.45 -24.47
C SER B 498 -9.16 -39.38 -24.70
N ASN B 499 -9.25 -38.44 -23.76
CA ASN B 499 -10.21 -37.36 -23.88
C ASN B 499 -9.84 -36.45 -25.04
N LEU B 500 -10.86 -36.06 -25.82
CA LEU B 500 -10.63 -35.20 -26.96
C LEU B 500 -10.36 -33.77 -26.53
N LYS B 501 -9.53 -33.08 -27.31
CA LYS B 501 -9.26 -31.67 -27.07
C LYS B 501 -10.48 -30.84 -27.42
N PRO B 502 -10.59 -29.62 -26.88
CA PRO B 502 -11.76 -28.79 -27.19
C PRO B 502 -11.90 -28.57 -28.69
N PHE B 503 -13.15 -28.58 -29.15
CA PHE B 503 -13.46 -28.41 -30.57
C PHE B 503 -12.74 -29.47 -31.41
N GLU B 504 -12.77 -30.72 -30.96
CA GLU B 504 -12.18 -31.83 -31.67
C GLU B 504 -13.27 -32.77 -32.15
N ARG B 505 -13.10 -33.31 -33.36
CA ARG B 505 -14.07 -34.19 -33.99
C ARG B 505 -13.48 -35.58 -34.11
N ASP B 506 -14.21 -36.58 -33.59
CA ASP B 506 -13.78 -37.97 -33.61
C ASP B 506 -14.82 -38.77 -34.38
N ILE B 507 -14.61 -38.89 -35.69
CA ILE B 507 -15.50 -39.68 -36.54
C ILE B 507 -15.05 -41.14 -36.65
N SER B 508 -13.84 -41.46 -36.22
CA SER B 508 -13.31 -42.80 -36.38
C SER B 508 -14.14 -43.81 -35.62
N THR B 509 -13.97 -45.09 -35.97
CA THR B 509 -14.65 -46.20 -35.35
C THR B 509 -13.67 -47.11 -34.64
N GLU B 510 -12.69 -46.52 -33.95
CA GLU B 510 -11.65 -47.29 -33.28
C GLU B 510 -12.24 -48.07 -32.12
N ILE B 511 -12.13 -49.39 -32.18
CA ILE B 511 -12.59 -50.24 -31.08
C ILE B 511 -11.74 -49.94 -29.85
N TYR B 512 -12.41 -49.77 -28.70
CA TYR B 512 -11.75 -49.41 -27.46
C TYR B 512 -11.57 -50.63 -26.57
N GLN B 513 -10.52 -50.58 -25.75
CA GLN B 513 -10.17 -51.65 -24.82
C GLN B 513 -10.65 -51.34 -23.40
N ALA B 514 -11.85 -50.76 -23.27
CA ALA B 514 -12.40 -50.41 -21.97
C ALA B 514 -12.11 -51.48 -20.92
N GLY B 515 -12.45 -52.73 -21.22
CA GLY B 515 -12.11 -53.81 -20.32
C GLY B 515 -10.61 -54.00 -20.21
N SER B 516 -10.16 -54.38 -19.01
CA SER B 516 -8.74 -54.58 -18.78
C SER B 516 -8.16 -55.65 -19.69
N THR B 517 -8.99 -56.55 -20.21
CA THR B 517 -8.51 -57.58 -21.12
C THR B 517 -8.33 -57.00 -22.51
N PRO B 518 -7.11 -57.03 -23.08
CA PRO B 518 -6.95 -56.51 -24.44
C PRO B 518 -7.76 -57.30 -25.45
N CYS B 519 -8.24 -56.62 -26.48
CA CYS B 519 -8.97 -57.21 -27.59
C CYS B 519 -8.16 -57.07 -28.87
N ASN B 520 -8.67 -57.66 -29.94
CA ASN B 520 -8.00 -57.65 -31.23
C ASN B 520 -8.95 -57.20 -32.34
N VAL B 522 -15.02 -59.38 -30.92
CA VAL B 522 -14.43 -58.24 -30.23
C VAL B 522 -15.53 -57.26 -29.80
N GLU B 523 -16.67 -57.81 -29.40
CA GLU B 523 -17.80 -57.01 -28.95
C GLU B 523 -18.44 -57.70 -27.76
N GLY B 524 -19.50 -57.09 -27.24
CA GLY B 524 -20.23 -57.66 -26.12
C GLY B 524 -19.71 -57.18 -24.78
N PHE B 525 -18.50 -57.60 -24.42
CA PHE B 525 -17.92 -57.27 -23.11
C PHE B 525 -16.43 -57.00 -23.27
N ASN B 526 -15.92 -56.11 -22.42
CA ASN B 526 -14.51 -55.77 -22.25
C ASN B 526 -13.91 -55.02 -23.43
N CYS B 527 -14.65 -54.87 -24.53
CA CYS B 527 -14.25 -53.98 -25.62
C CYS B 527 -15.44 -53.77 -26.55
N TYR B 528 -15.75 -52.52 -26.88
CA TYR B 528 -17.01 -52.18 -27.52
C TYR B 528 -16.78 -51.21 -28.66
N PHE B 529 -17.79 -51.10 -29.53
CA PHE B 529 -17.77 -50.11 -30.59
C PHE B 529 -17.76 -48.71 -29.97
N PRO B 530 -16.92 -47.79 -30.46
CA PRO B 530 -16.80 -46.49 -29.78
C PRO B 530 -18.11 -45.72 -29.69
N LEU B 531 -18.96 -45.81 -30.71
CA LEU B 531 -20.19 -45.02 -30.76
C LEU B 531 -21.33 -45.75 -30.06
N GLN B 532 -22.29 -44.97 -29.56
CA GLN B 532 -23.47 -45.50 -28.92
C GLN B 532 -24.69 -44.69 -29.38
N SER B 533 -25.76 -45.40 -29.71
CA SER B 533 -26.94 -44.77 -30.28
C SER B 533 -27.82 -44.16 -29.20
N TYR B 534 -28.81 -43.39 -29.65
CA TYR B 534 -29.79 -42.76 -28.78
C TYR B 534 -31.17 -43.36 -29.03
N GLY B 535 -31.91 -43.59 -27.95
CA GLY B 535 -33.27 -44.09 -28.06
C GLY B 535 -34.29 -42.97 -28.09
N PHE B 536 -34.16 -42.06 -29.05
CA PHE B 536 -35.08 -40.94 -29.15
C PHE B 536 -36.44 -41.42 -29.63
N GLN B 537 -37.41 -41.46 -28.73
CA GLN B 537 -38.77 -41.84 -29.04
C GLN B 537 -39.74 -40.81 -28.47
N PRO B 538 -40.88 -40.59 -29.13
CA PRO B 538 -41.84 -39.62 -28.58
C PRO B 538 -42.36 -39.99 -27.20
N THR B 539 -42.41 -41.29 -26.89
CA THR B 539 -42.86 -41.72 -25.57
C THR B 539 -41.81 -41.46 -24.49
N ASN B 540 -40.57 -41.19 -24.88
CA ASN B 540 -39.53 -40.93 -23.89
C ASN B 540 -39.84 -39.66 -23.12
N GLY B 541 -39.49 -39.65 -21.84
CA GLY B 541 -39.77 -38.51 -21.00
C GLY B 541 -38.87 -37.32 -21.32
N VAL B 542 -39.23 -36.18 -20.74
CA VAL B 542 -38.45 -34.97 -20.95
C VAL B 542 -37.02 -35.18 -20.46
N GLY B 543 -36.07 -34.69 -21.25
CA GLY B 543 -34.67 -34.91 -20.97
C GLY B 543 -34.07 -35.97 -21.86
N TYR B 544 -34.83 -37.05 -22.08
CA TYR B 544 -34.45 -38.07 -23.04
C TYR B 544 -34.83 -37.71 -24.46
N GLN B 545 -35.67 -36.69 -24.65
CA GLN B 545 -36.05 -36.29 -25.98
C GLN B 545 -34.87 -35.63 -26.70
N PRO B 546 -34.80 -35.76 -28.02
CA PRO B 546 -33.74 -35.10 -28.77
C PRO B 546 -33.87 -33.59 -28.72
N TYR B 547 -32.73 -32.91 -28.73
CA TYR B 547 -32.66 -31.45 -28.72
C TYR B 547 -31.72 -30.99 -29.81
N ARG B 548 -32.17 -30.03 -30.61
CA ARG B 548 -31.33 -29.43 -31.65
C ARG B 548 -30.61 -28.23 -31.05
N VAL B 549 -29.29 -28.23 -31.16
CA VAL B 549 -28.43 -27.21 -30.54
C VAL B 549 -27.55 -26.60 -31.62
N VAL B 550 -27.51 -25.27 -31.64
CA VAL B 550 -26.61 -24.51 -32.51
C VAL B 550 -25.82 -23.54 -31.63
N VAL B 551 -24.50 -23.53 -31.80
CA VAL B 551 -23.62 -22.74 -30.95
C VAL B 551 -22.73 -21.90 -31.84
N LEU B 552 -22.58 -20.63 -31.48
CA LEU B 552 -21.70 -19.70 -32.19
C LEU B 552 -20.46 -19.44 -31.34
N SER B 553 -19.28 -19.61 -31.96
CA SER B 553 -18.03 -19.52 -31.22
C SER B 553 -17.09 -18.50 -31.86
N PHE B 554 -17.61 -17.32 -32.18
CA PHE B 554 -16.82 -16.28 -32.81
C PHE B 554 -15.74 -15.76 -31.87
N GLU B 555 -14.72 -15.13 -32.47
CA GLU B 555 -13.65 -14.48 -31.75
C GLU B 555 -13.74 -12.98 -31.98
N LEU B 556 -13.35 -12.21 -30.96
CA LEU B 556 -13.73 -10.81 -30.86
C LEU B 556 -12.52 -9.89 -30.89
N LEU B 557 -12.60 -8.84 -31.71
CA LEU B 557 -11.74 -7.67 -31.61
C LEU B 557 -10.26 -8.04 -31.60
N HIS B 558 -9.85 -8.82 -32.60
CA HIS B 558 -8.43 -9.15 -32.76
C HIS B 558 -7.94 -9.08 -34.20
N ALA B 559 -8.83 -9.05 -35.20
CA ALA B 559 -8.43 -9.12 -36.60
C ALA B 559 -9.39 -8.27 -37.41
N PRO B 560 -9.05 -7.93 -38.66
CA PRO B 560 -10.00 -7.21 -39.50
C PRO B 560 -11.35 -7.89 -39.54
N ALA B 561 -12.36 -7.23 -38.97
CA ALA B 561 -13.67 -7.85 -38.84
C ALA B 561 -14.31 -8.04 -40.21
N THR B 562 -15.10 -9.09 -40.33
CA THR B 562 -15.75 -9.44 -41.59
C THR B 562 -17.28 -9.42 -41.50
N VAL B 563 -17.84 -9.89 -40.40
CA VAL B 563 -19.29 -9.94 -40.21
C VAL B 563 -19.65 -8.96 -39.09
N CYS B 564 -20.42 -7.93 -39.44
CA CYS B 564 -20.92 -6.95 -38.49
C CYS B 564 -22.43 -7.11 -38.35
N GLY B 565 -23.03 -6.21 -37.56
CA GLY B 565 -24.45 -6.18 -37.40
C GLY B 565 -25.10 -5.22 -38.37
N PRO B 566 -26.44 -5.20 -38.41
CA PRO B 566 -27.17 -4.31 -39.31
C PRO B 566 -27.21 -2.86 -38.83
N LYS B 567 -26.03 -2.33 -38.51
CA LYS B 567 -25.90 -0.95 -38.03
C LYS B 567 -25.38 -0.09 -39.16
N LYS B 568 -26.20 0.86 -39.60
CA LYS B 568 -25.85 1.71 -40.74
C LYS B 568 -24.65 2.58 -40.39
N SER B 569 -23.67 2.62 -41.30
CA SER B 569 -22.48 3.43 -41.10
C SER B 569 -22.77 4.89 -41.43
N THR B 570 -22.21 5.79 -40.63
CA THR B 570 -22.42 7.22 -40.81
C THR B 570 -21.24 7.84 -41.55
N ASN B 571 -21.31 9.15 -41.73
CA ASN B 571 -20.26 9.87 -42.44
C ASN B 571 -19.01 9.98 -41.57
N LEU B 572 -17.88 10.30 -42.22
CA LEU B 572 -16.59 10.41 -41.56
C LEU B 572 -16.23 11.88 -41.43
N VAL B 573 -15.98 12.32 -40.20
CA VAL B 573 -15.60 13.71 -39.91
C VAL B 573 -14.36 13.67 -39.03
N LYS B 574 -13.39 14.52 -39.35
CA LYS B 574 -12.10 14.54 -38.67
C LYS B 574 -11.83 15.93 -38.10
N ASN B 575 -10.71 16.04 -37.39
CA ASN B 575 -10.26 17.28 -36.75
C ASN B 575 -11.27 17.77 -35.71
N LYS B 576 -12.12 16.88 -35.21
CA LYS B 576 -13.11 17.24 -34.21
C LYS B 576 -13.16 16.16 -33.14
N CYS B 577 -13.28 16.57 -31.88
CA CYS B 577 -13.48 15.62 -30.80
C CYS B 577 -14.82 14.92 -30.99
N VAL B 578 -14.79 13.62 -31.28
CA VAL B 578 -15.99 12.85 -31.59
C VAL B 578 -15.86 11.44 -31.04
N ASN B 579 -17.00 10.76 -30.94
CA ASN B 579 -17.03 9.34 -30.64
C ASN B 579 -16.96 8.56 -31.94
N PHE B 580 -16.01 7.64 -32.02
CA PHE B 580 -15.79 6.84 -33.22
C PHE B 580 -16.13 5.38 -32.93
N ASN B 581 -16.41 4.64 -33.99
CA ASN B 581 -16.73 3.21 -33.88
C ASN B 581 -16.29 2.55 -35.19
N PHE B 582 -15.12 1.94 -35.17
CA PHE B 582 -14.55 1.27 -36.34
C PHE B 582 -14.67 -0.24 -36.13
N ASN B 583 -15.71 -0.83 -36.71
CA ASN B 583 -15.94 -2.28 -36.60
C ASN B 583 -16.05 -2.70 -35.15
N GLY B 584 -16.82 -1.94 -34.37
CA GLY B 584 -17.02 -2.23 -32.96
C GLY B 584 -15.96 -1.69 -32.03
N LEU B 585 -14.93 -1.03 -32.55
CA LEU B 585 -13.92 -0.39 -31.70
C LEU B 585 -14.42 1.01 -31.35
N THR B 586 -15.27 1.06 -30.34
CA THR B 586 -15.78 2.34 -29.89
C THR B 586 -14.70 3.10 -29.11
N GLY B 587 -14.84 4.42 -29.09
CA GLY B 587 -13.90 5.25 -28.38
C GLY B 587 -14.20 6.72 -28.63
N THR B 588 -13.35 7.57 -28.03
CA THR B 588 -13.49 9.01 -28.13
C THR B 588 -12.13 9.63 -28.39
N GLY B 589 -12.10 10.65 -29.24
CA GLY B 589 -10.86 11.31 -29.58
C GLY B 589 -11.07 12.23 -30.76
N VAL B 590 -9.95 12.76 -31.26
CA VAL B 590 -9.94 13.64 -32.43
C VAL B 590 -9.22 12.93 -33.56
N LEU B 591 -9.91 12.76 -34.68
CA LEU B 591 -9.33 12.05 -35.82
C LEU B 591 -8.47 12.99 -36.65
N THR B 592 -7.59 12.39 -37.45
CA THR B 592 -6.70 13.14 -38.33
C THR B 592 -6.00 12.15 -39.25
N GLU B 593 -5.80 12.55 -40.50
CA GLU B 593 -5.12 11.67 -41.45
C GLU B 593 -3.69 11.40 -40.98
N SER B 594 -3.28 10.15 -41.08
CA SER B 594 -1.97 9.70 -40.61
C SER B 594 -1.12 9.28 -41.81
N ASN B 595 0.09 8.83 -41.51
CA ASN B 595 1.05 8.35 -42.49
C ASN B 595 1.72 7.08 -42.01
N LYS B 596 0.92 6.15 -41.49
CA LYS B 596 1.41 4.89 -40.97
C LYS B 596 1.00 3.78 -41.93
N LYS B 597 1.97 3.22 -42.65
CA LYS B 597 1.69 2.15 -43.60
C LYS B 597 1.13 0.94 -42.87
N PHE B 598 -0.15 0.64 -43.09
CA PHE B 598 -0.75 -0.56 -42.54
C PHE B 598 -0.62 -1.73 -43.52
N LEU B 599 -0.36 -2.91 -42.98
CA LEU B 599 -0.27 -4.11 -43.79
C LEU B 599 -1.68 -4.58 -44.13
N PRO B 600 -1.84 -5.30 -45.24
CA PRO B 600 -3.21 -5.62 -45.69
C PRO B 600 -4.06 -6.30 -44.63
N PHE B 601 -3.44 -7.06 -43.73
CA PHE B 601 -4.16 -7.77 -42.68
C PHE B 601 -4.29 -6.96 -41.40
N GLN B 602 -3.64 -5.81 -41.29
CA GLN B 602 -3.63 -5.05 -40.05
C GLN B 602 -4.54 -3.83 -40.19
N GLN B 603 -5.43 -3.67 -39.21
CA GLN B 603 -6.49 -2.67 -39.25
C GLN B 603 -6.40 -1.64 -38.14
N PHE B 604 -5.92 -2.03 -36.95
CA PHE B 604 -5.87 -1.15 -35.79
C PHE B 604 -4.43 -1.07 -35.30
N GLY B 605 -4.00 0.14 -34.93
CA GLY B 605 -2.70 0.34 -34.34
C GLY B 605 -2.79 0.78 -32.89
N ARG B 606 -2.26 -0.03 -31.97
CA ARG B 606 -2.46 0.20 -30.55
C ARG B 606 -1.27 0.90 -29.92
N ASP B 607 -1.52 1.47 -28.74
CA ASP B 607 -0.57 2.29 -28.01
C ASP B 607 0.13 1.47 -26.93
N ILE B 608 1.05 2.12 -26.22
CA ILE B 608 1.78 1.45 -25.14
C ILE B 608 0.81 0.93 -24.09
N ALA B 609 -0.22 1.72 -23.76
CA ALA B 609 -1.24 1.33 -22.80
C ALA B 609 -2.32 0.44 -23.40
N ASP B 610 -2.05 -0.19 -24.53
CA ASP B 610 -3.02 -1.07 -25.19
C ASP B 610 -4.26 -0.29 -25.64
N THR B 611 -4.03 0.93 -26.13
CA THR B 611 -5.09 1.78 -26.65
C THR B 611 -4.82 2.11 -28.11
N THR B 612 -5.87 2.07 -28.92
CA THR B 612 -5.74 2.31 -30.35
C THR B 612 -5.48 3.79 -30.61
N ASP B 613 -4.30 4.09 -31.17
CA ASP B 613 -3.91 5.45 -31.49
C ASP B 613 -3.82 5.67 -33.00
N ALA B 614 -4.32 4.74 -33.80
CA ALA B 614 -4.42 4.92 -35.25
C ALA B 614 -5.30 3.81 -35.82
N VAL B 615 -6.20 4.16 -36.73
CA VAL B 615 -7.17 3.21 -37.26
C VAL B 615 -7.21 3.34 -38.79
N ARG B 616 -7.68 2.28 -39.43
CA ARG B 616 -7.90 2.24 -40.86
C ARG B 616 -9.41 2.15 -41.11
N ASP B 617 -9.95 3.10 -41.85
CA ASP B 617 -11.40 3.17 -42.03
C ASP B 617 -11.87 1.97 -42.86
N PRO B 618 -12.85 1.22 -42.37
CA PRO B 618 -13.27 0.00 -43.11
C PRO B 618 -13.78 0.29 -44.51
N GLN B 619 -14.46 1.41 -44.72
CA GLN B 619 -15.03 1.70 -46.03
C GLN B 619 -13.95 2.17 -47.00
N THR B 620 -13.30 3.29 -46.68
CA THR B 620 -12.17 3.78 -47.45
C THR B 620 -10.88 3.36 -46.74
N LEU B 621 -10.04 2.59 -47.44
CA LEU B 621 -8.84 2.07 -46.81
C LEU B 621 -7.81 3.17 -46.62
N GLU B 622 -8.05 4.06 -45.65
CA GLU B 622 -7.16 5.15 -45.33
C GLU B 622 -6.83 5.11 -43.84
N ILE B 623 -5.64 5.59 -43.50
CA ILE B 623 -5.13 5.52 -42.14
C ILE B 623 -5.42 6.84 -41.43
N LEU B 624 -6.12 6.76 -40.31
CA LEU B 624 -6.47 7.92 -39.51
C LEU B 624 -5.62 7.94 -38.24
N ASP B 625 -5.56 9.11 -37.61
CA ASP B 625 -4.78 9.32 -36.41
C ASP B 625 -5.72 9.59 -35.24
N ILE B 626 -5.54 8.84 -34.16
CA ILE B 626 -6.40 8.93 -32.98
C ILE B 626 -5.63 9.68 -31.91
N THR B 627 -6.27 10.69 -31.31
CA THR B 627 -5.65 11.48 -30.26
C THR B 627 -6.75 11.86 -29.27
N PRO B 628 -6.55 11.65 -27.97
CA PRO B 628 -7.60 11.99 -27.01
C PRO B 628 -7.88 13.48 -26.99
N CYS B 629 -9.14 13.82 -26.75
CA CYS B 629 -9.53 15.22 -26.68
C CYS B 629 -8.82 15.90 -25.52
N SER B 630 -8.56 17.19 -25.68
CA SER B 630 -7.75 17.92 -24.72
C SER B 630 -8.39 17.88 -23.34
N PHE B 631 -7.55 17.79 -22.31
CA PHE B 631 -8.00 17.74 -20.94
C PHE B 631 -6.96 18.42 -20.07
N GLY B 632 -7.32 18.65 -18.81
CA GLY B 632 -6.39 19.22 -17.86
C GLY B 632 -7.06 19.61 -16.56
N GLY B 633 -6.26 19.83 -15.53
CA GLY B 633 -6.81 20.27 -14.27
C GLY B 633 -7.28 21.71 -14.34
N VAL B 634 -8.26 22.04 -13.51
CA VAL B 634 -8.78 23.40 -13.39
C VAL B 634 -8.44 23.90 -11.99
N SER B 635 -7.70 25.00 -11.94
CA SER B 635 -7.28 25.61 -10.68
C SER B 635 -7.94 26.98 -10.56
N VAL B 636 -8.49 27.27 -9.40
CA VAL B 636 -9.14 28.54 -9.13
C VAL B 636 -8.20 29.37 -8.26
N ILE B 637 -7.84 30.55 -8.74
CA ILE B 637 -6.95 31.46 -8.04
C ILE B 637 -7.81 32.48 -7.31
N THR B 638 -7.62 32.58 -5.99
CA THR B 638 -8.43 33.48 -5.20
C THR B 638 -7.60 34.08 -4.08
N PRO B 639 -7.77 35.37 -3.79
CA PRO B 639 -7.32 35.86 -2.48
C PRO B 639 -8.28 35.38 -1.40
N GLY B 640 -8.09 35.83 -0.16
CA GLY B 640 -9.02 35.43 0.88
C GLY B 640 -10.44 35.86 0.56
N THR B 641 -11.40 35.06 1.04
CA THR B 641 -12.80 35.41 0.81
C THR B 641 -13.13 36.75 1.42
N ASN B 642 -12.68 36.99 2.65
CA ASN B 642 -12.93 38.28 3.28
C ASN B 642 -12.15 39.41 2.63
N THR B 643 -11.17 39.10 1.78
CA THR B 643 -10.52 40.12 0.99
C THR B 643 -11.33 40.46 -0.25
N SER B 644 -11.87 39.44 -0.91
CA SER B 644 -12.67 39.63 -2.11
C SER B 644 -13.24 38.29 -2.54
N ASN B 645 -14.34 38.33 -3.29
CA ASN B 645 -14.92 37.15 -3.90
C ASN B 645 -14.53 37.01 -5.37
N GLN B 646 -13.71 37.91 -5.89
CA GLN B 646 -13.23 37.79 -7.26
C GLN B 646 -12.18 36.70 -7.35
N VAL B 647 -12.21 35.93 -8.44
CA VAL B 647 -11.30 34.81 -8.64
C VAL B 647 -10.81 34.79 -10.07
N ALA B 648 -9.73 34.05 -10.29
CA ALA B 648 -9.21 33.77 -11.62
C ALA B 648 -9.09 32.26 -11.78
N VAL B 649 -9.25 31.80 -13.01
CA VAL B 649 -9.28 30.37 -13.32
C VAL B 649 -8.11 30.04 -14.22
N LEU B 650 -7.38 28.97 -13.88
CA LEU B 650 -6.29 28.46 -14.69
C LEU B 650 -6.69 27.10 -15.24
N TYR B 651 -6.63 26.96 -16.56
CA TYR B 651 -6.84 25.67 -17.22
C TYR B 651 -5.45 25.11 -17.53
N GLN B 652 -4.99 24.20 -16.67
CA GLN B 652 -3.59 23.81 -16.69
C GLN B 652 -3.25 23.06 -17.98
N GLY B 653 -2.19 23.52 -18.63
CA GLY B 653 -1.64 22.83 -19.79
C GLY B 653 -2.56 22.76 -21.00
N VAL B 654 -3.22 23.87 -21.35
CA VAL B 654 -4.13 23.89 -22.49
C VAL B 654 -3.93 25.14 -23.32
N ASN B 655 -3.73 24.95 -24.62
CA ASN B 655 -4.01 25.99 -25.60
C ASN B 655 -5.22 26.80 -25.15
N CYS B 656 -5.04 28.11 -25.05
CA CYS B 656 -6.18 28.97 -24.70
C CYS B 656 -7.24 28.94 -25.79
N THR B 657 -6.81 28.89 -27.05
CA THR B 657 -7.78 28.83 -28.14
C THR B 657 -8.69 27.61 -28.02
N GLU B 658 -8.26 26.59 -27.28
CA GLU B 658 -9.06 25.39 -27.10
C GLU B 658 -10.14 25.54 -26.03
N VAL B 659 -10.15 26.63 -25.28
CA VAL B 659 -11.22 26.87 -24.31
C VAL B 659 -12.42 27.44 -25.06
N PRO B 660 -12.26 28.45 -25.92
CA PRO B 660 -13.39 28.83 -26.80
C PRO B 660 -13.88 27.67 -27.65
N VAL B 661 -12.97 26.82 -28.12
CA VAL B 661 -13.38 25.63 -28.85
C VAL B 661 -14.25 24.74 -27.98
N ALA B 662 -14.06 24.81 -26.66
CA ALA B 662 -14.88 24.09 -25.70
C ALA B 662 -16.08 24.90 -25.23
N ILE B 663 -16.55 25.84 -26.05
CA ILE B 663 -17.70 26.67 -25.72
C ILE B 663 -18.88 25.79 -25.33
N THR B 671 -19.20 23.24 -15.99
CA THR B 671 -20.38 23.67 -16.72
C THR B 671 -20.49 25.20 -16.73
N TRP B 672 -19.86 25.85 -15.75
CA TRP B 672 -19.86 27.31 -15.68
C TRP B 672 -19.01 27.84 -16.83
N ARG B 673 -19.67 28.32 -17.89
CA ARG B 673 -18.99 28.84 -19.06
C ARG B 673 -19.02 30.36 -19.11
N VAL B 674 -19.40 31.02 -18.02
CA VAL B 674 -19.46 32.48 -18.02
C VAL B 674 -18.09 33.07 -18.26
N TYR B 675 -17.04 32.44 -17.71
CA TYR B 675 -15.69 32.96 -17.87
C TYR B 675 -15.18 32.86 -19.30
N SER B 676 -15.84 32.10 -20.16
CA SER B 676 -15.41 31.99 -21.56
C SER B 676 -15.57 33.28 -22.33
N THR B 677 -16.28 34.28 -21.78
CA THR B 677 -16.44 35.55 -22.48
C THR B 677 -15.08 36.15 -22.84
N GLY B 678 -14.14 36.12 -21.90
CA GLY B 678 -12.79 36.55 -22.19
C GLY B 678 -12.56 38.03 -21.99
N SER B 679 -11.80 38.63 -22.91
CA SER B 679 -11.33 40.01 -22.88
C SER B 679 -10.15 40.17 -21.93
N ASN B 680 -9.84 39.17 -21.09
CA ASN B 680 -8.63 39.21 -20.27
C ASN B 680 -7.95 37.84 -20.22
N VAL B 681 -8.09 37.03 -21.27
CA VAL B 681 -7.46 35.71 -21.28
C VAL B 681 -5.97 35.86 -21.51
N PHE B 682 -5.18 35.19 -20.68
CA PHE B 682 -3.73 35.23 -20.75
C PHE B 682 -3.21 33.82 -20.95
N GLN B 683 -2.38 33.63 -21.98
CA GLN B 683 -1.81 32.32 -22.28
C GLN B 683 -0.42 32.24 -21.65
N THR B 684 -0.30 31.42 -20.62
CA THR B 684 0.97 31.19 -19.93
C THR B 684 1.49 29.80 -20.30
N ARG B 685 2.73 29.54 -19.89
CA ARG B 685 3.30 28.22 -20.09
C ARG B 685 2.65 27.16 -19.22
N ALA B 686 1.84 27.55 -18.25
CA ALA B 686 1.14 26.63 -17.37
C ALA B 686 -0.32 26.44 -17.77
N GLY B 687 -0.70 26.90 -18.96
CA GLY B 687 -2.09 26.89 -19.39
C GLY B 687 -2.63 28.30 -19.49
N CYS B 688 -3.88 28.39 -19.94
CA CYS B 688 -4.51 29.70 -20.06
C CYS B 688 -5.07 30.16 -18.72
N LEU B 689 -4.83 31.42 -18.41
CA LEU B 689 -5.31 32.06 -17.21
C LEU B 689 -6.44 33.02 -17.58
N ILE B 690 -7.58 32.86 -16.91
CA ILE B 690 -8.78 33.64 -17.20
C ILE B 690 -9.18 34.39 -15.95
N GLY B 691 -9.52 35.67 -16.10
CA GLY B 691 -9.91 36.50 -14.98
C GLY B 691 -8.78 37.24 -14.31
N ALA B 692 -7.58 37.21 -14.88
CA ALA B 692 -6.43 37.91 -14.34
C ALA B 692 -5.88 38.87 -15.38
N GLU B 693 -5.55 40.08 -14.96
CA GLU B 693 -5.00 41.09 -15.85
C GLU B 693 -3.49 40.93 -15.92
N HIS B 694 -2.97 40.76 -17.13
CA HIS B 694 -1.53 40.62 -17.31
C HIS B 694 -0.87 41.99 -17.28
N VAL B 695 0.10 42.16 -16.39
CA VAL B 695 0.83 43.41 -16.26
C VAL B 695 2.27 43.18 -16.66
N ASN B 696 2.93 44.28 -16.99
CA ASN B 696 4.28 44.26 -17.54
C ASN B 696 5.32 44.46 -16.45
N ASN B 697 4.87 44.76 -15.24
CA ASN B 697 5.69 44.95 -14.05
C ASN B 697 5.95 43.61 -13.39
N SER B 698 7.00 43.58 -12.56
CA SER B 698 7.37 42.39 -11.80
C SER B 698 7.33 42.70 -10.32
N TYR B 699 6.71 41.82 -9.55
CA TYR B 699 6.62 41.95 -8.10
C TYR B 699 7.06 40.64 -7.46
N GLU B 700 7.17 40.66 -6.14
CA GLU B 700 7.42 39.43 -5.40
C GLU B 700 6.27 38.48 -5.60
N CYS B 701 6.59 37.19 -5.80
CA CYS B 701 5.56 36.21 -6.04
C CYS B 701 4.59 36.14 -4.88
N ASP B 702 3.29 36.14 -5.20
CA ASP B 702 2.23 36.11 -4.20
C ASP B 702 1.45 34.81 -4.25
N ILE B 703 0.89 34.47 -5.41
CA ILE B 703 0.20 33.20 -5.61
C ILE B 703 0.88 32.49 -6.77
N PRO B 704 1.59 31.38 -6.54
CA PRO B 704 2.34 30.76 -7.64
C PRO B 704 1.42 30.10 -8.65
N ILE B 705 1.62 30.47 -9.92
CA ILE B 705 0.91 29.84 -11.02
C ILE B 705 1.80 28.82 -11.73
N GLY B 706 3.05 29.17 -11.99
CA GLY B 706 3.99 28.26 -12.60
C GLY B 706 4.75 28.89 -13.75
N ALA B 707 5.92 28.34 -14.07
CA ALA B 707 6.75 28.85 -15.15
C ALA B 707 7.07 30.33 -14.95
N GLY B 708 7.32 30.71 -13.71
CA GLY B 708 7.70 32.07 -13.40
C GLY B 708 6.58 33.06 -13.30
N ILE B 709 5.32 32.63 -13.46
CA ILE B 709 4.17 33.51 -13.40
C ILE B 709 3.53 33.39 -12.03
N CYS B 710 3.23 34.52 -11.41
CA CYS B 710 2.51 34.56 -10.15
C CYS B 710 1.38 35.57 -10.26
N ALA B 711 0.34 35.37 -9.45
CA ALA B 711 -0.84 36.22 -9.45
C ALA B 711 -1.00 36.89 -8.10
N SER B 712 -1.49 38.13 -8.11
CA SER B 712 -1.70 38.88 -6.89
C SER B 712 -2.96 39.73 -7.03
N TYR B 713 -3.53 40.08 -5.89
CA TYR B 713 -4.72 40.92 -5.82
C TYR B 713 -4.29 42.31 -5.37
N GLN B 714 -4.32 43.27 -6.29
CA GLN B 714 -3.87 44.62 -6.01
C GLN B 714 -4.81 45.61 -6.69
N THR B 715 -4.62 46.88 -6.37
CA THR B 715 -5.44 47.95 -6.93
C THR B 715 -5.36 47.97 -8.45
N SER B 728 -11.72 49.02 -8.41
CA SER B 728 -10.34 49.40 -8.66
C SER B 728 -9.41 48.21 -8.44
N GLN B 729 -9.79 47.33 -7.53
CA GLN B 729 -9.01 46.12 -7.29
C GLN B 729 -9.26 45.10 -8.41
N SER B 730 -8.30 44.21 -8.59
CA SER B 730 -8.42 43.16 -9.59
C SER B 730 -7.30 42.15 -9.36
N ILE B 731 -7.45 40.99 -9.99
CA ILE B 731 -6.41 39.97 -9.99
C ILE B 731 -5.47 40.24 -11.15
N ILE B 732 -4.17 40.32 -10.87
CA ILE B 732 -3.17 40.56 -11.89
C ILE B 732 -2.27 39.34 -12.01
N ALA B 733 -1.70 39.16 -13.20
CA ALA B 733 -0.73 38.11 -13.45
C ALA B 733 0.57 38.76 -13.93
N TYR B 734 1.69 38.33 -13.36
CA TYR B 734 2.97 38.96 -13.64
C TYR B 734 4.08 37.93 -13.54
N THR B 735 5.21 38.25 -14.14
CA THR B 735 6.43 37.47 -13.94
C THR B 735 7.05 37.84 -12.60
N MET B 736 7.28 36.84 -11.76
CA MET B 736 7.79 37.12 -10.42
C MET B 736 9.19 37.74 -10.50
N SER B 737 9.46 38.63 -9.55
CA SER B 737 10.76 39.29 -9.45
C SER B 737 11.61 38.55 -8.42
N LEU B 738 12.86 38.26 -8.79
CA LEU B 738 13.75 37.55 -7.89
C LEU B 738 14.29 38.44 -6.78
N GLY B 739 14.41 39.74 -7.03
CA GLY B 739 14.91 40.65 -6.04
C GLY B 739 15.39 41.94 -6.67
N ALA B 740 15.83 42.84 -5.80
CA ALA B 740 16.31 44.14 -6.25
C ALA B 740 17.68 44.00 -6.89
N GLU B 741 17.85 44.63 -8.05
CA GLU B 741 19.15 44.63 -8.71
C GLU B 741 20.16 45.41 -7.88
N ASN B 742 21.39 44.93 -7.84
CA ASN B 742 22.44 45.57 -7.05
C ASN B 742 23.78 45.30 -7.69
N SER B 743 24.56 46.36 -7.90
CA SER B 743 25.92 46.26 -8.40
C SER B 743 26.86 46.66 -7.28
N VAL B 744 27.63 45.70 -6.79
CA VAL B 744 28.60 45.97 -5.74
C VAL B 744 29.71 46.84 -6.30
N ALA B 745 30.08 47.89 -5.57
CA ALA B 745 31.12 48.81 -6.02
C ALA B 745 32.50 48.17 -5.85
N TYR B 746 32.70 47.08 -6.57
CA TYR B 746 33.95 46.35 -6.47
C TYR B 746 35.08 47.10 -7.17
N SER B 747 36.27 47.00 -6.59
CA SER B 747 37.48 47.56 -7.16
C SER B 747 38.66 46.80 -6.57
N ASN B 748 39.81 46.94 -7.21
CA ASN B 748 40.99 46.20 -6.75
C ASN B 748 41.63 46.83 -5.52
N ASN B 749 41.20 48.03 -5.10
CA ASN B 749 41.76 48.63 -3.90
C ASN B 749 40.70 49.33 -3.05
N SER B 750 39.45 48.86 -3.10
CA SER B 750 38.36 49.46 -2.36
C SER B 750 37.75 48.42 -1.42
N ILE B 751 37.52 48.81 -0.18
CA ILE B 751 36.93 47.92 0.82
C ILE B 751 35.86 48.70 1.58
N ALA B 752 34.78 48.00 1.93
CA ALA B 752 33.71 48.55 2.75
C ALA B 752 33.77 47.91 4.13
N ILE B 753 33.74 48.72 5.17
CA ILE B 753 33.85 48.22 6.54
C ILE B 753 32.71 48.78 7.37
N PRO B 754 31.98 47.94 8.11
CA PRO B 754 30.88 48.45 8.95
C PRO B 754 31.40 49.31 10.09
N THR B 755 30.67 50.39 10.35
CA THR B 755 30.96 51.31 11.44
C THR B 755 29.97 51.19 12.59
N ASN B 756 28.94 50.37 12.41
CA ASN B 756 27.92 50.11 13.42
C ASN B 756 27.56 48.63 13.37
N PHE B 757 26.50 48.27 14.08
CA PHE B 757 25.96 46.92 14.04
C PHE B 757 24.55 46.98 14.60
N THR B 758 23.78 45.93 14.30
CA THR B 758 22.47 45.74 14.90
C THR B 758 22.38 44.32 15.44
N ILE B 759 21.83 44.19 16.64
CA ILE B 759 21.57 42.88 17.23
C ILE B 759 20.17 42.48 16.80
N SER B 760 20.07 41.45 15.98
CA SER B 760 18.80 40.96 15.48
C SER B 760 18.45 39.65 16.16
N VAL B 761 17.19 39.52 16.56
CA VAL B 761 16.66 38.29 17.14
C VAL B 761 15.60 37.76 16.19
N THR B 762 15.83 36.58 15.64
CA THR B 762 14.91 35.95 14.71
C THR B 762 14.47 34.61 15.26
N THR B 763 13.28 34.19 14.87
CA THR B 763 12.65 32.98 15.37
C THR B 763 12.71 31.88 14.32
N GLU B 764 12.90 30.65 14.77
CA GLU B 764 12.86 29.49 13.90
C GLU B 764 12.01 28.41 14.55
N ILE B 765 11.01 27.92 13.82
CA ILE B 765 10.05 26.95 14.33
C ILE B 765 10.34 25.60 13.66
N LEU B 766 10.43 24.55 14.47
CA LEU B 766 10.71 23.21 13.98
C LEU B 766 9.72 22.23 14.59
N PRO B 767 8.98 21.47 13.79
CA PRO B 767 8.20 20.37 14.36
C PRO B 767 9.11 19.33 15.01
N VAL B 768 8.65 18.78 16.13
CA VAL B 768 9.41 17.81 16.90
C VAL B 768 8.70 16.47 16.99
N SER B 769 7.40 16.48 17.25
CA SER B 769 6.63 15.26 17.39
C SER B 769 5.24 15.49 16.80
N MET B 770 4.51 14.38 16.61
CA MET B 770 3.12 14.44 16.17
C MET B 770 2.29 13.60 17.13
N THR B 771 0.97 13.71 17.00
CA THR B 771 0.07 13.05 17.93
C THR B 771 0.28 11.55 17.89
N LYS B 772 0.38 10.94 19.06
CA LYS B 772 0.48 9.49 19.18
C LYS B 772 -0.89 8.88 18.96
N THR B 773 -1.04 8.10 17.89
CA THR B 773 -2.31 7.51 17.52
C THR B 773 -2.17 5.99 17.51
N SER B 774 -3.18 5.32 18.04
CA SER B 774 -3.27 3.87 18.03
C SER B 774 -4.62 3.46 17.47
N VAL B 775 -4.62 2.42 16.66
CA VAL B 775 -5.83 1.93 16.00
C VAL B 775 -5.97 0.46 16.29
N ASP B 776 -7.14 0.06 16.81
CA ASP B 776 -7.45 -1.35 17.00
C ASP B 776 -7.91 -1.90 15.66
N CYS B 777 -7.03 -2.64 15.00
CA CYS B 777 -7.31 -3.08 13.63
C CYS B 777 -8.59 -3.90 13.57
N THR B 778 -8.78 -4.83 14.51
CA THR B 778 -9.97 -5.66 14.49
C THR B 778 -11.23 -4.84 14.69
N MET B 779 -11.20 -3.87 15.62
CA MET B 779 -12.40 -3.10 15.91
C MET B 779 -12.73 -2.12 14.79
N TYR B 780 -11.73 -1.56 14.14
CA TYR B 780 -11.99 -0.68 13.01
C TYR B 780 -12.64 -1.43 11.85
N ILE B 781 -12.09 -2.59 11.51
CA ILE B 781 -12.62 -3.36 10.39
C ILE B 781 -13.93 -4.05 10.77
N CYS B 782 -13.96 -4.67 11.94
CA CYS B 782 -15.09 -5.49 12.38
C CYS B 782 -15.54 -4.97 13.74
N GLY B 783 -16.47 -4.02 13.75
CA GLY B 783 -16.94 -3.50 15.01
C GLY B 783 -17.72 -4.54 15.79
N ASP B 784 -17.10 -5.09 16.83
CA ASP B 784 -17.74 -6.03 17.75
C ASP B 784 -18.56 -7.10 17.01
N SER B 785 -18.14 -7.46 15.80
CA SER B 785 -18.84 -8.45 14.99
C SER B 785 -17.99 -9.71 14.96
N THR B 786 -18.52 -10.78 15.56
CA THR B 786 -17.80 -12.05 15.57
C THR B 786 -17.72 -12.66 14.17
N GLU B 787 -18.78 -12.56 13.39
CA GLU B 787 -18.78 -13.11 12.04
C GLU B 787 -17.70 -12.44 11.20
N CYS B 788 -17.63 -11.11 11.26
CA CYS B 788 -16.59 -10.39 10.54
C CYS B 788 -15.21 -10.71 11.10
N SER B 789 -15.10 -10.83 12.43
CA SER B 789 -13.81 -11.08 13.05
C SER B 789 -13.23 -12.41 12.61
N ASN B 790 -14.06 -13.45 12.56
CA ASN B 790 -13.58 -14.77 12.13
C ASN B 790 -13.11 -14.73 10.68
N LEU B 791 -13.83 -14.00 9.83
CA LEU B 791 -13.39 -13.84 8.45
C LEU B 791 -12.05 -13.12 8.38
N LEU B 792 -11.85 -12.12 9.24
CA LEU B 792 -10.61 -11.36 9.21
C LEU B 792 -9.40 -12.20 9.62
N LEU B 793 -9.62 -13.32 10.33
CA LEU B 793 -8.50 -14.20 10.67
C LEU B 793 -7.91 -14.87 9.44
N GLN B 794 -8.66 -14.96 8.34
CA GLN B 794 -8.16 -15.58 7.13
C GLN B 794 -7.10 -14.74 6.43
N TYR B 795 -6.90 -13.50 6.87
CA TYR B 795 -5.89 -12.62 6.28
C TYR B 795 -4.56 -12.67 7.02
N GLY B 796 -4.43 -13.54 8.01
CA GLY B 796 -3.14 -13.73 8.65
C GLY B 796 -2.88 -12.68 9.69
N SER B 797 -1.68 -12.11 9.65
CA SER B 797 -1.21 -11.15 10.66
C SER B 797 -1.12 -9.75 10.09
N PHE B 798 -2.04 -9.38 9.18
CA PHE B 798 -2.06 -8.00 8.71
C PHE B 798 -2.36 -7.05 9.86
N CYS B 799 -3.31 -7.40 10.72
CA CYS B 799 -3.67 -6.50 11.82
C CYS B 799 -2.51 -6.35 12.79
N THR B 800 -1.77 -7.42 13.06
CA THR B 800 -0.63 -7.33 13.96
C THR B 800 0.45 -6.41 13.40
N GLN B 801 0.70 -6.48 12.10
CA GLN B 801 1.67 -5.58 11.48
C GLN B 801 1.24 -4.13 11.63
N LEU B 802 -0.04 -3.86 11.40
CA LEU B 802 -0.56 -2.49 11.46
C LEU B 802 -0.45 -1.91 12.86
N ASN B 803 -0.81 -2.69 13.88
CA ASN B 803 -0.65 -2.23 15.25
C ASN B 803 0.82 -2.04 15.60
N ARG B 804 1.66 -2.97 15.16
CA ARG B 804 3.10 -2.86 15.44
C ARG B 804 3.68 -1.61 14.79
N ALA B 805 3.27 -1.31 13.55
CA ALA B 805 3.79 -0.14 12.87
C ALA B 805 3.41 1.14 13.61
N LEU B 806 2.15 1.24 14.05
CA LEU B 806 1.72 2.44 14.75
C LEU B 806 2.36 2.56 16.12
N THR B 807 2.61 1.44 16.79
CA THR B 807 3.29 1.49 18.08
C THR B 807 4.71 2.00 17.91
N GLY B 808 5.38 1.61 16.82
CA GLY B 808 6.70 2.14 16.56
C GLY B 808 6.71 3.63 16.35
N ILE B 809 5.67 4.15 15.68
CA ILE B 809 5.56 5.60 15.50
C ILE B 809 5.33 6.28 16.84
N ALA B 810 4.41 5.76 17.65
CA ALA B 810 4.08 6.41 18.91
C ALA B 810 5.28 6.45 19.84
N VAL B 811 6.02 5.35 19.92
CA VAL B 811 7.21 5.33 20.76
C VAL B 811 8.24 6.33 20.25
N GLU B 812 8.36 6.47 18.93
CA GLU B 812 9.35 7.36 18.36
C GLU B 812 9.05 8.82 18.68
N GLN B 813 7.77 9.17 18.85
CA GLN B 813 7.44 10.55 19.18
C GLN B 813 8.00 10.94 20.55
N ASP B 814 7.90 10.04 21.52
CA ASP B 814 8.50 10.30 22.82
C ASP B 814 10.02 10.41 22.72
N LYS B 815 10.63 9.59 21.86
CA LYS B 815 12.06 9.69 21.65
C LYS B 815 12.43 11.03 21.02
N ASN B 816 11.62 11.50 20.08
CA ASN B 816 11.91 12.77 19.43
C ASN B 816 11.96 13.91 20.44
N THR B 817 10.98 13.95 21.35
CA THR B 817 10.97 15.01 22.36
C THR B 817 12.15 14.86 23.31
N GLN B 818 12.49 13.64 23.69
CA GLN B 818 13.60 13.42 24.60
C GLN B 818 14.91 13.91 23.99
N GLU B 819 15.12 13.63 22.70
CA GLU B 819 16.36 14.03 22.05
C GLU B 819 16.51 15.55 22.04
N VAL B 820 15.42 16.26 21.76
CA VAL B 820 15.51 17.71 21.59
C VAL B 820 15.67 18.41 22.93
N PHE B 821 14.83 18.06 23.91
CA PHE B 821 14.70 18.85 25.13
C PHE B 821 15.49 18.30 26.30
N ALA B 822 15.61 16.99 26.44
CA ALA B 822 16.34 16.40 27.56
C ALA B 822 17.83 16.33 27.29
N GLN B 823 18.42 17.46 26.89
CA GLN B 823 19.85 17.56 26.64
C GLN B 823 20.63 18.03 27.85
N VAL B 824 19.97 18.27 28.97
CA VAL B 824 20.61 18.74 30.19
C VAL B 824 20.17 17.85 31.33
N LYS B 825 21.14 17.34 32.09
CA LYS B 825 20.85 16.41 33.17
C LYS B 825 20.67 17.10 34.52
N GLN B 826 20.83 18.41 34.59
CA GLN B 826 20.54 19.19 35.78
C GLN B 826 19.54 20.28 35.42
N ILE B 827 18.60 20.54 36.33
CA ILE B 827 17.57 21.54 36.12
C ILE B 827 18.10 22.84 36.70
N TYR B 828 18.84 23.59 35.88
CA TYR B 828 19.35 24.88 36.31
C TYR B 828 18.20 25.87 36.47
N LYS B 829 18.36 26.77 37.44
CA LYS B 829 17.39 27.83 37.66
C LYS B 829 18.11 29.16 37.82
N THR B 830 17.57 30.19 37.18
CA THR B 830 18.19 31.50 37.21
C THR B 830 18.13 32.09 38.62
N PRO B 831 19.11 32.92 38.99
CA PRO B 831 19.11 33.49 40.34
C PRO B 831 17.99 34.48 40.52
N PRO B 832 17.59 34.76 41.77
CA PRO B 832 16.54 35.77 41.99
C PRO B 832 16.91 37.15 41.49
N ILE B 833 18.19 37.52 41.54
CA ILE B 833 18.64 38.84 41.10
C ILE B 833 18.96 38.75 39.61
N LYS B 834 18.23 39.51 38.80
CA LYS B 834 18.38 39.50 37.35
C LYS B 834 19.35 40.57 36.87
N ASP B 835 20.56 40.60 37.40
CA ASP B 835 21.58 41.57 36.98
C ASP B 835 22.41 40.93 35.87
N PHE B 836 21.91 41.05 34.64
CA PHE B 836 22.55 40.47 33.47
C PHE B 836 23.14 41.56 32.57
N GLY B 837 23.68 42.61 33.18
CA GLY B 837 24.33 43.66 32.41
C GLY B 837 23.40 44.50 31.57
N GLY B 838 22.12 44.59 31.93
CA GLY B 838 21.15 45.34 31.18
C GLY B 838 20.25 44.53 30.27
N PHE B 839 20.56 43.26 30.06
CA PHE B 839 19.75 42.41 29.20
C PHE B 839 18.47 41.94 29.90
N ASN B 840 17.34 42.13 29.23
CA ASN B 840 16.02 41.71 29.67
C ASN B 840 15.76 40.30 29.13
N PHE B 841 15.56 39.34 30.02
CA PHE B 841 15.09 38.01 29.64
C PHE B 841 13.73 37.69 30.24
N SER B 842 13.01 38.69 30.74
CA SER B 842 11.75 38.41 31.44
C SER B 842 10.73 37.75 30.53
N GLN B 843 10.74 38.08 29.24
CA GLN B 843 9.73 37.55 28.33
C GLN B 843 9.99 36.11 27.91
N ILE B 844 11.17 35.57 28.19
CA ILE B 844 11.48 34.18 27.85
C ILE B 844 11.74 33.33 29.09
N LEU B 845 11.89 33.92 30.27
CA LEU B 845 12.04 33.16 31.48
C LEU B 845 10.67 32.73 32.02
N PRO B 846 10.64 31.69 32.85
CA PRO B 846 9.35 31.21 33.36
C PRO B 846 8.63 32.27 34.17
N ASP B 847 7.29 32.24 34.09
CA ASP B 847 6.46 33.13 34.89
C ASP B 847 5.88 32.33 36.06
N PRO B 848 6.34 32.54 37.29
CA PRO B 848 5.84 31.71 38.40
C PRO B 848 4.35 31.82 38.64
N SER B 849 3.74 32.95 38.26
CA SER B 849 2.33 33.16 38.58
C SER B 849 1.45 32.09 37.94
N LYS B 850 1.72 31.75 36.68
CA LYS B 850 0.86 30.83 35.96
C LYS B 850 0.98 29.42 36.54
N PRO B 851 -0.10 28.63 36.47
CA PRO B 851 -0.01 27.24 36.96
C PRO B 851 1.07 26.45 36.26
N SER B 852 1.24 26.67 34.96
CA SER B 852 2.36 26.13 34.20
C SER B 852 3.44 27.19 34.13
N LYS B 853 4.66 26.82 34.54
CA LYS B 853 5.77 27.78 34.59
C LYS B 853 6.30 28.04 33.18
N ARG B 854 5.43 28.56 32.33
CA ARG B 854 5.77 28.91 30.96
C ARG B 854 6.09 30.39 30.87
N SER B 855 7.05 30.70 30.01
CA SER B 855 7.42 32.09 29.77
C SER B 855 6.28 32.81 29.06
N PHE B 856 6.40 34.13 29.01
CA PHE B 856 5.38 34.92 28.31
C PHE B 856 5.27 34.52 26.85
N ILE B 857 6.41 34.35 26.17
CA ILE B 857 6.38 33.97 24.77
C ILE B 857 5.88 32.55 24.60
N GLU B 858 6.24 31.65 25.51
CA GLU B 858 5.76 30.28 25.42
C GLU B 858 4.24 30.23 25.51
N ASP B 859 3.64 31.08 26.35
CA ASP B 859 2.18 31.16 26.39
C ASP B 859 1.61 31.61 25.06
N LEU B 860 2.23 32.61 24.44
CA LEU B 860 1.75 33.06 23.13
C LEU B 860 1.79 31.92 22.12
N LEU B 861 2.86 31.14 22.12
CA LEU B 861 2.97 30.04 21.16
C LEU B 861 1.87 29.01 21.37
N PHE B 862 1.54 28.70 22.63
CA PHE B 862 0.53 27.68 22.89
C PHE B 862 -0.88 28.17 22.59
N ASN B 863 -1.08 29.48 22.43
CA ASN B 863 -2.37 30.00 22.04
C ASN B 863 -2.53 30.10 20.53
N LYS B 864 -1.44 30.38 19.79
CA LYS B 864 -1.54 30.46 18.35
C LYS B 864 -1.94 29.12 17.74
N VAL B 865 -1.35 28.03 18.22
CA VAL B 865 -1.63 26.70 17.69
C VAL B 865 -2.92 26.18 18.31
N THR B 866 -3.87 25.81 17.47
CA THR B 866 -5.18 25.34 17.90
C THR B 866 -5.46 23.97 17.31
N LEU B 867 -6.04 23.09 18.12
CA LEU B 867 -6.39 21.76 17.66
C LEU B 867 -7.44 21.84 16.56
N ALA B 868 -7.67 20.71 15.89
CA ALA B 868 -8.57 20.64 14.75
C ALA B 868 -9.82 19.83 15.03
N ASP B 869 -9.69 18.60 15.52
CA ASP B 869 -10.85 17.73 15.73
C ASP B 869 -11.41 17.87 17.14
N ALA B 870 -10.60 17.59 18.15
CA ALA B 870 -11.02 17.67 19.53
C ALA B 870 -9.78 17.54 20.42
N GLY B 871 -10.00 17.54 21.73
CA GLY B 871 -8.91 17.44 22.68
C GLY B 871 -8.07 16.20 22.49
N PHE B 872 -6.76 16.36 22.46
CA PHE B 872 -5.84 15.24 22.26
C PHE B 872 -5.56 14.55 23.59
N ASP B 882 -3.12 17.12 26.41
CA ASP B 882 -4.30 17.94 26.25
C ASP B 882 -4.90 18.31 27.60
N ILE B 883 -6.04 19.00 27.58
CA ILE B 883 -6.73 19.42 28.79
C ILE B 883 -7.92 18.51 29.10
N ALA B 884 -7.90 17.27 28.58
CA ALA B 884 -9.00 16.35 28.79
C ALA B 884 -8.95 15.80 30.21
N ALA B 885 -10.04 15.99 30.96
CA ALA B 885 -10.18 15.43 32.30
C ALA B 885 -11.05 14.18 32.30
N ARG B 886 -11.37 13.65 31.13
CA ARG B 886 -12.25 12.50 30.99
C ARG B 886 -11.80 11.72 29.75
N ASP B 887 -12.68 10.88 29.21
CA ASP B 887 -12.38 10.14 27.99
C ASP B 887 -11.91 11.09 26.90
N LEU B 888 -11.25 10.55 25.88
CA LEU B 888 -10.70 11.40 24.82
C LEU B 888 -11.78 12.28 24.21
N ILE B 889 -12.98 11.73 24.02
CA ILE B 889 -14.11 12.50 23.51
C ILE B 889 -13.82 13.00 22.11
N CYS B 890 -13.65 12.08 21.17
CA CYS B 890 -13.38 12.42 19.79
C CYS B 890 -14.23 11.53 18.88
N ALA B 891 -14.42 12.00 17.65
CA ALA B 891 -15.18 11.22 16.68
C ALA B 891 -14.49 9.90 16.36
N GLN B 892 -13.16 9.93 16.25
CA GLN B 892 -12.42 8.72 15.92
C GLN B 892 -12.59 7.65 16.98
N LYS B 893 -12.82 8.04 18.23
CA LYS B 893 -12.88 7.08 19.32
C LYS B 893 -13.92 6.00 19.07
N PHE B 894 -14.99 6.32 18.33
CA PHE B 894 -16.08 5.38 18.17
C PHE B 894 -15.64 4.08 17.51
N ASN B 895 -14.54 4.09 16.74
CA ASN B 895 -14.22 3.00 15.84
C ASN B 895 -12.80 2.49 16.07
N GLY B 896 -12.45 2.26 17.34
CA GLY B 896 -11.19 1.63 17.65
C GLY B 896 -9.98 2.51 17.51
N LEU B 897 -10.15 3.81 17.33
CA LEU B 897 -9.06 4.75 17.17
C LEU B 897 -8.88 5.51 18.48
N THR B 898 -7.66 5.49 19.02
CA THR B 898 -7.37 6.14 20.29
C THR B 898 -6.09 6.94 20.17
N VAL B 899 -6.00 7.99 20.98
CA VAL B 899 -4.85 8.88 21.03
C VAL B 899 -4.14 8.68 22.37
N LEU B 900 -2.84 8.41 22.31
CA LEU B 900 -2.06 8.19 23.51
C LEU B 900 -1.42 9.49 23.98
N PRO B 901 -1.43 9.79 25.28
CA PRO B 901 -0.80 11.02 25.74
C PRO B 901 0.71 10.93 25.59
N PRO B 902 1.39 12.05 25.34
CA PRO B 902 2.85 12.03 25.28
C PRO B 902 3.45 11.73 26.65
N LEU B 903 4.65 11.14 26.63
CA LEU B 903 5.32 10.78 27.88
C LEU B 903 5.66 12.02 28.70
N LEU B 904 6.17 13.06 28.04
CA LEU B 904 6.51 14.31 28.72
C LEU B 904 5.34 15.28 28.61
N THR B 905 4.83 15.71 29.76
CA THR B 905 3.77 16.70 29.75
C THR B 905 4.32 18.06 29.32
N ASP B 906 3.41 18.96 28.95
CA ASP B 906 3.83 20.29 28.54
C ASP B 906 4.57 21.00 29.66
N GLU B 907 4.19 20.75 30.91
CA GLU B 907 4.91 21.35 32.03
C GLU B 907 6.34 20.85 32.10
N MET B 908 6.55 19.55 31.87
CA MET B 908 7.89 19.00 31.90
C MET B 908 8.76 19.58 30.78
N ILE B 909 8.20 19.71 29.59
CA ILE B 909 8.97 20.26 28.48
C ILE B 909 9.32 21.71 28.74
N ALA B 910 8.40 22.46 29.37
CA ALA B 910 8.71 23.84 29.74
C ALA B 910 9.83 23.90 30.76
N GLN B 911 9.86 22.96 31.71
CA GLN B 911 10.95 22.92 32.67
C GLN B 911 12.28 22.70 31.97
N TYR B 912 12.33 21.77 31.02
CA TYR B 912 13.56 21.54 30.27
C TYR B 912 14.00 22.80 29.54
N THR B 913 13.06 23.49 28.91
CA THR B 913 13.40 24.73 28.23
C THR B 913 13.89 25.77 29.21
N SER B 914 13.28 25.83 30.40
CA SER B 914 13.74 26.76 31.42
C SER B 914 15.15 26.42 31.87
N ALA B 915 15.45 25.15 32.08
CA ALA B 915 16.78 24.75 32.51
C ALA B 915 17.83 25.06 31.44
N LEU B 916 17.51 24.80 30.18
CA LEU B 916 18.43 25.15 29.11
C LEU B 916 18.64 26.65 29.03
N LEU B 917 17.57 27.43 29.21
CA LEU B 917 17.69 28.88 29.15
C LEU B 917 18.44 29.41 30.36
N ALA B 918 18.15 28.90 31.55
CA ALA B 918 18.85 29.36 32.75
C ALA B 918 20.33 29.01 32.67
N GLY B 919 20.66 27.83 32.14
CA GLY B 919 22.05 27.45 32.01
C GLY B 919 22.81 28.35 31.05
N THR B 920 22.17 28.76 29.96
CA THR B 920 22.85 29.57 28.96
C THR B 920 23.17 30.96 29.50
N ILE B 921 22.19 31.61 30.15
CA ILE B 921 22.39 33.00 30.55
C ILE B 921 23.24 33.13 31.80
N THR B 922 23.36 32.07 32.60
CA THR B 922 24.21 32.11 33.78
C THR B 922 25.57 31.47 33.58
N SER B 923 25.72 30.62 32.56
CA SER B 923 26.94 29.84 32.40
C SER B 923 27.47 29.81 30.98
N GLY B 924 26.87 30.54 30.04
CA GLY B 924 27.36 30.50 28.67
C GLY B 924 27.24 29.11 28.09
N TRP B 925 28.32 28.65 27.45
CA TRP B 925 28.35 27.35 26.81
C TRP B 925 29.03 26.28 27.66
N THR B 926 29.38 26.60 28.91
CA THR B 926 30.13 25.65 29.72
C THR B 926 29.26 24.50 30.19
N PHE B 927 28.00 24.78 30.54
CA PHE B 927 27.13 23.74 31.06
C PHE B 927 26.87 22.64 30.04
N GLY B 928 27.07 22.94 28.74
CA GLY B 928 26.93 21.93 27.72
C GLY B 928 28.12 21.00 27.59
N ALA B 929 29.30 21.44 28.02
CA ALA B 929 30.51 20.64 27.96
C ALA B 929 30.86 19.99 29.29
N GLY B 930 30.17 20.33 30.37
CA GLY B 930 30.46 19.77 31.67
C GLY B 930 29.67 20.46 32.75
N ALA B 931 30.31 20.72 33.89
CA ALA B 931 29.64 21.46 34.96
C ALA B 931 29.42 22.91 34.52
N ALA B 932 28.30 23.48 34.97
CA ALA B 932 27.99 24.86 34.64
C ALA B 932 28.90 25.79 35.43
N LEU B 933 29.69 26.59 34.73
CA LEU B 933 30.61 27.54 35.33
C LEU B 933 30.05 28.93 35.14
N GLN B 934 29.68 29.59 36.23
CA GLN B 934 29.06 30.90 36.12
C GLN B 934 30.05 31.91 35.57
N ILE B 935 29.52 32.87 34.82
CA ILE B 935 30.31 33.97 34.28
C ILE B 935 29.35 35.14 34.10
N PRO B 936 29.77 36.38 34.40
CA PRO B 936 28.85 37.51 34.18
C PRO B 936 28.40 37.56 32.73
N PHE B 937 27.12 37.90 32.53
CA PHE B 937 26.56 37.81 31.19
C PHE B 937 27.28 38.75 30.23
N ALA B 938 27.60 39.96 30.67
CA ALA B 938 28.31 40.90 29.79
C ALA B 938 29.66 40.32 29.39
N MET B 939 30.36 39.68 30.32
CA MET B 939 31.62 39.03 29.97
C MET B 939 31.39 37.86 29.03
N GLN B 940 30.29 37.13 29.22
CA GLN B 940 29.94 36.07 28.29
C GLN B 940 29.73 36.62 26.89
N MET B 941 29.01 37.74 26.78
CA MET B 941 28.80 38.36 25.48
C MET B 941 30.10 38.81 24.86
N ALA B 942 31.08 39.19 25.68
CA ALA B 942 32.40 39.53 25.15
C ALA B 942 33.05 38.33 24.49
N TYR B 943 32.89 37.14 25.08
CA TYR B 943 33.39 35.93 24.45
C TYR B 943 32.69 35.68 23.12
N ARG B 944 31.38 35.91 23.07
CA ARG B 944 30.64 35.71 21.84
C ARG B 944 31.15 36.63 20.75
N PHE B 945 31.42 37.89 21.10
CA PHE B 945 31.94 38.83 20.11
C PHE B 945 33.30 38.38 19.58
N ASN B 946 34.17 37.89 20.46
CA ASN B 946 35.44 37.33 20.00
C ASN B 946 35.19 36.15 19.07
N GLY B 947 34.14 35.38 19.31
CA GLY B 947 33.86 34.22 18.47
C GLY B 947 33.49 34.57 17.05
N ILE B 948 33.06 35.81 16.81
CA ILE B 948 32.68 36.26 15.47
C ILE B 948 33.69 37.24 14.90
N GLY B 949 34.84 37.41 15.55
CA GLY B 949 35.89 38.26 15.03
C GLY B 949 35.81 39.71 15.42
N VAL B 950 35.07 40.05 16.47
CA VAL B 950 34.97 41.42 16.97
C VAL B 950 35.62 41.48 18.34
N THR B 951 36.52 42.43 18.52
CA THR B 951 37.23 42.55 19.79
C THR B 951 36.24 42.85 20.91
N GLN B 952 36.52 42.31 22.09
CA GLN B 952 35.60 42.42 23.21
C GLN B 952 35.43 43.86 23.69
N ASN B 953 36.40 44.74 23.43
CA ASN B 953 36.23 46.13 23.83
C ASN B 953 35.04 46.76 23.12
N VAL B 954 34.68 46.24 21.94
CA VAL B 954 33.53 46.77 21.22
C VAL B 954 32.25 46.56 22.02
N LEU B 955 32.09 45.37 22.60
CA LEU B 955 30.91 45.11 23.42
C LEU B 955 30.88 46.00 24.65
N TYR B 956 31.98 46.05 25.40
CA TYR B 956 31.98 46.77 26.65
C TYR B 956 31.73 48.26 26.43
N GLU B 957 32.33 48.83 25.39
CA GLU B 957 32.13 50.25 25.08
C GLU B 957 30.74 50.53 24.52
N ASN B 958 30.01 49.50 24.11
CA ASN B 958 28.66 49.64 23.58
C ASN B 958 27.69 48.75 24.33
N GLN B 959 28.00 48.41 25.58
CA GLN B 959 27.18 47.45 26.31
C GLN B 959 25.75 47.95 26.47
N LYS B 960 25.59 49.23 26.82
CA LYS B 960 24.25 49.77 27.01
C LYS B 960 23.47 49.74 25.71
N LEU B 961 24.09 50.17 24.61
CA LEU B 961 23.42 50.12 23.32
C LEU B 961 23.06 48.70 22.93
N ILE B 962 23.99 47.77 23.10
CA ILE B 962 23.77 46.39 22.69
C ILE B 962 22.61 45.78 23.49
N ALA B 963 22.56 46.05 24.78
CA ALA B 963 21.46 45.55 25.60
C ALA B 963 20.13 46.12 25.13
N ASN B 964 20.10 47.40 24.79
CA ASN B 964 18.86 48.00 24.31
C ASN B 964 18.40 47.35 23.00
N GLN B 965 19.33 47.10 22.08
CA GLN B 965 18.97 46.47 20.82
C GLN B 965 18.40 45.07 21.05
N PHE B 966 19.03 44.31 21.96
CA PHE B 966 18.51 42.99 22.26
C PHE B 966 17.12 43.08 22.89
N ASN B 967 16.96 43.96 23.88
CA ASN B 967 15.65 44.11 24.51
C ASN B 967 14.60 44.55 23.50
N SER B 968 14.95 45.50 22.63
CA SER B 968 14.03 45.92 21.59
C SER B 968 13.71 44.77 20.64
N ALA B 969 14.73 43.99 20.26
CA ALA B 969 14.50 42.88 19.34
C ALA B 969 13.58 41.83 19.95
N ILE B 970 13.75 41.53 21.23
CA ILE B 970 12.87 40.58 21.89
C ILE B 970 11.45 41.10 21.90
N GLY B 971 11.28 42.39 22.16
CA GLY B 971 9.94 42.96 22.16
C GLY B 971 9.23 42.79 20.84
N LYS B 972 9.97 42.90 19.73
CA LYS B 972 9.36 42.75 18.42
C LYS B 972 8.89 41.31 18.19
N ILE B 973 9.64 40.34 18.70
CA ILE B 973 9.18 38.94 18.62
C ILE B 973 7.85 38.79 19.33
N GLN B 974 7.72 39.39 20.52
CA GLN B 974 6.47 39.30 21.26
C GLN B 974 5.33 39.93 20.48
N ASP B 975 5.57 41.12 19.90
CA ASP B 975 4.53 41.77 19.12
C ASP B 975 4.16 40.96 17.89
N SER B 976 5.16 40.39 17.21
CA SER B 976 4.87 39.61 16.00
C SER B 976 3.98 38.43 16.32
N LEU B 977 4.31 37.68 17.38
CA LEU B 977 3.50 36.52 17.73
C LEU B 977 2.10 36.93 18.16
N SER B 978 1.98 38.02 18.91
CA SER B 978 0.66 38.45 19.38
C SER B 978 -0.22 38.90 18.23
N SER B 979 0.36 39.45 17.17
CA SER B 979 -0.41 40.01 16.07
C SER B 979 -0.63 39.00 14.94
N THR B 980 0.46 38.51 14.34
CA THR B 980 0.33 37.64 13.18
C THR B 980 -0.24 36.28 13.58
N ALA B 981 -0.79 35.58 12.59
CA ALA B 981 -1.43 34.29 12.80
C ALA B 981 -0.68 33.13 12.16
N SER B 982 -0.05 33.35 11.00
CA SER B 982 0.60 32.29 10.26
C SER B 982 2.07 32.10 10.66
N ALA B 983 2.45 32.60 11.84
CA ALA B 983 3.83 32.42 12.29
C ALA B 983 4.16 30.94 12.50
N LEU B 984 3.23 30.20 13.08
CA LEU B 984 3.43 28.79 13.43
C LEU B 984 2.81 27.86 12.40
N GLY B 985 2.89 28.23 11.12
CA GLY B 985 2.30 27.39 10.08
C GLY B 985 2.88 26.00 10.06
N LYS B 986 4.19 25.87 10.32
CA LYS B 986 4.81 24.55 10.30
C LYS B 986 4.18 23.63 11.33
N LEU B 987 3.96 24.12 12.54
CA LEU B 987 3.36 23.29 13.58
C LEU B 987 1.90 23.03 13.28
N GLN B 988 1.18 24.02 12.75
CA GLN B 988 -0.22 23.81 12.42
C GLN B 988 -0.39 22.80 11.31
N ASP B 989 0.52 22.80 10.32
CA ASP B 989 0.41 21.85 9.23
C ASP B 989 0.48 20.42 9.73
N VAL B 990 1.35 20.15 10.71
CA VAL B 990 1.46 18.80 11.25
C VAL B 990 0.15 18.40 11.91
N VAL B 991 -0.45 19.31 12.69
CA VAL B 991 -1.72 19.01 13.34
C VAL B 991 -2.81 18.77 12.30
N ASN B 992 -2.87 19.63 11.28
CA ASN B 992 -3.91 19.50 10.26
C ASN B 992 -3.74 18.20 9.48
N GLN B 993 -2.51 17.88 9.08
CA GLN B 993 -2.30 16.67 8.29
C GLN B 993 -2.72 15.42 9.04
N ASN B 994 -2.34 15.33 10.31
CA ASN B 994 -2.74 14.16 11.10
C ASN B 994 -4.25 14.11 11.30
N ALA B 995 -4.86 15.26 11.60
CA ALA B 995 -6.31 15.29 11.75
C ALA B 995 -7.01 14.94 10.45
N GLN B 996 -6.52 15.47 9.33
CA GLN B 996 -7.14 15.18 8.04
C GLN B 996 -7.04 13.69 7.71
N ALA B 997 -5.86 13.10 7.92
CA ALA B 997 -5.70 11.68 7.64
C ALA B 997 -6.60 10.84 8.54
N LEU B 998 -6.72 11.21 9.81
CA LEU B 998 -7.57 10.47 10.71
C LEU B 998 -9.04 10.58 10.32
N ASN B 999 -9.47 11.77 9.89
CA ASN B 999 -10.85 11.94 9.44
C ASN B 999 -11.11 11.11 8.19
N THR B 1000 -10.15 11.09 7.26
CA THR B 1000 -10.31 10.28 6.05
C THR B 1000 -10.46 8.81 6.41
N LEU B 1001 -9.67 8.34 7.37
CA LEU B 1001 -9.78 6.94 7.80
C LEU B 1001 -11.17 6.65 8.35
N VAL B 1002 -11.71 7.55 9.17
CA VAL B 1002 -13.02 7.32 9.76
C VAL B 1002 -14.11 7.44 8.69
N LYS B 1003 -14.02 8.44 7.81
CA LYS B 1003 -15.00 8.59 6.76
C LYS B 1003 -15.00 7.40 5.82
N GLN B 1004 -13.92 6.63 5.77
CA GLN B 1004 -13.83 5.48 4.89
C GLN B 1004 -14.72 4.33 5.35
N LEU B 1005 -15.26 4.39 6.57
CA LEU B 1005 -16.17 3.37 7.04
C LEU B 1005 -17.58 3.52 6.48
N SER B 1006 -17.85 4.60 5.76
CA SER B 1006 -19.14 4.82 5.14
C SER B 1006 -19.21 4.32 3.71
N SER B 1007 -18.14 3.69 3.21
CA SER B 1007 -18.10 3.23 1.83
C SER B 1007 -18.59 1.79 1.73
N ASN B 1008 -19.36 1.51 0.69
CA ASN B 1008 -19.84 0.15 0.46
C ASN B 1008 -18.71 -0.76 0.01
N PHE B 1009 -17.81 -0.25 -0.83
CA PHE B 1009 -16.79 -1.07 -1.49
C PHE B 1009 -17.44 -2.17 -2.34
N GLY B 1010 -18.62 -1.90 -2.87
CA GLY B 1010 -19.35 -2.87 -3.67
C GLY B 1010 -20.31 -3.74 -2.91
N ALA B 1011 -20.36 -3.64 -1.59
CA ALA B 1011 -21.30 -4.41 -0.81
C ALA B 1011 -22.69 -3.76 -0.86
N ILE B 1012 -23.70 -4.50 -0.40
CA ILE B 1012 -25.05 -3.98 -0.40
C ILE B 1012 -25.16 -2.78 0.53
N SER B 1013 -24.42 -2.79 1.64
CA SER B 1013 -24.47 -1.72 2.61
C SER B 1013 -23.09 -1.55 3.22
N SER B 1014 -22.84 -0.34 3.74
CA SER B 1014 -21.61 -0.08 4.48
C SER B 1014 -21.74 -0.36 5.96
N VAL B 1015 -22.94 -0.68 6.43
CA VAL B 1015 -23.18 -0.96 7.85
C VAL B 1015 -23.08 -2.47 8.03
N LEU B 1016 -22.13 -2.90 8.88
CA LEU B 1016 -21.92 -4.33 9.08
C LEU B 1016 -23.13 -4.98 9.73
N ASN B 1017 -23.75 -4.32 10.70
CA ASN B 1017 -24.91 -4.88 11.37
C ASN B 1017 -26.06 -5.08 10.41
N ASP B 1018 -26.27 -4.13 9.49
CA ASP B 1018 -27.37 -4.26 8.53
C ASP B 1018 -27.18 -5.50 7.67
N ILE B 1019 -25.96 -5.75 7.21
CA ILE B 1019 -25.72 -6.94 6.39
C ILE B 1019 -26.04 -8.20 7.18
N LEU B 1020 -25.61 -8.26 8.44
CA LEU B 1020 -25.87 -9.44 9.26
C LEU B 1020 -27.36 -9.59 9.54
N SER B 1021 -28.07 -8.48 9.74
CA SER B 1021 -29.48 -8.55 10.07
C SER B 1021 -30.34 -8.98 8.89
N ARG B 1022 -29.86 -8.79 7.65
CA ARG B 1022 -30.68 -9.05 6.47
C ARG B 1022 -30.32 -10.33 5.76
N LEU B 1023 -29.06 -10.77 5.80
CA LEU B 1023 -28.61 -11.91 5.03
C LEU B 1023 -28.18 -13.04 5.95
N ASP B 1024 -28.32 -14.26 5.45
CA ASP B 1024 -27.86 -15.45 6.14
C ASP B 1024 -26.36 -15.62 6.00
N PRO B 1025 -25.74 -16.43 6.86
CA PRO B 1025 -24.28 -16.55 6.85
C PRO B 1025 -23.72 -16.77 5.45
N PRO B 1026 -24.22 -17.75 4.68
CA PRO B 1026 -23.61 -18.03 3.38
C PRO B 1026 -23.43 -16.81 2.50
N GLU B 1027 -24.53 -16.09 2.22
CA GLU B 1027 -24.44 -14.91 1.36
C GLU B 1027 -23.98 -13.67 2.12
N ALA B 1028 -24.04 -13.69 3.46
CA ALA B 1028 -23.54 -12.54 4.22
C ALA B 1028 -22.02 -12.43 4.11
N GLU B 1029 -21.33 -13.57 4.07
CA GLU B 1029 -19.87 -13.53 4.00
C GLU B 1029 -19.40 -12.81 2.74
N VAL B 1030 -20.09 -13.01 1.62
CA VAL B 1030 -19.69 -12.33 0.38
C VAL B 1030 -19.75 -10.82 0.56
N GLN B 1031 -20.82 -10.32 1.18
CA GLN B 1031 -20.92 -8.89 1.45
C GLN B 1031 -19.92 -8.46 2.52
N ILE B 1032 -19.76 -9.26 3.57
CA ILE B 1032 -18.82 -8.91 4.63
C ILE B 1032 -17.41 -8.85 4.09
N ASP B 1033 -17.05 -9.79 3.22
CA ASP B 1033 -15.69 -9.83 2.70
C ASP B 1033 -15.36 -8.59 1.87
N ARG B 1034 -16.35 -8.03 1.19
CA ARG B 1034 -16.10 -6.80 0.43
C ARG B 1034 -15.73 -5.65 1.36
N LEU B 1035 -16.40 -5.55 2.51
CA LEU B 1035 -16.05 -4.51 3.46
C LEU B 1035 -14.68 -4.75 4.06
N ILE B 1036 -14.35 -6.00 4.40
CA ILE B 1036 -13.04 -6.29 4.99
C ILE B 1036 -11.94 -5.86 4.05
N THR B 1037 -12.08 -6.18 2.76
CA THR B 1037 -11.05 -5.81 1.79
C THR B 1037 -10.88 -4.30 1.72
N GLY B 1038 -12.00 -3.57 1.62
CA GLY B 1038 -11.91 -2.12 1.53
C GLY B 1038 -11.41 -1.48 2.82
N ARG B 1039 -11.91 -1.92 3.96
CA ARG B 1039 -11.50 -1.32 5.22
C ARG B 1039 -10.06 -1.70 5.56
N LEU B 1040 -9.66 -2.93 5.25
CA LEU B 1040 -8.27 -3.31 5.46
C LEU B 1040 -7.35 -2.48 4.56
N GLN B 1041 -7.75 -2.25 3.32
CA GLN B 1041 -6.96 -1.41 2.43
C GLN B 1041 -6.91 0.02 2.95
N SER B 1042 -8.02 0.52 3.49
CA SER B 1042 -8.03 1.86 4.05
C SER B 1042 -7.05 1.99 5.20
N LEU B 1043 -7.01 0.98 6.08
CA LEU B 1043 -6.12 1.07 7.23
C LEU B 1043 -4.67 1.03 6.79
N GLN B 1044 -4.34 0.17 5.84
CA GLN B 1044 -2.97 0.09 5.34
C GLN B 1044 -2.53 1.40 4.72
N THR B 1045 -3.43 2.05 3.96
CA THR B 1045 -3.10 3.34 3.39
C THR B 1045 -2.81 4.36 4.49
N TYR B 1046 -3.59 4.33 5.57
CA TYR B 1046 -3.36 5.26 6.67
C TYR B 1046 -2.01 5.00 7.34
N VAL B 1047 -1.67 3.73 7.57
CA VAL B 1047 -0.45 3.42 8.30
C VAL B 1047 0.78 3.76 7.46
N THR B 1048 0.72 3.49 6.15
CA THR B 1048 1.85 3.83 5.29
C THR B 1048 2.10 5.33 5.28
N GLN B 1049 1.04 6.12 5.20
CA GLN B 1049 1.20 7.57 5.24
C GLN B 1049 1.79 8.02 6.57
N GLN B 1050 1.33 7.42 7.67
CA GLN B 1050 1.86 7.78 8.98
C GLN B 1050 3.34 7.44 9.09
N LEU B 1051 3.76 6.31 8.52
CA LEU B 1051 5.17 5.96 8.53
C LEU B 1051 5.99 6.98 7.76
N ILE B 1052 5.47 7.44 6.62
CA ILE B 1052 6.19 8.42 5.82
C ILE B 1052 6.18 9.78 6.52
N ARG B 1053 5.04 10.17 7.10
CA ARG B 1053 5.01 11.41 7.88
C ARG B 1053 5.92 11.33 9.09
N ALA B 1054 5.94 10.19 9.77
CA ALA B 1054 6.80 10.03 10.94
C ALA B 1054 8.26 10.20 10.57
N ALA B 1055 8.66 9.69 9.40
CA ALA B 1055 10.04 9.87 8.95
C ALA B 1055 10.36 11.34 8.74
N GLU B 1056 9.42 12.09 8.16
CA GLU B 1056 9.63 13.53 7.99
C GLU B 1056 9.73 14.23 9.34
N ILE B 1057 8.89 13.85 10.30
CA ILE B 1057 8.95 14.45 11.62
C ILE B 1057 10.26 14.09 12.32
N ARG B 1058 10.72 12.84 12.17
CA ARG B 1058 11.96 12.43 12.80
C ARG B 1058 13.14 13.24 12.25
N ALA B 1059 13.17 13.46 10.94
CA ALA B 1059 14.23 14.29 10.37
C ALA B 1059 14.16 15.69 10.93
N SER B 1060 12.96 16.25 11.05
CA SER B 1060 12.81 17.57 11.66
C SER B 1060 13.28 17.57 13.11
N ALA B 1061 12.93 16.53 13.87
CA ALA B 1061 13.34 16.47 15.26
C ALA B 1061 14.85 16.31 15.39
N ASN B 1062 15.46 15.54 14.51
CA ASN B 1062 16.91 15.41 14.53
C ASN B 1062 17.59 16.75 14.26
N LEU B 1063 17.02 17.55 13.35
CA LEU B 1063 17.55 18.87 13.09
C LEU B 1063 17.38 19.78 14.30
N ALA B 1064 16.22 19.69 14.96
CA ALA B 1064 16.00 20.50 16.15
C ALA B 1064 16.96 20.12 17.27
N ALA B 1065 17.22 18.82 17.43
CA ALA B 1065 18.19 18.39 18.44
C ALA B 1065 19.59 18.90 18.12
N THR B 1066 19.95 18.92 16.84
CA THR B 1066 21.26 19.45 16.45
C THR B 1066 21.32 20.95 16.67
N LYS B 1067 20.22 21.66 16.40
CA LYS B 1067 20.20 23.09 16.66
C LYS B 1067 20.30 23.37 18.15
N MET B 1068 19.64 22.57 18.98
CA MET B 1068 19.73 22.76 20.42
C MET B 1068 21.16 22.59 20.90
N SER B 1069 21.87 21.59 20.35
CA SER B 1069 23.25 21.36 20.78
C SER B 1069 24.19 22.44 20.27
N GLU B 1070 24.04 22.83 19.01
CA GLU B 1070 25.01 23.69 18.36
C GLU B 1070 24.67 25.17 18.42
N CYS B 1071 23.40 25.53 18.56
CA CYS B 1071 23.01 26.94 18.64
C CYS B 1071 22.74 27.40 20.06
N VAL B 1072 22.23 26.53 20.93
CA VAL B 1072 21.90 26.89 22.30
C VAL B 1072 23.02 26.51 23.27
N LEU B 1073 23.58 25.31 23.13
CA LEU B 1073 24.65 24.86 24.01
C LEU B 1073 26.02 25.33 23.55
N GLY B 1074 26.09 26.08 22.47
CA GLY B 1074 27.36 26.64 22.04
C GLY B 1074 27.13 27.73 21.01
N GLN B 1075 28.23 28.29 20.53
CA GLN B 1075 28.21 29.27 19.47
C GLN B 1075 28.64 28.60 18.17
N SER B 1076 27.83 28.75 17.14
CA SER B 1076 28.03 28.04 15.88
C SER B 1076 28.65 28.96 14.84
N LYS B 1077 29.68 28.47 14.18
CA LYS B 1077 30.28 29.16 13.05
C LYS B 1077 29.71 28.72 11.72
N ARG B 1078 28.78 27.76 11.71
CA ARG B 1078 28.12 27.37 10.48
C ARG B 1078 27.22 28.48 9.99
N VAL B 1079 27.36 28.85 8.72
CA VAL B 1079 26.62 29.99 8.19
C VAL B 1079 25.15 29.63 8.05
N ASP B 1080 24.28 30.50 8.56
CA ASP B 1080 22.83 30.40 8.45
C ASP B 1080 22.25 29.21 9.20
N PHE B 1081 23.06 28.49 9.98
CA PHE B 1081 22.52 27.36 10.73
C PHE B 1081 21.75 27.82 11.95
N CYS B 1082 22.13 28.95 12.53
CA CYS B 1082 21.51 29.49 13.74
C CYS B 1082 21.06 30.92 13.49
N GLY B 1083 20.34 31.13 12.39
CA GLY B 1083 19.84 32.43 12.02
C GLY B 1083 20.71 33.11 10.99
N LYS B 1084 20.25 34.27 10.54
CA LYS B 1084 20.95 35.05 9.53
C LYS B 1084 21.87 36.07 10.20
N GLY B 1085 23.14 36.06 9.80
CA GLY B 1085 24.16 36.86 10.41
C GLY B 1085 25.12 36.01 11.22
N TYR B 1086 26.03 36.69 11.91
CA TYR B 1086 27.00 36.01 12.75
C TYR B 1086 26.33 35.61 14.07
N HIS B 1087 26.28 34.31 14.34
CA HIS B 1087 25.53 33.81 15.48
C HIS B 1087 26.21 34.21 16.78
N LEU B 1088 25.41 34.76 17.70
CA LEU B 1088 25.87 35.03 19.06
C LEU B 1088 25.37 33.98 20.03
N MET B 1089 24.05 33.80 20.13
CA MET B 1089 23.49 32.82 21.04
C MET B 1089 22.03 32.61 20.66
N SER B 1090 21.50 31.45 21.04
CA SER B 1090 20.12 31.09 20.77
C SER B 1090 19.43 30.68 22.07
N PHE B 1091 18.12 30.91 22.13
CA PHE B 1091 17.33 30.58 23.29
C PHE B 1091 16.17 29.69 22.87
N PRO B 1092 15.98 28.53 23.50
CA PRO B 1092 14.87 27.67 23.12
C PRO B 1092 13.57 28.05 23.82
N GLN B 1093 12.47 27.89 23.09
CA GLN B 1093 11.13 28.09 23.63
C GLN B 1093 10.27 26.92 23.19
N SER B 1094 9.60 26.28 24.14
CA SER B 1094 8.76 25.14 23.82
C SER B 1094 7.48 25.60 23.15
N ALA B 1095 7.03 24.83 22.17
CA ALA B 1095 5.79 25.06 21.45
C ALA B 1095 5.06 23.75 21.32
N PRO B 1096 3.75 23.79 21.07
CA PRO B 1096 2.99 22.53 20.93
C PRO B 1096 3.58 21.65 19.84
N HIS B 1097 4.06 20.48 20.24
CA HIS B 1097 4.61 19.48 19.33
C HIS B 1097 5.83 20.01 18.58
N GLY B 1098 6.50 21.02 19.11
CA GLY B 1098 7.62 21.60 18.41
C GLY B 1098 8.47 22.44 19.34
N VAL B 1099 9.47 23.09 18.75
CA VAL B 1099 10.38 23.96 19.48
C VAL B 1099 10.60 25.22 18.65
N VAL B 1100 10.75 26.34 19.35
CA VAL B 1100 11.04 27.63 18.72
C VAL B 1100 12.39 28.11 19.22
N PHE B 1101 13.28 28.44 18.28
CA PHE B 1101 14.60 28.97 18.60
C PHE B 1101 14.61 30.46 18.32
N LEU B 1102 15.02 31.24 19.32
CA LEU B 1102 15.24 32.68 19.16
C LEU B 1102 16.72 32.89 18.95
N HIS B 1103 17.12 33.05 17.68
CA HIS B 1103 18.53 33.19 17.33
C HIS B 1103 18.96 34.64 17.46
N VAL B 1104 20.01 34.87 18.24
CA VAL B 1104 20.61 36.20 18.39
C VAL B 1104 21.83 36.25 17.50
N THR B 1105 21.85 37.19 16.57
CA THR B 1105 22.94 37.31 15.61
C THR B 1105 23.46 38.74 15.58
N TYR B 1106 24.72 38.86 15.18
CA TYR B 1106 25.39 40.14 15.02
C TYR B 1106 25.32 40.52 13.54
N VAL B 1107 24.76 41.69 13.25
CA VAL B 1107 24.59 42.13 11.87
C VAL B 1107 25.29 43.48 11.67
N PRO B 1108 26.38 43.54 10.91
CA PRO B 1108 26.99 44.85 10.64
C PRO B 1108 26.00 45.76 9.91
N ALA B 1109 26.04 47.04 10.25
CA ALA B 1109 24.94 47.95 9.93
C ALA B 1109 25.32 49.05 8.95
N GLN B 1110 26.33 49.87 9.25
CA GLN B 1110 26.58 51.10 8.49
C GLN B 1110 27.98 51.08 7.93
N GLU B 1111 28.14 50.53 6.72
CA GLU B 1111 29.44 50.42 6.10
C GLU B 1111 29.86 51.74 5.47
N LYS B 1112 31.13 52.07 5.66
CA LYS B 1112 31.79 53.15 4.94
C LYS B 1112 32.79 52.57 3.95
N ASN B 1113 33.21 53.39 3.01
CA ASN B 1113 34.15 52.97 1.97
C ASN B 1113 35.53 53.53 2.26
N PHE B 1114 36.55 52.67 2.15
CA PHE B 1114 37.93 53.04 2.37
C PHE B 1114 38.80 52.48 1.26
N THR B 1115 39.92 53.14 1.02
CA THR B 1115 40.97 52.57 0.19
C THR B 1115 41.79 51.59 1.02
N THR B 1116 42.14 50.46 0.42
CA THR B 1116 42.83 49.40 1.13
C THR B 1116 44.04 48.94 0.34
N ALA B 1117 44.98 48.31 1.04
CA ALA B 1117 46.16 47.73 0.45
C ALA B 1117 46.43 46.40 1.13
N PRO B 1118 47.06 45.45 0.41
CA PRO B 1118 47.36 44.16 1.04
C PRO B 1118 48.53 44.22 2.01
N ALA B 1119 49.47 45.14 1.77
CA ALA B 1119 50.65 45.23 2.61
C ALA B 1119 51.18 46.65 2.58
N ILE B 1120 52.02 46.97 3.56
CA ILE B 1120 52.66 48.28 3.68
C ILE B 1120 54.15 48.10 3.49
N CYS B 1121 54.76 48.95 2.68
CA CYS B 1121 56.20 48.96 2.47
C CYS B 1121 56.81 50.07 3.32
N HIS B 1122 57.74 49.69 4.21
CA HIS B 1122 58.31 50.64 5.16
C HIS B 1122 59.79 50.90 4.91
N ASP B 1123 60.63 49.87 4.95
CA ASP B 1123 62.08 50.01 4.77
C ASP B 1123 62.59 48.93 3.84
N GLY B 1124 61.91 48.75 2.71
CA GLY B 1124 62.17 47.58 1.90
C GLY B 1124 61.62 46.31 2.48
N LYS B 1125 60.75 46.42 3.48
CA LYS B 1125 60.11 45.28 4.12
C LYS B 1125 58.61 45.37 3.91
N ALA B 1126 57.97 44.24 3.70
CA ALA B 1126 56.52 44.18 3.51
C ALA B 1126 55.87 43.82 4.83
N HIS B 1127 54.99 44.71 5.30
CA HIS B 1127 54.26 44.49 6.54
C HIS B 1127 52.83 44.04 6.23
N PHE B 1128 52.37 43.05 6.97
CA PHE B 1128 51.00 42.55 6.82
C PHE B 1128 50.29 42.65 8.16
N PRO B 1129 48.97 42.87 8.17
CA PRO B 1129 48.26 42.96 9.44
C PRO B 1129 48.31 41.63 10.18
N ARG B 1130 48.51 41.71 11.49
CA ARG B 1130 48.43 40.50 12.31
C ARG B 1130 47.00 39.99 12.37
N GLU B 1131 46.05 40.88 12.68
CA GLU B 1131 44.63 40.54 12.65
C GLU B 1131 43.88 41.83 12.30
N GLY B 1132 43.55 41.98 11.03
CA GLY B 1132 42.90 43.20 10.58
C GLY B 1132 43.17 43.43 9.11
N VAL B 1133 42.93 44.66 8.69
CA VAL B 1133 43.11 45.05 7.29
C VAL B 1133 43.55 46.51 7.25
N PHE B 1134 44.45 46.82 6.33
CA PHE B 1134 44.93 48.19 6.16
C PHE B 1134 43.87 49.02 5.43
N VAL B 1135 43.57 50.20 5.98
CA VAL B 1135 42.63 51.12 5.36
C VAL B 1135 43.23 52.52 5.38
N SER B 1136 42.66 53.38 4.54
CA SER B 1136 43.08 54.76 4.41
C SER B 1136 41.84 55.64 4.38
N ASN B 1137 41.83 56.73 5.15
CA ASN B 1137 40.70 57.64 5.03
C ASN B 1137 40.87 58.61 3.87
N GLY B 1138 41.98 58.53 3.14
CA GLY B 1138 42.27 59.50 2.09
C GLY B 1138 43.69 60.01 2.15
N THR B 1139 44.24 60.18 3.36
CA THR B 1139 45.60 60.70 3.49
C THR B 1139 46.45 59.85 4.43
N HIS B 1140 45.82 59.17 5.38
CA HIS B 1140 46.52 58.39 6.39
C HIS B 1140 46.06 56.93 6.34
N TRP B 1141 46.97 56.03 6.70
CA TRP B 1141 46.71 54.60 6.70
C TRP B 1141 46.61 54.09 8.13
N PHE B 1142 45.68 53.16 8.35
CA PHE B 1142 45.44 52.59 9.67
C PHE B 1142 45.24 51.09 9.52
N VAL B 1143 45.30 50.39 10.66
CA VAL B 1143 44.88 49.00 10.75
C VAL B 1143 43.58 48.96 11.52
N THR B 1144 42.62 48.20 11.01
CA THR B 1144 41.34 48.03 11.68
C THR B 1144 40.95 46.57 11.65
N GLN B 1145 40.28 46.13 12.72
CA GLN B 1145 39.60 44.85 12.68
C GLN B 1145 38.59 44.86 11.55
N ARG B 1146 38.46 43.73 10.87
CA ARG B 1146 37.77 43.67 9.59
C ARG B 1146 36.25 43.56 9.72
N ASN B 1147 35.70 43.66 10.92
CA ASN B 1147 34.25 43.59 11.11
C ASN B 1147 33.66 44.79 11.82
N PHE B 1148 34.49 45.76 12.21
CA PHE B 1148 33.99 46.95 12.90
C PHE B 1148 35.08 48.01 12.78
N TYR B 1149 34.72 49.18 12.25
CA TYR B 1149 35.73 50.18 11.95
C TYR B 1149 36.30 50.73 13.25
N GLU B 1150 37.59 50.49 13.47
CA GLU B 1150 38.28 50.99 14.67
C GLU B 1150 39.74 51.24 14.28
N PRO B 1151 40.00 52.33 13.57
CA PRO B 1151 41.33 52.53 13.02
C PRO B 1151 42.40 52.62 14.10
N GLN B 1152 43.56 52.05 13.81
CA GLN B 1152 44.70 52.05 14.71
C GLN B 1152 45.94 52.49 13.95
N ILE B 1153 46.90 53.06 14.67
CA ILE B 1153 48.17 53.40 14.07
C ILE B 1153 48.89 52.12 13.66
N ILE B 1154 49.47 52.13 12.47
CA ILE B 1154 50.20 50.96 11.96
C ILE B 1154 51.54 50.93 12.70
N THR B 1155 51.71 49.94 13.58
CA THR B 1155 52.92 49.79 14.37
C THR B 1155 53.51 48.39 14.14
N THR B 1156 54.68 48.16 14.72
CA THR B 1156 55.30 46.84 14.62
C THR B 1156 54.53 45.80 15.43
N ASP B 1157 53.73 46.23 16.40
CA ASP B 1157 52.88 45.30 17.14
C ASP B 1157 51.65 44.90 16.34
N ASN B 1158 51.13 45.81 15.51
CA ASN B 1158 49.95 45.52 14.71
C ASN B 1158 50.24 44.56 13.58
N THR B 1159 51.46 44.60 13.03
CA THR B 1159 51.79 43.92 11.80
C THR B 1159 52.92 42.93 12.02
N PHE B 1160 53.21 42.15 10.98
CA PHE B 1160 54.39 41.31 10.94
C PHE B 1160 55.06 41.46 9.59
N VAL B 1161 56.36 41.20 9.56
CA VAL B 1161 57.18 41.40 8.37
C VAL B 1161 57.37 40.08 7.65
N SER B 1162 57.39 40.13 6.33
CA SER B 1162 57.67 38.94 5.53
C SER B 1162 58.19 39.39 4.17
N GLY B 1163 59.48 39.19 3.92
CA GLY B 1163 60.04 39.52 2.63
C GLY B 1163 60.17 41.01 2.40
N ASN B 1164 60.46 41.34 1.15
CA ASN B 1164 60.63 42.72 0.73
C ASN B 1164 59.38 43.19 -0.02
N CYS B 1165 59.44 44.38 -0.60
CA CYS B 1165 58.29 45.02 -1.22
C CYS B 1165 58.16 44.70 -2.70
N ASP B 1166 59.02 43.83 -3.25
CA ASP B 1166 59.09 43.64 -4.69
C ASP B 1166 58.16 42.56 -5.21
N VAL B 1167 57.46 41.83 -4.34
CA VAL B 1167 56.68 40.68 -4.77
C VAL B 1167 55.17 40.88 -4.57
N VAL B 1168 54.76 41.68 -3.60
CA VAL B 1168 53.34 41.83 -3.28
C VAL B 1168 52.70 42.79 -4.27
N ILE B 1169 51.60 42.35 -4.89
CA ILE B 1169 50.89 43.16 -5.86
C ILE B 1169 49.95 44.10 -5.10
N GLY B 1170 50.11 45.40 -5.33
CA GLY B 1170 49.28 46.39 -4.69
C GLY B 1170 49.84 46.97 -3.41
N ILE B 1171 51.08 46.63 -3.04
CA ILE B 1171 51.68 47.17 -1.83
C ILE B 1171 51.80 48.68 -1.95
N VAL B 1172 51.67 49.37 -0.82
CA VAL B 1172 51.70 50.83 -0.77
C VAL B 1172 52.76 51.30 0.20
N ASN B 1173 53.49 52.34 -0.21
CA ASN B 1173 54.48 52.99 0.61
C ASN B 1173 53.80 53.54 1.86
N ASN B 1174 54.39 53.30 3.03
CA ASN B 1174 53.94 54.02 4.21
C ASN B 1174 54.85 53.68 5.38
N THR B 1175 54.75 54.48 6.44
CA THR B 1175 55.61 54.33 7.60
C THR B 1175 54.93 53.45 8.65
N VAL B 1176 55.72 52.58 9.25
CA VAL B 1176 55.28 51.73 10.35
C VAL B 1176 55.97 52.22 11.62
N TYR B 1177 55.18 52.68 12.57
CA TYR B 1177 55.72 53.32 13.77
C TYR B 1177 56.18 52.26 14.77
N ASP B 1178 57.40 52.43 15.27
CA ASP B 1178 57.96 51.48 16.22
C ASP B 1178 57.71 52.00 17.63
N PRO B 1179 56.90 51.32 18.46
CA PRO B 1179 56.64 51.84 19.80
C PRO B 1179 57.88 51.95 20.66
N LEU B 1180 58.90 51.12 20.40
CA LEU B 1180 60.11 51.15 21.21
C LEU B 1180 60.97 52.36 20.91
N GLN B 1181 60.87 52.91 19.69
CA GLN B 1181 61.74 54.02 19.31
C GLN B 1181 61.52 55.25 20.20
N PRO B 1182 60.31 55.79 20.32
CA PRO B 1182 60.15 56.98 21.19
C PRO B 1182 60.50 56.71 22.63
N GLU B 1183 60.22 55.50 23.12
CA GLU B 1183 60.65 55.16 24.48
C GLU B 1183 62.15 55.27 24.63
N LEU B 1184 62.90 55.11 23.53
CA LEU B 1184 64.34 55.31 23.56
C LEU B 1184 64.76 56.72 23.18
N ASP B 1185 63.85 57.55 22.66
CA ASP B 1185 64.18 58.96 22.47
C ASP B 1185 64.03 59.74 23.77
N SER B 1186 63.11 59.32 24.64
CA SER B 1186 62.88 60.04 25.88
C SER B 1186 64.11 59.99 26.78
N PHE B 1187 64.65 58.79 27.03
CA PHE B 1187 65.81 58.71 27.90
C PHE B 1187 67.08 59.14 27.18
N LYS B 1188 67.04 59.15 25.85
CA LYS B 1188 68.18 59.64 25.07
C LYS B 1188 68.45 61.10 25.37
N GLU B 1189 67.39 61.92 25.46
CA GLU B 1189 67.54 63.33 25.76
C GLU B 1189 67.91 63.54 27.22
N ALA C 66 21.66 -34.34 -43.21
CA ALA C 66 22.32 -33.06 -43.45
C ALA C 66 21.58 -31.94 -42.73
N TYR C 67 22.31 -30.86 -42.41
CA TYR C 67 21.71 -29.71 -41.74
C TYR C 67 22.56 -28.48 -42.01
N THR C 68 21.97 -27.31 -41.78
CA THR C 68 22.67 -26.05 -41.94
C THR C 68 22.07 -25.02 -41.00
N ASN C 69 22.91 -24.08 -40.56
CA ASN C 69 22.52 -23.13 -39.53
C ASN C 69 21.43 -22.19 -40.03
N SER C 70 20.59 -21.75 -39.09
CA SER C 70 19.49 -20.84 -39.40
C SER C 70 19.89 -19.38 -39.36
N PHE C 71 21.09 -19.06 -38.86
CA PHE C 71 21.63 -17.70 -38.91
C PHE C 71 20.71 -16.83 -38.05
N THR C 72 20.25 -15.67 -38.53
CA THR C 72 19.43 -14.75 -37.74
C THR C 72 18.24 -14.26 -38.56
N ARG C 73 17.51 -15.20 -39.17
CA ARG C 73 16.40 -14.87 -40.04
C ARG C 73 15.25 -15.82 -39.78
N GLY C 74 14.07 -15.43 -40.24
CA GLY C 74 12.87 -16.24 -40.07
C GLY C 74 11.92 -15.71 -39.01
N VAL C 75 11.74 -14.40 -38.99
CA VAL C 75 10.82 -13.77 -38.07
C VAL C 75 9.51 -13.48 -38.81
N TYR C 76 8.48 -13.10 -38.07
CA TYR C 76 7.19 -12.78 -38.68
C TYR C 76 6.37 -11.94 -37.73
N TYR C 77 5.73 -10.89 -38.28
CA TYR C 77 4.91 -9.97 -37.49
C TYR C 77 3.83 -10.74 -36.75
N PRO C 78 3.96 -10.94 -35.43
CA PRO C 78 2.94 -11.66 -34.66
C PRO C 78 1.85 -10.73 -34.13
N ASP C 79 1.32 -9.87 -35.00
CA ASP C 79 0.41 -8.84 -34.53
C ASP C 79 -0.41 -8.32 -35.69
N LYS C 80 -1.60 -7.81 -35.36
CA LYS C 80 -2.45 -7.12 -36.30
C LYS C 80 -2.27 -5.60 -36.22
N VAL C 81 -1.25 -5.13 -35.52
CA VAL C 81 -1.07 -3.70 -35.23
C VAL C 81 0.31 -3.24 -35.67
N PHE C 82 0.63 -1.97 -35.41
CA PHE C 82 1.91 -1.40 -35.78
C PHE C 82 2.55 -0.66 -34.62
N ARG C 83 3.79 -0.26 -34.87
CA ARG C 83 4.62 0.41 -33.89
C ARG C 83 5.61 1.29 -34.64
N SER C 84 6.22 2.22 -33.92
CA SER C 84 7.15 3.16 -34.53
C SER C 84 8.26 3.46 -33.54
N SER C 85 9.49 3.06 -33.89
CA SER C 85 10.65 3.28 -33.05
C SER C 85 10.42 2.72 -31.65
N VAL C 86 9.99 1.47 -31.59
CA VAL C 86 9.69 0.79 -30.35
C VAL C 86 10.42 -0.55 -30.33
N LEU C 87 10.67 -1.06 -29.13
CA LEU C 87 11.26 -2.37 -28.91
C LEU C 87 10.19 -3.25 -28.27
N HIS C 88 9.42 -3.92 -29.12
CA HIS C 88 8.31 -4.75 -28.66
C HIS C 88 8.81 -6.16 -28.35
N SER C 89 8.07 -6.85 -27.49
CA SER C 89 8.41 -8.20 -27.06
C SER C 89 7.17 -9.08 -27.17
N THR C 90 7.30 -10.20 -27.89
CA THR C 90 6.18 -11.10 -28.12
C THR C 90 6.62 -12.55 -27.94
N GLN C 91 5.75 -13.34 -27.35
CA GLN C 91 5.93 -14.78 -27.22
C GLN C 91 5.14 -15.45 -28.32
N ASP C 92 5.83 -16.00 -29.31
CA ASP C 92 5.17 -16.61 -30.46
C ASP C 92 6.12 -17.62 -31.10
N LEU C 93 5.61 -18.33 -32.10
CA LEU C 93 6.33 -19.45 -32.71
C LEU C 93 7.31 -18.93 -33.76
N PHE C 94 8.50 -18.58 -33.30
CA PHE C 94 9.55 -18.08 -34.20
C PHE C 94 10.56 -19.18 -34.51
N LEU C 95 11.46 -18.86 -35.45
CA LEU C 95 12.58 -19.73 -35.76
C LEU C 95 13.77 -19.29 -34.92
N PRO C 96 14.25 -20.10 -33.97
CA PRO C 96 15.37 -19.67 -33.13
C PRO C 96 16.59 -19.32 -33.98
N PHE C 97 17.29 -18.27 -33.57
CA PHE C 97 18.53 -17.92 -34.23
C PHE C 97 19.53 -19.07 -34.10
N PHE C 98 20.20 -19.40 -35.20
CA PHE C 98 21.18 -20.49 -35.21
C PHE C 98 20.52 -21.79 -34.77
N SER C 99 19.53 -22.22 -35.54
CA SER C 99 18.68 -23.35 -35.18
C SER C 99 18.95 -24.61 -35.99
N ASN C 100 19.86 -24.54 -36.97
CA ASN C 100 20.17 -25.68 -37.83
C ASN C 100 18.92 -26.27 -38.48
N VAL C 101 18.42 -25.52 -39.45
CA VAL C 101 17.36 -25.98 -40.33
C VAL C 101 17.93 -27.04 -41.27
N THR C 102 17.22 -28.15 -41.41
CA THR C 102 17.64 -29.19 -42.34
C THR C 102 17.66 -28.64 -43.77
N TRP C 103 18.65 -29.07 -44.55
CA TRP C 103 18.82 -28.64 -45.93
C TRP C 103 18.54 -29.81 -46.85
N PHE C 104 17.48 -29.70 -47.64
CA PHE C 104 17.15 -30.69 -48.66
C PHE C 104 17.68 -30.24 -50.01
N HIS C 105 17.85 -31.21 -50.91
CA HIS C 105 18.37 -30.92 -52.25
C HIS C 105 17.81 -31.99 -53.20
N ALA C 106 16.77 -31.61 -53.95
CA ALA C 106 16.13 -32.52 -54.90
C ALA C 106 16.88 -32.46 -56.22
N ILE C 107 18.04 -33.14 -56.23
CA ILE C 107 18.89 -33.20 -57.43
C ILE C 107 18.34 -34.33 -58.31
N HIS C 108 17.52 -33.96 -59.29
CA HIS C 108 16.91 -34.94 -60.19
C HIS C 108 15.99 -35.86 -59.40
N LYS C 116 17.66 -38.95 -59.67
CA LYS C 116 18.85 -39.39 -58.97
C LYS C 116 18.68 -39.22 -57.46
N ARG C 117 18.54 -37.98 -57.02
CA ARG C 117 18.33 -37.64 -55.61
C ARG C 117 17.03 -36.86 -55.51
N PHE C 118 15.99 -37.53 -55.02
CA PHE C 118 14.68 -36.93 -54.85
C PHE C 118 14.25 -37.11 -53.40
N ASP C 119 13.97 -35.98 -52.73
CA ASP C 119 13.67 -35.97 -51.30
C ASP C 119 12.30 -35.36 -51.09
N ASN C 120 11.30 -36.22 -50.85
CA ASN C 120 9.97 -35.78 -50.48
C ASN C 120 9.44 -36.64 -49.34
N PRO C 121 10.23 -36.87 -48.29
CA PRO C 121 9.79 -37.79 -47.23
C PRO C 121 8.75 -37.16 -46.33
N VAL C 122 8.20 -37.97 -45.44
CA VAL C 122 7.26 -37.47 -44.44
C VAL C 122 8.02 -36.61 -43.45
N LEU C 123 7.54 -35.37 -43.26
CA LEU C 123 8.15 -34.42 -42.34
C LEU C 123 7.15 -34.14 -41.24
N PRO C 124 7.25 -34.79 -40.08
CA PRO C 124 6.23 -34.60 -39.04
C PRO C 124 6.07 -33.14 -38.67
N PHE C 125 4.83 -32.66 -38.77
CA PHE C 125 4.48 -31.30 -38.38
C PHE C 125 4.26 -31.27 -36.87
N ASN C 126 5.16 -30.61 -36.15
CA ASN C 126 5.01 -30.42 -34.72
C ASN C 126 4.16 -29.19 -34.47
N ASP C 127 4.06 -28.76 -33.21
CA ASP C 127 3.27 -27.57 -32.90
C ASP C 127 3.96 -26.36 -33.49
N GLY C 128 3.43 -25.84 -34.60
CA GLY C 128 4.08 -24.77 -35.32
C GLY C 128 5.18 -25.29 -36.21
N VAL C 129 5.22 -24.86 -37.46
CA VAL C 129 6.23 -25.31 -38.42
C VAL C 129 6.48 -24.19 -39.41
N TYR C 130 7.68 -24.19 -39.98
CA TYR C 130 8.15 -23.12 -40.85
C TYR C 130 8.80 -23.72 -42.08
N PHE C 131 8.84 -22.93 -43.16
CA PHE C 131 9.39 -23.38 -44.43
C PHE C 131 10.21 -22.25 -45.03
N ALA C 132 11.20 -22.63 -45.83
CA ALA C 132 11.96 -21.65 -46.61
C ALA C 132 12.57 -22.39 -47.80
N SER C 133 11.97 -22.21 -48.98
CA SER C 133 12.35 -22.97 -50.17
C SER C 133 13.21 -22.10 -51.08
N THR C 134 14.51 -22.34 -51.08
CA THR C 134 15.44 -21.73 -52.03
C THR C 134 15.40 -22.57 -53.30
N GLU C 135 14.53 -22.18 -54.24
CA GLU C 135 14.35 -23.05 -55.39
C GLU C 135 13.47 -22.34 -56.42
N LYS C 136 13.75 -22.57 -57.70
CA LYS C 136 13.08 -21.92 -58.80
C LYS C 136 12.05 -22.84 -59.46
N SER C 137 11.10 -22.23 -60.16
CA SER C 137 10.01 -22.91 -60.85
C SER C 137 8.97 -23.46 -59.88
N ASN C 138 9.00 -23.03 -58.63
CA ASN C 138 8.13 -23.50 -57.56
C ASN C 138 7.92 -25.02 -57.72
N ILE C 139 9.03 -25.74 -57.54
CA ILE C 139 8.99 -27.20 -57.50
C ILE C 139 8.19 -27.68 -56.30
N ILE C 140 8.28 -26.95 -55.18
CA ILE C 140 7.50 -27.26 -53.99
C ILE C 140 6.19 -26.49 -54.09
N ARG C 141 5.07 -27.22 -54.02
CA ARG C 141 3.75 -26.65 -54.26
C ARG C 141 2.90 -26.61 -52.99
N GLY C 142 2.69 -27.75 -52.33
CA GLY C 142 1.69 -27.85 -51.29
C GLY C 142 2.16 -28.66 -50.11
N TRP C 143 1.27 -28.81 -49.13
CA TRP C 143 1.57 -29.50 -47.88
C TRP C 143 0.32 -30.30 -47.49
N ILE C 144 0.34 -31.60 -47.79
CA ILE C 144 -0.77 -32.48 -47.46
C ILE C 144 -0.56 -32.98 -46.04
N PHE C 145 -1.46 -32.60 -45.14
CA PHE C 145 -1.38 -33.02 -43.75
C PHE C 145 -2.20 -34.29 -43.54
N GLY C 146 -2.23 -34.78 -42.30
CA GLY C 146 -2.98 -35.97 -41.97
C GLY C 146 -2.13 -37.02 -41.27
N THR C 147 -2.79 -37.91 -40.51
CA THR C 147 -2.04 -38.92 -39.77
C THR C 147 -1.50 -40.00 -40.69
N THR C 148 -2.31 -40.45 -41.64
CA THR C 148 -1.91 -41.51 -42.56
C THR C 148 -2.57 -41.32 -43.92
N THR C 153 -8.18 -41.47 -42.92
CA THR C 153 -8.09 -40.31 -42.05
C THR C 153 -8.07 -39.02 -42.87
N GLN C 154 -8.51 -37.93 -42.24
CA GLN C 154 -8.76 -36.66 -42.94
C GLN C 154 -7.43 -36.01 -43.30
N SER C 155 -6.89 -36.42 -44.45
CA SER C 155 -5.69 -35.79 -45.00
C SER C 155 -6.06 -34.56 -45.81
N LEU C 156 -5.29 -33.49 -45.63
CA LEU C 156 -5.57 -32.20 -46.24
C LEU C 156 -4.94 -32.13 -47.63
N LEU C 157 -5.20 -31.02 -48.33
CA LEU C 157 -4.69 -30.85 -49.69
C LEU C 157 -4.17 -29.45 -49.97
N ILE C 158 -4.01 -28.60 -48.95
CA ILE C 158 -3.56 -27.23 -49.16
C ILE C 158 -2.37 -27.24 -50.10
N VAL C 159 -2.52 -26.62 -51.28
CA VAL C 159 -1.50 -26.70 -52.31
C VAL C 159 -1.52 -25.40 -53.11
N ASN C 160 -0.33 -24.94 -53.48
CA ASN C 160 -0.19 -23.81 -54.39
C ASN C 160 0.07 -24.32 -55.81
N ASN C 161 -0.94 -25.00 -56.36
CA ASN C 161 -0.83 -25.60 -57.68
C ASN C 161 -0.49 -24.54 -58.73
N ALA C 162 0.02 -24.98 -59.88
CA ALA C 162 0.40 -24.05 -60.93
C ALA C 162 -0.77 -23.24 -61.44
N THR C 163 -2.01 -23.72 -61.27
CA THR C 163 -3.17 -23.05 -61.82
C THR C 163 -4.16 -22.57 -60.77
N ASN C 164 -3.94 -22.86 -59.49
CA ASN C 164 -4.90 -22.49 -58.46
C ASN C 164 -4.33 -22.87 -57.09
N VAL C 165 -4.92 -22.30 -56.06
CA VAL C 165 -4.68 -22.72 -54.68
C VAL C 165 -5.94 -23.46 -54.22
N VAL C 166 -5.81 -24.76 -54.00
CA VAL C 166 -6.94 -25.61 -53.67
C VAL C 166 -6.75 -26.12 -52.24
N ILE C 167 -7.78 -25.95 -51.42
CA ILE C 167 -7.79 -26.44 -50.05
C ILE C 167 -8.90 -27.46 -49.91
N LYS C 168 -8.56 -28.63 -49.38
CA LYS C 168 -9.46 -29.77 -49.37
C LYS C 168 -8.90 -30.83 -48.43
N VAL C 169 -9.80 -31.51 -47.71
CA VAL C 169 -9.40 -32.51 -46.73
C VAL C 169 -10.31 -33.73 -46.89
N CYS C 170 -9.70 -34.91 -47.00
CA CYS C 170 -10.44 -36.17 -47.02
C CYS C 170 -9.40 -37.30 -46.95
N GLU C 171 -9.85 -38.54 -47.06
CA GLU C 171 -8.97 -39.70 -46.91
C GLU C 171 -7.92 -39.81 -48.01
N PHE C 172 -8.07 -39.06 -49.10
CA PHE C 172 -7.16 -39.19 -50.22
C PHE C 172 -5.72 -38.97 -49.79
N GLN C 173 -4.79 -39.36 -50.67
CA GLN C 173 -3.37 -39.08 -50.54
C GLN C 173 -2.93 -38.26 -51.74
N PHE C 174 -1.94 -37.38 -51.52
CA PHE C 174 -1.52 -36.47 -52.58
C PHE C 174 -1.31 -37.27 -53.85
N CYS C 175 -2.15 -37.04 -54.86
CA CYS C 175 -2.13 -37.86 -56.05
C CYS C 175 -2.39 -37.03 -57.30
N ASN C 176 -1.88 -35.79 -57.32
CA ASN C 176 -1.60 -35.20 -58.62
C ASN C 176 -0.71 -36.15 -59.40
N ASP C 177 0.27 -36.73 -58.72
CA ASP C 177 0.92 -37.99 -59.05
C ASP C 177 1.81 -38.25 -57.83
N PRO C 178 2.50 -39.39 -57.73
CA PRO C 178 3.50 -39.51 -56.66
C PRO C 178 4.52 -38.38 -56.72
N PHE C 179 4.58 -37.71 -57.87
CA PHE C 179 5.38 -36.52 -58.07
C PHE C 179 4.58 -35.57 -58.96
N LEU C 180 4.55 -34.29 -58.61
CA LEU C 180 3.74 -33.35 -59.41
C LEU C 180 4.45 -33.13 -60.74
N GLY C 181 4.19 -34.05 -61.66
CA GLY C 181 4.82 -34.02 -62.97
C GLY C 181 4.69 -32.69 -63.66
N VAL C 182 5.82 -32.10 -64.04
CA VAL C 182 5.85 -30.78 -64.66
C VAL C 182 6.50 -30.87 -66.03
N TYR C 183 6.27 -31.99 -66.72
CA TYR C 183 6.61 -32.12 -68.14
C TYR C 183 7.99 -31.51 -68.44
N TYR C 184 9.02 -32.08 -67.80
CA TYR C 184 10.36 -31.53 -67.92
C TYR C 184 10.76 -31.49 -69.39
N HIS C 185 10.84 -30.28 -69.95
CA HIS C 185 11.09 -30.07 -71.37
C HIS C 185 10.37 -31.10 -72.22
N LYS C 186 9.11 -31.40 -71.87
CA LYS C 186 8.30 -32.33 -72.64
C LYS C 186 7.08 -31.63 -73.22
N LYS C 189 8.71 -27.56 -73.66
CA LYS C 189 8.87 -26.69 -72.50
C LYS C 189 7.51 -26.34 -71.93
N SER C 190 6.54 -27.23 -72.10
CA SER C 190 5.18 -26.97 -71.61
C SER C 190 5.18 -26.79 -70.10
N TRP C 191 5.86 -27.69 -69.38
CA TRP C 191 5.99 -27.61 -67.93
C TRP C 191 4.62 -27.47 -67.27
N MET C 192 3.79 -28.51 -67.43
CA MET C 192 2.46 -28.54 -66.83
C MET C 192 2.11 -29.97 -66.47
N GLU C 193 1.18 -30.10 -65.52
CA GLU C 193 0.65 -31.40 -65.13
C GLU C 193 -0.29 -31.92 -66.22
N SER C 194 0.24 -32.74 -67.13
CA SER C 194 -0.54 -33.24 -68.25
C SER C 194 -0.70 -34.76 -68.24
N GLU C 195 0.40 -35.51 -68.28
CA GLU C 195 0.34 -36.96 -68.45
C GLU C 195 0.38 -37.70 -67.12
N PHE C 196 -0.49 -37.34 -66.17
CA PHE C 196 -0.42 -37.95 -64.85
C PHE C 196 -1.81 -37.96 -64.22
N ARG C 197 -2.15 -39.08 -63.60
CA ARG C 197 -3.47 -39.25 -63.01
C ARG C 197 -3.66 -38.32 -61.83
N VAL C 198 -4.89 -37.83 -61.66
CA VAL C 198 -5.27 -36.98 -60.54
C VAL C 198 -6.35 -37.72 -59.76
N TYR C 199 -5.98 -38.23 -58.58
CA TYR C 199 -6.91 -38.93 -57.72
C TYR C 199 -7.34 -38.08 -56.53
N SER C 200 -6.39 -37.53 -55.78
CA SER C 200 -6.73 -36.57 -54.74
C SER C 200 -7.07 -35.21 -55.32
N SER C 201 -6.43 -34.83 -56.42
CA SER C 201 -6.75 -33.59 -57.12
C SER C 201 -7.96 -33.83 -58.02
N ALA C 202 -9.05 -34.37 -57.45
CA ALA C 202 -10.26 -34.65 -58.20
C ALA C 202 -11.52 -34.25 -57.42
N ASN C 203 -11.38 -33.41 -56.39
CA ASN C 203 -12.49 -33.00 -55.55
C ASN C 203 -13.25 -34.21 -55.01
N ASN C 204 -12.49 -35.11 -54.35
CA ASN C 204 -13.09 -36.33 -53.82
C ASN C 204 -14.14 -36.02 -52.76
N CYS C 205 -14.01 -34.90 -52.07
CA CYS C 205 -14.90 -34.55 -50.97
C CYS C 205 -15.09 -33.04 -50.98
N THR C 206 -15.86 -32.54 -50.01
CA THR C 206 -16.18 -31.11 -49.94
C THR C 206 -14.99 -30.35 -49.35
N PHE C 207 -15.24 -29.11 -48.92
CA PHE C 207 -14.26 -28.22 -48.29
C PHE C 207 -13.36 -27.51 -49.30
N GLU C 208 -13.67 -27.57 -50.59
CA GLU C 208 -12.89 -26.86 -51.59
C GLU C 208 -12.90 -25.36 -51.31
N TYR C 209 -11.75 -24.71 -51.52
CA TYR C 209 -11.63 -23.27 -51.33
C TYR C 209 -10.57 -22.77 -52.31
N VAL C 210 -10.82 -21.58 -52.88
CA VAL C 210 -9.89 -20.95 -53.82
C VAL C 210 -9.62 -19.52 -53.38
N SER C 211 -8.44 -19.03 -53.74
CA SER C 211 -7.97 -17.71 -53.33
C SER C 211 -7.25 -17.09 -54.51
N GLN C 212 -6.53 -15.99 -54.26
CA GLN C 212 -5.83 -15.21 -55.28
C GLN C 212 -5.21 -16.12 -56.35
N PRO C 213 -5.62 -16.00 -57.61
CA PRO C 213 -4.97 -16.78 -58.66
C PRO C 213 -3.59 -16.24 -59.01
N PHE C 214 -2.98 -16.79 -60.06
CA PHE C 214 -1.62 -16.43 -60.45
C PHE C 214 -1.38 -16.90 -61.87
N LEU C 215 -0.22 -16.54 -62.41
CA LEU C 215 0.17 -16.90 -63.77
C LEU C 215 1.02 -18.16 -63.82
N MET C 216 1.21 -18.84 -62.69
CA MET C 216 2.06 -20.03 -62.67
C MET C 216 1.50 -21.09 -63.60
N PHE C 225 19.12 -20.67 -57.01
CA PHE C 225 17.98 -20.31 -56.16
C PHE C 225 17.80 -18.80 -56.11
N LYS C 226 16.60 -18.33 -56.43
CA LYS C 226 16.33 -16.91 -56.53
C LYS C 226 15.15 -16.44 -55.68
N ASN C 227 14.40 -17.35 -55.08
CA ASN C 227 13.23 -16.99 -54.29
C ASN C 227 13.27 -17.67 -52.94
N LEU C 228 12.69 -17.01 -51.93
CA LEU C 228 12.53 -17.60 -50.61
C LEU C 228 11.17 -17.15 -50.07
N ARG C 229 10.15 -17.98 -50.32
CA ARG C 229 8.80 -17.73 -49.81
C ARG C 229 8.66 -18.55 -48.53
N GLU C 230 9.00 -17.94 -47.41
CA GLU C 230 9.02 -18.62 -46.13
C GLU C 230 7.65 -18.46 -45.46
N PHE C 231 7.09 -19.56 -44.96
CA PHE C 231 5.76 -19.54 -44.36
C PHE C 231 5.80 -19.97 -42.91
N VAL C 232 4.62 -20.12 -42.33
CA VAL C 232 4.47 -20.62 -40.97
C VAL C 232 3.14 -21.35 -40.87
N PHE C 233 3.18 -22.61 -40.44
CA PHE C 233 2.00 -23.45 -40.31
C PHE C 233 1.72 -23.65 -38.82
N LYS C 234 0.51 -23.27 -38.39
CA LYS C 234 0.16 -23.29 -36.97
C LYS C 234 -1.28 -23.77 -36.83
N ASN C 235 -1.45 -25.03 -36.43
CA ASN C 235 -2.77 -25.54 -36.09
C ASN C 235 -3.12 -25.24 -34.64
N ILE C 236 -2.95 -23.98 -34.25
CA ILE C 236 -3.17 -23.51 -32.89
C ILE C 236 -3.86 -22.15 -32.96
N ASP C 237 -4.05 -21.54 -31.80
CA ASP C 237 -4.75 -20.26 -31.67
C ASP C 237 -6.18 -20.51 -32.12
N GLY C 238 -6.69 -19.81 -33.13
CA GLY C 238 -8.00 -20.13 -33.65
C GLY C 238 -8.00 -21.45 -34.39
N TYR C 239 -7.35 -21.47 -35.54
CA TYR C 239 -7.27 -22.67 -36.38
C TYR C 239 -5.96 -22.59 -37.16
N PHE C 240 -5.85 -23.41 -38.21
CA PHE C 240 -4.62 -23.50 -38.98
C PHE C 240 -4.23 -22.14 -39.56
N LYS C 241 -3.17 -21.54 -39.03
CA LYS C 241 -2.75 -20.20 -39.43
C LYS C 241 -1.61 -20.28 -40.43
N ILE C 242 -1.67 -19.42 -41.45
CA ILE C 242 -0.71 -19.42 -42.56
C ILE C 242 -0.03 -18.06 -42.61
N TYR C 243 1.21 -18.07 -43.09
CA TYR C 243 2.00 -16.85 -43.27
C TYR C 243 2.71 -16.94 -44.61
N SER C 244 3.48 -15.89 -44.93
CA SER C 244 4.34 -15.89 -46.10
C SER C 244 5.12 -14.59 -46.14
N LYS C 245 6.23 -14.60 -46.87
CA LYS C 245 6.94 -13.38 -47.23
C LYS C 245 8.03 -13.74 -48.22
N HIS C 246 8.26 -12.85 -49.18
CA HIS C 246 9.31 -13.01 -50.17
C HIS C 246 10.50 -12.15 -49.78
N THR C 247 11.59 -12.31 -50.51
CA THR C 247 12.86 -11.68 -50.19
C THR C 247 13.57 -11.34 -51.48
N PRO C 248 14.62 -10.51 -51.42
CA PRO C 248 15.41 -10.26 -52.62
C PRO C 248 16.46 -11.32 -52.88
N ILE C 249 16.23 -12.51 -52.31
CA ILE C 249 17.27 -13.54 -52.19
C ILE C 249 17.83 -13.92 -53.55
N ASN C 250 19.06 -13.52 -53.78
CA ASN C 250 19.91 -14.11 -54.80
C ASN C 250 21.28 -14.48 -54.23
N LEU C 251 21.83 -13.63 -53.36
CA LEU C 251 23.00 -13.92 -52.52
C LEU C 251 24.07 -14.60 -53.38
N VAL C 252 24.89 -15.45 -52.75
CA VAL C 252 25.90 -16.23 -53.46
C VAL C 252 25.74 -17.70 -53.07
N ARG C 253 25.67 -17.98 -51.77
CA ARG C 253 25.55 -19.35 -51.29
C ARG C 253 25.00 -19.34 -49.88
N ASP C 254 24.16 -20.32 -49.58
CA ASP C 254 23.56 -20.46 -48.25
C ASP C 254 22.69 -19.24 -47.94
N LEU C 255 22.32 -19.07 -46.66
CA LEU C 255 21.44 -17.96 -46.31
C LEU C 255 22.25 -16.74 -45.90
N PRO C 256 21.75 -15.52 -46.14
CA PRO C 256 22.50 -14.33 -45.73
C PRO C 256 22.24 -13.89 -44.29
N GLN C 257 22.83 -12.76 -43.89
CA GLN C 257 22.57 -12.11 -42.62
C GLN C 257 21.66 -10.91 -42.88
N GLY C 258 20.35 -11.14 -42.86
CA GLY C 258 19.38 -10.08 -43.06
C GLY C 258 18.22 -10.16 -42.09
N PHE C 259 17.06 -9.62 -42.49
CA PHE C 259 15.89 -9.68 -41.62
C PHE C 259 14.66 -9.26 -42.41
N SER C 260 13.53 -9.92 -42.12
CA SER C 260 12.23 -9.59 -42.67
C SER C 260 11.23 -10.54 -42.02
N ALA C 261 9.94 -10.29 -42.25
CA ALA C 261 8.89 -10.97 -41.51
C ALA C 261 7.75 -11.39 -42.43
N LEU C 262 7.03 -12.42 -42.00
CA LEU C 262 5.95 -13.01 -42.78
C LEU C 262 4.62 -12.34 -42.44
N GLU C 263 3.79 -12.14 -43.45
CA GLU C 263 2.48 -11.50 -43.28
C GLU C 263 1.37 -12.52 -43.46
N PRO C 264 0.55 -12.79 -42.45
CA PRO C 264 -0.47 -13.85 -42.58
C PRO C 264 -1.51 -13.52 -43.64
N LEU C 265 -2.06 -14.57 -44.24
CA LEU C 265 -3.07 -14.44 -45.29
C LEU C 265 -4.44 -14.94 -44.83
N VAL C 266 -4.54 -16.19 -44.38
CA VAL C 266 -5.83 -16.80 -44.07
C VAL C 266 -5.66 -17.83 -42.97
N ASP C 267 -6.76 -18.11 -42.27
CA ASP C 267 -6.82 -19.17 -41.26
C ASP C 267 -8.10 -19.97 -41.50
N LEU C 268 -7.96 -21.18 -42.00
CA LEU C 268 -9.05 -22.08 -42.31
C LEU C 268 -9.30 -23.06 -41.16
N PRO C 269 -10.55 -23.50 -40.94
CA PRO C 269 -10.91 -24.25 -39.73
C PRO C 269 -10.81 -25.77 -39.86
N ILE C 270 -9.69 -26.27 -40.38
CA ILE C 270 -9.47 -27.71 -40.41
C ILE C 270 -9.26 -28.27 -39.00
N GLY C 271 -8.37 -27.64 -38.21
CA GLY C 271 -8.03 -28.19 -36.92
C GLY C 271 -7.71 -29.67 -37.01
N ILE C 272 -8.57 -30.49 -36.40
CA ILE C 272 -8.58 -31.94 -36.55
C ILE C 272 -7.17 -32.53 -36.51
N ASN C 273 -6.38 -32.17 -35.50
CA ASN C 273 -5.18 -32.92 -35.14
C ASN C 273 -4.23 -33.04 -36.35
N ILE C 274 -3.63 -31.90 -36.71
CA ILE C 274 -2.73 -31.85 -37.86
C ILE C 274 -1.33 -32.29 -37.46
N THR C 275 -0.72 -33.09 -38.32
CA THR C 275 0.70 -33.43 -38.27
C THR C 275 1.13 -33.80 -39.68
N ARG C 276 2.31 -34.38 -39.81
CA ARG C 276 2.79 -34.98 -41.05
C ARG C 276 2.55 -34.06 -42.24
N PHE C 277 3.08 -32.85 -42.18
CA PHE C 277 3.08 -32.00 -43.35
C PHE C 277 4.04 -32.60 -44.38
N GLN C 278 3.60 -32.64 -45.64
CA GLN C 278 4.33 -33.31 -46.70
C GLN C 278 4.43 -32.37 -47.90
N THR C 279 5.65 -31.88 -48.17
CA THR C 279 5.87 -31.08 -49.36
C THR C 279 5.53 -31.88 -50.61
N LEU C 280 5.12 -31.18 -51.66
CA LEU C 280 4.74 -31.78 -52.93
C LEU C 280 5.80 -31.42 -53.96
N LEU C 281 6.71 -32.36 -54.21
CA LEU C 281 7.78 -32.14 -55.18
C LEU C 281 7.28 -32.45 -56.59
N ALA C 282 7.71 -31.64 -57.55
CA ALA C 282 7.34 -31.82 -58.94
C ALA C 282 8.24 -32.84 -59.62
N LEU C 283 8.19 -32.94 -60.95
CA LEU C 283 9.15 -33.77 -61.67
C LEU C 283 9.73 -33.00 -62.85
N ALA C 302 16.39 -28.31 -56.84
CA ALA C 302 15.51 -27.64 -55.89
C ALA C 302 15.89 -27.99 -54.45
N ALA C 303 15.96 -26.97 -53.59
CA ALA C 303 16.31 -27.14 -52.19
C ALA C 303 15.26 -26.47 -51.33
N TYR C 304 14.76 -27.19 -50.32
CA TYR C 304 13.79 -26.65 -49.39
C TYR C 304 14.20 -27.03 -47.97
N TYR C 305 14.20 -26.03 -47.08
CA TYR C 305 14.56 -26.23 -45.69
C TYR C 305 13.31 -26.37 -44.84
N VAL C 306 13.48 -26.94 -43.65
CA VAL C 306 12.40 -26.99 -42.68
C VAL C 306 12.92 -26.54 -41.32
N GLY C 307 12.77 -25.26 -41.02
CA GLY C 307 13.17 -24.72 -39.74
C GLY C 307 12.04 -24.77 -38.72
N TYR C 308 11.78 -25.96 -38.17
CA TYR C 308 10.71 -26.12 -37.19
C TYR C 308 10.65 -24.94 -36.23
N LEU C 309 9.48 -24.36 -36.10
CA LEU C 309 9.27 -23.25 -35.18
C LEU C 309 9.29 -23.72 -33.74
N GLN C 310 9.60 -22.77 -32.85
CA GLN C 310 9.63 -23.02 -31.42
C GLN C 310 8.85 -21.93 -30.70
N PRO C 311 8.07 -22.28 -29.67
CA PRO C 311 7.45 -21.23 -28.85
C PRO C 311 8.47 -20.57 -27.95
N ARG C 312 8.84 -19.33 -28.26
CA ARG C 312 9.93 -18.67 -27.54
C ARG C 312 9.71 -17.17 -27.56
N THR C 313 9.92 -16.53 -26.40
CA THR C 313 9.80 -15.09 -26.31
C THR C 313 10.86 -14.42 -27.18
N PHE C 314 10.51 -13.25 -27.70
CA PHE C 314 11.26 -12.61 -28.77
C PHE C 314 11.13 -11.10 -28.67
N LEU C 315 12.26 -10.41 -28.75
CA LEU C 315 12.32 -8.96 -28.58
C LEU C 315 12.34 -8.33 -29.96
N LEU C 316 11.17 -8.00 -30.48
CA LEU C 316 11.06 -7.45 -31.81
C LEU C 316 11.31 -5.95 -31.76
N LYS C 317 12.18 -5.47 -32.63
CA LYS C 317 12.51 -4.04 -32.70
C LYS C 317 11.76 -3.44 -33.87
N TYR C 318 10.52 -3.03 -33.63
CA TYR C 318 9.76 -2.35 -34.67
C TYR C 318 10.43 -1.03 -35.01
N ASN C 319 10.72 -0.82 -36.28
CA ASN C 319 11.49 0.33 -36.71
C ASN C 319 10.58 1.57 -36.70
N GLU C 320 11.08 2.67 -37.26
CA GLU C 320 10.27 3.88 -37.37
C GLU C 320 9.11 3.68 -38.33
N ASN C 321 9.15 2.61 -39.11
CA ASN C 321 8.21 2.39 -40.20
C ASN C 321 7.25 1.28 -39.87
N GLY C 322 7.48 0.59 -38.75
CA GLY C 322 6.64 -0.47 -38.25
C GLY C 322 7.08 -1.86 -38.65
N THR C 323 8.13 -1.98 -39.45
CA THR C 323 8.62 -3.29 -39.85
C THR C 323 9.76 -3.72 -38.93
N ILE C 324 9.70 -4.96 -38.46
CA ILE C 324 10.70 -5.50 -37.56
C ILE C 324 12.04 -5.48 -38.28
N THR C 325 12.96 -4.63 -37.82
CA THR C 325 14.25 -4.48 -38.47
C THR C 325 15.32 -5.36 -37.81
N ASP C 326 15.49 -5.26 -36.50
CA ASP C 326 16.42 -6.07 -35.75
C ASP C 326 15.66 -6.84 -34.68
N ALA C 327 16.35 -7.76 -34.02
CA ALA C 327 15.70 -8.58 -33.02
C ALA C 327 16.73 -9.26 -32.12
N VAL C 328 16.23 -9.81 -31.03
CA VAL C 328 17.02 -10.57 -30.07
C VAL C 328 16.21 -11.79 -29.66
N ASP C 329 16.85 -12.96 -29.69
CA ASP C 329 16.24 -14.18 -29.19
C ASP C 329 16.58 -14.32 -27.71
N CYS C 330 15.58 -14.13 -26.85
CA CYS C 330 15.86 -14.02 -25.42
C CYS C 330 16.50 -15.28 -24.86
N ALA C 331 16.15 -16.44 -25.37
CA ALA C 331 16.67 -17.70 -24.87
C ALA C 331 17.94 -18.15 -25.57
N LEU C 332 18.47 -17.35 -26.50
CA LEU C 332 19.64 -17.77 -27.25
C LEU C 332 20.85 -17.94 -26.34
N ASP C 333 21.15 -16.95 -25.52
CA ASP C 333 22.35 -16.95 -24.70
C ASP C 333 22.18 -15.92 -23.60
N PRO C 334 23.05 -15.93 -22.58
CA PRO C 334 22.88 -14.99 -21.47
C PRO C 334 22.86 -13.53 -21.89
N LEU C 335 23.71 -13.14 -22.84
CA LEU C 335 23.73 -11.75 -23.27
C LEU C 335 22.40 -11.34 -23.87
N SER C 336 21.81 -12.20 -24.70
CA SER C 336 20.51 -11.90 -25.26
C SER C 336 19.46 -11.81 -24.16
N GLU C 337 19.54 -12.67 -23.15
CA GLU C 337 18.55 -12.66 -22.09
C GLU C 337 18.59 -11.34 -21.32
N THR C 338 19.79 -10.80 -21.09
CA THR C 338 19.90 -9.50 -20.44
C THR C 338 19.24 -8.41 -21.27
N LYS C 339 19.45 -8.45 -22.59
CA LYS C 339 18.86 -7.44 -23.46
C LYS C 339 17.33 -7.45 -23.35
N CYS C 340 16.73 -8.63 -23.33
CA CYS C 340 15.28 -8.71 -23.19
C CYS C 340 14.83 -8.19 -21.84
N THR C 341 15.53 -8.56 -20.76
CA THR C 341 15.16 -8.06 -19.44
C THR C 341 15.32 -6.54 -19.36
N LEU C 342 16.42 -6.02 -19.91
CA LEU C 342 16.61 -4.57 -19.96
C LEU C 342 15.73 -3.91 -21.01
N LYS C 343 15.07 -4.68 -21.87
CA LYS C 343 14.22 -4.13 -22.92
C LYS C 343 15.02 -3.17 -23.78
N SER C 344 16.28 -3.50 -24.03
CA SER C 344 17.17 -2.66 -24.81
C SER C 344 18.12 -3.54 -25.60
N PHE C 345 18.58 -3.02 -26.74
CA PHE C 345 19.48 -3.75 -27.61
C PHE C 345 20.94 -3.57 -27.24
N THR C 346 21.26 -2.63 -26.36
CA THR C 346 22.61 -2.42 -25.87
C THR C 346 22.55 -2.26 -24.36
N VAL C 347 23.42 -2.99 -23.66
CA VAL C 347 23.45 -3.00 -22.20
C VAL C 347 24.78 -2.41 -21.74
N GLU C 348 24.71 -1.53 -20.76
CA GLU C 348 25.91 -0.90 -20.21
C GLU C 348 26.66 -1.88 -19.32
N LYS C 349 27.90 -1.53 -19.01
CA LYS C 349 28.72 -2.35 -18.12
C LYS C 349 28.03 -2.52 -16.77
N GLY C 350 28.08 -3.75 -16.26
CA GLY C 350 27.52 -4.03 -14.95
C GLY C 350 27.11 -5.49 -14.85
N ILE C 351 26.38 -5.78 -13.77
CA ILE C 351 25.85 -7.11 -13.49
C ILE C 351 24.35 -6.97 -13.34
N TYR C 352 23.60 -7.83 -14.03
CA TYR C 352 22.16 -7.71 -14.14
C TYR C 352 21.48 -9.00 -13.71
N GLN C 353 20.41 -8.85 -12.94
CA GLN C 353 19.66 -10.01 -12.46
C GLN C 353 18.76 -10.54 -13.58
N THR C 354 18.84 -11.83 -13.83
CA THR C 354 18.10 -12.49 -14.89
C THR C 354 17.27 -13.61 -14.28
N SER C 355 16.28 -14.09 -15.04
CA SER C 355 15.34 -15.08 -14.54
C SER C 355 16.04 -16.13 -13.68
N ASN C 356 15.44 -16.46 -12.55
CA ASN C 356 16.03 -17.40 -11.63
C ASN C 356 16.13 -18.78 -12.27
N PHE C 357 17.05 -19.58 -11.76
CA PHE C 357 17.19 -20.97 -12.20
C PHE C 357 16.71 -21.89 -11.08
N ARG C 358 16.37 -23.11 -11.46
CA ARG C 358 15.83 -24.08 -10.51
C ARG C 358 16.12 -25.48 -11.02
N VAL C 359 16.31 -26.40 -10.09
CA VAL C 359 16.56 -27.80 -10.43
C VAL C 359 15.21 -28.49 -10.54
N GLN C 360 14.88 -28.94 -11.75
CA GLN C 360 13.60 -29.57 -11.95
C GLN C 360 13.60 -31.01 -11.41
N PRO C 361 12.45 -31.52 -11.01
CA PRO C 361 12.39 -32.91 -10.54
C PRO C 361 12.78 -33.87 -11.64
N THR C 362 13.51 -34.91 -11.26
CA THR C 362 13.92 -35.92 -12.24
C THR C 362 12.76 -36.83 -12.62
N GLU C 363 11.94 -37.25 -11.66
CA GLU C 363 10.85 -38.17 -11.94
C GLU C 363 9.81 -38.05 -10.83
N SER C 364 8.63 -38.59 -11.10
CA SER C 364 7.53 -38.57 -10.16
C SER C 364 7.60 -39.76 -9.20
N ILE C 365 7.08 -39.56 -8.00
CA ILE C 365 7.01 -40.60 -6.98
C ILE C 365 5.59 -40.64 -6.42
N VAL C 366 5.04 -41.85 -6.32
CA VAL C 366 3.73 -42.08 -5.73
C VAL C 366 3.90 -43.09 -4.60
N ARG C 367 3.43 -42.73 -3.41
CA ARG C 367 3.52 -43.60 -2.23
C ARG C 367 2.16 -43.64 -1.57
N PHE C 368 1.42 -44.72 -1.81
CA PHE C 368 0.12 -44.96 -1.21
C PHE C 368 0.17 -46.25 -0.40
N PRO C 369 -0.70 -46.40 0.60
CA PRO C 369 -0.84 -47.71 1.25
C PRO C 369 -1.32 -48.74 0.24
N ASN C 370 -0.83 -49.96 0.40
CA ASN C 370 -1.13 -51.04 -0.53
C ASN C 370 -2.36 -51.80 -0.03
N ILE C 371 -3.49 -51.59 -0.69
CA ILE C 371 -4.72 -52.33 -0.43
C ILE C 371 -5.36 -52.64 -1.78
N THR C 372 -6.16 -53.71 -1.80
CA THR C 372 -6.78 -54.17 -3.04
C THR C 372 -8.30 -54.25 -2.99
N ASN C 373 -8.89 -54.39 -1.81
CA ASN C 373 -10.34 -54.56 -1.72
C ASN C 373 -11.05 -53.27 -2.12
N LEU C 374 -12.01 -53.39 -3.03
CA LEU C 374 -12.83 -52.25 -3.41
C LEU C 374 -13.74 -51.85 -2.26
N CYS C 375 -14.08 -50.57 -2.20
CA CYS C 375 -14.98 -50.08 -1.17
C CYS C 375 -16.40 -50.60 -1.44
N PRO C 376 -17.22 -50.69 -0.40
CA PRO C 376 -18.59 -51.23 -0.56
C PRO C 376 -19.54 -50.20 -1.18
N PHE C 377 -19.17 -49.69 -2.36
CA PHE C 377 -20.06 -48.79 -3.06
C PHE C 377 -21.33 -49.50 -3.50
N GLY C 378 -21.20 -50.72 -3.99
CA GLY C 378 -22.39 -51.46 -4.36
C GLY C 378 -23.35 -51.62 -3.20
N GLU C 379 -22.83 -51.93 -2.01
CA GLU C 379 -23.71 -52.10 -0.86
C GLU C 379 -24.52 -50.84 -0.61
N VAL C 380 -23.87 -49.68 -0.56
CA VAL C 380 -24.58 -48.45 -0.31
C VAL C 380 -25.44 -48.08 -1.52
N PHE C 381 -24.94 -48.33 -2.73
CA PHE C 381 -25.67 -47.92 -3.93
C PHE C 381 -26.81 -48.90 -4.23
N ASN C 382 -26.55 -50.21 -4.25
CA ASN C 382 -27.57 -51.17 -4.68
C ASN C 382 -28.36 -51.68 -3.48
N ALA C 383 -28.90 -50.79 -2.66
CA ALA C 383 -29.51 -51.25 -1.42
C ALA C 383 -30.99 -51.54 -1.66
N THR C 384 -31.41 -52.74 -1.24
CA THR C 384 -32.77 -53.19 -1.51
C THR C 384 -33.80 -52.14 -1.11
N ARG C 385 -33.57 -51.49 0.02
CA ARG C 385 -34.42 -50.39 0.46
C ARG C 385 -33.55 -49.34 1.12
N PHE C 386 -33.79 -48.08 0.77
CA PHE C 386 -33.09 -46.96 1.38
C PHE C 386 -33.85 -46.48 2.60
N ALA C 387 -33.11 -45.97 3.57
CA ALA C 387 -33.72 -45.43 4.78
C ALA C 387 -34.43 -44.12 4.47
N SER C 388 -35.29 -43.70 5.39
CA SER C 388 -36.02 -42.45 5.22
C SER C 388 -35.12 -41.26 5.51
N VAL C 389 -35.58 -40.08 5.08
CA VAL C 389 -34.79 -38.87 5.24
C VAL C 389 -34.57 -38.56 6.72
N TYR C 390 -35.62 -38.68 7.54
CA TYR C 390 -35.45 -38.46 8.97
C TYR C 390 -34.58 -39.55 9.59
N ALA C 391 -34.67 -40.78 9.08
CA ALA C 391 -33.84 -41.88 9.54
C ALA C 391 -32.66 -42.14 8.62
N TRP C 392 -32.11 -41.09 8.02
CA TRP C 392 -31.02 -41.24 7.07
C TRP C 392 -29.85 -42.02 7.68
N ASN C 393 -29.58 -43.20 7.15
CA ASN C 393 -28.49 -44.03 7.64
C ASN C 393 -27.15 -43.47 7.19
N ARG C 394 -26.11 -43.79 7.96
CA ARG C 394 -24.75 -43.34 7.69
C ARG C 394 -23.81 -44.52 7.82
N LYS C 395 -23.33 -45.03 6.68
CA LYS C 395 -22.36 -46.11 6.64
C LYS C 395 -20.96 -45.54 6.49
N ARG C 396 -20.00 -46.15 7.17
CA ARG C 396 -18.62 -45.71 7.13
C ARG C 396 -17.84 -46.55 6.13
N ILE C 397 -17.09 -45.88 5.25
CA ILE C 397 -16.24 -46.53 4.27
C ILE C 397 -14.80 -46.32 4.68
N SER C 398 -14.04 -47.41 4.79
CA SER C 398 -12.65 -47.34 5.22
C SER C 398 -11.97 -48.64 4.82
N ASN C 399 -10.63 -48.61 4.87
CA ASN C 399 -9.81 -49.77 4.54
C ASN C 399 -10.20 -50.37 3.19
N CYS C 400 -10.10 -49.54 2.15
CA CYS C 400 -10.47 -49.98 0.82
C CYS C 400 -9.93 -49.00 -0.20
N VAL C 401 -10.04 -49.39 -1.47
CA VAL C 401 -9.63 -48.56 -2.60
C VAL C 401 -10.89 -48.21 -3.38
N ALA C 402 -11.17 -46.92 -3.51
CA ALA C 402 -12.39 -46.44 -4.13
C ALA C 402 -12.10 -46.00 -5.57
N ASP C 403 -12.79 -46.62 -6.52
CA ASP C 403 -12.67 -46.25 -7.93
C ASP C 403 -13.90 -45.41 -8.28
N TYR C 404 -13.82 -44.11 -7.97
CA TYR C 404 -14.95 -43.22 -8.18
C TYR C 404 -15.29 -43.04 -9.65
N SER C 405 -14.40 -43.42 -10.56
CA SER C 405 -14.66 -43.23 -11.98
C SER C 405 -15.91 -43.99 -12.41
N VAL C 406 -16.09 -45.22 -11.92
CA VAL C 406 -17.24 -46.02 -12.32
C VAL C 406 -18.54 -45.37 -11.86
N LEU C 407 -18.55 -44.84 -10.62
CA LEU C 407 -19.75 -44.14 -10.15
C LEU C 407 -20.06 -42.93 -11.01
N TYR C 408 -19.04 -42.14 -11.37
CA TYR C 408 -19.31 -40.92 -12.12
C TYR C 408 -19.70 -41.20 -13.56
N ASN C 409 -19.18 -42.27 -14.14
CA ASN C 409 -19.46 -42.58 -15.54
C ASN C 409 -20.87 -43.13 -15.76
N SER C 410 -21.56 -43.55 -14.70
CA SER C 410 -22.91 -44.10 -14.85
C SER C 410 -23.91 -42.96 -15.07
N ALA C 411 -24.71 -43.09 -16.12
CA ALA C 411 -25.72 -42.09 -16.45
C ALA C 411 -26.99 -42.24 -15.63
N SER C 412 -27.12 -43.31 -14.84
CA SER C 412 -28.32 -43.51 -14.05
C SER C 412 -28.51 -42.41 -13.00
N PHE C 413 -27.46 -41.68 -12.67
CA PHE C 413 -27.53 -40.63 -11.66
C PHE C 413 -27.98 -39.33 -12.30
N SER C 414 -29.09 -38.79 -11.81
CA SER C 414 -29.58 -37.51 -12.33
C SER C 414 -28.73 -36.35 -11.84
N THR C 415 -28.15 -36.46 -10.65
CA THR C 415 -27.32 -35.41 -10.08
C THR C 415 -26.03 -36.04 -9.54
N PHE C 416 -24.90 -35.44 -9.89
CA PHE C 416 -23.59 -35.83 -9.36
C PHE C 416 -22.81 -34.54 -9.17
N LYS C 417 -22.88 -33.97 -7.97
CA LYS C 417 -22.33 -32.66 -7.68
C LYS C 417 -21.27 -32.79 -6.60
N CYS C 418 -20.04 -32.39 -6.91
CA CYS C 418 -18.94 -32.36 -5.97
C CYS C 418 -18.61 -30.90 -5.65
N TYR C 419 -18.51 -30.59 -4.37
CA TYR C 419 -18.42 -29.21 -3.91
C TYR C 419 -17.03 -28.79 -3.47
N GLY C 420 -16.24 -29.70 -2.90
CA GLY C 420 -14.89 -29.36 -2.50
C GLY C 420 -13.84 -30.03 -3.35
N VAL C 421 -14.25 -30.99 -4.17
CA VAL C 421 -13.36 -31.75 -5.02
C VAL C 421 -14.00 -31.87 -6.40
N SER C 422 -13.17 -32.21 -7.39
CA SER C 422 -13.75 -32.51 -8.69
C SER C 422 -13.90 -34.01 -8.86
N PRO C 423 -14.96 -34.48 -9.53
CA PRO C 423 -15.12 -35.94 -9.68
C PRO C 423 -13.96 -36.59 -10.39
N THR C 424 -13.36 -35.93 -11.38
CA THR C 424 -12.21 -36.50 -12.06
C THR C 424 -11.02 -36.64 -11.12
N LYS C 425 -10.75 -35.61 -10.32
CA LYS C 425 -9.63 -35.65 -9.39
C LYS C 425 -9.85 -36.64 -8.26
N LEU C 426 -11.10 -37.05 -8.03
CA LEU C 426 -11.40 -37.91 -6.90
C LEU C 426 -10.60 -39.21 -6.95
N ASN C 427 -10.31 -39.70 -8.15
CA ASN C 427 -9.65 -41.00 -8.28
C ASN C 427 -8.19 -40.97 -7.87
N ASP C 428 -7.55 -39.80 -7.89
CA ASP C 428 -6.13 -39.67 -7.59
C ASP C 428 -5.89 -39.13 -6.18
N LEU C 429 -6.91 -39.10 -5.33
CA LEU C 429 -6.86 -38.44 -4.04
C LEU C 429 -7.21 -39.41 -2.94
N CYS C 430 -6.53 -39.28 -1.80
CA CYS C 430 -6.76 -40.14 -0.65
C CYS C 430 -7.35 -39.33 0.50
N PHE C 431 -8.29 -39.94 1.22
CA PHE C 431 -9.06 -39.28 2.25
C PHE C 431 -8.84 -39.97 3.59
N THR C 432 -9.04 -39.21 4.68
CA THR C 432 -8.96 -39.79 6.01
C THR C 432 -10.08 -40.79 6.24
N ASN C 433 -11.32 -40.39 5.95
CA ASN C 433 -12.48 -41.26 6.12
C ASN C 433 -13.58 -40.75 5.22
N VAL C 434 -14.57 -41.61 4.97
CA VAL C 434 -15.69 -41.31 4.10
C VAL C 434 -16.98 -41.66 4.82
N TYR C 435 -17.96 -40.76 4.76
CA TYR C 435 -19.29 -40.99 5.30
C TYR C 435 -20.27 -41.11 4.14
N ALA C 436 -20.83 -42.30 3.95
CA ALA C 436 -21.84 -42.54 2.93
C ALA C 436 -23.22 -42.50 3.58
N ASP C 437 -23.95 -41.42 3.33
CA ASP C 437 -25.28 -41.21 3.89
C ASP C 437 -26.32 -41.40 2.79
N SER C 438 -27.28 -42.28 3.03
CA SER C 438 -28.31 -42.63 2.05
C SER C 438 -29.68 -42.32 2.62
N PHE C 439 -30.54 -41.73 1.79
CA PHE C 439 -31.91 -41.45 2.18
C PHE C 439 -32.73 -41.24 0.92
N VAL C 440 -34.05 -41.28 1.08
CA VAL C 440 -35.00 -41.06 -0.01
C VAL C 440 -35.79 -39.79 0.33
N ILE C 441 -35.82 -38.85 -0.62
CA ILE C 441 -36.51 -37.59 -0.44
C ILE C 441 -37.33 -37.27 -1.69
N ARG C 442 -38.28 -36.36 -1.51
CA ARG C 442 -39.05 -35.85 -2.63
C ARG C 442 -38.14 -35.14 -3.61
N GLY C 443 -38.46 -35.26 -4.91
CA GLY C 443 -37.59 -34.72 -5.93
C GLY C 443 -37.35 -33.23 -5.79
N ASP C 444 -38.38 -32.49 -5.39
CA ASP C 444 -38.24 -31.04 -5.22
C ASP C 444 -37.24 -30.68 -4.14
N GLU C 445 -36.97 -31.58 -3.20
CA GLU C 445 -36.11 -31.29 -2.07
C GLU C 445 -34.63 -31.52 -2.38
N VAL C 446 -34.30 -31.95 -3.59
CA VAL C 446 -32.90 -32.20 -3.94
C VAL C 446 -32.08 -30.93 -3.80
N ARG C 447 -32.65 -29.79 -4.17
CA ARG C 447 -31.92 -28.53 -4.06
C ARG C 447 -31.56 -28.24 -2.61
N GLN C 448 -32.50 -28.47 -1.69
CA GLN C 448 -32.23 -28.22 -0.27
C GLN C 448 -31.08 -29.06 0.24
N ILE C 449 -30.78 -30.19 -0.42
CA ILE C 449 -29.66 -31.02 0.00
C ILE C 449 -28.34 -30.30 -0.17
N ALA C 450 -28.27 -29.36 -1.10
CA ALA C 450 -27.03 -28.65 -1.35
C ALA C 450 -26.64 -27.83 -0.12
N PRO C 451 -25.35 -27.58 0.08
CA PRO C 451 -24.92 -26.84 1.29
C PRO C 451 -25.40 -25.40 1.27
N GLY C 452 -25.63 -24.87 2.47
CA GLY C 452 -26.03 -23.49 2.61
C GLY C 452 -27.46 -23.20 2.22
N GLN C 453 -28.34 -24.21 2.24
CA GLN C 453 -29.74 -24.05 1.90
C GLN C 453 -30.57 -23.93 3.16
N THR C 454 -31.89 -23.87 3.00
CA THR C 454 -32.79 -23.81 4.15
C THR C 454 -34.15 -24.33 3.71
N GLY C 455 -34.97 -24.66 4.71
CA GLY C 455 -36.28 -25.22 4.47
C GLY C 455 -36.63 -26.25 5.51
N LYS C 456 -37.81 -26.86 5.40
CA LYS C 456 -38.20 -27.89 6.37
C LYS C 456 -37.22 -29.06 6.36
N ILE C 457 -36.83 -29.51 5.17
CA ILE C 457 -35.84 -30.59 5.08
C ILE C 457 -34.51 -30.12 5.65
N ALA C 458 -34.09 -28.91 5.27
CA ALA C 458 -32.81 -28.38 5.72
C ALA C 458 -32.84 -27.94 7.18
N ASP C 459 -34.02 -27.89 7.82
CA ASP C 459 -34.13 -27.42 9.18
C ASP C 459 -34.74 -28.43 10.14
N TYR C 460 -35.33 -29.53 9.65
CA TYR C 460 -35.99 -30.48 10.53
C TYR C 460 -35.49 -31.92 10.40
N ASN C 461 -34.86 -32.31 9.29
CA ASN C 461 -34.39 -33.68 9.15
C ASN C 461 -32.98 -33.85 8.61
N TYR C 462 -32.44 -32.90 7.84
CA TYR C 462 -31.12 -33.10 7.27
C TYR C 462 -30.55 -31.77 6.81
N LYS C 463 -29.33 -31.45 7.26
CA LYS C 463 -28.65 -30.21 6.94
C LYS C 463 -27.21 -30.51 6.58
N LEU C 464 -26.68 -29.78 5.56
CA LEU C 464 -25.28 -29.90 5.23
C LEU C 464 -24.49 -28.74 5.82
N PRO C 465 -23.21 -28.94 6.12
CA PRO C 465 -22.40 -27.84 6.66
C PRO C 465 -22.12 -26.79 5.60
N ASP C 466 -21.82 -25.58 6.08
CA ASP C 466 -21.53 -24.48 5.16
C ASP C 466 -20.30 -24.77 4.33
N ASP C 467 -19.27 -25.37 4.94
CA ASP C 467 -18.02 -25.69 4.27
C ASP C 467 -17.97 -27.14 3.79
N PHE C 468 -19.11 -27.69 3.36
CA PHE C 468 -19.19 -29.09 2.99
C PHE C 468 -18.17 -29.41 1.89
N THR C 469 -17.49 -30.54 2.06
CA THR C 469 -16.56 -31.06 1.06
C THR C 469 -16.95 -32.49 0.74
N GLY C 470 -17.33 -32.75 -0.49
CA GLY C 470 -17.74 -34.08 -0.89
C GLY C 470 -18.58 -34.03 -2.15
N CYS C 471 -19.13 -35.19 -2.49
CA CYS C 471 -19.97 -35.34 -3.67
C CYS C 471 -21.34 -35.86 -3.27
N VAL C 472 -22.38 -35.29 -3.87
CA VAL C 472 -23.76 -35.70 -3.66
C VAL C 472 -24.24 -36.39 -4.93
N ILE C 473 -24.81 -37.58 -4.78
CA ILE C 473 -25.26 -38.38 -5.91
C ILE C 473 -26.73 -38.72 -5.69
N ALA C 474 -27.54 -38.54 -6.74
CA ALA C 474 -28.98 -38.80 -6.66
C ALA C 474 -29.44 -39.45 -7.95
N TRP C 475 -30.54 -40.19 -7.84
CA TRP C 475 -31.17 -40.82 -8.99
C TRP C 475 -32.59 -41.21 -8.62
N ASN C 476 -33.51 -41.03 -9.57
CA ASN C 476 -34.91 -41.36 -9.31
C ASN C 476 -35.07 -42.85 -9.04
N SER C 477 -35.94 -43.17 -8.08
CA SER C 477 -36.26 -44.55 -7.73
C SER C 477 -37.77 -44.73 -7.69
N ASN C 478 -38.49 -44.04 -8.58
CA ASN C 478 -39.94 -44.16 -8.61
C ASN C 478 -40.36 -45.60 -8.90
N ASN C 479 -39.82 -46.19 -9.96
CA ASN C 479 -40.17 -47.57 -10.30
C ASN C 479 -39.69 -48.53 -9.24
N LEU C 480 -38.55 -48.24 -8.60
CA LEU C 480 -37.98 -49.19 -7.65
C LEU C 480 -38.75 -49.21 -6.34
N ASP C 481 -39.14 -48.05 -5.82
CA ASP C 481 -39.70 -47.92 -4.48
C ASP C 481 -40.94 -47.05 -4.48
N SER C 482 -41.86 -47.31 -5.40
CA SER C 482 -43.16 -46.63 -5.40
C SER C 482 -44.24 -47.62 -5.81
N LYS C 483 -45.40 -47.49 -5.19
CA LYS C 483 -46.54 -48.36 -5.46
C LYS C 483 -47.77 -47.50 -5.73
N VAL C 484 -48.70 -48.06 -6.51
CA VAL C 484 -49.89 -47.30 -6.91
C VAL C 484 -50.73 -46.93 -5.69
N GLY C 485 -50.75 -47.79 -4.67
CA GLY C 485 -51.50 -47.51 -3.47
C GLY C 485 -50.86 -46.56 -2.49
N GLY C 486 -49.63 -46.12 -2.76
CA GLY C 486 -48.94 -45.20 -1.88
C GLY C 486 -47.92 -45.90 -1.01
N ASN C 487 -46.64 -45.78 -1.37
CA ASN C 487 -45.56 -46.39 -0.60
C ASN C 487 -45.21 -45.46 0.55
N TYR C 488 -46.02 -45.54 1.60
CA TYR C 488 -45.89 -44.66 2.76
C TYR C 488 -44.73 -45.05 3.67
N ASN C 489 -43.89 -46.00 3.26
CA ASN C 489 -42.74 -46.38 4.09
C ASN C 489 -41.77 -45.24 4.28
N TYR C 490 -41.78 -44.23 3.40
CA TYR C 490 -40.85 -43.12 3.46
C TYR C 490 -41.53 -41.95 4.16
N LEU C 491 -41.19 -41.76 5.43
CA LEU C 491 -41.65 -40.66 6.24
C LEU C 491 -40.59 -39.57 6.30
N TYR C 492 -40.99 -38.39 6.80
CA TYR C 492 -40.07 -37.28 6.99
C TYR C 492 -40.58 -36.40 8.12
N ARG C 493 -39.67 -35.63 8.70
CA ARG C 493 -39.99 -34.78 9.85
C ARG C 493 -40.36 -33.38 9.37
N LEU C 494 -41.56 -32.95 9.72
CA LEU C 494 -42.07 -31.62 9.38
C LEU C 494 -42.15 -30.64 10.53
N PHE C 495 -42.00 -31.09 11.78
CA PHE C 495 -42.09 -30.18 12.90
C PHE C 495 -41.05 -30.56 13.95
N ARG C 496 -40.42 -29.54 14.52
CA ARG C 496 -39.41 -29.73 15.54
C ARG C 496 -39.36 -28.49 16.42
N LYS C 497 -38.73 -28.64 17.59
CA LYS C 497 -38.64 -27.52 18.51
C LYS C 497 -38.00 -26.31 17.84
N SER C 498 -37.03 -26.54 16.98
CA SER C 498 -36.35 -25.46 16.25
C SER C 498 -35.62 -26.09 15.06
N ASN C 499 -34.76 -25.30 14.42
CA ASN C 499 -33.97 -25.81 13.31
C ASN C 499 -32.92 -26.79 13.82
N LEU C 500 -32.13 -27.32 12.89
CA LEU C 500 -31.13 -28.33 13.21
C LEU C 500 -29.78 -27.91 12.64
N LYS C 501 -28.71 -28.32 13.33
CA LYS C 501 -27.35 -28.05 12.93
C LYS C 501 -26.86 -29.10 11.94
N PRO C 502 -25.83 -28.78 11.14
CA PRO C 502 -25.50 -29.67 10.02
C PRO C 502 -25.01 -31.03 10.50
N PHE C 503 -25.35 -32.06 9.71
CA PHE C 503 -25.00 -33.44 10.01
C PHE C 503 -25.49 -33.83 11.41
N GLU C 504 -26.82 -33.81 11.54
CA GLU C 504 -27.50 -34.18 12.78
C GLU C 504 -28.54 -35.24 12.49
N ARG C 505 -28.47 -36.35 13.21
CA ARG C 505 -29.56 -37.31 13.19
C ARG C 505 -30.79 -36.71 13.88
N ASP C 506 -31.96 -36.96 13.32
CA ASP C 506 -33.17 -36.23 13.66
C ASP C 506 -34.29 -37.18 14.06
N ILE C 507 -34.01 -38.10 14.98
CA ILE C 507 -35.07 -38.94 15.52
C ILE C 507 -35.67 -38.16 16.69
N SER C 508 -36.58 -37.24 16.37
CA SER C 508 -37.11 -36.27 17.32
C SER C 508 -38.56 -36.60 17.66
N THR C 509 -39.15 -35.72 18.46
CA THR C 509 -40.52 -35.91 18.93
C THR C 509 -41.25 -34.58 18.99
N GLU C 510 -42.54 -34.63 18.69
CA GLU C 510 -43.47 -33.50 18.67
C GLU C 510 -44.78 -34.04 19.22
N ILE C 511 -45.92 -33.48 18.80
CA ILE C 511 -47.21 -33.60 19.50
C ILE C 511 -47.36 -32.74 20.74
N TYR C 512 -46.26 -32.50 21.47
CA TYR C 512 -46.31 -31.35 22.37
C TYR C 512 -46.62 -30.12 21.52
N GLN C 513 -46.99 -29.01 22.14
CA GLN C 513 -47.55 -27.89 21.37
C GLN C 513 -46.47 -27.28 20.49
N ALA C 514 -46.74 -27.23 19.18
CA ALA C 514 -45.88 -26.57 18.22
C ALA C 514 -46.31 -25.14 17.95
N GLY C 515 -46.96 -24.50 18.92
CA GLY C 515 -47.38 -23.12 18.79
C GLY C 515 -48.70 -22.83 19.47
N SER C 516 -48.73 -21.76 20.27
CA SER C 516 -49.95 -21.30 20.93
C SER C 516 -50.61 -22.40 21.75
N THR C 517 -51.60 -23.07 21.17
CA THR C 517 -52.44 -24.00 21.91
C THR C 517 -51.58 -25.05 22.61
N PRO C 518 -51.71 -25.20 23.94
CA PRO C 518 -50.92 -26.24 24.66
C PRO C 518 -51.58 -27.61 24.64
N CYS C 519 -51.46 -28.30 23.50
CA CYS C 519 -52.05 -29.63 23.38
C CYS C 519 -51.23 -30.69 24.12
N ASN C 520 -49.96 -30.42 24.40
CA ASN C 520 -49.07 -31.39 25.04
C ASN C 520 -49.30 -32.79 24.49
N GLY C 521 -49.93 -33.68 25.26
CA GLY C 521 -50.09 -35.05 24.80
C GLY C 521 -50.96 -35.17 23.57
N VAL C 522 -52.10 -34.47 23.56
CA VAL C 522 -53.05 -34.62 22.47
C VAL C 522 -52.56 -33.85 21.24
N GLU C 523 -53.12 -34.22 20.08
CA GLU C 523 -52.77 -33.63 18.80
C GLU C 523 -53.87 -32.68 18.34
N GLY C 524 -53.47 -31.70 17.54
CA GLY C 524 -54.43 -30.74 17.02
C GLY C 524 -53.72 -29.69 16.19
N PHE C 525 -54.50 -28.70 15.77
CA PHE C 525 -53.95 -27.61 14.97
C PHE C 525 -52.88 -26.88 15.75
N ASN C 526 -51.75 -26.61 15.09
CA ASN C 526 -50.55 -26.01 15.65
C ASN C 526 -49.80 -26.96 16.58
N CYS C 527 -50.27 -28.20 16.76
CA CYS C 527 -49.61 -29.18 17.62
C CYS C 527 -49.64 -30.56 16.95
N TYR C 528 -49.28 -30.59 15.67
CA TYR C 528 -49.43 -31.78 14.85
C TYR C 528 -48.44 -32.87 15.25
N PHE C 529 -48.66 -34.05 14.69
CA PHE C 529 -47.68 -35.12 14.77
C PHE C 529 -46.41 -34.70 14.02
N PRO C 530 -45.21 -35.00 14.55
CA PRO C 530 -43.99 -34.47 13.92
C PRO C 530 -43.82 -34.85 12.45
N LEU C 531 -43.81 -36.15 12.17
CA LEU C 531 -43.44 -36.63 10.84
C LEU C 531 -44.66 -36.65 9.92
N GLN C 532 -44.38 -36.52 8.62
CA GLN C 532 -45.41 -36.62 7.59
C GLN C 532 -44.90 -37.49 6.46
N SER C 533 -45.82 -38.25 5.86
CA SER C 533 -45.49 -39.22 4.84
C SER C 533 -45.47 -38.58 3.46
N TYR C 534 -44.95 -39.34 2.49
CA TYR C 534 -44.89 -38.91 1.10
C TYR C 534 -45.88 -39.72 0.27
N GLY C 535 -46.62 -39.03 -0.59
CA GLY C 535 -47.51 -39.71 -1.50
C GLY C 535 -46.76 -40.29 -2.69
N PHE C 536 -45.76 -41.12 -2.41
CA PHE C 536 -44.94 -41.70 -3.48
C PHE C 536 -45.78 -42.71 -4.25
N GLN C 537 -46.18 -42.33 -5.47
CA GLN C 537 -46.92 -43.19 -6.36
C GLN C 537 -46.24 -43.20 -7.72
N PRO C 538 -46.36 -44.28 -8.49
CA PRO C 538 -45.88 -44.24 -9.87
C PRO C 538 -46.59 -43.19 -10.71
N THR C 539 -47.80 -42.80 -10.30
CA THR C 539 -48.50 -41.70 -10.98
C THR C 539 -47.82 -40.36 -10.71
N ASN C 540 -47.09 -40.22 -9.62
CA ASN C 540 -46.47 -38.95 -9.29
C ASN C 540 -45.52 -38.51 -10.40
N GLY C 541 -45.55 -37.21 -10.71
CA GLY C 541 -44.62 -36.66 -11.66
C GLY C 541 -43.27 -36.34 -11.04
N VAL C 542 -42.32 -36.02 -11.91
CA VAL C 542 -40.97 -35.68 -11.46
C VAL C 542 -41.06 -34.59 -10.40
N GLY C 543 -40.17 -34.62 -9.43
CA GLY C 543 -40.25 -33.73 -8.29
C GLY C 543 -41.00 -34.38 -7.14
N TYR C 544 -42.24 -34.80 -7.40
CA TYR C 544 -43.00 -35.55 -6.41
C TYR C 544 -42.58 -37.01 -6.33
N GLN C 545 -41.91 -37.52 -7.36
CA GLN C 545 -41.46 -38.90 -7.34
C GLN C 545 -40.35 -39.08 -6.31
N PRO C 546 -40.25 -40.25 -5.69
CA PRO C 546 -39.15 -40.49 -4.75
C PRO C 546 -37.81 -40.52 -5.46
N TYR C 547 -36.79 -40.04 -4.76
CA TYR C 547 -35.42 -39.98 -5.27
C TYR C 547 -34.48 -40.59 -4.25
N ARG C 548 -33.63 -41.51 -4.71
CA ARG C 548 -32.60 -42.10 -3.87
C ARG C 548 -31.34 -41.25 -3.97
N VAL C 549 -30.84 -40.79 -2.83
CA VAL C 549 -29.70 -39.88 -2.76
C VAL C 549 -28.65 -40.47 -1.84
N VAL C 550 -27.40 -40.50 -2.31
CA VAL C 550 -26.26 -40.89 -1.50
C VAL C 550 -25.23 -39.77 -1.56
N VAL C 551 -24.74 -39.35 -0.40
CA VAL C 551 -23.82 -38.23 -0.28
C VAL C 551 -22.57 -38.68 0.47
N LEU C 552 -21.41 -38.32 -0.08
CA LEU C 552 -20.13 -38.62 0.54
C LEU C 552 -19.58 -37.35 1.18
N SER C 553 -19.11 -37.48 2.42
CA SER C 553 -18.67 -36.34 3.23
C SER C 553 -17.26 -36.59 3.76
N PHE C 554 -16.37 -37.01 2.87
CA PHE C 554 -15.02 -37.38 3.29
C PHE C 554 -14.21 -36.16 3.70
N GLU C 555 -13.34 -36.37 4.70
CA GLU C 555 -12.38 -35.37 5.13
C GLU C 555 -11.09 -35.48 4.31
N LEU C 556 -10.31 -34.40 4.32
CA LEU C 556 -9.18 -34.25 3.41
C LEU C 556 -7.91 -33.88 4.15
N LEU C 557 -6.86 -34.67 3.92
CA LEU C 557 -5.47 -34.29 4.20
C LEU C 557 -5.33 -33.64 5.58
N HIS C 558 -5.73 -34.39 6.62
CA HIS C 558 -5.53 -33.94 7.98
C HIS C 558 -5.11 -35.05 8.94
N ALA C 559 -4.97 -36.28 8.48
CA ALA C 559 -4.68 -37.42 9.36
C ALA C 559 -4.21 -38.58 8.50
N PRO C 560 -3.61 -39.61 9.11
CA PRO C 560 -3.24 -40.78 8.32
C PRO C 560 -4.43 -41.33 7.53
N ALA C 561 -4.33 -41.25 6.21
CA ALA C 561 -5.44 -41.64 5.36
C ALA C 561 -5.59 -43.16 5.33
N THR C 562 -6.81 -43.61 5.07
CA THR C 562 -7.12 -45.02 5.06
C THR C 562 -7.71 -45.51 3.74
N VAL C 563 -8.45 -44.66 3.03
CA VAL C 563 -9.05 -45.01 1.75
C VAL C 563 -8.45 -44.09 0.69
N CYS C 564 -7.76 -44.70 -0.28
CA CYS C 564 -7.14 -43.98 -1.39
C CYS C 564 -7.77 -44.42 -2.70
N GLY C 565 -7.21 -43.95 -3.80
CA GLY C 565 -7.67 -44.32 -5.12
C GLY C 565 -6.89 -45.50 -5.68
N PRO C 566 -7.35 -46.04 -6.81
CA PRO C 566 -6.71 -47.21 -7.44
C PRO C 566 -5.52 -46.85 -8.33
N LYS C 567 -4.63 -46.01 -7.82
CA LYS C 567 -3.42 -45.63 -8.53
C LYS C 567 -2.23 -46.33 -7.91
N LYS C 568 -1.39 -46.92 -8.73
CA LYS C 568 -0.36 -47.83 -8.27
C LYS C 568 0.79 -47.05 -7.66
N SER C 569 1.23 -47.47 -6.47
CA SER C 569 2.36 -46.84 -5.81
C SER C 569 3.66 -47.21 -6.53
N THR C 570 4.50 -46.21 -6.78
CA THR C 570 5.77 -46.43 -7.46
C THR C 570 6.87 -46.67 -6.43
N ASN C 571 8.09 -46.88 -6.93
CA ASN C 571 9.23 -47.11 -6.07
C ASN C 571 9.64 -45.82 -5.36
N LEU C 572 10.42 -45.97 -4.30
CA LEU C 572 10.87 -44.85 -3.49
C LEU C 572 12.30 -44.47 -3.90
N VAL C 573 12.49 -43.20 -4.26
CA VAL C 573 13.77 -42.67 -4.69
C VAL C 573 14.22 -41.61 -3.69
N LYS C 574 15.51 -41.59 -3.39
CA LYS C 574 16.05 -40.76 -2.33
C LYS C 574 17.22 -39.93 -2.86
N ASN C 575 17.43 -38.78 -2.22
CA ASN C 575 18.55 -37.89 -2.52
C ASN C 575 18.49 -37.33 -3.94
N LYS C 576 17.32 -37.38 -4.56
CA LYS C 576 17.14 -36.88 -5.92
C LYS C 576 15.98 -35.91 -5.94
N CYS C 577 16.18 -34.74 -6.55
CA CYS C 577 15.09 -33.80 -6.77
C CYS C 577 13.99 -34.47 -7.57
N VAL C 578 12.83 -34.71 -6.95
CA VAL C 578 11.75 -35.47 -7.55
C VAL C 578 10.42 -34.90 -7.12
N ASN C 579 9.37 -35.32 -7.83
CA ASN C 579 8.00 -35.02 -7.45
C ASN C 579 7.47 -36.18 -6.63
N PHE C 580 7.05 -35.90 -5.39
CA PHE C 580 6.56 -36.91 -4.48
C PHE C 580 5.06 -36.78 -4.30
N ASN C 581 4.44 -37.87 -3.85
CA ASN C 581 3.00 -37.91 -3.62
C ASN C 581 2.74 -38.92 -2.52
N PHE C 582 2.57 -38.43 -1.29
CA PHE C 582 2.33 -39.28 -0.12
C PHE C 582 0.87 -39.15 0.28
N ASN C 583 0.06 -40.13 -0.15
CA ASN C 583 -1.36 -40.17 0.20
C ASN C 583 -2.06 -38.89 -0.25
N GLY C 584 -1.83 -38.52 -1.50
CA GLY C 584 -2.43 -37.33 -2.07
C GLY C 584 -1.71 -36.04 -1.77
N LEU C 585 -0.63 -36.09 -0.99
CA LEU C 585 0.15 -34.89 -0.69
C LEU C 585 1.24 -34.77 -1.76
N THR C 586 0.90 -34.11 -2.86
CA THR C 586 1.84 -33.89 -3.93
C THR C 586 2.81 -32.77 -3.57
N GLY C 587 3.95 -32.74 -4.26
CA GLY C 587 4.95 -31.73 -4.01
C GLY C 587 6.22 -32.04 -4.75
N THR C 588 7.19 -31.16 -4.58
CA THR C 588 8.48 -31.26 -5.24
C THR C 588 9.59 -31.00 -4.22
N GLY C 589 10.67 -31.77 -4.32
CA GLY C 589 11.77 -31.62 -3.40
C GLY C 589 12.71 -32.79 -3.51
N VAL C 590 13.71 -32.81 -2.63
CA VAL C 590 14.70 -33.87 -2.56
C VAL C 590 14.51 -34.61 -1.24
N LEU C 591 14.20 -35.90 -1.33
CA LEU C 591 14.01 -36.71 -0.14
C LEU C 591 15.36 -37.04 0.50
N THR C 592 15.30 -37.50 1.74
CA THR C 592 16.49 -37.90 2.48
C THR C 592 16.06 -38.60 3.75
N GLU C 593 16.79 -39.65 4.13
CA GLU C 593 16.46 -40.35 5.36
C GLU C 593 16.58 -39.40 6.55
N SER C 594 15.57 -39.42 7.41
CA SER C 594 15.49 -38.51 8.54
C SER C 594 15.58 -39.29 9.85
N ASN C 595 16.36 -38.78 10.78
CA ASN C 595 16.38 -39.28 12.15
C ASN C 595 15.20 -38.77 12.96
N LYS C 596 14.22 -38.16 12.31
CA LYS C 596 13.10 -37.55 12.99
C LYS C 596 12.18 -38.62 13.60
N LYS C 597 11.58 -38.26 14.73
CA LYS C 597 10.64 -39.13 15.42
C LYS C 597 9.22 -38.63 15.18
N PHE C 598 8.39 -39.49 14.59
CA PHE C 598 6.96 -39.25 14.47
C PHE C 598 6.22 -40.20 15.38
N LEU C 599 5.21 -39.69 16.08
CA LEU C 599 4.33 -40.54 16.86
C LEU C 599 3.50 -41.41 15.91
N PRO C 600 3.02 -42.56 16.38
CA PRO C 600 2.36 -43.51 15.47
C PRO C 600 1.24 -42.88 14.65
N PHE C 601 0.55 -41.89 15.21
CA PHE C 601 -0.49 -41.17 14.50
C PHE C 601 0.05 -40.04 13.63
N GLN C 602 1.33 -39.70 13.76
CA GLN C 602 1.92 -38.60 13.03
C GLN C 602 2.44 -39.10 11.69
N GLN C 603 1.96 -38.49 10.60
CA GLN C 603 2.37 -38.85 9.26
C GLN C 603 3.03 -37.71 8.49
N PHE C 604 2.75 -36.46 8.84
CA PHE C 604 3.27 -35.30 8.14
C PHE C 604 3.83 -34.31 9.14
N GLY C 605 5.05 -33.84 8.90
CA GLY C 605 5.63 -32.78 9.70
C GLY C 605 5.72 -31.49 8.92
N ARG C 606 4.99 -30.46 9.36
CA ARG C 606 4.85 -29.24 8.58
C ARG C 606 5.85 -28.17 9.00
N ASP C 607 6.01 -27.18 8.14
CA ASP C 607 6.99 -26.12 8.29
C ASP C 607 6.30 -24.86 8.83
N ILE C 608 7.11 -23.83 9.10
CA ILE C 608 6.58 -22.57 9.59
C ILE C 608 5.58 -21.99 8.59
N ALA C 609 5.87 -22.12 7.30
CA ALA C 609 5.00 -21.63 6.25
C ALA C 609 3.87 -22.61 5.91
N ASP C 610 3.58 -23.56 6.80
CA ASP C 610 2.51 -24.52 6.60
C ASP C 610 2.83 -25.45 5.42
N THR C 611 4.10 -25.82 5.30
CA THR C 611 4.56 -26.73 4.25
C THR C 611 5.20 -27.95 4.89
N THR C 612 4.91 -29.12 4.33
CA THR C 612 5.45 -30.36 4.86
C THR C 612 6.94 -30.43 4.60
N ASP C 613 7.73 -30.50 5.68
CA ASP C 613 9.18 -30.64 5.58
C ASP C 613 9.67 -31.97 6.14
N ALA C 614 8.76 -32.91 6.37
CA ALA C 614 9.12 -34.26 6.78
C ALA C 614 7.90 -35.17 6.64
N VAL C 615 8.07 -36.33 6.01
CA VAL C 615 6.95 -37.21 5.72
C VAL C 615 7.28 -38.62 6.21
N ARG C 616 6.23 -39.41 6.39
CA ARG C 616 6.33 -40.82 6.76
C ARG C 616 5.74 -41.65 5.63
N ASP C 617 6.54 -42.53 5.05
CA ASP C 617 6.10 -43.28 3.89
C ASP C 617 4.99 -44.24 4.28
N PRO C 618 3.85 -44.24 3.58
CA PRO C 618 2.74 -45.13 3.99
C PRO C 618 3.09 -46.60 3.95
N GLN C 619 3.90 -47.03 2.98
CA GLN C 619 4.19 -48.45 2.84
C GLN C 619 5.20 -48.91 3.88
N THR C 620 6.33 -48.22 3.96
CA THR C 620 7.34 -48.47 4.98
C THR C 620 7.32 -47.34 5.99
N LEU C 621 7.14 -47.68 7.27
CA LEU C 621 6.98 -46.68 8.32
C LEU C 621 8.35 -46.11 8.67
N GLU C 622 8.83 -45.24 7.79
CA GLU C 622 10.09 -44.53 7.97
C GLU C 622 9.88 -43.05 7.70
N ILE C 623 10.72 -42.23 8.31
CA ILE C 623 10.58 -40.78 8.25
C ILE C 623 11.57 -40.24 7.23
N LEU C 624 11.07 -39.49 6.26
CA LEU C 624 11.87 -38.92 5.18
C LEU C 624 11.92 -37.42 5.31
N ASP C 625 13.11 -36.85 5.14
CA ASP C 625 13.29 -35.41 5.16
C ASP C 625 12.90 -34.82 3.80
N ILE C 626 12.23 -33.67 3.84
CA ILE C 626 11.75 -32.99 2.65
C ILE C 626 12.50 -31.68 2.51
N THR C 627 12.93 -31.37 1.29
CA THR C 627 13.63 -30.11 1.03
C THR C 627 13.41 -29.70 -0.43
N PRO C 628 12.87 -28.52 -0.69
CA PRO C 628 12.70 -28.10 -2.08
C PRO C 628 14.04 -28.02 -2.81
N CYS C 629 14.02 -28.37 -4.08
CA CYS C 629 15.25 -28.46 -4.85
C CYS C 629 15.96 -27.11 -4.89
N SER C 630 17.24 -27.16 -5.23
CA SER C 630 18.07 -25.95 -5.19
C SER C 630 17.54 -24.90 -6.16
N PHE C 631 17.63 -23.65 -5.76
CA PHE C 631 17.19 -22.53 -6.58
C PHE C 631 18.06 -21.33 -6.28
N GLY C 632 17.89 -20.28 -7.09
CA GLY C 632 18.62 -19.06 -6.88
C GLY C 632 18.53 -18.13 -8.07
N GLY C 633 18.90 -16.88 -7.88
CA GLY C 633 18.91 -15.94 -8.99
C GLY C 633 20.06 -16.20 -9.95
N VAL C 634 19.89 -15.71 -11.16
CA VAL C 634 20.92 -15.79 -12.19
C VAL C 634 21.29 -14.38 -12.61
N SER C 635 22.55 -14.01 -12.41
CA SER C 635 23.05 -12.69 -12.77
C SER C 635 24.05 -12.83 -13.90
N VAL C 636 23.96 -11.96 -14.89
CA VAL C 636 24.83 -11.96 -16.04
C VAL C 636 25.79 -10.79 -15.91
N ILE C 637 27.09 -11.09 -15.89
CA ILE C 637 28.13 -10.09 -15.75
C ILE C 637 28.66 -9.77 -17.14
N THR C 638 28.54 -8.51 -17.55
CA THR C 638 28.99 -8.09 -18.85
C THR C 638 29.63 -6.71 -18.77
N PRO C 639 30.67 -6.46 -19.55
CA PRO C 639 31.05 -5.09 -19.85
C PRO C 639 30.06 -4.50 -20.85
N GLY C 640 30.34 -3.28 -21.29
CA GLY C 640 29.50 -2.69 -22.32
C GLY C 640 29.45 -3.58 -23.55
N THR C 641 28.26 -3.68 -24.15
CA THR C 641 28.13 -4.49 -25.35
C THR C 641 29.06 -4.00 -26.45
N ASN C 642 29.19 -2.68 -26.59
CA ASN C 642 30.09 -2.14 -27.59
C ASN C 642 31.56 -2.31 -27.21
N THR C 643 31.84 -2.71 -25.97
CA THR C 643 33.19 -3.13 -25.59
C THR C 643 33.44 -4.59 -25.91
N SER C 644 32.43 -5.43 -25.71
CA SER C 644 32.54 -6.85 -26.02
C SER C 644 31.20 -7.55 -25.79
N ASN C 645 30.96 -8.64 -26.51
CA ASN C 645 29.78 -9.46 -26.30
C ASN C 645 30.04 -10.64 -25.38
N GLN C 646 31.27 -10.80 -24.89
CA GLN C 646 31.57 -11.85 -23.94
C GLN C 646 30.97 -11.50 -22.58
N VAL C 647 30.44 -12.51 -21.90
CA VAL C 647 29.77 -12.31 -20.61
C VAL C 647 30.15 -13.45 -19.67
N ALA C 648 29.88 -13.22 -18.39
CA ALA C 648 30.03 -14.23 -17.36
C ALA C 648 28.72 -14.34 -16.60
N VAL C 649 28.45 -15.52 -16.06
CA VAL C 649 27.17 -15.84 -15.42
C VAL C 649 27.43 -16.21 -13.97
N LEU C 650 26.64 -15.64 -13.06
CA LEU C 650 26.70 -15.95 -11.64
C LEU C 650 25.41 -16.66 -11.25
N TYR C 651 25.55 -17.86 -10.68
CA TYR C 651 24.42 -18.59 -10.10
C TYR C 651 24.50 -18.37 -8.60
N GLN C 652 23.90 -17.27 -8.14
CA GLN C 652 24.12 -16.83 -6.77
C GLN C 652 23.38 -17.72 -5.79
N GLY C 653 24.10 -18.14 -4.74
CA GLY C 653 23.52 -18.93 -3.68
C GLY C 653 23.63 -20.43 -3.84
N VAL C 654 24.36 -20.92 -4.84
CA VAL C 654 24.37 -22.35 -5.16
C VAL C 654 25.78 -22.82 -5.48
N ASN C 655 26.09 -24.03 -5.03
CA ASN C 655 27.37 -24.66 -5.25
C ASN C 655 27.59 -24.99 -6.73
N CYS C 656 28.84 -24.92 -7.17
CA CYS C 656 29.18 -25.24 -8.55
C CYS C 656 29.02 -26.73 -8.83
N THR C 657 29.12 -27.55 -7.79
CA THR C 657 28.96 -28.99 -7.98
C THR C 657 27.58 -29.31 -8.52
N GLU C 658 26.56 -28.55 -8.10
CA GLU C 658 25.20 -28.84 -8.53
C GLU C 658 25.03 -28.61 -10.02
N VAL C 659 25.62 -27.54 -10.56
CA VAL C 659 25.30 -27.13 -11.93
C VAL C 659 25.54 -28.24 -12.94
N PRO C 660 26.70 -28.94 -12.94
CA PRO C 660 26.87 -30.05 -13.88
C PRO C 660 25.73 -31.07 -13.81
N TRP C 672 19.68 -22.11 -21.83
CA TRP C 672 21.02 -22.16 -22.38
C TRP C 672 21.97 -22.92 -21.45
N ARG C 673 22.44 -24.09 -21.91
CA ARG C 673 23.35 -24.93 -21.15
C ARG C 673 24.74 -24.98 -21.77
N VAL C 674 25.05 -24.05 -22.69
CA VAL C 674 26.35 -24.05 -23.34
C VAL C 674 27.46 -23.84 -22.30
N TYR C 675 27.19 -23.00 -21.30
CA TYR C 675 28.20 -22.67 -20.29
C TYR C 675 28.49 -23.84 -19.35
N SER C 676 27.72 -24.92 -19.42
CA SER C 676 27.96 -26.08 -18.57
C SER C 676 29.25 -26.81 -18.90
N THR C 677 29.90 -26.47 -20.03
CA THR C 677 31.14 -27.15 -20.39
C THR C 677 32.18 -26.98 -19.30
N GLY C 678 32.32 -25.77 -18.76
CA GLY C 678 33.21 -25.54 -17.65
C GLY C 678 34.63 -25.17 -18.05
N SER C 679 35.60 -25.63 -17.26
CA SER C 679 37.02 -25.32 -17.38
C SER C 679 37.34 -23.93 -16.86
N ASN C 680 36.33 -23.09 -16.57
CA ASN C 680 36.57 -21.79 -15.96
C ASN C 680 35.53 -21.47 -14.89
N VAL C 681 35.02 -22.48 -14.20
CA VAL C 681 34.00 -22.29 -13.17
C VAL C 681 34.69 -21.94 -11.86
N PHE C 682 34.28 -20.82 -11.27
CA PHE C 682 34.85 -20.33 -10.02
C PHE C 682 33.76 -20.36 -8.95
N GLN C 683 34.07 -21.00 -7.81
CA GLN C 683 33.13 -21.11 -6.70
C GLN C 683 33.43 -19.99 -5.72
N THR C 684 32.61 -18.95 -5.75
CA THR C 684 32.74 -17.83 -4.83
C THR C 684 31.72 -17.95 -3.70
N ARG C 685 31.91 -17.13 -2.67
CA ARG C 685 30.97 -17.08 -1.57
C ARG C 685 29.63 -16.48 -1.97
N ALA C 686 29.57 -15.81 -3.12
CA ALA C 686 28.32 -15.26 -3.63
C ALA C 686 27.57 -16.23 -4.54
N GLY C 687 28.16 -17.39 -4.84
CA GLY C 687 27.55 -18.37 -5.69
C GLY C 687 28.57 -18.94 -6.64
N CYS C 688 28.10 -19.55 -7.72
CA CYS C 688 28.96 -20.16 -8.71
C CYS C 688 29.13 -19.19 -9.87
N LEU C 689 30.37 -18.84 -10.18
CA LEU C 689 30.69 -17.92 -11.25
C LEU C 689 31.26 -18.70 -12.43
N ILE C 690 30.67 -18.48 -13.61
CA ILE C 690 31.02 -19.22 -14.82
C ILE C 690 31.38 -18.23 -15.91
N GLY C 691 32.44 -18.54 -16.65
CA GLY C 691 32.89 -17.70 -17.73
C GLY C 691 33.83 -16.59 -17.32
N ALA C 692 34.28 -16.58 -16.08
CA ALA C 692 35.21 -15.57 -15.58
C ALA C 692 36.47 -16.27 -15.10
N GLU C 693 37.62 -15.75 -15.50
CA GLU C 693 38.91 -16.33 -15.14
C GLU C 693 39.33 -15.80 -13.77
N HIS C 694 39.43 -16.69 -12.79
CA HIS C 694 40.07 -16.34 -11.55
C HIS C 694 41.50 -15.86 -11.77
N VAL C 695 41.91 -14.87 -10.98
CA VAL C 695 43.28 -14.39 -10.95
C VAL C 695 43.63 -14.14 -9.50
N ASN C 696 44.90 -13.96 -9.24
CA ASN C 696 45.40 -13.86 -7.88
C ASN C 696 45.92 -12.47 -7.56
N ASN C 697 45.88 -11.58 -8.53
CA ASN C 697 46.09 -10.17 -8.31
C ASN C 697 44.86 -9.57 -7.61
N SER C 698 44.99 -8.33 -7.19
CA SER C 698 43.88 -7.59 -6.63
C SER C 698 43.87 -6.21 -7.27
N TYR C 699 42.73 -5.84 -7.83
CA TYR C 699 42.58 -4.55 -8.48
C TYR C 699 41.43 -3.80 -7.83
N GLU C 700 41.28 -2.54 -8.23
CA GLU C 700 40.12 -1.78 -7.79
C GLU C 700 38.85 -2.44 -8.31
N CYS C 701 37.82 -2.48 -7.49
CA CYS C 701 36.58 -3.15 -7.88
C CYS C 701 36.00 -2.48 -9.12
N ASP C 702 35.60 -3.30 -10.09
CA ASP C 702 35.03 -2.83 -11.33
C ASP C 702 33.57 -3.22 -11.46
N ILE C 703 33.26 -4.50 -11.35
CA ILE C 703 31.87 -4.98 -11.34
C ILE C 703 31.67 -5.79 -10.06
N PRO C 704 30.86 -5.32 -9.11
CA PRO C 704 30.76 -6.03 -7.83
C PRO C 704 29.99 -7.34 -7.97
N ILE C 705 30.59 -8.42 -7.49
CA ILE C 705 29.94 -9.71 -7.43
C ILE C 705 29.45 -10.03 -6.03
N GLY C 706 30.24 -9.68 -5.02
CA GLY C 706 29.84 -9.89 -3.64
C GLY C 706 30.90 -10.63 -2.85
N ALA C 707 30.86 -10.49 -1.53
CA ALA C 707 31.80 -11.15 -0.64
C ALA C 707 33.25 -10.83 -1.02
N GLY C 708 33.48 -9.58 -1.40
CA GLY C 708 34.82 -9.12 -1.73
C GLY C 708 35.30 -9.49 -3.11
N ILE C 709 34.47 -10.08 -3.94
CA ILE C 709 34.85 -10.50 -5.29
C ILE C 709 34.28 -9.50 -6.27
N CYS C 710 35.11 -9.04 -7.19
CA CYS C 710 34.68 -8.17 -8.28
C CYS C 710 35.22 -8.72 -9.59
N ALA C 711 34.54 -8.38 -10.68
CA ALA C 711 34.89 -8.85 -12.01
C ALA C 711 35.23 -7.67 -12.90
N SER C 712 36.20 -7.89 -13.79
CA SER C 712 36.64 -6.85 -14.71
C SER C 712 37.00 -7.47 -16.04
N TYR C 713 36.96 -6.65 -17.08
CA TYR C 713 37.29 -7.05 -18.44
C TYR C 713 38.64 -6.44 -18.80
N GLN C 714 39.67 -7.29 -18.91
CA GLN C 714 41.02 -6.82 -19.17
C GLN C 714 41.74 -7.81 -20.06
N THR C 715 42.78 -7.33 -20.72
CA THR C 715 43.61 -8.16 -21.59
C THR C 715 44.26 -9.30 -20.80
N SER C 728 42.80 -12.45 -26.42
CA SER C 728 43.61 -11.86 -25.35
C SER C 728 42.71 -11.28 -24.27
N GLN C 729 41.70 -10.52 -24.68
CA GLN C 729 40.74 -9.97 -23.74
C GLN C 729 39.89 -11.08 -23.13
N SER C 730 39.54 -10.91 -21.86
CA SER C 730 38.70 -11.87 -21.16
C SER C 730 38.13 -11.20 -19.91
N ILE C 731 37.15 -11.87 -19.32
CA ILE C 731 36.54 -11.43 -18.06
C ILE C 731 37.23 -12.18 -16.93
N ILE C 732 37.71 -11.43 -15.93
CA ILE C 732 38.43 -12.00 -14.81
C ILE C 732 37.66 -11.74 -13.53
N ALA C 733 37.88 -12.61 -12.54
CA ALA C 733 37.34 -12.45 -11.21
C ALA C 733 38.49 -12.39 -10.21
N TYR C 734 38.39 -11.46 -9.26
CA TYR C 734 39.48 -11.21 -8.34
C TYR C 734 38.93 -10.68 -7.04
N THR C 735 39.74 -10.77 -5.99
CA THR C 735 39.43 -10.11 -4.73
C THR C 735 39.79 -8.63 -4.83
N MET C 736 38.81 -7.78 -4.56
CA MET C 736 39.02 -6.34 -4.72
C MET C 736 40.10 -5.85 -3.76
N SER C 737 40.86 -4.86 -4.22
CA SER C 737 41.90 -4.23 -3.44
C SER C 737 41.35 -2.95 -2.81
N LEU C 738 41.59 -2.77 -1.51
CA LEU C 738 41.09 -1.60 -0.82
C LEU C 738 41.92 -0.36 -1.13
N GLY C 739 43.19 -0.52 -1.44
CA GLY C 739 44.03 0.61 -1.77
C GLY C 739 45.49 0.24 -1.66
N ALA C 740 46.33 1.22 -2.00
CA ALA C 740 47.77 1.03 -1.93
C ALA C 740 48.23 0.96 -0.48
N GLU C 741 49.14 0.04 -0.20
CA GLU C 741 49.72 -0.05 1.12
C GLU C 741 50.65 1.14 1.37
N ASN C 742 50.65 1.64 2.60
CA ASN C 742 51.46 2.80 2.94
C ASN C 742 51.77 2.75 4.43
N SER C 743 53.06 2.79 4.77
CA SER C 743 53.50 2.87 6.15
C SER C 743 53.97 4.29 6.42
N VAL C 744 53.25 5.01 7.28
CA VAL C 744 53.64 6.36 7.62
C VAL C 744 54.93 6.31 8.40
N ALA C 745 55.88 7.16 8.04
CA ALA C 745 57.19 7.15 8.68
C ALA C 745 57.09 7.81 10.04
N TYR C 746 56.27 7.25 10.92
CA TYR C 746 56.04 7.87 12.20
C TYR C 746 57.24 7.70 13.11
N SER C 747 57.62 8.79 13.76
CA SER C 747 58.57 8.77 14.85
C SER C 747 58.13 9.80 15.87
N ASN C 748 58.75 9.74 17.04
CA ASN C 748 58.41 10.61 18.16
C ASN C 748 59.09 11.97 18.08
N ASN C 749 59.99 12.17 17.12
CA ASN C 749 60.63 13.45 16.93
C ASN C 749 60.74 13.82 15.46
N SER C 750 59.93 13.23 14.60
CA SER C 750 59.94 13.51 13.17
C SER C 750 58.59 14.10 12.78
N ILE C 751 58.63 15.17 11.99
CA ILE C 751 57.43 15.84 11.49
C ILE C 751 57.61 16.10 10.00
N ALA C 752 56.53 15.93 9.24
CA ALA C 752 56.51 16.26 7.83
C ALA C 752 55.72 17.54 7.64
N ILE C 753 56.30 18.50 6.93
CA ILE C 753 55.66 19.79 6.72
C ILE C 753 55.62 20.08 5.23
N PRO C 754 54.48 20.49 4.67
CA PRO C 754 54.41 20.75 3.24
C PRO C 754 55.16 22.03 2.88
N THR C 755 56.00 21.94 1.85
CA THR C 755 56.74 23.10 1.35
C THR C 755 56.03 23.78 0.20
N ASN C 756 54.88 23.28 -0.22
CA ASN C 756 54.18 23.81 -1.38
C ASN C 756 52.70 23.45 -1.23
N PHE C 757 51.90 23.79 -2.24
CA PHE C 757 50.47 23.54 -2.18
C PHE C 757 49.93 23.43 -3.59
N THR C 758 48.72 22.91 -3.70
CA THR C 758 47.97 22.90 -4.95
C THR C 758 46.55 23.37 -4.66
N ILE C 759 46.02 24.18 -5.58
CA ILE C 759 44.63 24.62 -5.52
C ILE C 759 43.82 23.69 -6.40
N SER C 760 43.00 22.85 -5.77
CA SER C 760 42.18 21.90 -6.49
C SER C 760 40.73 22.38 -6.51
N VAL C 761 40.07 22.19 -7.64
CA VAL C 761 38.65 22.49 -7.79
C VAL C 761 37.94 21.20 -8.14
N THR C 762 37.07 20.75 -7.24
CA THR C 762 36.31 19.52 -7.43
C THR C 762 34.83 19.83 -7.46
N THR C 763 34.09 19.03 -8.21
CA THR C 763 32.67 19.24 -8.43
C THR C 763 31.86 18.28 -7.57
N GLU C 764 30.70 18.75 -7.11
CA GLU C 764 29.77 17.94 -6.35
C GLU C 764 28.36 18.18 -6.89
N ILE C 765 27.70 17.11 -7.33
CA ILE C 765 26.37 17.20 -7.92
C ILE C 765 25.37 16.67 -6.92
N LEU C 766 24.29 17.43 -6.70
CA LEU C 766 23.23 17.05 -5.77
C LEU C 766 21.88 17.23 -6.45
N PRO C 767 21.01 16.22 -6.43
CA PRO C 767 19.63 16.46 -6.86
C PRO C 767 18.92 17.42 -5.93
N VAL C 768 18.04 18.24 -6.49
CA VAL C 768 17.30 19.24 -5.75
C VAL C 768 15.79 19.00 -5.85
N SER C 769 15.29 18.73 -7.04
CA SER C 769 13.87 18.52 -7.26
C SER C 769 13.69 17.42 -8.29
N MET C 770 12.43 17.05 -8.51
CA MET C 770 12.08 16.10 -9.57
C MET C 770 10.85 16.62 -10.27
N THR C 771 10.46 15.92 -11.34
CA THR C 771 9.35 16.37 -12.18
C THR C 771 8.06 16.42 -11.36
N LYS C 772 7.34 17.53 -11.50
CA LYS C 772 6.05 17.69 -10.85
C LYS C 772 5.00 16.94 -11.66
N THR C 773 4.49 15.84 -11.10
CA THR C 773 3.54 14.98 -11.79
C THR C 773 2.21 15.01 -11.07
N SER C 774 1.13 15.12 -11.85
CA SER C 774 -0.22 15.07 -11.33
C SER C 774 -0.99 14.02 -12.12
N VAL C 775 -1.80 13.22 -11.41
CA VAL C 775 -2.56 12.14 -12.01
C VAL C 775 -4.02 12.34 -11.67
N ASP C 776 -4.88 12.38 -12.69
CA ASP C 776 -6.32 12.42 -12.47
C ASP C 776 -6.80 11.01 -12.18
N CYS C 777 -7.12 10.74 -10.92
CA CYS C 777 -7.39 9.37 -10.50
C CYS C 777 -8.55 8.77 -11.28
N THR C 778 -9.63 9.53 -11.46
CA THR C 778 -10.78 9.01 -12.19
C THR C 778 -10.43 8.74 -13.65
N MET C 779 -9.69 9.64 -14.29
CA MET C 779 -9.34 9.45 -15.69
C MET C 779 -8.47 8.21 -15.88
N TYR C 780 -7.49 8.01 -14.99
CA TYR C 780 -6.62 6.86 -15.13
C TYR C 780 -7.38 5.55 -14.96
N ILE C 781 -8.27 5.50 -13.98
CA ILE C 781 -8.98 4.25 -13.70
C ILE C 781 -10.15 4.08 -14.66
N CYS C 782 -10.97 5.12 -14.81
CA CYS C 782 -12.20 5.07 -15.59
C CYS C 782 -12.11 6.13 -16.68
N GLY C 783 -11.54 5.77 -17.81
CA GLY C 783 -11.43 6.73 -18.89
C GLY C 783 -12.77 7.11 -19.46
N ASP C 784 -13.23 8.33 -19.12
CA ASP C 784 -14.48 8.89 -19.66
C ASP C 784 -15.63 7.88 -19.64
N SER C 785 -15.62 6.96 -18.68
CA SER C 785 -16.64 5.93 -18.57
C SER C 785 -17.51 6.25 -17.36
N THR C 786 -18.79 6.54 -17.61
CA THR C 786 -19.70 6.83 -16.51
C THR C 786 -19.98 5.59 -15.68
N GLU C 787 -20.10 4.42 -16.32
CA GLU C 787 -20.38 3.20 -15.59
C GLU C 787 -19.25 2.88 -14.62
N CYS C 788 -18.00 3.01 -15.08
CA CYS C 788 -16.86 2.73 -14.21
C CYS C 788 -16.75 3.76 -13.10
N SER C 789 -16.98 5.05 -13.42
CA SER C 789 -16.83 6.09 -12.41
C SER C 789 -17.85 5.93 -11.29
N ASN C 790 -19.08 5.56 -11.63
CA ASN C 790 -20.07 5.33 -10.59
C ASN C 790 -19.66 4.18 -9.67
N LEU C 791 -19.08 3.12 -10.25
CA LEU C 791 -18.55 2.04 -9.42
C LEU C 791 -17.41 2.53 -8.56
N LEU C 792 -16.56 3.41 -9.10
CA LEU C 792 -15.41 3.90 -8.35
C LEU C 792 -15.81 4.74 -7.15
N LEU C 793 -17.02 5.33 -7.16
CA LEU C 793 -17.48 6.07 -6.00
C LEU C 793 -17.68 5.18 -4.79
N GLN C 794 -17.86 3.87 -4.99
CA GLN C 794 -18.05 2.96 -3.88
C GLN C 794 -16.78 2.75 -3.06
N TYR C 795 -15.63 3.23 -3.54
CA TYR C 795 -14.37 3.07 -2.84
C TYR C 795 -14.03 4.28 -1.96
N GLY C 796 -14.94 5.24 -1.85
CA GLY C 796 -14.75 6.33 -0.90
C GLY C 796 -13.85 7.40 -1.48
N SER C 797 -12.92 7.89 -0.65
CA SER C 797 -12.06 9.00 -1.00
C SER C 797 -10.64 8.54 -1.34
N PHE C 798 -10.49 7.33 -1.89
CA PHE C 798 -9.16 6.89 -2.30
C PHE C 798 -8.58 7.81 -3.35
N CYS C 799 -9.39 8.23 -4.33
CA CYS C 799 -8.89 9.10 -5.39
C CYS C 799 -8.49 10.46 -4.82
N THR C 800 -9.27 10.99 -3.88
CA THR C 800 -8.94 12.27 -3.28
C THR C 800 -7.62 12.19 -2.50
N GLN C 801 -7.40 11.08 -1.80
CA GLN C 801 -6.14 10.91 -1.08
C GLN C 801 -4.96 10.90 -2.04
N LEU C 802 -5.08 10.17 -3.16
CA LEU C 802 -3.98 10.07 -4.09
C LEU C 802 -3.65 11.42 -4.72
N ASN C 803 -4.68 12.21 -5.04
CA ASN C 803 -4.43 13.54 -5.60
C ASN C 803 -3.77 14.46 -4.58
N ARG C 804 -4.19 14.38 -3.31
CA ARG C 804 -3.54 15.18 -2.28
C ARG C 804 -2.07 14.82 -2.15
N ALA C 805 -1.77 13.52 -2.18
CA ALA C 805 -0.37 13.09 -2.02
C ALA C 805 0.50 13.65 -3.13
N LEU C 806 0.03 13.56 -4.37
CA LEU C 806 0.82 14.05 -5.49
C LEU C 806 0.90 15.56 -5.51
N THR C 807 -0.16 16.25 -5.09
CA THR C 807 -0.09 17.70 -4.98
C THR C 807 0.91 18.12 -3.91
N GLY C 808 0.94 17.41 -2.79
CA GLY C 808 1.93 17.72 -1.77
C GLY C 808 3.35 17.54 -2.27
N ILE C 809 3.59 16.49 -3.07
CA ILE C 809 4.90 16.28 -3.64
C ILE C 809 5.25 17.41 -4.60
N ALA C 810 4.30 17.79 -5.46
CA ALA C 810 4.58 18.81 -6.47
C ALA C 810 4.88 20.15 -5.81
N VAL C 811 4.13 20.51 -4.77
CA VAL C 811 4.39 21.77 -4.07
C VAL C 811 5.76 21.72 -3.41
N GLU C 812 6.17 20.56 -2.92
CA GLU C 812 7.46 20.45 -2.23
C GLU C 812 8.63 20.63 -3.18
N GLN C 813 8.46 20.27 -4.45
CA GLN C 813 9.56 20.43 -5.41
C GLN C 813 9.92 21.90 -5.59
N ASP C 814 8.91 22.77 -5.66
CA ASP C 814 9.17 24.20 -5.73
C ASP C 814 9.81 24.69 -4.44
N LYS C 815 9.36 24.17 -3.29
CA LYS C 815 9.95 24.56 -2.03
C LYS C 815 11.42 24.13 -1.95
N ASN C 816 11.74 22.97 -2.55
CA ASN C 816 13.12 22.53 -2.58
C ASN C 816 14.01 23.52 -3.32
N THR C 817 13.56 23.95 -4.50
CA THR C 817 14.37 24.85 -5.32
C THR C 817 14.52 26.21 -4.65
N GLN C 818 13.46 26.73 -4.04
CA GLN C 818 13.55 28.01 -3.37
C GLN C 818 14.61 28.00 -2.28
N GLU C 819 14.63 26.94 -1.48
CA GLU C 819 15.55 26.88 -0.34
C GLU C 819 17.00 26.81 -0.81
N VAL C 820 17.27 26.05 -1.87
CA VAL C 820 18.65 25.90 -2.34
C VAL C 820 19.13 27.19 -2.97
N PHE C 821 18.33 27.80 -3.84
CA PHE C 821 18.80 28.87 -4.71
C PHE C 821 18.38 30.26 -4.24
N ALA C 822 17.18 30.41 -3.68
CA ALA C 822 16.75 31.74 -3.25
C ALA C 822 17.27 32.05 -1.86
N GLN C 823 18.57 31.90 -1.66
CA GLN C 823 19.21 32.22 -0.40
C GLN C 823 19.71 33.66 -0.34
N VAL C 824 19.61 34.40 -1.44
CA VAL C 824 20.03 35.79 -1.50
C VAL C 824 18.83 36.63 -1.93
N LYS C 825 18.51 37.65 -1.13
CA LYS C 825 17.36 38.49 -1.40
C LYS C 825 17.71 39.68 -2.31
N GLN C 826 18.94 39.77 -2.77
CA GLN C 826 19.38 40.83 -3.67
C GLN C 826 20.13 40.20 -4.83
N ILE C 827 19.88 40.69 -6.03
CA ILE C 827 20.45 40.12 -7.25
C ILE C 827 21.72 40.91 -7.55
N TYR C 828 22.84 40.42 -7.01
CA TYR C 828 24.12 41.06 -7.27
C TYR C 828 24.59 40.75 -8.68
N LYS C 829 25.37 41.66 -9.24
CA LYS C 829 25.98 41.47 -10.55
C LYS C 829 27.43 41.91 -10.52
N THR C 830 28.28 41.15 -11.19
CA THR C 830 29.70 41.44 -11.21
C THR C 830 29.98 42.72 -11.98
N PRO C 831 31.02 43.47 -11.62
CA PRO C 831 31.31 44.72 -12.31
C PRO C 831 31.80 44.46 -13.73
N PRO C 832 31.71 45.46 -14.61
CA PRO C 832 32.20 45.26 -15.98
C PRO C 832 33.70 44.95 -16.04
N ILE C 833 34.49 45.50 -15.13
CA ILE C 833 35.93 45.26 -15.11
C ILE C 833 36.22 44.03 -14.26
N LYS C 834 36.81 43.02 -14.87
CA LYS C 834 37.10 41.75 -14.20
C LYS C 834 38.51 41.72 -13.62
N ASP C 835 38.87 42.70 -12.81
CA ASP C 835 40.19 42.72 -12.18
C ASP C 835 40.09 42.01 -10.83
N PHE C 836 40.23 40.69 -10.88
CA PHE C 836 40.11 39.84 -9.70
C PHE C 836 41.46 39.26 -9.30
N GLY C 837 42.52 40.04 -9.46
CA GLY C 837 43.84 39.60 -9.03
C GLY C 837 44.41 38.47 -9.85
N GLY C 838 43.99 38.32 -11.10
CA GLY C 838 44.46 37.25 -11.95
C GLY C 838 43.57 36.03 -11.98
N PHE C 839 42.58 35.95 -11.10
CA PHE C 839 41.63 34.84 -11.11
C PHE C 839 40.62 35.03 -12.22
N ASN C 840 40.39 33.97 -13.00
CA ASN C 840 39.53 33.98 -14.17
C ASN C 840 38.25 33.23 -13.85
N PHE C 841 37.12 33.94 -13.84
CA PHE C 841 35.81 33.34 -13.60
C PHE C 841 34.94 33.34 -14.84
N SER C 842 35.51 33.58 -16.02
CA SER C 842 34.70 33.73 -17.23
C SER C 842 33.89 32.47 -17.52
N GLN C 843 34.37 31.30 -17.10
CA GLN C 843 33.70 30.05 -17.42
C GLN C 843 32.54 29.74 -16.50
N ILE C 844 32.41 30.44 -15.37
CA ILE C 844 31.29 30.25 -14.46
C ILE C 844 30.38 31.46 -14.36
N LEU C 845 30.78 32.60 -14.90
CA LEU C 845 29.93 33.77 -14.91
C LEU C 845 28.96 33.71 -16.09
N PRO C 846 27.85 34.44 -16.02
CA PRO C 846 26.87 34.39 -17.11
C PRO C 846 27.47 34.83 -18.43
N ASP C 847 26.97 34.23 -19.51
CA ASP C 847 27.36 34.63 -20.86
C ASP C 847 26.23 35.46 -21.46
N PRO C 848 26.38 36.78 -21.60
CA PRO C 848 25.26 37.58 -22.10
C PRO C 848 24.80 37.19 -23.50
N SER C 849 25.69 36.63 -24.32
CA SER C 849 25.34 36.37 -25.72
C SER C 849 24.15 35.42 -25.82
N LYS C 850 24.12 34.38 -24.99
CA LYS C 850 23.08 33.38 -25.09
C LYS C 850 21.72 33.97 -24.65
N PRO C 851 20.61 33.47 -25.21
CA PRO C 851 19.31 33.95 -24.76
C PRO C 851 19.08 33.72 -23.27
N SER C 852 19.56 32.60 -22.75
CA SER C 852 19.59 32.35 -21.31
C SER C 852 20.96 32.71 -20.77
N LYS C 853 20.98 33.51 -19.71
CA LYS C 853 22.25 34.00 -19.15
C LYS C 853 22.91 32.92 -18.31
N ARG C 854 23.15 31.78 -18.95
CA ARG C 854 23.86 30.67 -18.34
C ARG C 854 25.35 30.78 -18.61
N SER C 855 26.14 30.34 -17.64
CA SER C 855 27.58 30.32 -17.83
C SER C 855 27.96 29.22 -18.81
N PHE C 856 29.24 29.20 -19.18
CA PHE C 856 29.72 28.16 -20.08
C PHE C 856 29.55 26.78 -19.47
N ILE C 857 29.89 26.64 -18.18
CA ILE C 857 29.79 25.34 -17.53
C ILE C 857 28.31 24.95 -17.34
N GLU C 858 27.47 25.92 -17.02
CA GLU C 858 26.04 25.61 -16.86
C GLU C 858 25.45 25.09 -18.15
N ASP C 859 25.88 25.62 -19.30
CA ASP C 859 25.44 25.08 -20.58
C ASP C 859 25.85 23.63 -20.75
N LEU C 860 27.10 23.30 -20.39
CA LEU C 860 27.55 21.93 -20.48
C LEU C 860 26.67 21.01 -19.63
N LEU C 861 26.36 21.44 -18.40
CA LEU C 861 25.55 20.61 -17.52
C LEU C 861 24.18 20.35 -18.09
N PHE C 862 23.59 21.35 -18.75
CA PHE C 862 22.24 21.18 -19.30
C PHE C 862 22.23 20.33 -20.55
N ASN C 863 23.36 20.22 -21.26
CA ASN C 863 23.43 19.32 -22.41
C ASN C 863 23.66 17.87 -21.99
N LYS C 864 24.43 17.64 -20.91
CA LYS C 864 24.72 16.28 -20.49
C LYS C 864 23.45 15.54 -20.09
N VAL C 865 22.56 16.20 -19.33
CA VAL C 865 21.35 15.55 -18.86
C VAL C 865 20.29 15.61 -19.95
N THR C 866 19.75 14.46 -20.30
CA THR C 866 18.77 14.34 -21.38
C THR C 866 17.51 13.67 -20.87
N LEU C 867 16.36 14.18 -21.29
CA LEU C 867 15.09 13.61 -20.90
C LEU C 867 14.97 12.18 -21.44
N ALA C 868 13.96 11.46 -20.96
CA ALA C 868 13.75 10.07 -21.30
C ALA C 868 12.50 9.84 -22.14
N ASP C 869 11.34 10.29 -21.67
CA ASP C 869 10.09 10.02 -22.38
C ASP C 869 9.79 11.10 -23.42
N ALA C 870 9.67 12.35 -22.99
CA ALA C 870 9.37 13.45 -23.89
C ALA C 870 9.54 14.75 -23.11
N GLY C 871 9.23 15.87 -23.78
CA GLY C 871 9.36 17.18 -23.16
C GLY C 871 8.58 17.31 -21.88
N PHE C 872 9.21 17.84 -20.84
CA PHE C 872 8.56 18.02 -19.54
C PHE C 872 7.77 19.32 -19.52
N ASP C 882 10.53 22.92 -19.50
CA ASP C 882 10.89 22.30 -20.77
C ASP C 882 10.80 23.30 -21.92
N ILE C 883 11.02 22.81 -23.13
CA ILE C 883 10.95 23.64 -24.32
C ILE C 883 9.63 23.44 -25.08
N ALA C 884 8.59 22.98 -24.38
CA ALA C 884 7.31 22.72 -25.01
C ALA C 884 6.58 24.04 -25.25
N ALA C 885 6.26 24.32 -26.51
CA ALA C 885 5.47 25.47 -26.90
C ALA C 885 4.01 25.11 -27.14
N ARG C 886 3.60 23.90 -26.78
CA ARG C 886 2.25 23.41 -27.02
C ARG C 886 1.91 22.45 -25.89
N ASP C 887 0.90 21.60 -26.11
CA ASP C 887 0.52 20.60 -25.12
C ASP C 887 1.75 19.79 -24.70
N LEU C 888 1.65 19.11 -23.55
CA LEU C 888 2.80 18.37 -23.03
C LEU C 888 3.33 17.39 -24.06
N ILE C 889 2.44 16.73 -24.81
CA ILE C 889 2.84 15.85 -25.89
C ILE C 889 3.63 14.68 -25.34
N CYS C 890 2.99 13.86 -24.50
CA CYS C 890 3.64 12.69 -23.92
C CYS C 890 2.68 11.51 -23.99
N ALA C 891 3.26 10.31 -23.90
CA ALA C 891 2.44 9.10 -23.89
C ALA C 891 1.54 9.06 -22.67
N GLN C 892 2.06 9.49 -21.51
CA GLN C 892 1.27 9.45 -20.29
C GLN C 892 0.05 10.35 -20.39
N LYS C 893 0.12 11.42 -21.18
CA LYS C 893 -0.98 12.38 -21.26
C LYS C 893 -2.29 11.69 -21.64
N PHE C 894 -2.22 10.61 -22.40
CA PHE C 894 -3.43 9.98 -22.89
C PHE C 894 -4.35 9.51 -21.77
N ASN C 895 -3.82 9.27 -20.58
CA ASN C 895 -4.53 8.57 -19.53
C ASN C 895 -4.59 9.38 -18.24
N GLY C 896 -4.83 10.68 -18.35
CA GLY C 896 -5.03 11.51 -17.18
C GLY C 896 -3.79 11.89 -16.43
N LEU C 897 -2.61 11.60 -16.98
CA LEU C 897 -1.34 11.93 -16.34
C LEU C 897 -0.79 13.21 -16.95
N THR C 898 -0.47 14.18 -16.10
CA THR C 898 0.02 15.47 -16.57
C THR C 898 1.24 15.89 -15.76
N VAL C 899 2.13 16.62 -16.42
CA VAL C 899 3.35 17.15 -15.82
C VAL C 899 3.17 18.65 -15.64
N LEU C 900 3.47 19.13 -14.43
CA LEU C 900 3.32 20.55 -14.11
C LEU C 900 4.65 21.27 -14.25
N PRO C 901 4.69 22.47 -14.84
CA PRO C 901 5.95 23.19 -14.95
C PRO C 901 6.42 23.65 -13.58
N PRO C 902 7.73 23.70 -13.36
CA PRO C 902 8.23 24.23 -12.08
C PRO C 902 7.96 25.72 -11.97
N LEU C 903 7.85 26.19 -10.72
CA LEU C 903 7.56 27.60 -10.48
C LEU C 903 8.69 28.48 -10.98
N LEU C 904 9.93 28.09 -10.74
CA LEU C 904 11.09 28.85 -11.19
C LEU C 904 11.57 28.29 -12.51
N THR C 905 11.63 29.13 -13.53
CA THR C 905 12.17 28.71 -14.81
C THR C 905 13.68 28.53 -14.71
N ASP C 906 14.24 27.84 -15.70
CA ASP C 906 15.69 27.65 -15.73
C ASP C 906 16.42 28.98 -15.77
N GLU C 907 15.85 29.96 -16.46
CA GLU C 907 16.48 31.29 -16.50
C GLU C 907 16.52 31.91 -15.11
N MET C 908 15.43 31.77 -14.34
CA MET C 908 15.41 32.32 -13.00
C MET C 908 16.45 31.65 -12.09
N ILE C 909 16.56 30.33 -12.19
CA ILE C 909 17.54 29.61 -11.38
C ILE C 909 18.94 30.04 -11.75
N ALA C 910 19.18 30.31 -13.03
CA ALA C 910 20.48 30.83 -13.45
C ALA C 910 20.74 32.21 -12.86
N GLN C 911 19.72 33.05 -12.78
CA GLN C 911 19.90 34.36 -12.18
C GLN C 911 20.29 34.26 -10.72
N TYR C 912 19.63 33.38 -9.97
CA TYR C 912 19.99 33.18 -8.57
C TYR C 912 21.42 32.70 -8.45
N THR C 913 21.82 31.76 -9.30
CA THR C 913 23.22 31.30 -9.29
C THR C 913 24.16 32.43 -9.64
N SER C 914 23.79 33.26 -10.60
CA SER C 914 24.62 34.41 -10.96
C SER C 914 24.75 35.38 -9.80
N ALA C 915 23.65 35.62 -9.08
CA ALA C 915 23.70 36.54 -7.95
C ALA C 915 24.55 35.98 -6.82
N LEU C 916 24.41 34.69 -6.53
CA LEU C 916 25.24 34.06 -5.50
C LEU C 916 26.70 34.11 -5.89
N LEU C 917 27.01 33.85 -7.16
CA LEU C 917 28.39 33.84 -7.60
C LEU C 917 28.97 35.25 -7.64
N ALA C 918 28.19 36.23 -8.09
CA ALA C 918 28.68 37.60 -8.11
C ALA C 918 28.86 38.15 -6.70
N GLY C 919 28.01 37.75 -5.76
CA GLY C 919 28.18 38.20 -4.39
C GLY C 919 29.44 37.62 -3.75
N THR C 920 29.74 36.37 -4.04
CA THR C 920 30.90 35.72 -3.42
C THR C 920 32.20 36.36 -3.88
N ILE C 921 32.36 36.58 -5.19
CA ILE C 921 33.65 37.02 -5.70
C ILE C 921 33.87 38.51 -5.49
N THR C 922 32.81 39.30 -5.37
CA THR C 922 32.97 40.73 -5.10
C THR C 922 32.90 41.08 -3.63
N SER C 923 32.37 40.19 -2.79
CA SER C 923 32.12 40.53 -1.40
C SER C 923 32.50 39.43 -0.42
N GLY C 924 33.10 38.33 -0.85
CA GLY C 924 33.45 37.28 0.08
C GLY C 924 32.22 36.71 0.75
N TRP C 925 32.29 36.55 2.06
CA TRP C 925 31.21 35.96 2.84
C TRP C 925 30.33 37.01 3.53
N THR C 926 30.55 38.28 3.25
CA THR C 926 29.80 39.32 3.96
C THR C 926 28.36 39.41 3.47
N PHE C 927 28.11 39.18 2.18
CA PHE C 927 26.75 39.31 1.67
C PHE C 927 25.82 38.26 2.25
N GLY C 928 26.35 37.17 2.79
CA GLY C 928 25.52 36.18 3.44
C GLY C 928 25.10 36.56 4.83
N ALA C 929 25.90 37.40 5.50
CA ALA C 929 25.61 37.82 6.86
C ALA C 929 24.95 39.18 6.95
N GLY C 930 24.71 39.84 5.81
CA GLY C 930 24.13 41.16 5.81
C GLY C 930 24.34 41.86 4.48
N ALA C 931 24.62 43.16 4.52
CA ALA C 931 24.92 43.90 3.30
C ALA C 931 26.22 43.41 2.69
N ALA C 932 26.27 43.39 1.37
CA ALA C 932 27.48 42.96 0.68
C ALA C 932 28.54 44.06 0.79
N LEU C 933 29.66 43.74 1.41
CA LEU C 933 30.78 44.66 1.59
C LEU C 933 31.87 44.27 0.62
N GLN C 934 32.18 45.15 -0.32
CA GLN C 934 33.18 44.83 -1.33
C GLN C 934 34.56 44.71 -0.71
N ILE C 935 35.40 43.91 -1.35
CA ILE C 935 36.79 43.72 -0.93
C ILE C 935 37.53 43.19 -2.14
N PRO C 936 38.77 43.62 -2.40
CA PRO C 936 39.50 43.05 -3.53
C PRO C 936 39.64 41.55 -3.38
N PHE C 937 39.53 40.84 -4.51
CA PHE C 937 39.45 39.39 -4.44
C PHE C 937 40.71 38.78 -3.84
N ALA C 938 41.88 39.31 -4.20
CA ALA C 938 43.12 38.79 -3.63
C ALA C 938 43.12 38.96 -2.11
N MET C 939 42.65 40.10 -1.61
CA MET C 939 42.55 40.30 -0.18
C MET C 939 41.53 39.35 0.44
N GLN C 940 40.40 39.14 -0.24
CA GLN C 940 39.45 38.13 0.22
C GLN C 940 40.11 36.77 0.31
N MET C 941 40.86 36.40 -0.73
CA MET C 941 41.55 35.11 -0.72
C MET C 941 42.58 35.03 0.40
N ALA C 942 43.15 36.17 0.80
CA ALA C 942 44.06 36.18 1.94
C ALA C 942 43.33 35.81 3.23
N TYR C 943 42.11 36.29 3.39
CA TYR C 943 41.31 35.90 4.56
C TYR C 943 41.04 34.41 4.56
N ARG C 944 40.76 33.84 3.38
CA ARG C 944 40.50 32.41 3.30
C ARG C 944 41.72 31.61 3.76
N PHE C 945 42.91 32.05 3.35
CA PHE C 945 44.13 31.36 3.76
C PHE C 945 44.30 31.40 5.26
N ASN C 946 44.03 32.55 5.89
CA ASN C 946 44.05 32.61 7.34
C ASN C 946 43.03 31.67 7.95
N GLY C 947 41.90 31.46 7.28
CA GLY C 947 40.88 30.57 7.80
C GLY C 947 41.31 29.13 7.88
N ILE C 948 42.34 28.74 7.13
CA ILE C 948 42.83 27.38 7.12
C ILE C 948 44.20 27.29 7.79
N GLY C 949 44.64 28.32 8.49
CA GLY C 949 45.88 28.26 9.24
C GLY C 949 47.13 28.62 8.46
N VAL C 950 46.99 29.27 7.31
CA VAL C 950 48.12 29.72 6.50
C VAL C 950 48.18 31.23 6.55
N THR C 951 49.36 31.77 6.84
CA THR C 951 49.51 33.21 6.92
C THR C 951 49.24 33.86 5.56
N GLN C 952 48.69 35.07 5.59
CA GLN C 952 48.26 35.72 4.37
C GLN C 952 49.41 36.12 3.46
N ASN C 953 50.61 36.29 4.02
CA ASN C 953 51.76 36.59 3.17
C ASN C 953 52.04 35.46 2.20
N VAL C 954 51.63 34.24 2.52
CA VAL C 954 51.84 33.11 1.61
C VAL C 954 51.06 33.33 0.32
N LEU C 955 49.82 33.81 0.42
CA LEU C 955 49.03 34.06 -0.78
C LEU C 955 49.61 35.20 -1.60
N TYR C 956 49.89 36.34 -0.96
CA TYR C 956 50.37 37.50 -1.70
C TYR C 956 51.67 37.21 -2.41
N GLU C 957 52.58 36.50 -1.73
CA GLU C 957 53.86 36.15 -2.34
C GLU C 957 53.72 35.07 -3.40
N ASN C 958 52.57 34.40 -3.46
CA ASN C 958 52.32 33.37 -4.47
C ASN C 958 51.05 33.66 -5.26
N GLN C 959 50.62 34.91 -5.31
CA GLN C 959 49.32 35.23 -5.89
C GLN C 959 49.25 34.80 -7.36
N LYS C 960 50.30 35.08 -8.12
CA LYS C 960 50.30 34.70 -9.53
C LYS C 960 50.22 33.20 -9.70
N LEU C 961 51.02 32.45 -8.92
CA LEU C 961 50.97 31.00 -8.98
C LEU C 961 49.60 30.48 -8.58
N ILE C 962 49.04 31.02 -7.51
CA ILE C 962 47.75 30.54 -7.02
C ILE C 962 46.66 30.82 -8.05
N ALA C 963 46.69 31.99 -8.68
CA ALA C 963 45.70 32.31 -9.71
C ALA C 963 45.82 31.35 -10.89
N ASN C 964 47.04 31.03 -11.30
CA ASN C 964 47.22 30.10 -12.40
C ASN C 964 46.67 28.72 -12.06
N GLN C 965 46.93 28.24 -10.86
CA GLN C 965 46.43 26.93 -10.46
C GLN C 965 44.91 26.90 -10.46
N PHE C 966 44.28 27.95 -9.93
CA PHE C 966 42.82 28.01 -9.94
C PHE C 966 42.29 28.02 -11.37
N ASN C 967 42.88 28.85 -12.24
CA ASN C 967 42.44 28.90 -13.62
C ASN C 967 42.62 27.57 -14.31
N SER C 968 43.77 26.92 -14.09
CA SER C 968 44.00 25.61 -14.67
C SER C 968 43.00 24.59 -14.13
N ALA C 969 42.71 24.64 -12.83
CA ALA C 969 41.77 23.70 -12.24
C ALA C 969 40.37 23.89 -12.81
N ILE C 970 39.95 25.13 -13.02
CA ILE C 970 38.64 25.38 -13.61
C ILE C 970 38.60 24.83 -15.03
N GLY C 971 39.69 24.97 -15.78
CA GLY C 971 39.73 24.45 -17.13
C GLY C 971 39.51 22.95 -17.17
N LYS C 972 40.08 22.22 -16.21
CA LYS C 972 39.90 20.77 -16.17
C LYS C 972 38.43 20.40 -15.97
N ILE C 973 37.73 21.14 -15.11
CA ILE C 973 36.29 20.90 -14.95
C ILE C 973 35.59 21.01 -16.29
N GLN C 974 35.94 22.04 -17.07
CA GLN C 974 35.38 22.18 -18.41
C GLN C 974 35.62 20.93 -19.25
N ASP C 975 36.88 20.49 -19.32
CA ASP C 975 37.20 19.33 -20.14
C ASP C 975 36.49 18.07 -19.66
N SER C 976 36.45 17.87 -18.34
CA SER C 976 35.81 16.67 -17.79
C SER C 976 34.35 16.61 -18.21
N LEU C 977 33.62 17.71 -18.03
CA LEU C 977 32.21 17.73 -18.40
C LEU C 977 32.04 17.57 -19.90
N SER C 978 32.87 18.23 -20.70
CA SER C 978 32.75 18.14 -22.15
C SER C 978 33.00 16.72 -22.65
N SER C 979 33.90 15.98 -22.00
CA SER C 979 34.29 14.66 -22.49
C SER C 979 33.48 13.54 -21.84
N THR C 980 33.54 13.41 -20.52
CA THR C 980 32.89 12.30 -19.86
C THR C 980 31.37 12.44 -19.93
N ALA C 981 30.69 11.29 -19.83
CA ALA C 981 29.24 11.24 -19.92
C ALA C 981 28.55 10.95 -18.60
N SER C 982 29.16 10.12 -17.73
CA SER C 982 28.54 9.70 -16.49
C SER C 982 28.83 10.65 -15.32
N ALA C 983 29.25 11.89 -15.61
CA ALA C 983 29.50 12.84 -14.54
C ALA C 983 28.22 13.15 -13.77
N LEU C 984 27.11 13.32 -14.48
CA LEU C 984 25.84 13.72 -13.88
C LEU C 984 24.92 12.53 -13.67
N GLY C 985 25.47 11.37 -13.30
CA GLY C 985 24.64 10.20 -13.09
C GLY C 985 23.60 10.39 -12.02
N LYS C 986 23.94 11.13 -10.96
CA LYS C 986 22.98 11.35 -9.88
C LYS C 986 21.74 12.07 -10.37
N LEU C 987 21.91 13.09 -11.21
CA LEU C 987 20.76 13.79 -11.78
C LEU C 987 20.05 12.93 -12.79
N GLN C 988 20.79 12.16 -13.59
CA GLN C 988 20.17 11.31 -14.59
C GLN C 988 19.34 10.21 -13.94
N ASP C 989 19.81 9.67 -12.81
CA ASP C 989 19.07 8.61 -12.14
C ASP C 989 17.69 9.09 -11.70
N VAL C 990 17.60 10.31 -11.18
CA VAL C 990 16.31 10.84 -10.77
C VAL C 990 15.36 10.92 -11.95
N VAL C 991 15.85 11.39 -13.10
CA VAL C 991 15.01 11.48 -14.29
C VAL C 991 14.59 10.08 -14.73
N ASN C 992 15.53 9.14 -14.76
CA ASN C 992 15.20 7.79 -15.22
C ASN C 992 14.20 7.12 -14.28
N GLN C 993 14.40 7.25 -12.96
CA GLN C 993 13.51 6.59 -12.02
C GLN C 993 12.09 7.11 -12.17
N ASN C 994 11.92 8.42 -12.30
CA ASN C 994 10.58 8.98 -12.45
C ASN C 994 9.96 8.57 -13.77
N ALA C 995 10.73 8.62 -14.86
CA ALA C 995 10.21 8.18 -16.15
C ALA C 995 9.85 6.70 -16.13
N GLN C 996 10.71 5.88 -15.53
CA GLN C 996 10.45 4.44 -15.47
C GLN C 996 9.18 4.16 -14.68
N ALA C 997 9.00 4.81 -13.55
CA ALA C 997 7.80 4.60 -12.75
C ALA C 997 6.56 5.05 -13.52
N LEU C 998 6.65 6.17 -14.23
CA LEU C 998 5.52 6.65 -15.00
C LEU C 998 5.18 5.68 -16.14
N ASN C 999 6.20 5.15 -16.81
CA ASN C 999 5.95 4.17 -17.87
C ASN C 999 5.30 2.91 -17.31
N THR C 1000 5.75 2.46 -16.13
CA THR C 1000 5.14 1.29 -15.51
C THR C 1000 3.68 1.56 -15.19
N LEU C 1001 3.36 2.76 -14.71
CA LEU C 1001 1.99 3.10 -14.40
C LEU C 1001 1.11 3.03 -15.65
N VAL C 1002 1.60 3.58 -16.76
CA VAL C 1002 0.82 3.57 -18.00
C VAL C 1002 0.72 2.16 -18.56
N LYS C 1003 1.83 1.42 -18.57
CA LYS C 1003 1.80 0.04 -19.06
C LYS C 1003 0.84 -0.83 -18.25
N GLN C 1004 0.56 -0.45 -17.00
CA GLN C 1004 -0.32 -1.23 -16.14
C GLN C 1004 -1.77 -1.14 -16.58
N LEU C 1005 -2.11 -0.24 -17.51
CA LEU C 1005 -3.47 -0.16 -18.03
C LEU C 1005 -3.77 -1.25 -19.05
N SER C 1006 -2.77 -2.04 -19.45
CA SER C 1006 -2.94 -3.12 -20.41
C SER C 1006 -3.14 -4.47 -19.75
N SER C 1007 -3.33 -4.50 -18.43
CA SER C 1007 -3.48 -5.74 -17.69
C SER C 1007 -4.96 -6.06 -17.48
N ASN C 1008 -5.32 -7.32 -17.72
CA ASN C 1008 -6.69 -7.76 -17.48
C ASN C 1008 -7.05 -7.68 -16.00
N PHE C 1009 -6.12 -8.09 -15.14
CA PHE C 1009 -6.41 -8.28 -13.71
C PHE C 1009 -7.52 -9.29 -13.51
N GLY C 1010 -7.64 -10.25 -14.42
CA GLY C 1010 -8.65 -11.27 -14.36
C GLY C 1010 -9.93 -10.95 -15.12
N ALA C 1011 -10.05 -9.76 -15.69
CA ALA C 1011 -11.21 -9.42 -16.49
C ALA C 1011 -11.09 -10.05 -17.88
N ILE C 1012 -12.19 -10.01 -18.63
CA ILE C 1012 -12.18 -10.58 -19.98
C ILE C 1012 -11.21 -9.81 -20.87
N SER C 1013 -11.11 -8.50 -20.68
CA SER C 1013 -10.19 -7.68 -21.46
C SER C 1013 -9.76 -6.49 -20.62
N SER C 1014 -8.61 -5.92 -20.98
CA SER C 1014 -8.11 -4.74 -20.31
C SER C 1014 -8.73 -3.45 -20.85
N VAL C 1015 -9.45 -3.52 -21.97
CA VAL C 1015 -10.06 -2.35 -22.57
C VAL C 1015 -11.44 -2.16 -21.95
N LEU C 1016 -11.64 -1.02 -21.30
CA LEU C 1016 -12.91 -0.77 -20.62
C LEU C 1016 -14.07 -0.65 -21.60
N ASN C 1017 -13.84 0.01 -22.74
CA ASN C 1017 -14.89 0.17 -23.73
C ASN C 1017 -15.32 -1.18 -24.29
N ASP C 1018 -14.38 -2.08 -24.50
CA ASP C 1018 -14.73 -3.41 -25.02
C ASP C 1018 -15.67 -4.13 -24.07
N ILE C 1019 -15.40 -4.08 -22.77
CA ILE C 1019 -16.27 -4.72 -21.81
C ILE C 1019 -17.67 -4.14 -21.88
N LEU C 1020 -17.77 -2.81 -21.95
CA LEU C 1020 -19.08 -2.18 -22.00
C LEU C 1020 -19.82 -2.53 -23.29
N SER C 1021 -19.09 -2.59 -24.41
CA SER C 1021 -19.74 -2.86 -25.69
C SER C 1021 -20.24 -4.29 -25.81
N ARG C 1022 -19.70 -5.22 -25.02
CA ARG C 1022 -20.02 -6.63 -25.18
C ARG C 1022 -20.95 -7.18 -24.11
N LEU C 1023 -20.96 -6.60 -22.91
CA LEU C 1023 -21.74 -7.15 -21.80
C LEU C 1023 -22.77 -6.15 -21.32
N ASP C 1024 -23.87 -6.68 -20.79
CA ASP C 1024 -24.90 -5.87 -20.18
C ASP C 1024 -24.45 -5.41 -18.80
N PRO C 1025 -25.09 -4.40 -18.23
CA PRO C 1025 -24.60 -3.79 -16.99
C PRO C 1025 -24.39 -4.81 -15.89
N PRO C 1026 -25.29 -5.78 -15.73
CA PRO C 1026 -25.08 -6.77 -14.65
C PRO C 1026 -23.74 -7.48 -14.74
N GLU C 1027 -23.40 -8.02 -15.92
CA GLU C 1027 -22.13 -8.71 -16.08
C GLU C 1027 -20.96 -7.76 -16.21
N ALA C 1028 -21.19 -6.59 -16.81
CA ALA C 1028 -20.10 -5.64 -17.01
C ALA C 1028 -19.51 -5.19 -15.67
N GLU C 1029 -20.35 -5.06 -14.65
CA GLU C 1029 -19.86 -4.61 -13.35
C GLU C 1029 -18.82 -5.57 -12.79
N VAL C 1030 -19.05 -6.87 -12.93
CA VAL C 1030 -18.09 -7.85 -12.43
C VAL C 1030 -16.75 -7.68 -13.13
N GLN C 1031 -16.78 -7.53 -14.46
CA GLN C 1031 -15.54 -7.34 -15.21
C GLN C 1031 -14.92 -5.99 -14.91
N ILE C 1032 -15.73 -4.93 -14.87
CA ILE C 1032 -15.19 -3.60 -14.59
C ILE C 1032 -14.56 -3.55 -13.21
N ASP C 1033 -15.22 -4.15 -12.21
CA ASP C 1033 -14.68 -4.13 -10.86
C ASP C 1033 -13.31 -4.79 -10.79
N ARG C 1034 -13.06 -5.79 -11.64
CA ARG C 1034 -11.73 -6.38 -11.69
C ARG C 1034 -10.70 -5.36 -12.15
N LEU C 1035 -11.04 -4.56 -13.17
CA LEU C 1035 -10.11 -3.54 -13.64
C LEU C 1035 -9.92 -2.44 -12.61
N ILE C 1036 -11.01 -2.01 -11.96
CA ILE C 1036 -10.90 -0.94 -10.98
C ILE C 1036 -9.96 -1.35 -9.86
N THR C 1037 -10.10 -2.57 -9.36
CA THR C 1037 -9.25 -3.03 -8.27
C THR C 1037 -7.78 -3.02 -8.68
N GLY C 1038 -7.48 -3.54 -9.86
CA GLY C 1038 -6.09 -3.58 -10.31
C GLY C 1038 -5.52 -2.20 -10.58
N ARG C 1039 -6.30 -1.34 -11.24
CA ARG C 1039 -5.80 -0.02 -11.58
C ARG C 1039 -5.66 0.85 -10.33
N LEU C 1040 -6.60 0.72 -9.39
CA LEU C 1040 -6.46 1.43 -8.13
C LEU C 1040 -5.23 0.97 -7.37
N GLN C 1041 -4.97 -0.34 -7.35
CA GLN C 1041 -3.77 -0.84 -6.71
C GLN C 1041 -2.52 -0.34 -7.42
N SER C 1042 -2.55 -0.27 -8.75
CA SER C 1042 -1.41 0.22 -9.49
C SER C 1042 -1.13 1.68 -9.15
N LEU C 1043 -2.18 2.49 -9.06
CA LEU C 1043 -1.99 3.90 -8.76
C LEU C 1043 -1.48 4.11 -7.34
N GLN C 1044 -2.01 3.34 -6.38
CA GLN C 1044 -1.54 3.46 -5.00
C GLN C 1044 -0.07 3.07 -4.91
N THR C 1045 0.34 2.02 -5.62
CA THR C 1045 1.75 1.65 -5.63
C THR C 1045 2.61 2.77 -6.19
N TYR C 1046 2.14 3.43 -7.25
CA TYR C 1046 2.89 4.54 -7.83
C TYR C 1046 3.05 5.68 -6.85
N VAL C 1047 1.96 6.07 -6.18
CA VAL C 1047 2.01 7.24 -5.31
C VAL C 1047 2.89 6.95 -4.10
N THR C 1048 2.83 5.73 -3.56
CA THR C 1048 3.67 5.40 -2.41
C THR C 1048 5.15 5.49 -2.77
N GLN C 1049 5.52 4.98 -3.95
CA GLN C 1049 6.90 5.11 -4.40
C GLN C 1049 7.29 6.56 -4.57
N GLN C 1050 6.38 7.38 -5.09
CA GLN C 1050 6.67 8.80 -5.26
C GLN C 1050 6.89 9.47 -3.91
N LEU C 1051 6.07 9.15 -2.91
CA LEU C 1051 6.26 9.72 -1.58
C LEU C 1051 7.62 9.34 -1.01
N ILE C 1052 8.03 8.10 -1.21
CA ILE C 1052 9.33 7.66 -0.70
C ILE C 1052 10.46 8.31 -1.48
N ARG C 1053 10.32 8.42 -2.81
CA ARG C 1053 11.33 9.12 -3.58
C ARG C 1053 11.39 10.60 -3.20
N ALA C 1054 10.23 11.23 -3.03
CA ALA C 1054 10.21 12.64 -2.65
C ALA C 1054 10.92 12.88 -1.34
N ALA C 1055 10.83 11.93 -0.40
CA ALA C 1055 11.56 12.06 0.85
C ALA C 1055 13.07 12.05 0.62
N GLU C 1056 13.53 11.19 -0.30
CA GLU C 1056 14.94 11.18 -0.64
C GLU C 1056 15.37 12.50 -1.28
N ILE C 1057 14.56 13.03 -2.19
CA ILE C 1057 14.92 14.28 -2.86
C ILE C 1057 14.90 15.43 -1.86
N ARG C 1058 13.95 15.44 -0.93
CA ARG C 1058 13.92 16.49 0.07
C ARG C 1058 15.18 16.47 0.93
N ALA C 1059 15.62 15.28 1.33
CA ALA C 1059 16.88 15.19 2.08
C ALA C 1059 18.04 15.70 1.26
N SER C 1060 18.09 15.33 -0.02
CA SER C 1060 19.15 15.83 -0.89
C SER C 1060 19.07 17.34 -1.05
N ALA C 1061 17.85 17.88 -1.19
CA ALA C 1061 17.69 19.32 -1.31
C ALA C 1061 18.09 20.04 -0.02
N ASN C 1062 17.77 19.45 1.13
CA ASN C 1062 18.19 20.04 2.40
C ASN C 1062 19.71 20.08 2.49
N LEU C 1063 20.38 19.00 2.06
CA LEU C 1063 21.83 19.00 2.05
C LEU C 1063 22.37 20.06 1.10
N ALA C 1064 21.76 20.21 -0.07
CA ALA C 1064 22.21 21.22 -1.02
C ALA C 1064 22.03 22.62 -0.45
N ALA C 1065 20.91 22.88 0.22
CA ALA C 1065 20.70 24.18 0.84
C ALA C 1065 21.74 24.45 1.92
N THR C 1066 22.07 23.44 2.71
CA THR C 1066 23.12 23.61 3.71
C THR C 1066 24.47 23.87 3.06
N LYS C 1067 24.79 23.16 1.99
CA LYS C 1067 26.05 23.38 1.30
C LYS C 1067 26.11 24.79 0.72
N MET C 1068 24.99 25.26 0.17
CA MET C 1068 24.96 26.63 -0.33
C MET C 1068 25.24 27.62 0.78
N SER C 1069 24.67 27.41 1.96
CA SER C 1069 24.87 28.33 3.07
C SER C 1069 26.29 28.25 3.62
N GLU C 1070 26.81 27.04 3.79
CA GLU C 1070 28.06 26.85 4.51
C GLU C 1070 29.29 26.78 3.62
N CYS C 1071 29.14 26.41 2.36
CA CYS C 1071 30.27 26.33 1.45
C CYS C 1071 30.37 27.52 0.50
N VAL C 1072 29.25 28.09 0.09
CA VAL C 1072 29.24 29.23 -0.83
C VAL C 1072 29.14 30.55 -0.08
N LEU C 1073 28.24 30.65 0.89
CA LEU C 1073 28.06 31.88 1.64
C LEU C 1073 29.05 32.03 2.78
N GLY C 1074 29.94 31.05 2.98
CA GLY C 1074 30.96 31.16 4.00
C GLY C 1074 32.07 30.17 3.74
N GLN C 1075 33.02 30.15 4.64
CA GLN C 1075 34.12 29.19 4.62
C GLN C 1075 33.90 28.17 5.72
N SER C 1076 33.95 26.89 5.36
CA SER C 1076 33.56 25.82 6.26
C SER C 1076 34.81 25.13 6.82
N LYS C 1077 34.82 24.92 8.13
CA LYS C 1077 35.85 24.14 8.79
C LYS C 1077 35.45 22.69 8.97
N ARG C 1078 34.25 22.30 8.54
CA ARG C 1078 33.85 20.91 8.59
C ARG C 1078 34.63 20.11 7.56
N VAL C 1079 35.23 19.00 8.01
CA VAL C 1079 36.10 18.23 7.14
C VAL C 1079 35.27 17.51 6.09
N ASP C 1080 35.70 17.63 4.83
CA ASP C 1080 35.11 16.94 3.68
C ASP C 1080 33.69 17.39 3.38
N PHE C 1081 33.17 18.40 4.08
CA PHE C 1081 31.82 18.85 3.78
C PHE C 1081 31.78 19.66 2.49
N CYS C 1082 32.84 20.41 2.20
CA CYS C 1082 32.90 21.22 1.00
C CYS C 1082 34.07 20.80 0.13
N GLY C 1083 34.21 19.49 -0.09
CA GLY C 1083 35.27 18.95 -0.92
C GLY C 1083 36.44 18.43 -0.10
N LYS C 1084 37.37 17.78 -0.80
CA LYS C 1084 38.54 17.19 -0.16
C LYS C 1084 39.65 18.23 -0.08
N GLY C 1085 40.19 18.41 1.12
CA GLY C 1085 41.21 19.40 1.40
C GLY C 1085 40.69 20.42 2.38
N TYR C 1086 41.44 21.51 2.50
CA TYR C 1086 41.04 22.63 3.34
C TYR C 1086 40.21 23.59 2.51
N HIS C 1087 38.94 23.73 2.88
CA HIS C 1087 38.01 24.50 2.06
C HIS C 1087 38.41 25.96 2.00
N LEU C 1088 38.49 26.50 0.79
CA LEU C 1088 38.68 27.93 0.58
C LEU C 1088 37.36 28.61 0.22
N MET C 1089 36.72 28.16 -0.86
CA MET C 1089 35.46 28.75 -1.29
C MET C 1089 34.79 27.80 -2.28
N SER C 1090 33.49 27.98 -2.46
CA SER C 1090 32.71 27.17 -3.38
C SER C 1090 31.87 28.08 -4.26
N PHE C 1091 31.64 27.63 -5.49
CA PHE C 1091 30.84 28.36 -6.46
C PHE C 1091 29.67 27.51 -6.91
N PRO C 1092 28.45 28.02 -6.87
CA PRO C 1092 27.29 27.23 -7.32
C PRO C 1092 27.09 27.31 -8.82
N GLN C 1093 26.70 26.19 -9.41
CA GLN C 1093 26.27 26.13 -10.79
C GLN C 1093 24.94 25.38 -10.86
N SER C 1094 24.00 25.93 -11.61
CA SER C 1094 22.69 25.30 -11.74
C SER C 1094 22.74 24.18 -12.78
N ALA C 1095 22.10 23.07 -12.44
CA ALA C 1095 21.98 21.91 -13.31
C ALA C 1095 20.53 21.49 -13.35
N PRO C 1096 20.11 20.76 -14.38
CA PRO C 1096 18.70 20.35 -14.47
C PRO C 1096 18.26 19.56 -13.25
N HIS C 1097 17.28 20.11 -12.55
CA HIS C 1097 16.73 19.47 -11.35
C HIS C 1097 17.82 19.20 -10.31
N GLY C 1098 18.74 20.14 -10.17
CA GLY C 1098 19.82 19.94 -9.22
C GLY C 1098 20.73 21.15 -9.19
N VAL C 1099 21.85 20.97 -8.48
CA VAL C 1099 22.86 22.01 -8.33
C VAL C 1099 24.22 21.35 -8.34
N VAL C 1100 25.21 22.06 -8.88
CA VAL C 1100 26.60 21.61 -8.90
C VAL C 1100 27.44 22.61 -8.12
N PHE C 1101 28.22 22.10 -7.18
CA PHE C 1101 29.12 22.93 -6.39
C PHE C 1101 30.55 22.71 -6.87
N LEU C 1102 31.24 23.80 -7.18
CA LEU C 1102 32.66 23.76 -7.52
C LEU C 1102 33.43 24.16 -6.26
N HIS C 1103 33.90 23.17 -5.53
CA HIS C 1103 34.59 23.41 -4.27
C HIS C 1103 36.06 23.70 -4.53
N VAL C 1104 36.54 24.83 -4.02
CA VAL C 1104 37.94 25.21 -4.12
C VAL C 1104 38.59 24.91 -2.77
N THR C 1105 39.62 24.07 -2.79
CA THR C 1105 40.28 23.63 -1.58
C THR C 1105 41.78 23.83 -1.69
N TYR C 1106 42.42 23.93 -0.53
CA TYR C 1106 43.86 24.06 -0.40
C TYR C 1106 44.43 22.69 -0.05
N VAL C 1107 45.36 22.21 -0.85
CA VAL C 1107 45.94 20.88 -0.66
C VAL C 1107 47.45 20.99 -0.53
N PRO C 1108 48.03 20.72 0.63
CA PRO C 1108 49.49 20.73 0.73
C PRO C 1108 50.11 19.69 -0.19
N ALA C 1109 51.25 20.04 -0.79
CA ALA C 1109 51.75 19.31 -1.96
C ALA C 1109 53.06 18.58 -1.71
N GLN C 1110 54.12 19.28 -1.33
CA GLN C 1110 55.48 18.72 -1.36
C GLN C 1110 56.06 18.72 0.05
N GLU C 1111 55.81 17.65 0.80
CA GLU C 1111 56.22 17.58 2.19
C GLU C 1111 57.70 17.24 2.32
N LYS C 1112 58.34 17.86 3.30
CA LYS C 1112 59.71 17.57 3.70
C LYS C 1112 59.68 16.90 5.08
N ASN C 1113 60.74 16.16 5.40
CA ASN C 1113 60.91 15.58 6.72
C ASN C 1113 61.80 16.47 7.56
N PHE C 1114 61.36 16.75 8.79
CA PHE C 1114 62.11 17.57 9.73
C PHE C 1114 62.17 16.88 11.09
N THR C 1115 63.18 17.23 11.86
CA THR C 1115 63.24 16.87 13.27
C THR C 1115 62.55 17.97 14.06
N THR C 1116 61.70 17.57 15.01
CA THR C 1116 60.89 18.51 15.76
C THR C 1116 61.03 18.24 17.25
N ALA C 1117 60.66 19.24 18.04
CA ALA C 1117 60.63 19.14 19.48
C ALA C 1117 59.39 19.86 20.00
N PRO C 1118 58.87 19.45 21.15
CA PRO C 1118 57.69 20.14 21.69
C PRO C 1118 58.01 21.49 22.30
N ALA C 1119 59.23 21.68 22.78
CA ALA C 1119 59.61 22.90 23.45
C ALA C 1119 61.12 23.09 23.34
N ILE C 1120 61.57 24.31 23.62
CA ILE C 1120 62.97 24.68 23.60
C ILE C 1120 63.37 25.10 25.01
N CYS C 1121 64.52 24.60 25.46
CA CYS C 1121 65.08 24.99 26.75
C CYS C 1121 66.16 26.03 26.52
N HIS C 1122 66.00 27.20 27.12
CA HIS C 1122 66.90 28.33 26.87
C HIS C 1122 67.71 28.72 28.10
N ASP C 1123 67.04 29.07 29.20
CA ASP C 1123 67.72 29.49 30.42
C ASP C 1123 67.05 28.83 31.62
N GLY C 1124 66.82 27.54 31.52
CA GLY C 1124 65.96 26.88 32.49
C GLY C 1124 64.50 27.19 32.30
N LYS C 1125 64.13 27.78 31.17
CA LYS C 1125 62.75 28.11 30.85
C LYS C 1125 62.33 27.31 29.62
N ALA C 1126 61.09 26.85 29.62
CA ALA C 1126 60.54 26.10 28.50
C ALA C 1126 59.78 27.05 27.59
N HIS C 1127 60.21 27.12 26.33
CA HIS C 1127 59.57 27.97 25.34
C HIS C 1127 58.71 27.10 24.43
N PHE C 1128 57.49 27.56 24.15
CA PHE C 1128 56.59 26.87 23.24
C PHE C 1128 56.21 27.80 22.10
N PRO C 1129 55.91 27.25 20.92
CA PRO C 1129 55.55 28.13 19.79
C PRO C 1129 54.22 28.82 20.06
N ARG C 1130 54.16 30.13 19.81
CA ARG C 1130 52.90 30.85 19.92
C ARG C 1130 51.90 30.33 18.89
N GLU C 1131 52.36 30.15 17.66
CA GLU C 1131 51.52 29.56 16.60
C GLU C 1131 52.46 28.98 15.57
N GLY C 1132 52.65 27.67 15.63
CA GLY C 1132 53.58 27.00 14.75
C GLY C 1132 54.17 25.79 15.44
N VAL C 1133 55.30 25.33 14.91
CA VAL C 1133 55.96 24.14 15.42
C VAL C 1133 57.46 24.32 15.24
N PHE C 1134 58.22 23.82 16.22
CA PHE C 1134 59.68 23.87 16.14
C PHE C 1134 60.17 22.80 15.19
N VAL C 1135 61.07 23.18 14.28
CA VAL C 1135 61.67 22.24 13.34
C VAL C 1135 63.17 22.47 13.30
N SER C 1136 63.88 21.45 12.85
CA SER C 1136 65.33 21.52 12.69
C SER C 1136 65.69 21.09 11.28
N ASN C 1137 66.52 21.89 10.61
CA ASN C 1137 66.98 21.53 9.27
C ASN C 1137 68.35 20.85 9.32
N GLY C 1138 68.65 20.17 10.43
CA GLY C 1138 69.85 19.38 10.54
C GLY C 1138 70.81 19.90 11.60
N THR C 1139 70.95 21.23 11.70
CA THR C 1139 71.81 21.82 12.71
C THR C 1139 71.19 23.00 13.44
N HIS C 1140 70.20 23.69 12.87
CA HIS C 1140 69.58 24.84 13.49
C HIS C 1140 68.10 24.60 13.69
N TRP C 1141 67.52 25.31 14.65
CA TRP C 1141 66.12 25.17 14.99
C TRP C 1141 65.36 26.43 14.58
N PHE C 1142 64.15 26.24 14.07
CA PHE C 1142 63.32 27.35 13.60
C PHE C 1142 61.89 27.13 14.07
N VAL C 1143 61.08 28.17 13.92
CA VAL C 1143 59.63 28.08 14.09
C VAL C 1143 59.00 28.27 12.72
N THR C 1144 58.09 27.37 12.37
CA THR C 1144 57.36 27.46 11.12
C THR C 1144 55.87 27.29 11.39
N GLN C 1145 55.05 27.92 10.56
CA GLN C 1145 53.64 27.61 10.57
C GLN C 1145 53.44 26.16 10.11
N ARG C 1146 52.36 25.56 10.58
CA ARG C 1146 52.22 24.11 10.50
C ARG C 1146 51.89 23.63 9.09
N ASN C 1147 51.19 24.43 8.28
CA ASN C 1147 50.70 24.01 6.99
C ASN C 1147 51.54 24.49 5.83
N PHE C 1148 52.66 25.15 6.08
CA PHE C 1148 53.50 25.66 5.00
C PHE C 1148 54.88 25.96 5.57
N TYR C 1149 55.91 25.33 5.02
CA TYR C 1149 57.25 25.49 5.57
C TYR C 1149 57.75 26.90 5.34
N GLU C 1150 57.94 27.64 6.43
CA GLU C 1150 58.46 29.00 6.37
C GLU C 1150 59.29 29.24 7.61
N PRO C 1151 60.52 28.71 7.65
CA PRO C 1151 61.29 28.75 8.90
C PRO C 1151 61.56 30.17 9.35
N GLN C 1152 61.51 30.37 10.67
CA GLN C 1152 61.79 31.65 11.29
C GLN C 1152 62.77 31.44 12.43
N ILE C 1153 63.54 32.48 12.73
CA ILE C 1153 64.41 32.44 13.90
C ILE C 1153 63.55 32.38 15.15
N ILE C 1154 63.93 31.51 16.09
CA ILE C 1154 63.18 31.35 17.33
C ILE C 1154 63.51 32.55 18.21
N THR C 1155 62.52 33.41 18.46
CA THR C 1155 62.69 34.60 19.26
C THR C 1155 61.65 34.62 20.36
N THR C 1156 61.75 35.63 21.24
CA THR C 1156 60.79 35.78 22.32
C THR C 1156 59.42 36.24 21.81
N ASP C 1157 59.32 36.69 20.56
CA ASP C 1157 58.03 37.02 19.98
C ASP C 1157 57.36 35.82 19.34
N ASN C 1158 58.15 34.84 18.87
CA ASN C 1158 57.58 33.64 18.28
C ASN C 1158 57.03 32.69 19.33
N THR C 1159 57.54 32.75 20.56
CA THR C 1159 57.27 31.75 21.58
C THR C 1159 56.76 32.41 22.84
N PHE C 1160 56.24 31.57 23.74
CA PHE C 1160 55.90 31.99 25.09
C PHE C 1160 56.54 31.02 26.08
N VAL C 1161 56.77 31.50 27.29
CA VAL C 1161 57.45 30.74 28.33
C VAL C 1161 56.43 30.17 29.30
N SER C 1162 56.71 28.97 29.79
CA SER C 1162 55.85 28.35 30.81
C SER C 1162 56.67 27.31 31.55
N GLY C 1163 57.01 27.61 32.81
CA GLY C 1163 57.72 26.64 33.63
C GLY C 1163 59.18 26.51 33.24
N ASN C 1164 59.78 25.44 33.74
CA ASN C 1164 61.18 25.11 33.48
C ASN C 1164 61.27 23.90 32.56
N CYS C 1165 62.49 23.44 32.34
CA CYS C 1165 62.79 22.40 31.37
C CYS C 1165 62.69 20.99 31.94
N ASP C 1166 62.26 20.84 33.19
CA ASP C 1166 62.35 19.57 33.87
C ASP C 1166 61.12 18.70 33.72
N VAL C 1167 60.05 19.19 33.07
CA VAL C 1167 58.78 18.47 33.07
C VAL C 1167 58.40 18.04 31.65
N VAL C 1168 58.81 18.81 30.65
CA VAL C 1168 58.42 18.54 29.27
C VAL C 1168 59.24 17.38 28.74
N ILE C 1169 58.55 16.41 28.13
CA ILE C 1169 59.19 15.21 27.57
C ILE C 1169 59.61 15.54 26.15
N GLY C 1170 60.90 15.34 25.85
CA GLY C 1170 61.42 15.59 24.52
C GLY C 1170 61.91 17.00 24.29
N ILE C 1171 61.98 17.83 25.33
CA ILE C 1171 62.47 19.19 25.16
C ILE C 1171 63.92 19.16 24.69
N VAL C 1172 64.31 20.17 23.91
CA VAL C 1172 65.66 20.25 23.35
C VAL C 1172 66.29 21.59 23.71
N ASN C 1173 67.61 21.60 23.69
CA ASN C 1173 68.40 22.73 24.14
C ASN C 1173 68.64 23.66 22.95
N ASN C 1174 68.25 24.92 23.07
CA ASN C 1174 68.58 25.83 21.98
C ASN C 1174 68.41 27.27 22.47
N THR C 1175 69.04 28.19 21.75
CA THR C 1175 69.01 29.59 22.12
C THR C 1175 67.76 30.26 21.56
N VAL C 1176 67.10 31.05 22.41
CA VAL C 1176 65.95 31.86 22.01
C VAL C 1176 66.43 33.30 21.94
N TYR C 1177 66.38 33.88 20.75
CA TYR C 1177 66.96 35.19 20.51
C TYR C 1177 66.01 36.29 20.94
N ASP C 1178 66.53 37.24 21.72
CA ASP C 1178 65.72 38.34 22.21
C ASP C 1178 65.89 39.54 21.29
N PRO C 1179 64.84 39.96 20.58
CA PRO C 1179 65.02 41.10 19.65
C PRO C 1179 65.45 42.38 20.33
N LEU C 1180 65.11 42.56 21.61
CA LEU C 1180 65.42 43.80 22.31
C LEU C 1180 66.90 43.88 22.66
N GLN C 1181 67.57 42.74 22.87
CA GLN C 1181 68.95 42.76 23.31
C GLN C 1181 69.87 43.45 22.31
N PRO C 1182 69.92 43.06 21.03
CA PRO C 1182 70.83 43.74 20.10
C PRO C 1182 70.51 45.22 19.93
N GLU C 1183 69.24 45.60 20.06
CA GLU C 1183 68.88 47.00 19.94
C GLU C 1183 69.58 47.84 21.00
N LEU C 1184 69.62 47.36 22.24
CA LEU C 1184 70.31 48.07 23.30
C LEU C 1184 71.82 47.90 23.21
N ASP C 1185 72.29 46.77 22.68
CA ASP C 1185 73.73 46.58 22.54
C ASP C 1185 74.34 47.61 21.60
N SER C 1186 73.68 47.86 20.46
CA SER C 1186 74.13 48.92 19.57
C SER C 1186 74.04 50.27 20.26
N PHE C 1187 72.97 50.51 21.01
CA PHE C 1187 72.89 51.70 21.84
C PHE C 1187 73.97 51.70 22.91
N LYS C 1188 74.25 50.54 23.49
CA LYS C 1188 75.30 50.44 24.51
C LYS C 1188 76.65 50.88 23.95
N GLU C 1189 76.98 50.42 22.74
CA GLU C 1189 78.25 50.78 22.12
C GLU C 1189 78.27 52.26 21.75
C1 NAG D . 60.16 10.78 5.47
C2 NAG D . 60.43 10.57 3.99
C3 NAG D . 60.15 9.22 3.45
C4 NAG D . 60.64 8.07 4.26
C5 NAG D . 60.32 8.17 5.76
C6 NAG D . 61.35 7.38 6.52
C7 NAG D . 59.89 12.84 2.92
C8 NAG D . 58.89 13.74 2.18
N2 NAG D . 59.49 11.49 3.27
O3 NAG D . 60.76 9.14 2.13
O4 NAG D . 59.93 6.90 3.81
O5 NAG D . 60.29 9.53 6.34
O6 NAG D . 62.59 7.99 6.32
O7 NAG D . 60.97 13.25 3.21
C1 NAG D . 61.16 6.18 3.55
C2 NAG D . 60.91 4.72 3.92
C3 NAG D . 62.01 3.81 3.54
C4 NAG D . 62.34 3.97 2.08
C5 NAG D . 62.70 5.41 1.75
C6 NAG D . 62.91 5.53 0.26
C7 NAG D . 59.44 4.77 6.03
C8 NAG D . 59.30 4.64 7.56
N2 NAG D . 60.76 4.61 5.41
O3 NAG D . 61.60 2.45 3.79
O4 NAG D . 63.46 3.13 1.77
O5 NAG D . 61.63 6.34 2.13
O6 NAG D . 61.69 5.38 -0.40
O7 NAG D . 58.50 4.99 5.35
C1 FUC D . 62.91 9.39 6.24
C2 FUC D . 63.90 9.89 5.16
C3 FUC D . 64.08 11.40 5.30
C4 FUC D . 64.28 11.85 6.77
C5 FUC D . 63.27 11.17 7.70
C6 FUC D . 63.54 11.44 9.19
O2 FUC D . 63.34 9.67 3.84
O3 FUC D . 65.20 11.83 4.53
O4 FUC D . 65.59 11.56 7.20
O5 FUC D . 63.25 9.77 7.52
C1 NAG E . 27.17 44.19 40.47
C2 NAG E . 26.96 45.67 40.13
C3 NAG E . 27.51 46.53 41.21
C4 NAG E . 26.96 46.13 42.55
C5 NAG E . 27.09 44.63 42.84
C6 NAG E . 26.35 44.30 44.10
C7 NAG E . 29.01 45.59 38.57
C8 NAG E . 29.66 45.92 37.22
N2 NAG E . 27.63 45.99 38.83
O3 NAG E . 27.20 47.92 40.92
O4 NAG E . 27.65 46.84 43.58
O5 NAG E . 26.51 43.82 41.76
O6 NAG E . 25.57 43.15 43.92
O7 NAG E . 29.64 45.01 39.39
H2 NAG E . 25.90 45.87 40.05
H3 NAG E . 28.58 46.41 41.23
H4 NAG E . 25.90 46.36 42.56
H5 NAG E . 28.14 44.38 42.94
H61 NAG E . 25.70 45.13 44.37
H62 NAG E . 27.07 44.12 44.89
H81 NAG E . 30.57 45.33 37.10
H82 NAG E . 29.92 46.97 37.20
H83 NAG E . 28.98 45.69 36.42
HN2 NAG E . 27.11 46.48 38.13
HO3 NAG E . 27.99 48.37 40.66
HO6 NAG E . 25.87 42.68 43.16
C1 NAG E . 26.90 47.90 44.26
C2 NAG E . 25.88 48.74 43.48
C3 NAG E . 25.29 49.75 44.39
C4 NAG E . 24.60 49.11 45.56
C5 NAG E . 25.49 48.13 46.31
C6 NAG E . 24.65 47.29 47.23
C7 NAG E . 25.63 50.07 41.30
C8 NAG E . 26.25 50.78 40.09
N2 NAG E . 26.50 49.44 42.31
O3 NAG E . 24.32 50.56 43.68
O4 NAG E . 24.17 50.14 46.46
O5 NAG E . 26.20 47.21 45.41
O6 NAG E . 24.05 48.12 48.19
O7 NAG E . 24.45 50.00 41.40
H2 NAG E . 25.05 48.12 43.15
H3 NAG E . 26.08 50.39 44.77
H4 NAG E . 23.72 48.58 45.19
H5 NAG E . 26.22 48.68 46.88
H61 NAG E . 25.28 46.56 47.73
H62 NAG E . 23.88 46.79 46.66
H81 NAG E . 25.57 50.73 39.25
H82 NAG E . 27.19 50.32 39.82
H83 NAG E . 26.42 51.83 40.34
HN2 NAG E . 27.50 49.49 42.22
HO3 NAG E . 23.49 50.54 44.13
HO4 NAG E . 23.56 49.77 47.09
HO6 NAG E . 23.89 47.61 48.98
C1 NAG F . -26.90 -34.95 23.72
C2 NAG F . -28.19 -35.37 23.04
C3 NAG F . -29.31 -34.62 23.67
C4 NAG F . -29.32 -34.70 25.17
C5 NAG F . -27.98 -34.94 25.89
C6 NAG F . -28.24 -35.79 27.09
C7 NAG F . -27.64 -34.00 20.86
C8 NAG F . -27.07 -32.77 21.58
N2 NAG F . -28.15 -35.19 21.55
O3 NAG F . -30.56 -35.15 23.16
O4 NAG F . -29.83 -33.47 25.69
O5 NAG F . -26.90 -35.56 25.09
O6 NAG F . -28.82 -37.01 26.70
O7 NAG F . -27.68 -33.98 19.67
H2 NAG F . -28.35 -36.42 23.25
H3 NAG F . -29.24 -33.57 23.38
H4 NAG F . -29.99 -35.51 25.45
H5 NAG F . -27.61 -33.97 26.23
H61 NAG F . -28.93 -35.27 27.75
H62 NAG F . -27.32 -35.97 27.63
H81 NAG F . -27.21 -31.89 20.96
H82 NAG F . -26.00 -32.91 21.74
H83 NAG F . -27.56 -32.62 22.53
HN2 NAG F . -28.51 -35.93 20.99
HO3 NAG F . -31.23 -34.49 23.22
HO6 NAG F . -29.44 -37.29 27.35
C1 NAG F . -31.13 -32.84 25.68
C2 NAG F . -32.04 -33.29 26.82
C3 NAG F . -33.40 -32.71 26.66
C4 NAG F . -33.33 -31.21 26.65
C5 NAG F . -32.33 -30.68 25.63
C6 NAG F . -32.14 -29.21 25.86
C7 NAG F . -32.60 -35.55 25.73
C8 NAG F . -32.68 -37.07 25.80
N2 NAG F . -32.11 -34.78 26.88
O3 NAG F . -34.24 -33.15 27.76
O4 NAG F . -34.63 -30.69 26.35
O5 NAG F . -31.01 -31.34 25.69
O6 NAG F . -33.39 -28.57 25.85
O7 NAG F . -32.92 -34.98 24.73
H2 NAG F . -31.66 -32.88 27.76
H3 NAG F . -33.82 -33.05 25.71
H4 NAG F . -33.03 -30.88 27.64
H5 NAG F . -32.74 -30.82 24.63
H61 NAG F . -31.52 -28.79 25.08
H62 NAG F . -31.66 -29.05 26.82
H81 NAG F . -33.13 -37.45 24.90
H82 NAG F . -33.27 -37.36 26.66
H83 NAG F . -31.68 -37.48 25.90
HN2 NAG F . -31.85 -35.26 27.72
HO3 NAG F . -35.03 -32.64 27.77
HO4 NAG F . -34.62 -29.76 26.41
HO6 NAG F . -33.28 -27.66 25.66
C1 NAG G . 48.42 -1.40 26.43
C2 NAG G . 49.59 -2.23 26.95
C3 NAG G . 49.30 -3.67 26.77
C4 NAG G . 48.08 -4.04 27.57
C5 NAG G . 46.87 -3.28 27.03
C6 NAG G . 45.66 -3.57 27.88
C7 NAG G . 51.84 -0.98 26.70
C8 NAG G . 51.69 -0.32 28.07
N2 NAG G . 50.83 -1.90 26.18
O3 NAG G . 50.45 -4.48 27.14
O4 NAG G . 47.81 -5.44 27.49
O5 NAG G . 47.10 -1.84 27.03
O6 NAG G . 45.91 -3.15 29.20
O7 NAG G . 52.80 -0.75 26.05
H2 NAG G . 49.74 -2.02 28.01
H3 NAG G . 49.08 -3.84 25.72
H4 NAG G . 48.22 -3.73 28.60
H5 NAG G . 46.67 -3.63 26.03
H61 NAG G . 45.45 -4.62 27.86
H62 NAG G . 44.82 -3.02 27.48
H81 NAG G . 52.51 0.37 28.24
H82 NAG G . 51.69 -1.08 28.84
H83 NAG G . 50.76 0.24 28.10
HN2 NAG G . 50.96 -2.31 25.27
HO3 NAG G . 50.73 -4.98 26.39
HO6 NAG G . 46.21 -3.88 29.69
C1 NAG G . 48.26 -6.35 28.54
C2 NAG G . 49.21 -5.80 29.62
C3 NAG G . 49.51 -6.87 30.61
C4 NAG G . 48.25 -7.19 31.34
C5 NAG G . 47.22 -7.77 30.36
C6 NAG G . 45.92 -7.95 31.06
C7 NAG G . 51.28 -4.28 29.71
C8 NAG G . 52.60 -3.80 29.10
N2 NAG G . 50.51 -5.33 29.03
O3 NAG G . 50.52 -6.42 31.54
O4 NAG G . 48.52 -8.11 32.39
O5 NAG G . 47.01 -6.88 29.20
O6 NAG G . 45.22 -6.73 31.03
O7 NAG G . 50.88 -3.80 30.73
H2 NAG G . 48.74 -5.01 30.17
H3 NAG G . 49.86 -7.75 30.08
H4 NAG G . 47.84 -6.28 31.76
H5 NAG G . 47.57 -8.73 29.99
H61 NAG G . 46.08 -8.25 32.09
H62 NAG G . 45.33 -8.72 30.56
H81 NAG G . 52.97 -2.94 29.64
H82 NAG G . 52.45 -3.54 28.06
H83 NAG G . 53.33 -4.60 29.16
HN2 NAG G . 50.84 -5.72 28.18
HO3 NAG G . 50.15 -6.32 32.40
HO6 NAG G . 45.37 -6.31 30.21
C1 BMA G . 48.79 -9.51 32.21
C2 BMA G . 50.17 -10.11 32.59
C3 BMA G . 50.23 -11.55 32.12
C4 BMA G . 49.00 -12.33 32.61
C5 BMA G . 47.71 -11.62 32.17
C6 BMA G . 46.44 -12.31 32.66
O2 BMA G . 50.35 -10.15 34.00
O3 BMA G . 51.42 -12.20 32.55
O4 BMA G . 49.02 -13.65 32.08
O5 BMA G . 47.72 -10.30 32.70
O6 BMA G . 46.39 -12.18 34.08
H2 BMA G . 50.97 -9.55 32.10
H3 BMA G . 50.24 -11.59 31.03
H4 BMA G . 49.01 -12.35 33.71
H5 BMA G . 47.67 -11.59 31.06
H61 BMA G . 46.48 -13.36 32.34
H62 BMA G . 45.59 -11.83 32.17
HO2 BMA G . 51.15 -10.67 34.15
HO3 BMA G . 51.29 -13.14 32.36
HO4 BMA G . 48.69 -14.22 32.80
HO6 BMA G . 45.64 -12.69 34.38
C1 NAG H . 15.38 -33.73 23.86
C2 NAG H . 16.07 -32.70 24.84
C3 NAG H . 17.49 -32.22 24.65
C4 NAG H . 18.49 -33.30 24.42
C5 NAG H . 17.68 -34.29 23.64
C6 NAG H . 17.29 -35.44 24.59
C7 NAG H . 14.79 -30.56 25.53
C8 NAG H . 14.57 -31.08 26.94
N2 NAG H . 15.47 -31.36 24.53
O3 NAG H . 17.93 -31.44 25.80
O4 NAG H . 19.59 -32.88 23.60
O5 NAG H . 16.62 -33.36 23.15
O6 NAG H . 18.42 -36.17 25.01
O7 NAG H . 14.37 -29.50 25.22
H2 NAG H . 15.92 -33.00 25.86
H3 NAG H . 17.53 -31.54 23.79
H4 NAG H . 18.76 -33.68 25.41
H5 NAG H . 18.23 -34.68 22.78
H61 NAG H . 16.62 -36.12 24.08
H62 NAG H . 16.80 -35.04 25.48
H81 NAG H . 14.02 -30.35 27.51
H82 NAG H . 15.51 -31.27 27.40
H83 NAG H . 14.00 -32.01 26.88
HN2 NAG H . 15.59 -30.99 23.61
HO3 NAG H . 18.84 -31.25 25.68
HO6 NAG H . 18.18 -36.80 25.66
C1 NAG H . 20.07 -34.07 24.27
C2 NAG H . 20.75 -35.21 23.47
C3 NAG H . 22.10 -35.46 24.01
C4 NAG H . 22.08 -35.76 25.48
C5 NAG H . 21.36 -34.63 26.23
C6 NAG H . 22.20 -34.04 27.31
C7 NAG H . 19.45 -37.31 22.57
C8 NAG H . 19.74 -36.96 21.10
N2 NAG H . 19.94 -36.47 23.67
O3 NAG H . 22.89 -34.26 23.78
O4 NAG H . 21.38 -36.98 25.69
O5 NAG H . 21.08 -33.56 25.27
O6 NAG H . 22.58 -35.04 28.22
O7 NAG H . 18.82 -38.28 22.81
H2 NAG H . 20.84 -35.01 22.42
H3 NAG H . 22.54 -36.30 23.48
H4 NAG H . 23.09 -35.85 25.85
H5 NAG H . 20.43 -35.00 26.63
H61 NAG H . 21.62 -33.27 27.82
H62 NAG H . 23.08 -33.59 26.87
H81 NAG H . 19.30 -37.73 20.46
H82 NAG H . 20.82 -36.94 20.93
H83 NAG H . 19.31 -36.01 20.85
HN2 NAG H . 19.73 -36.75 24.60
HO3 NAG H . 23.81 -34.48 23.83
HO6 NAG H . 23.51 -35.17 28.15
C1 BMA H . 22.13 -38.17 25.47
C2 BMA H . 23.11 -38.72 26.52
C3 BMA H . 24.05 -39.75 25.85
C4 BMA H . 23.28 -40.74 24.97
C5 BMA H . 22.36 -39.99 23.99
C6 BMA H . 21.52 -40.91 23.12
O2 BMA H . 22.43 -39.40 27.56
O3 BMA H . 24.81 -40.44 26.82
O4 BMA H . 24.19 -41.54 24.24
O5 BMA H . 21.48 -39.19 24.76
O6 BMA H . 20.88 -40.12 22.13
H2 BMA H . 23.72 -37.92 26.91
H3 BMA H . 24.77 -39.22 25.22
H4 BMA H . 22.64 -41.36 25.62
H5 BMA H . 22.97 -39.35 23.33
H61 BMA H . 20.79 -41.43 23.76
H62 BMA H . 22.19 -41.66 22.68
HO2 BMA H . 23.12 -39.84 28.08
HO3 BMA H . 25.61 -39.90 26.96
HO4 BMA H . 23.72 -42.36 24.03
HO6 BMA H . 19.97 -39.98 22.40
C1 NAG I . 43.46 16.25 38.27
C2 NAG I . 44.30 16.30 39.57
C3 NAG I . 45.11 15.07 39.79
C4 NAG I . 44.34 13.80 39.64
C5 NAG I . 43.48 13.78 38.38
C6 NAG I . 42.57 12.60 38.44
C7 NAG I . 45.11 18.61 40.41
C8 NAG I . 46.15 19.73 40.37
N2 NAG I . 45.28 17.44 39.55
O3 NAG I . 45.67 15.13 41.13
O4 NAG I . 45.26 12.71 39.54
O5 NAG I . 42.66 14.98 38.22
O6 NAG I . 42.28 12.16 37.15
O7 NAG I . 44.17 18.69 41.13
H2 NAG I . 43.63 16.44 40.40
H3 NAG I . 45.94 15.07 39.09
H4 NAG I . 43.70 13.67 40.51
H5 NAG I . 44.12 13.69 37.51
H61 NAG I . 41.65 12.89 38.94
H62 NAG I . 43.04 11.80 39.00
H81 NAG I . 45.89 20.51 41.10
H82 NAG I . 46.19 20.17 39.39
H83 NAG I . 47.12 19.34 40.63
HN2 NAG I . 46.08 17.38 38.95
HO3 NAG I . 46.53 14.74 41.14
HO6 NAG I . 41.50 11.62 37.16
C1 NAG I . 45.23 11.94 40.77
C2 NAG I . 45.70 10.51 40.54
C3 NAG I . 45.45 9.71 41.76
C4 NAG I . 46.34 10.23 42.85
C5 NAG I . 45.96 11.70 43.11
C6 NAG I . 46.86 12.28 44.17
C7 NAG I . 45.72 9.83 38.08
C8 NAG I . 45.03 9.22 36.85
N2 NAG I . 45.01 9.90 39.36
O3 NAG I . 45.77 8.31 41.51
O4 NAG I . 46.19 9.42 44.03
O5 NAG I . 46.06 12.53 41.89
O6 NAG I . 48.13 11.69 44.11
O7 NAG I . 46.81 10.25 37.99
H2 NAG I . 46.78 10.50 40.40
H3 NAG I . 44.41 9.81 42.05
H4 NAG I . 47.36 10.18 42.50
H5 NAG I . 44.94 11.74 43.47
H61 NAG I . 46.42 12.10 45.15
H62 NAG I . 46.96 13.35 44.01
H81 NAG I . 45.70 9.27 36.00
H82 NAG I . 44.12 9.75 36.64
H83 NAG I . 44.79 8.17 37.06
HN2 NAG I . 44.08 9.54 39.45
HO3 NAG I . 45.06 7.77 41.79
HO6 NAG I . 48.55 11.94 43.31
C1 MAN I . 47.39 8.61 43.97
C2 MAN I . 46.98 7.17 44.39
C3 MAN I . 45.63 7.21 45.03
C4 MAN I . 45.72 8.01 46.35
C5 MAN I . 46.46 9.39 46.19
C6 MAN I . 47.16 9.78 47.48
O2 MAN I . 47.79 6.74 45.50
O3 MAN I . 45.15 5.91 45.30
O4 MAN I . 44.40 8.26 46.82
O5 MAN I . 47.52 9.41 45.14
O6 MAN I . 48.24 8.88 47.68
H3 MAN I . 44.90 7.68 44.36
H4 MAN I . 46.27 7.41 47.08
H5 MAN I . 45.70 10.17 46.00
H61 MAN I . 46.42 9.74 48.30
H62 MAN I . 47.50 10.82 47.36
HO3 MAN I . 45.83 5.48 45.84
HO4 MAN I . 44.43 8.06 47.76
HO6 MAN I . 48.65 9.12 48.53
C1 NAG J . 47.10 35.99 45.35
C2 NAG J . 47.43 35.62 46.81
C3 NAG J . 48.66 36.26 47.34
C4 NAG J . 49.83 36.25 46.42
C5 NAG J . 49.49 36.49 44.95
C6 NAG J . 50.67 36.08 44.12
C7 NAG J . 45.39 35.08 48.29
C8 NAG J . 44.25 35.57 49.20
N2 NAG J . 46.31 36.05 47.70
O3 NAG J . 49.04 35.55 48.56
O4 NAG J . 50.72 37.30 46.82
O5 NAG J . 48.31 35.73 44.50
O6 NAG J . 50.79 34.68 44.10
O7 NAG J . 45.51 33.92 48.06
H2 NAG J . 47.55 34.55 46.84
H3 NAG J . 48.45 37.29 47.60
H4 NAG J . 50.34 35.29 46.51
H5 NAG J . 49.31 37.54 44.79
H61 NAG J . 51.58 36.50 44.54
H62 NAG J . 50.55 36.44 43.11
H81 NAG J . 43.60 34.74 49.45
H82 NAG J . 43.68 36.32 48.70
H83 NAG J . 44.68 35.99 50.12
HN2 NAG J . 46.19 37.02 47.91
HO3 NAG J . 49.74 36.01 48.99
HO6 NAG J . 50.08 34.29 44.57
C1 NAG J . 51.88 36.52 47.22
C2 NAG J . 53.16 37.34 47.16
C3 NAG J . 54.33 36.45 47.28
C4 NAG J . 54.28 35.70 48.58
C5 NAG J . 52.92 35.03 48.85
C6 NAG J . 52.89 34.58 50.27
C7 NAG J . 52.86 39.51 45.83
C8 NAG J . 52.93 40.27 44.50
N2 NAG J . 53.23 38.10 45.87
O3 NAG J . 55.55 37.24 47.23
O4 NAG J . 55.30 34.69 48.55
O5 NAG J . 51.77 35.94 48.60
O6 NAG J . 51.85 33.66 50.45
O7 NAG J . 52.51 40.06 46.81
H2 NAG J . 53.20 38.02 48.01
H3 NAG J . 54.32 35.74 46.46
H4 NAG J . 54.49 36.39 49.38
H5 NAG J . 52.83 34.18 48.20
H61 NAG J . 52.74 35.43 50.92
H62 NAG J . 53.83 34.10 50.52
H81 NAG J . 52.66 41.31 44.66
H82 NAG J . 52.24 39.83 43.79
H83 NAG J . 53.93 40.22 44.10
HN2 NAG J . 53.52 37.63 45.03
HO3 NAG J . 56.21 36.76 46.76
HO6 NAG J . 51.98 33.18 51.25
C1 BMA J . 56.41 35.22 49.30
C2 BMA J . 56.91 34.50 50.58
C3 BMA J . 57.93 35.40 51.29
C4 BMA J . 59.00 35.92 50.32
C5 BMA J . 58.34 36.63 49.13
C6 BMA J . 59.33 37.14 48.12
O2 BMA J . 57.62 33.32 50.28
O3 BMA J . 58.55 34.74 52.38
O4 BMA J . 59.85 36.85 51.00
O5 BMA J . 57.47 35.68 48.48
O6 BMA J . 58.69 38.13 47.32
H2 BMA J . 56.09 34.32 51.25
H3 BMA J . 57.40 36.27 51.72
H4 BMA J . 59.56 35.07 49.93
H5 BMA J . 57.74 37.49 49.50
H61 BMA J . 59.68 36.30 47.51
H62 BMA J . 60.19 37.55 48.66
HO2 BMA J . 58.39 33.30 50.86
HO3 BMA J . 59.27 35.32 52.66
HO4 BMA J . 60.75 36.55 50.80
HO6 BMA J . 57.98 37.71 46.84
C1 NAG K . 39.97 53.66 38.92
C2 NAG K . 38.65 53.66 39.69
C3 NAG K . 38.66 54.41 40.97
C4 NAG K . 39.28 55.78 40.85
C5 NAG K . 40.63 55.79 40.13
C6 NAG K . 41.71 55.26 41.04
C7 NAG K . 37.35 53.57 37.49
C8 NAG K . 36.32 54.15 36.52
N2 NAG K . 37.62 54.25 38.77
O3 NAG K . 39.38 53.64 41.98
O4 NAG K . 38.35 56.68 40.19
O5 NAG K . 40.65 55.01 38.88
O6 NAG K . 41.75 56.01 42.23
O7 NAG K . 37.95 52.58 37.21
H2 NAG K . 38.36 52.63 39.89
H3 NAG K . 37.64 54.54 41.31
H4 NAG K . 39.47 56.06 41.86
H5 NAG K . 40.88 56.82 39.88
H61 NAG K . 42.66 55.34 40.54
H62 NAG K . 41.52 54.22 41.28
H81 NAG K . 36.16 53.43 35.71
H82 NAG K . 36.68 55.08 36.10
H83 NAG K . 35.39 54.31 37.04
HN2 NAG K . 37.13 55.08 39.02
HO3 NAG K . 38.89 52.87 42.19
HO6 NAG K . 41.37 56.85 42.08
C1 NAG K . 38.70 57.89 40.93
C2 NAG K . 37.63 58.97 40.72
C3 NAG K . 38.17 60.32 41.05
C4 NAG K . 39.01 60.37 42.31
C5 NAG K . 39.64 59.04 42.77
C6 NAG K . 39.90 59.07 44.25
C7 NAG K . 37.95 59.20 38.16
C8 NAG K . 37.36 59.13 36.75
N2 NAG K . 37.10 58.92 39.32
O3 NAG K . 37.04 61.21 41.22
O4 NAG K . 40.08 61.27 42.06
O5 NAG K . 38.81 57.86 42.44
O6 NAG K . 41.22 58.67 44.49
O7 NAG K . 39.11 59.46 38.31
H2 NAG K . 36.83 58.78 41.43
H3 NAG K . 38.78 60.67 40.23
H4 NAG K . 38.39 60.75 43.11
H5 NAG K . 40.59 58.92 42.26
H61 NAG K . 39.22 58.39 44.75
H62 NAG K . 39.75 60.07 44.62
H81 NAG K . 38.10 59.45 36.03
H82 NAG K . 36.51 59.80 36.70
H83 NAG K . 37.04 58.13 36.54
HN2 NAG K . 36.13 58.71 39.17
HO3 NAG K . 37.31 61.97 41.73
HO6 NAG K . 41.26 58.20 45.30
C1 BMA K . 39.72 62.32 42.97
C2 BMA K . 40.80 63.10 43.74
C3 BMA K . 40.12 63.96 44.81
C4 BMA K . 39.02 64.81 44.20
C5 BMA K . 38.00 63.91 43.49
C6 BMA K . 36.87 64.69 42.84
O2 BMA K . 41.50 63.99 42.91
O3 BMA K . 41.06 64.77 45.50
O4 BMA K . 38.36 65.56 45.21
O5 BMA K . 38.70 63.18 42.46
O6 BMA K . 37.45 65.67 41.98
H2 BMA K . 41.47 62.40 44.24
H3 BMA K . 39.66 63.31 45.57
H4 BMA K . 39.47 65.47 43.44
H5 BMA K . 37.56 63.21 44.22
H61 BMA K . 36.26 65.15 43.62
H62 BMA K . 36.25 63.98 42.29
HO2 BMA K . 41.97 64.60 43.52
HO3 BMA K . 41.33 64.25 46.28
HO4 BMA K . 38.03 66.36 44.76
HO6 BMA K . 37.20 66.54 42.32
C1 NAG L . 31.30 29.09 44.54
C2 NAG L . 31.17 27.70 45.15
C3 NAG L . 29.76 27.29 45.36
C4 NAG L . 28.89 28.27 46.10
C5 NAG L . 29.02 29.69 45.54
C6 NAG L . 28.54 30.65 46.60
C7 NAG L . 33.18 26.41 44.18
C8 NAG L . 33.72 25.49 43.08
N2 NAG L . 31.77 26.80 44.12
O3 NAG L . 29.75 26.06 46.14
O4 NAG L . 27.52 27.90 45.92
O5 NAG L . 30.37 30.11 45.14
O6 NAG L . 29.49 30.78 47.62
O7 NAG L . 33.88 26.78 45.06
H2 NAG L . 31.72 27.62 46.08
H3 NAG L . 29.30 27.10 44.40
H4 NAG L . 29.14 28.26 47.15
H5 NAG L . 28.36 29.76 44.69
H61 NAG L . 27.61 30.26 47.01
H62 NAG L . 28.35 31.62 46.15
H81 NAG L . 34.74 25.19 43.34
H82 NAG L . 33.72 26.03 42.14
H83 NAG L . 33.10 24.62 42.99
HN2 NAG L . 31.21 26.48 43.36
HO3 NAG L . 28.87 25.89 46.42
C1 NAG L . 27.18 27.58 47.29
C2 NAG L . 25.69 27.73 47.60
C3 NAG L . 25.47 27.65 49.06
C4 NAG L . 25.97 26.34 49.60
C5 NAG L . 27.39 26.00 49.14
C6 NAG L . 27.68 24.57 49.48
C7 NAG L . 24.62 29.13 45.72
C8 NAG L . 24.09 30.46 45.20
N2 NAG L . 25.16 29.04 47.09
O3 NAG L . 24.04 27.75 49.34
O4 NAG L . 25.94 26.39 51.03
O5 NAG L . 27.60 26.20 47.70
O6 NAG L . 27.28 24.31 50.80
O7 NAG L . 24.60 28.16 45.03
H2 NAG L . 25.14 26.91 47.16
H3 NAG L . 25.98 28.45 49.55
H4 NAG L . 25.30 25.55 49.28
H5 NAG L . 28.09 26.65 49.67
H61 NAG L . 28.75 24.39 49.39
H62 NAG L . 27.14 23.92 48.80
H81 NAG L . 23.80 30.35 44.17
H82 NAG L . 24.86 31.23 45.27
H83 NAG L . 23.22 30.76 45.78
HN2 NAG L . 25.18 29.85 47.67
HO3 NAG L . 23.88 27.65 50.25
HO4 NAG L . 25.79 25.53 51.38
HO6 NAG L . 27.77 23.59 51.14
C1 FUC L . 30.90 31.09 47.59
C2 FUC L . 31.69 31.44 48.85
C3 FUC L . 33.01 32.10 48.42
C4 FUC L . 32.71 33.33 47.54
C5 FUC L . 31.79 32.95 46.37
C6 FUC L . 31.24 34.16 45.63
O2 FUC L . 31.95 30.30 49.68
O3 FUC L . 33.73 32.55 49.56
O4 FUC L . 32.13 34.35 48.33
O5 FUC L . 30.63 32.22 46.81
H2 FUC L . 31.15 32.18 49.45
H3 FUC L . 33.59 31.38 47.84
H4 FUC L . 33.68 33.67 47.10
H5 FUC L . 32.37 32.33 45.68
H61 FUC L . 30.50 33.85 44.88
H62 FUC L . 32.05 34.71 45.15
H63 FUC L . 30.74 34.84 46.34
HO2 FUC L . 31.37 29.59 49.35
HO3 FUC L . 34.67 32.42 49.34
HO4 FUC L . 32.68 35.13 48.16
C1 NAG M . -29.65 27.38 19.22
C2 NAG M . -30.02 28.88 19.18
C3 NAG M . -29.39 29.64 20.28
C4 NAG M . -29.59 28.93 21.58
C5 NAG M . -28.98 27.53 21.55
C6 NAG M . -29.07 26.93 22.91
C7 NAG M . -28.16 29.57 17.47
C8 NAG M . -27.79 30.18 16.12
N2 NAG M . -29.58 29.46 17.86
O3 NAG M . -30.03 30.95 20.36
O4 NAG M . -29.06 29.75 22.63
O5 NAG M . -29.74 26.73 20.58
O6 NAG M . -30.39 26.56 23.20
O7 NAG M . -27.28 29.21 18.18
H2 NAG M . -31.10 28.95 19.28
H3 NAG M . -28.33 29.76 20.11
H4 NAG M . -30.64 28.78 21.72
H5 NAG M . -27.94 27.60 21.26
H61 NAG M . -28.76 27.68 23.64
H62 NAG M . -28.43 26.07 22.96
H81 NAG M . -26.71 30.21 16.01
H82 NAG M . -28.21 31.18 16.05
H83 NAG M . -28.19 29.55 15.32
HN2 NAG M . -30.28 29.76 17.22
HO3 NAG M . -29.39 31.62 20.14
HO6 NAG M . -30.93 26.62 22.43
C1 NAG M . -29.53 31.03 23.11
C2 NAG M . -30.98 31.03 23.61
C3 NAG M . -31.41 32.37 24.08
C4 NAG M . -30.46 32.93 25.10
C5 NAG M . -29.01 32.90 24.63
C6 NAG M . -28.12 33.31 25.76
C7 NAG M . -32.84 29.50 22.69
C8 NAG M . -33.78 29.09 21.55
N2 NAG M . -31.91 30.61 22.51
O3 NAG M . -32.73 32.23 24.67
O4 NAG M . -30.84 34.30 25.38
O5 NAG M . -28.62 31.55 24.19
O6 NAG M . -28.31 34.67 26.06
O7 NAG M . -32.87 28.91 23.72
H2 NAG M . -31.07 30.36 24.46
H3 NAG M . -31.45 33.03 23.23
H4 NAG M . -30.54 32.34 26.00
H5 NAG M . -28.89 33.58 23.80
H61 NAG M . -27.09 33.14 25.49
H62 NAG M . -28.37 32.72 26.64
H81 NAG M . -34.40 28.26 21.86
H82 NAG M . -33.18 28.79 20.69
H83 NAG M . -34.40 29.92 21.27
HN2 NAG M . -31.88 31.10 21.63
HO3 NAG M . -33.23 33.01 24.47
HO6 NAG M . -27.88 34.88 26.86
C1 BMA M . -31.17 34.12 26.76
C2 BMA M . -30.95 35.26 27.78
C3 BMA M . -31.13 34.73 29.21
C4 BMA M . -32.41 33.92 29.36
C5 BMA M . -32.45 32.80 28.30
C6 BMA M . -33.70 31.95 28.37
O2 BMA M . -31.89 36.30 27.64
O3 BMA M . -31.10 35.78 30.17
O4 BMA M . -32.50 33.35 30.64
O5 BMA M . -32.38 33.42 27.00
O6 BMA M . -34.81 32.78 28.05
H2 BMA M . -29.94 35.64 27.70
H3 BMA M . -30.29 34.07 29.47
H4 BMA M . -33.27 34.59 29.16
H5 BMA M . -31.57 32.14 28.44
H61 BMA M . -33.78 31.53 29.39
H62 BMA M . -33.57 31.12 27.66
HO2 BMA M . -32.25 36.45 28.53
HO3 BMA M . -31.17 35.34 31.03
HO4 BMA M . -33.38 33.58 30.98
HO6 BMA M . -34.48 33.57 27.61
C1 NAG N . 12.34 43.76 31.60
C2 NAG N . 12.12 44.89 32.61
C3 NAG N . 10.72 44.94 33.15
C4 NAG N . 9.62 44.79 32.13
C5 NAG N . 9.90 43.66 31.15
C6 NAG N . 8.87 43.71 30.06
C7 NAG N . 14.12 45.65 34.04
C8 NAG N . 15.09 45.44 35.21
N2 NAG N . 13.08 44.67 33.73
O3 NAG N . 10.53 46.22 33.81
O4 NAG N . 8.39 44.49 32.79
O5 NAG N . 11.25 43.79 30.57
O6 NAG N . 9.54 43.96 28.87
O7 NAG N . 14.20 46.65 33.39
H2 NAG N . 12.36 45.81 32.12
H3 NAG N . 10.62 44.14 33.89
H4 NAG N . 9.50 45.72 31.60
H5 NAG N . 9.82 42.73 31.68
H61 NAG N . 8.15 44.49 30.25
H62 NAG N . 8.35 42.76 30.00
H81 NAG N . 15.63 46.35 35.40
H82 NAG N . 15.79 44.65 34.95
H83 NAG N . 14.55 45.16 36.10
HN2 NAG N . 13.02 43.83 34.28
HO3 NAG N . 11.32 46.73 33.82
HO6 NAG N . 10.44 44.17 29.06
C1 NAG N . 7.55 45.68 32.84
C2 NAG N . 6.06 45.35 33.00
C3 NAG N . 5.26 46.58 32.79
C4 NAG N . 5.60 47.57 33.85
C5 NAG N . 7.11 47.85 33.91
C6 NAG N . 7.41 48.65 35.14
C7 NAG N . 5.62 42.88 32.50
C8 NAG N . 5.18 41.76 31.54
N2 NAG N . 5.62 44.27 32.05
O3 NAG N . 3.83 46.25 32.85
O4 NAG N . 4.90 48.80 33.60
O5 NAG N . 7.93 46.62 33.94
O6 NAG N . 7.18 47.86 36.28
O7 NAG N . 5.96 42.61 33.61
H2 NAG N . 5.87 45.04 34.03
H3 NAG N . 5.49 47.00 31.82
H4 NAG N . 5.28 47.19 34.81
H5 NAG N . 7.39 48.43 33.03
H61 NAG N . 6.77 49.53 35.16
H62 NAG N . 8.45 48.96 35.12
H81 NAG N . 5.15 40.82 32.08
H82 NAG N . 5.88 41.69 30.72
H83 NAG N . 4.19 41.99 31.16
HN2 NAG N . 5.33 44.50 31.13
HO3 NAG N . 3.63 45.89 33.68
HO6 NAG N . 7.73 47.10 36.25
C1 MAN N . 3.53 48.95 34.02
C2 MAN N . 3.53 49.99 35.20
C3 MAN N . 2.25 50.17 36.02
C4 MAN N . 1.32 48.98 35.76
C5 MAN N . 2.18 47.70 35.65
C6 MAN N . 1.34 46.44 35.67
O2 MAN N . 4.60 50.95 35.41
O3 MAN N . 1.60 51.40 35.73
O4 MAN N . 0.40 48.85 36.82
O5 MAN N . 2.94 47.71 34.41
O6 MAN N . 0.47 46.49 36.79
H2 MAN N . 3.13 50.70 34.46
H3 MAN N . 2.50 50.19 37.08
H4 MAN N . 0.82 49.14 34.79
H5 MAN N . 2.87 47.67 36.51
H61 MAN N . 2.02 45.57 35.72
H62 MAN N . 0.79 46.39 34.72
HO3 MAN N . 2.22 52.10 35.98
HO4 MAN N . -0.42 48.53 36.41
HO6 MAN N . -0.38 46.14 36.51
C1 NAG O . 42.81 60.73 8.25
C2 NAG O . 42.20 62.15 8.14
C3 NAG O . 42.89 63.25 8.88
C4 NAG O . 43.61 62.88 10.14
C5 NAG O . 44.23 61.48 10.10
C6 NAG O . 44.71 61.13 11.47
C7 NAG O . 40.97 62.74 5.94
C8 NAG O . 41.04 63.17 4.47
N2 NAG O . 42.21 62.57 6.70
O3 NAG O . 41.88 64.24 9.23
O4 NAG O . 44.70 63.80 10.34
O5 NAG O . 43.28 60.48 9.65
O6 NAG O . 43.63 60.93 12.33
O7 NAG O . 39.91 62.54 6.45
H2 NAG O . 41.18 62.10 8.48
H3 NAG O . 43.60 63.72 8.21
H4 NAG O . 42.93 62.94 10.97
H5 NAG O . 45.07 61.50 9.43
H61 NAG O . 45.33 61.93 11.86
H62 NAG O . 45.30 60.23 11.41
H81 NAG O . 40.07 63.08 4.00
H82 NAG O . 41.76 62.55 3.95
H83 NAG O . 41.37 64.20 4.41
HN2 NAG O . 43.09 62.75 6.24
HO3 NAG O . 42.27 64.94 9.72
HO6 NAG O . 42.89 60.58 11.85
C1 NAG O . 44.28 64.53 11.53
C2 NAG O . 45.47 65.11 12.32
C3 NAG O . 45.01 65.64 13.62
C4 NAG O . 43.95 66.69 13.43
C5 NAG O . 42.83 66.24 12.48
C6 NAG O . 41.95 67.41 12.17
C7 NAG O . 47.70 63.96 11.77
C8 NAG O . 48.74 62.86 12.04
N2 NAG O . 46.49 64.03 12.57
O3 NAG O . 46.15 66.24 14.30
O4 NAG O . 43.37 67.02 14.70
O5 NAG O . 43.35 65.66 11.22
O6 NAG O . 41.09 67.08 11.11
O7 NAG O . 47.90 64.77 10.91
H2 NAG O . 45.91 65.93 11.78
H3 NAG O . 44.61 64.84 14.22
H4 NAG O . 44.41 67.58 13.02
H5 NAG O . 42.24 65.48 12.99
H61 NAG O . 42.56 68.26 11.88
H62 NAG O . 41.37 67.66 13.04
H81 NAG O . 49.62 63.03 11.42
H82 NAG O . 48.31 61.90 11.79
H83 NAG O . 49.02 62.88 13.09
HN2 NAG O . 46.33 63.35 13.29
HO3 NAG O . 45.99 66.23 15.24
HO6 NAG O . 40.21 67.30 11.36
C1 MAN O . 44.02 67.99 15.55
C2 MAN O . 43.31 69.36 15.28
C3 MAN O . 43.93 70.63 15.85
C4 MAN O . 45.33 70.31 16.36
C5 MAN O . 46.03 69.41 15.33
C6 MAN O . 47.51 69.25 15.61
O2 MAN O . 41.99 69.47 14.69
O3 MAN O . 43.12 71.20 16.87
O4 MAN O . 46.07 71.50 16.53
O5 MAN O . 45.44 68.07 15.33
O6 MAN O . 48.06 70.54 15.85
H2 MAN O . 42.81 69.20 16.23
H3 MAN O . 44.01 71.39 15.06
H4 MAN O . 45.23 69.76 17.31
H5 MAN O . 45.92 69.85 14.34
H61 MAN O . 47.99 68.76 14.74
H62 MAN O . 47.62 68.59 16.48
HO3 MAN O . 42.24 71.33 16.48
HO4 MAN O . 46.56 71.39 17.37
HO6 MAN O . 48.56 70.50 16.68
C1 NAG P . 58.24 53.11 -2.03
C2 NAG P . 58.09 53.83 -3.40
C3 NAG P . 59.14 53.44 -4.37
C4 NAG P . 60.54 53.60 -3.86
C5 NAG P . 60.74 53.01 -2.46
C6 NAG P . 62.03 53.59 -1.94
C7 NAG P . 56.01 54.57 -4.74
C8 NAG P . 54.67 54.20 -5.40
N2 NAG P . 56.79 53.51 -4.06
O3 NAG P . 58.99 54.26 -5.56
O4 NAG P . 61.47 52.96 -4.74
O5 NAG P . 59.64 53.32 -1.52
O6 NAG P . 61.75 54.72 -1.16
O7 NAG P . 56.39 55.70 -4.75
H2 NAG P . 58.17 54.90 -3.23
H3 NAG P . 59.00 52.39 -4.65
H4 NAG P . 60.78 54.65 -3.81
H5 NAG P . 60.85 51.94 -2.53
H61 NAG P . 62.66 53.88 -2.78
H62 NAG P . 62.55 52.87 -1.35
H81 NAG P . 54.11 55.10 -5.60
H82 NAG P . 54.09 53.58 -4.73
H83 NAG P . 54.83 53.67 -6.33
HN2 NAG P . 56.46 52.58 -4.05
HO3 NAG P . 59.52 53.91 -6.27
HO6 NAG P . 61.13 55.28 -1.60
C1 NAG P . 62.19 53.94 -5.53
C2 NAG P . 63.56 53.43 -6.01
C3 NAG P . 64.34 54.54 -6.62
C4 NAG P . 63.61 55.12 -7.79
C5 NAG P . 62.18 55.53 -7.40
C6 NAG P . 61.44 55.96 -8.62
C7 NAG P . 64.07 51.48 -4.44
C8 NAG P . 64.85 50.87 -3.27
N2 NAG P . 64.33 52.85 -4.87
O3 NAG P . 65.63 54.02 -7.08
O4 NAG P . 64.32 56.26 -8.28
O5 NAG P . 61.44 54.42 -6.74
O6 NAG P . 61.26 54.88 -9.48
O7 NAG P . 63.25 50.83 -5.01
H2 NAG P . 63.42 52.70 -6.80
H3 NAG P . 64.51 55.31 -5.88
H4 NAG P . 63.56 54.38 -8.57
H5 NAG P . 62.24 56.35 -6.70
H61 NAG P . 62.03 56.72 -9.13
H62 NAG P . 60.49 56.38 -8.34
H81 NAG P . 64.53 49.84 -3.11
H82 NAG P . 64.66 51.45 -2.38
H83 NAG P . 65.92 50.90 -3.50
HN2 NAG P . 65.02 53.39 -4.40
HO3 NAG P . 66.33 54.54 -6.73
HO6 NAG P . 60.73 54.22 -9.04
C1 MAN P . 65.46 56.11 -9.16
C2 MAN P . 65.06 56.74 -10.54
C3 MAN P . 65.97 56.50 -11.76
C4 MAN P . 66.91 55.33 -11.44
C5 MAN P . 66.13 54.27 -10.65
C6 MAN P . 66.89 52.96 -10.53
O2 MAN P . 64.00 57.72 -10.70
O3 MAN P . 66.70 57.67 -12.13
O4 MAN P . 67.39 54.77 -12.65
O5 MAN P . 65.87 54.75 -9.29
O6 MAN P . 66.10 52.07 -9.74
H2 MAN P . 65.70 57.58 -10.25
H3 MAN P . 65.35 56.23 -12.62
H4 MAN P . 67.74 55.70 -10.82
H5 MAN P . 65.18 54.07 -11.16
H61 MAN P . 67.86 53.16 -10.06
H62 MAN P . 67.06 52.57 -11.54
HO3 MAN P . 66.03 58.32 -12.36
HO4 MAN P . 68.27 54.42 -12.43
HO6 MAN P . 65.93 52.50 -8.90
C1 NAG Q . 43.62 48.68 -10.10
C2 NAG Q . 45.13 48.67 -10.33
C3 NAG Q . 45.63 49.88 -11.05
C4 NAG Q . 44.82 50.20 -12.27
C5 NAG Q . 43.32 50.29 -11.92
C6 NAG Q . 42.53 50.61 -13.14
C7 NAG Q . 46.24 47.37 -8.41
C8 NAG Q . 46.91 47.36 -7.03
N2 NAG Q . 45.79 48.64 -8.98
O3 NAG Q . 47.00 49.62 -11.46
O4 NAG Q . 45.24 51.45 -12.81
O5 NAG Q . 42.85 49.03 -11.35
O6 NAG Q . 41.18 50.76 -12.80
O7 NAG Q . 46.11 46.36 -9.01
H2 NAG Q . 45.40 47.78 -10.88
H3 NAG Q . 45.60 50.72 -10.38
H4 NAG Q . 44.95 49.42 -13.01
H5 NAG Q . 43.19 51.08 -11.19
H61 NAG Q . 42.63 49.81 -13.87
H62 NAG Q . 42.88 51.54 -13.58
H81 NAG Q . 47.22 46.36 -6.78
H82 NAG Q . 46.20 47.71 -6.29
H83 NAG Q . 47.77 48.02 -7.04
HN2 NAG Q . 45.90 49.50 -8.46
HO3 NAG Q . 47.51 50.40 -11.32
HO6 NAG Q . 41.03 50.38 -11.95
C1 NAG Q . 46.52 51.79 -13.41
C2 NAG Q . 46.40 52.27 -14.86
C3 NAG Q . 47.77 52.33 -15.44
C4 NAG Q . 48.64 53.27 -14.67
C5 NAG Q . 48.61 53.02 -13.15
C6 NAG Q . 49.23 54.19 -12.45
C7 NAG Q . 44.19 51.73 -16.04
C8 NAG Q . 43.32 50.75 -16.85
N2 NAG Q . 45.55 51.33 -15.65
O3 NAG Q . 47.67 52.78 -16.82
O4 NAG Q . 49.98 53.13 -15.13
O5 NAG Q . 47.24 52.85 -12.62
O6 NAG Q . 49.06 54.05 -11.07
O7 NAG Q . 43.77 52.79 -15.74
H2 NAG Q . 46.00 53.26 -14.88
H3 NAG Q . 48.20 51.33 -15.42
H4 NAG Q . 48.30 54.29 -14.87
H5 NAG Q . 49.17 52.13 -12.94
H61 NAG Q . 48.76 55.11 -12.78
H62 NAG Q . 50.29 54.23 -12.69
H81 NAG Q . 42.33 51.19 -16.98
H82 NAG Q . 43.23 49.82 -16.32
H83 NAG Q . 43.77 50.58 -17.82
HN2 NAG Q . 45.90 50.43 -15.91
HO3 NAG Q . 48.50 52.66 -17.25
HO4 NAG Q . 50.40 53.97 -15.16
HO6 NAG Q . 48.75 53.17 -10.89
C1 NAG R . 24.87 52.95 15.82
C2 NAG R . 24.78 54.45 16.12
C3 NAG R . 23.86 54.78 17.23
C4 NAG R . 22.49 54.17 17.09
C5 NAG R . 22.56 52.67 16.78
C6 NAG R . 21.19 52.21 16.42
C7 NAG R . 27.06 55.30 15.39
C8 NAG R . 28.49 55.76 15.71
N2 NAG R . 26.16 54.88 16.46
O3 NAG R . 23.70 56.22 17.30
O4 NAG R . 21.75 54.35 18.30
O5 NAG R . 23.50 52.34 15.70
O6 NAG R . 21.12 50.81 16.54
O7 NAG R . 26.69 55.28 14.26
H2 NAG R . 24.45 54.96 15.23
H3 NAG R . 24.30 54.42 18.16
H4 NAG R . 21.96 54.67 16.28
H5 NAG R . 22.87 52.16 17.68
H61 NAG R . 20.96 52.49 15.40
H62 NAG R . 20.47 52.67 17.10
H81 NAG R . 28.99 56.06 14.79
H82 NAG R . 29.04 54.94 16.16
H83 NAG R . 28.47 56.60 16.39
HN2 NAG R . 26.46 54.90 17.41
HO3 NAG R . 23.16 56.44 18.04
HO6 NAG R . 20.22 50.56 16.65
C1 NAG R . 20.77 55.37 18.01
C2 NAG R . 19.64 55.44 19.04
C3 NAG R . 18.56 56.34 18.57
C4 NAG R . 19.09 57.73 18.29
C5 NAG R . 20.36 57.72 17.43
C6 NAG R . 20.98 59.08 17.46
C7 NAG R . 19.66 53.22 20.32
C8 NAG R . 19.08 51.82 20.56
N2 NAG R . 19.07 54.08 19.29
O3 NAG R . 17.55 56.45 19.61
O4 NAG R . 18.07 58.46 17.60
O5 NAG R . 21.37 56.74 17.89
O6 NAG R . 21.74 59.22 18.63
O7 NAG R . 20.57 53.61 20.96
H2 NAG R . 20.02 55.87 19.96
H3 NAG R . 18.12 55.94 17.68
H4 NAG R . 19.31 58.21 19.23
H5 NAG R . 20.09 57.47 16.41
H61 NAG R . 20.20 59.83 17.44
H62 NAG R . 21.63 59.21 16.59
H81 NAG R . 19.61 51.35 21.38
H82 NAG R . 19.19 51.22 19.67
H83 NAG R . 18.03 51.90 20.82
HN2 NAG R . 18.30 53.75 18.74
HO3 NAG R . 16.79 56.92 19.29
HO6 NAG R . 21.78 58.39 19.07
C1 BMA R . 17.61 59.38 18.62
C2 BMA R . 17.36 60.86 18.28
C3 BMA R . 17.11 61.65 19.56
C4 BMA R . 16.04 60.96 20.44
C5 BMA R . 16.47 59.51 20.71
C6 BMA R . 15.45 58.76 21.55
O2 BMA R . 16.20 61.03 17.50
O3 BMA R . 16.72 62.98 19.30
O4 BMA R . 15.92 61.66 21.67
O5 BMA R . 16.60 58.84 19.45
O6 BMA R . 16.10 57.63 22.14
H2 BMA R . 18.23 61.29 17.79
H3 BMA R . 18.04 61.70 20.14
H4 BMA R . 15.10 60.94 19.88
H5 BMA R . 17.43 59.50 21.25
H61 BMA R . 14.61 58.46 20.91
H62 BMA R . 15.06 59.45 22.31
HO2 BMA R . 15.77 61.83 17.83
HO3 BMA R . 16.00 63.17 19.92
HO4 BMA R . 14.96 61.72 21.82
HO6 BMA R . 16.53 57.14 21.43
C1 NAG S . 33.42 53.61 -2.34
C2 NAG S . 34.89 53.81 -2.71
C3 NAG S . 35.20 54.53 -3.98
C4 NAG S . 34.11 54.71 -5.00
C5 NAG S . 32.69 54.59 -4.45
C6 NAG S . 31.73 54.41 -5.60
C7 NAG S . 37.04 54.62 -1.56
C8 NAG S . 37.75 55.48 -0.50
N2 NAG S . 35.58 54.65 -1.67
O3 NAG S . 36.27 53.79 -4.64
O4 NAG S . 34.31 55.99 -5.64
O5 NAG S . 32.56 53.46 -3.56
O6 NAG S . 30.49 54.97 -5.26
O7 NAG S . 37.67 53.92 -2.28
H2 NAG S . 35.37 52.84 -2.74
H3 NAG S . 35.59 55.50 -3.73
H4 NAG S . 34.24 53.94 -5.75
H5 NAG S . 32.41 55.47 -3.87
H61 NAG S . 31.62 53.35 -5.79
H62 NAG S . 32.13 54.90 -6.48
H81 NAG S . 38.73 55.08 -0.32
H82 NAG S . 37.18 55.46 0.42
H83 NAG S . 37.83 56.49 -0.86
HN2 NAG S . 35.05 55.24 -1.07
HO3 NAG S . 37.00 54.35 -4.79
C1 NAG S . 33.58 57.14 -5.11
C2 NAG S . 34.43 58.36 -4.67
C3 NAG S . 33.61 59.54 -4.28
C4 NAG S . 32.48 59.85 -5.21
C5 NAG S . 31.69 58.59 -5.60
C6 NAG S . 30.64 58.93 -6.63
C7 NAG S . 34.80 57.48 -2.22
C8 NAG S . 33.32 57.22 -1.89
N2 NAG S . 35.30 57.99 -3.50
O3 NAG S . 34.49 60.71 -4.26
O4 NAG S . 31.58 60.76 -4.57
O5 NAG S . 32.60 57.58 -6.17
O6 NAG S . 30.08 57.74 -7.12
O7 NAG S . 35.58 57.22 -1.37
H2 NAG S . 35.03 58.69 -5.49
H3 NAG S . 33.21 59.41 -3.28
H4 NAG S . 32.87 60.31 -6.11
H5 NAG S . 31.21 58.19 -4.73
H61 NAG S . 31.10 59.48 -7.44
H62 NAG S . 29.87 59.53 -6.16
H81 NAG S . 33.01 57.88 -1.09
H82 NAG S . 33.19 56.20 -1.59
H83 NAG S . 32.69 57.41 -2.76
HN2 NAG S . 36.29 58.12 -3.60
HO3 NAG S . 34.30 61.23 -3.50
HO4 NAG S . 30.98 61.11 -5.19
HO6 NAG S . 29.54 57.93 -7.86
C1 FUC S . 29.68 53.85 -4.86
C2 FUC S . 28.16 53.87 -5.07
C3 FUC S . 27.51 52.79 -4.21
C4 FUC S . 27.90 53.00 -2.74
C5 FUC S . 29.42 53.05 -2.59
C6 FUC S . 29.87 53.47 -1.20
O2 FUC S . 27.77 53.70 -6.43
O3 FUC S . 26.09 52.86 -4.30
O4 FUC S . 27.34 54.22 -2.26
O5 FUC S . 30.02 53.99 -3.51
H2 FUC S . 27.75 54.81 -4.73
H3 FUC S . 27.87 51.80 -4.54
H4 FUC S . 27.53 52.15 -2.15
H5 FUC S . 29.81 52.04 -2.83
H61 FUC S . 30.94 53.65 -1.19
H62 FUC S . 29.63 52.67 -0.49
H63 FUC S . 29.36 54.38 -0.90
HO3 FUC S . 25.91 53.35 -5.11
HO4 FUC S . 26.50 54.31 -2.76
C1 NAG T . -37.20 -21.58 -39.96
C2 NAG T . -37.19 -21.00 -38.54
C3 NAG T . -38.37 -20.12 -38.27
C4 NAG T . -38.87 -19.27 -39.44
C5 NAG T . -38.59 -19.83 -40.85
C6 NAG T . -38.74 -18.72 -41.86
C7 NAG T . -36.40 -22.17 -36.37
C8 NAG T . -35.39 -21.05 -36.09
N2 NAG T . -37.26 -22.14 -37.56
O3 NAG T . -38.02 -19.25 -37.17
O4 NAG T . -40.29 -19.07 -39.36
O5 NAG T . -37.26 -20.45 -40.96
O6 NAG T . -39.95 -18.86 -42.54
O7 NAG T . -36.47 -23.08 -35.61
H2 NAG T . -36.29 -20.43 -38.39
H3 NAG T . -39.18 -20.76 -37.96
H4 NAG T . -38.37 -18.32 -39.37
H5 NAG T . -39.35 -20.57 -41.05
H61 NAG T . -37.92 -18.78 -42.58
H62 NAG T . -38.70 -17.76 -41.37
H81 NAG T . -34.80 -21.29 -35.21
H82 NAG T . -35.93 -20.13 -35.90
H83 NAG T . -34.72 -20.92 -36.94
HN2 NAG T . -37.91 -22.90 -37.71
HO3 NAG T . -38.55 -19.47 -36.42
HO6 NAG T . -40.59 -18.26 -42.19
C1 NAG T . -40.81 -17.70 -39.12
C2 NAG T . -40.02 -16.67 -38.28
C3 NAG T . -40.70 -15.35 -38.29
C4 NAG T . -40.74 -14.82 -39.68
C5 NAG T . -41.61 -15.76 -40.53
C6 NAG T . -41.67 -15.25 -41.94
C7 NAG T . -38.68 -16.82 -36.07
C8 NAG T . -37.49 -16.09 -36.69
N2 NAG T . -39.90 -17.11 -36.85
O3 NAG T . -39.99 -14.42 -37.44
O4 NAG T . -41.27 -13.49 -39.74
O5 NAG T . -41.05 -17.13 -40.51
O6 NAG T . -42.39 -14.04 -41.97
O7 NAG T . -38.63 -17.17 -34.94
H2 NAG T . -39.05 -16.50 -38.72
H3 NAG T . -41.71 -15.47 -37.92
H4 NAG T . -39.74 -14.82 -40.10
H5 NAG T . -42.60 -15.80 -40.11
H61 NAG T . -42.17 -15.97 -42.56
H62 NAG T . -40.67 -15.09 -42.31
H81 NAG T . -36.69 -16.01 -35.96
H82 NAG T . -37.78 -15.10 -37.02
H83 NAG T . -37.13 -16.65 -37.55
HN2 NAG T . -40.66 -17.57 -36.41
HO3 NAG T . -39.59 -13.73 -37.97
HO6 NAG T . -41.80 -13.32 -41.85
C1 BMA T . -42.45 -12.78 -39.34
C2 BMA T . -43.83 -13.45 -39.21
C3 BMA T . -44.94 -12.39 -39.18
C4 BMA T . -44.61 -11.20 -38.28
C5 BMA T . -43.24 -10.64 -38.67
C6 BMA T . -42.83 -9.43 -37.85
O2 BMA T . -43.94 -14.20 -38.03
O3 BMA T . -46.19 -12.96 -38.78
O4 BMA T . -45.59 -10.19 -38.41
O5 BMA T . -42.28 -11.67 -38.45
O6 BMA T . -43.63 -8.32 -38.26
H2 BMA T . -44.00 -14.07 -40.08
H3 BMA T . -45.11 -12.00 -40.20
H4 BMA T . -44.54 -11.56 -37.24
H5 BMA T . -43.25 -10.36 -39.74
H61 BMA T . -41.75 -9.25 -38.02
H62 BMA T . -42.97 -9.68 -36.79
HO2 BMA T . -44.89 -14.20 -37.81
HO3 BMA T . -46.84 -12.60 -39.41
HO4 BMA T . -46.26 -10.56 -39.00
HO6 BMA T . -43.51 -8.22 -39.22
C1 NAG U . 10.42 5.16 -43.05
C2 NAG U . 11.95 4.99 -43.03
C3 NAG U . 12.54 6.33 -42.86
C4 NAG U . 12.11 7.23 -43.98
C5 NAG U . 10.58 7.31 -44.13
C6 NAG U . 10.25 8.12 -45.36
C7 NAG U . 13.47 3.08 -42.05
C8 NAG U . 13.90 2.36 -40.77
N2 NAG U . 12.49 4.18 -41.89
O3 NAG U . 13.98 6.21 -42.82
O4 NAG U . 12.61 8.53 -43.69
O5 NAG U . 9.99 5.97 -44.24
O6 NAG U . 10.72 7.45 -46.51
O7 NAG U . 13.90 2.77 -43.11
H2 NAG U . 12.27 4.56 -43.98
H3 NAG U . 12.20 6.75 -41.93
H4 NAG U . 12.50 6.83 -44.90
H5 NAG U . 10.16 7.82 -43.27
H61 NAG U . 10.71 9.09 -45.29
H62 NAG U . 9.18 8.24 -45.43
H81 NAG U . 14.03 1.30 -40.97
H82 NAG U . 13.11 2.49 -40.04
H83 NAG U . 14.83 2.79 -40.41
HN2 NAG U . 12.17 4.38 -40.97
HO3 NAG U . 14.26 6.09 -41.92
HO6 NAG U . 11.65 7.55 -46.59
C1 NAG U . 13.86 8.98 -44.26
C2 NAG U . 14.71 7.97 -45.07
C3 NAG U . 15.83 8.66 -45.76
C4 NAG U . 15.25 9.66 -46.71
C5 NAG U . 14.51 10.74 -45.93
C6 NAG U . 13.89 11.71 -46.88
C7 NAG U . 15.78 5.64 -44.77
C8 NAG U . 16.36 4.55 -43.85
N2 NAG U . 15.29 6.90 -44.19
O3 NAG U . 16.62 7.69 -46.49
O4 NAG U . 16.27 10.26 -47.51
O5 NAG U . 13.44 10.15 -45.12
O6 NAG U . 12.86 11.07 -47.59
O7 NAG U . 15.70 5.46 -45.94
H2 NAG U . 14.13 7.53 -45.87
H3 NAG U . 16.45 9.17 -45.03
H4 NAG U . 14.54 9.14 -47.33
H5 NAG U . 15.21 11.25 -45.27
H61 NAG U . 14.64 12.07 -47.57
H62 NAG U . 13.48 12.55 -46.33
H81 NAG U . 16.45 3.63 -44.41
H82 NAG U . 15.71 4.40 -43.01
H83 NAG U . 17.33 4.86 -43.52
HN2 NAG U . 15.35 7.04 -43.20
HO3 NAG U . 17.47 8.05 -46.69
HO6 NAG U . 13.24 10.52 -48.27
C1 BMA U . 15.94 9.76 -48.82
C2 BMA U . 16.33 8.33 -49.25
C3 BMA U . 16.08 8.17 -50.75
C4 BMA U . 14.67 8.60 -51.12
C5 BMA U . 14.43 10.05 -50.69
C6 BMA U . 13.03 10.53 -50.98
O2 BMA U . 15.56 7.34 -48.63
O3 BMA U . 16.32 6.84 -51.18
O4 BMA U . 14.48 8.49 -52.52
O5 BMA U . 14.63 10.14 -49.27
O6 BMA U . 12.81 11.75 -50.29
H2 BMA U . 17.39 8.17 -49.07
H3 BMA U . 16.79 8.80 -51.32
H4 BMA U . 13.95 7.96 -50.57
H5 BMA U . 15.14 10.72 -51.22
H61 BMA U . 12.32 9.74 -50.66
H62 BMA U . 12.93 10.65 -52.07
HO2 BMA U . 16.13 6.91 -47.98
HO3 BMA U . 16.15 6.84 -52.14
HO4 BMA U . 13.52 8.54 -52.66
HO6 BMA U . 12.17 11.58 -49.59
C1 NAG V . 39.73 33.63 -19.06
C2 NAG V . 40.47 34.52 -20.05
C3 NAG V . 39.92 34.42 -21.44
C4 NAG V . 39.56 33.04 -21.92
C5 NAG V . 38.89 32.17 -20.86
C6 NAG V . 38.86 30.75 -21.32
C7 NAG V . 41.50 36.68 -19.11
C8 NAG V . 41.34 38.13 -18.65
N2 NAG V . 40.34 35.94 -19.59
O3 NAG V . 40.91 34.96 -22.35
O4 NAG V . 38.62 33.16 -22.99
O5 NAG V . 39.59 32.23 -19.59
O6 NAG V . 38.94 29.92 -20.18
O7 NAG V . 42.57 36.17 -19.09
H2 NAG V . 41.52 34.23 -20.07
H3 NAG V . 39.03 35.04 -21.48
H4 NAG V . 40.45 32.55 -22.28
H5 NAG V . 37.87 32.50 -20.72
H61 NAG V . 39.70 30.54 -21.97
H62 NAG V . 37.94 30.55 -21.85
H81 NAG V . 42.28 38.49 -18.25
H82 NAG V . 40.57 38.18 -17.89
H83 NAG V . 41.04 38.75 -19.49
HN2 NAG V . 39.44 36.38 -19.61
HO3 NAG V . 40.56 34.98 -23.23
HO6 NAG V . 38.66 30.40 -19.43
C1 NAG V . 39.40 32.75 -24.14
C2 NAG V . 38.56 32.53 -25.39
C3 NAG V . 39.38 31.93 -26.46
C4 NAG V . 40.54 32.82 -26.80
C5 NAG V . 41.35 33.21 -25.55
C6 NAG V . 42.36 34.26 -25.91
C7 NAG V . 36.17 32.20 -24.52
C8 NAG V . 34.98 31.28 -24.19
N2 NAG V . 37.40 31.63 -25.07
O3 NAG V . 38.56 31.75 -27.65
O4 NAG V . 41.39 32.15 -27.73
O5 NAG V . 40.49 33.74 -24.48
O6 NAG V . 41.70 35.49 -26.08
O7 NAG V . 36.08 33.37 -24.34
H2 NAG V . 38.21 33.48 -25.77
H3 NAG V . 39.75 30.96 -26.13
H5 NAG V . 41.87 32.33 -25.18
H61 NAG V . 42.85 33.99 -26.84
H62 NAG V . 43.09 34.35 -25.12
H81 NAG V . 34.17 31.88 -23.76
H82 NAG V . 35.29 30.53 -23.47
H83 NAG V . 34.63 30.80 -25.09
HN2 NAG V . 37.47 30.65 -25.22
HO3 NAG V . 38.67 30.87 -27.98
HO6 NAG V . 41.00 35.56 -25.45
C1 MAN V . 41.05 32.34 -29.12
C2 MAN V . 42.25 33.13 -29.77
C3 MAN V . 42.07 33.69 -31.18
C4 MAN V . 40.59 33.71 -31.52
C5 MAN V . 39.80 34.11 -30.26
C6 MAN V . 38.34 34.43 -30.57
O2 MAN V . 43.58 33.17 -29.19
O3 MAN V . 42.82 32.96 -32.15
O4 MAN V . 40.34 34.64 -32.56
O5 MAN V . 39.81 33.03 -29.28
O6 MAN V . 38.30 35.47 -31.53
H2 MAN V . 42.53 32.17 -30.21
H3 MAN V . 42.45 34.73 -31.20
H4 MAN V . 40.27 32.69 -31.81
H5 MAN V . 40.25 35.02 -29.83
H61 MAN V . 37.85 34.74 -29.62
H62 MAN V . 37.87 33.51 -30.92
HO3 MAN V . 43.74 33.01 -31.85
HO4 MAN V . 39.72 34.19 -33.16
HO6 MAN V . 37.57 35.29 -32.14
C1 NAG W . 70.66 25.66 9.09
C2 NAG W . 71.68 25.30 8.02
C3 NAG W . 72.79 26.30 7.88
C4 NAG W . 72.41 27.74 8.07
C5 NAG W . 71.27 28.01 9.06
C6 NAG W . 70.67 29.36 8.84
C7 NAG W . 71.74 22.73 7.78
C8 NAG W . 72.30 21.36 8.21
N2 NAG W . 72.22 23.95 8.41
O3 NAG W . 73.39 26.17 6.56
O4 NAG W . 73.59 28.41 8.53
O5 NAG W . 70.16 27.06 8.93
O6 NAG W . 69.85 29.33 7.70
O7 NAG W . 70.90 22.79 6.94
H2 NAG W . 71.17 25.21 7.06
H3 NAG W . 73.54 26.06 8.61
H4 NAG W . 72.13 28.14 7.09
H5 NAG W . 71.67 27.95 10.06
H61 NAG W . 71.45 30.11 8.70
H62 NAG W . 70.07 29.63 9.70
H81 NAG W . 71.94 20.59 7.54
H82 NAG W . 71.96 21.15 9.22
H83 NAG W . 73.38 21.38 8.19
HN2 NAG W . 72.93 23.89 9.13
HO3 NAG W . 74.11 26.78 6.50
HO6 NAG W . 70.11 30.01 7.11
C1 NAG W . 73.73 29.45 7.53
C2 NAG W . 74.41 30.69 8.13
C3 NAG W . 74.44 31.84 7.19
C4 NAG W . 75.05 31.45 5.88
C5 NAG W . 74.38 30.19 5.31
C6 NAG W . 75.02 29.85 3.99
C7 NAG W . 73.80 30.22 10.58
C8 NAG W . 73.00 30.52 11.85
N2 NAG W . 73.64 31.03 9.37
O3 NAG W . 75.22 32.91 7.79
O4 NAG W . 74.92 32.53 4.94
O5 NAG W . 74.47 29.06 6.27
O6 NAG W . 74.42 28.70 3.45
O7 NAG W . 74.58 29.32 10.57
H2 NAG W . 75.44 30.48 8.36
H3 NAG W . 73.42 32.18 7.03
H4 NAG W . 76.10 31.24 6.04
H5 NAG W . 73.33 30.40 5.15
H61 NAG W . 76.08 29.67 4.13
H62 NAG W . 74.88 30.67 3.31
H81 NAG W . 73.50 30.11 12.71
H82 NAG W . 72.02 30.10 11.76
H83 NAG W . 72.90 31.60 11.98
HN2 NAG W . 72.96 31.78 9.36
HO3 NAG W . 75.13 33.70 7.27
HO6 NAG W . 74.78 28.54 2.59
C1 BMA W . 76.28 32.96 4.76
C2 BMA W . 77.07 32.28 3.65
C3 BMA W . 78.55 32.63 3.81
C4 BMA W . 78.73 34.15 3.82
C5 BMA W . 77.93 34.73 5.00
C6 BMA W . 78.03 36.24 5.09
O2 BMA W . 76.72 32.75 2.39
O3 BMA W . 79.35 32.05 2.79
O4 BMA W . 80.10 34.48 3.96
O5 BMA W . 76.54 34.37 4.83
O6 BMA W . 79.41 36.58 5.15
C1 NAG X . 70.49 21.26 28.22
C2 NAG X . 71.47 20.09 28.30
C3 NAG X . 71.45 19.41 29.61
C4 NAG X . 71.69 20.36 30.72
C5 NAG X . 70.76 21.56 30.67
C6 NAG X . 71.22 22.55 31.71
C7 NAG X . 71.95 18.90 26.07
C8 NAG X . 71.58 17.83 25.04
N2 NAG X . 71.13 19.06 27.27
O3 NAG X . 72.49 18.39 29.63
O4 NAG X . 71.49 19.68 31.96
O5 NAG X . 70.75 22.22 29.36
O6 NAG X . 72.43 23.15 31.30
O7 NAG X . 72.89 19.60 25.90
H2 NAG X . 72.47 20.47 28.13
H3 NAG X . 70.49 18.93 29.76
H4 NAG X . 72.73 20.70 30.66
H5 NAG X . 69.75 21.26 30.91
H61 NAG X . 71.37 22.05 32.64
H62 NAG X . 70.46 23.32 31.84
H81 NAG X . 72.15 17.99 24.13
H82 NAG X . 70.53 17.89 24.80
H83 NAG X . 71.81 16.86 25.45
HN2 NAG X . 70.34 18.47 27.41
HO3 NAG X . 72.50 17.95 30.45
HO6 NAG X . 72.71 23.76 31.96
C1 NAG X . 72.85 19.67 32.47
C2 NAG X . 72.91 19.56 33.99
C3 NAG X . 74.29 19.83 34.44
C4 NAG X . 75.21 18.80 33.87
C5 NAG X . 75.09 18.68 32.34
C6 NAG X . 75.86 17.48 31.89
C7 NAG X . 70.53 20.30 34.65
C8 NAG X . 69.58 21.31 35.30
N2 NAG X . 71.97 20.56 34.62
O3 NAG X . 74.35 19.79 35.89
O4 NAG X . 76.56 19.14 34.21
O5 NAG X . 73.68 18.55 31.90
O6 NAG X . 75.28 16.32 32.42
O7 NAG X . 70.10 19.29 34.19
H2 NAG X . 72.66 18.56 34.30
H3 NAG X . 74.59 20.81 34.08
H4 NAG X . 74.96 17.84 34.30
H5 NAG X . 75.50 19.57 31.89
H61 NAG X . 76.88 17.56 32.24
H62 NAG X . 75.85 17.43 30.81
H81 NAG X . 68.58 20.91 35.33
H82 NAG X . 69.59 22.23 34.71
H83 NAG X . 69.91 21.54 36.31
HN2 NAG X . 72.33 21.41 35.01
HO3 NAG X . 74.24 18.90 36.18
HO6 NAG X . 74.35 16.44 32.51
C1 BMA X . 77.00 18.57 35.46
C2 BMA X . 78.30 19.08 36.15
C3 BMA X . 78.64 18.15 37.32
C4 BMA X . 77.43 17.91 38.23
C5 BMA X . 76.26 17.38 37.38
C6 BMA X . 75.01 17.14 38.21
O2 BMA X . 78.13 20.36 36.72
O3 BMA X . 79.73 18.66 38.09
O4 BMA X . 77.76 16.96 39.23
O5 BMA X . 75.96 18.36 36.39
O6 BMA X . 75.35 16.29 39.29
H2 BMA X . 79.13 19.07 35.45
H3 BMA X . 78.97 17.18 36.93
H4 BMA X . 77.13 18.88 38.66
H5 BMA X . 76.56 16.44 36.90
H61 BMA X . 74.25 16.68 37.55
H62 BMA X . 74.63 18.11 38.54
HO2 BMA X . 78.58 20.33 37.57
HO3 BMA X . 79.95 17.97 38.72
HO4 BMA X . 77.04 17.04 39.89
HO6 BMA X . 75.76 15.50 38.94
C1 NAG Y . 62.05 8.43 20.49
C2 NAG Y . 62.51 8.71 21.90
C3 NAG Y . 63.93 8.38 22.12
C4 NAG Y . 64.30 7.02 21.61
C5 NAG Y . 63.82 6.77 20.17
C6 NAG Y . 64.10 5.36 19.75
C7 NAG Y . 61.78 10.66 23.40
C8 NAG Y . 61.55 12.17 23.59
N2 NAG Y . 62.27 10.17 22.12
O3 NAG Y . 64.14 8.39 23.56
O4 NAG Y . 65.72 6.94 21.66
O5 NAG Y . 62.38 7.04 20.03
O6 NAG Y . 64.41 5.31 18.38
O7 NAG Y . 61.55 9.91 24.28
H2 NAG Y . 61.89 8.13 22.58
H3 NAG Y . 64.55 9.11 21.65
H4 NAG Y . 63.88 6.26 22.25
H5 NAG Y . 64.37 7.44 19.50
H61 NAG Y . 63.21 4.76 19.92
H62 NAG Y . 64.92 4.96 20.32
H81 NAG Y . 60.96 12.33 24.50
H82 NAG Y . 61.03 12.56 22.73
H83 NAG Y . 62.51 12.67 23.71
HN2 NAG Y . 62.46 10.82 21.38
HO3 NAG Y . 64.94 8.84 23.77
HO6 NAG Y . 64.05 4.54 17.99
C1 NAG Y . 66.05 6.36 22.94
C2 NAG Y . 67.24 5.41 22.90
C3 NAG Y . 67.29 4.69 24.19
C4 NAG Y . 67.43 5.64 25.34
C5 NAG Y . 66.43 6.80 25.31
C6 NAG Y . 66.87 7.85 26.29
C7 NAG Y . 67.61 4.81 20.44
C8 NAG Y . 67.41 3.84 19.26
N2 NAG Y . 67.06 4.47 21.76
O3 NAG Y . 68.42 3.77 24.18
O4 NAG Y . 67.26 4.92 26.56
O5 NAG Y . 66.33 7.42 23.97
O6 NAG Y . 65.88 8.85 26.40
O7 NAG Y . 68.19 5.83 20.29
H2 NAG Y . 68.16 5.97 22.81
H3 NAG Y . 66.37 4.11 24.31
H4 NAG Y . 68.44 6.05 25.32
H5 NAG Y . 65.46 6.43 25.60
H61 NAG Y . 67.79 8.30 25.95
H62 NAG Y . 67.03 7.39 27.26
H81 NAG Y . 67.87 4.26 18.37
H82 NAG Y . 66.36 3.70 19.09
H83 NAG Y . 67.88 2.89 19.49
HN2 NAG Y . 66.56 3.61 21.88
HO3 NAG Y . 68.51 3.37 25.02
HO4 NAG Y . 68.09 4.80 26.98
HO6 NAG Y . 65.06 8.51 26.08
C1 NAG Z . 28.33 -26.81 -1.65
C2 NAG Z . 27.82 -28.21 -1.22
C3 NAG Z . 28.03 -28.55 0.22
C4 NAG Z . 29.41 -28.17 0.65
C5 NAG Z . 29.46 -26.65 0.70
C6 NAG Z . 30.86 -26.25 1.07
C7 NAG Z . 25.72 -28.74 -2.68
C8 NAG Z . 24.20 -28.82 -2.73
N2 NAG Z . 26.34 -28.32 -1.41
O3 NAG Z . 27.80 -29.97 0.46
O4 NAG Z . 29.74 -28.64 1.96
O5 NAG Z . 29.01 -25.99 -0.55
O6 NAG Z . 31.80 -27.22 0.69
O7 NAG Z . 26.38 -29.00 -3.63
H2 NAG Z . 28.32 -28.95 -1.82
H3 NAG Z . 27.33 -27.98 0.82
H4 NAG Z . 30.11 -28.55 -0.09
H5 NAG Z . 28.81 -26.34 1.51
H61 NAG Z . 30.91 -26.13 2.15
H62 NAG Z . 31.11 -25.30 0.60
H81 NAG Z . 23.87 -29.14 -3.71
H82 NAG Z . 23.78 -27.84 -2.50
H83 NAG Z . 23.88 -29.53 -1.98
HN2 NAG Z . 25.73 -28.11 -0.64
HO3 NAG Z . 27.31 -30.08 1.26
HO6 NAG Z . 31.76 -27.36 -0.25
C1 NAG Z . 30.31 -29.93 2.30
C2 NAG Z . 30.74 -30.83 1.13
C3 NAG Z . 31.38 -32.08 1.60
C4 NAG Z . 32.59 -31.77 2.43
C5 NAG Z . 32.22 -30.90 3.63
C6 NAG Z . 33.48 -30.51 4.34
C7 NAG Z . 29.63 -31.26 -1.15
C8 NAG Z . 28.40 -31.67 -1.96
N2 NAG Z . 29.55 -31.22 0.31
O3 NAG Z . 31.78 -32.87 0.46
O4 NAG Z . 33.18 -32.99 2.88
O5 NAG Z . 31.50 -29.68 3.22
O6 NAG Z . 33.20 -30.15 5.66
O7 NAG Z . 30.64 -30.96 -1.70
H2 NAG Z . 31.47 -30.32 0.51
H3 NAG Z . 30.67 -32.64 2.20
H4 NAG Z . 33.30 -31.23 1.82
H5 NAG Z . 31.59 -31.47 4.30
H61 NAG Z . 33.94 -29.68 3.83
H62 NAG Z . 34.17 -31.35 4.35
H81 NAG Z . 28.54 -31.39 -2.99
H82 NAG Z . 27.52 -31.17 -1.57
H83 NAG Z . 28.27 -32.74 -1.88
HN2 NAG Z . 28.69 -31.48 0.77
HO3 NAG Z . 32.72 -32.85 0.38
HO4 NAG Z . 34.11 -32.95 2.77
HO6 NAG Z . 33.55 -29.29 5.84
C1 NAG AA . 54.69 24.36 -6.26
C2 NAG AA . 55.95 24.67 -7.06
C3 NAG AA . 55.64 25.31 -8.36
C4 NAG AA . 54.60 24.57 -9.15
C5 NAG AA . 53.36 24.23 -8.32
C6 NAG AA . 52.47 23.32 -9.11
C7 NAG AA . 57.89 25.05 -5.43
C8 NAG AA . 58.77 26.00 -4.61
N2 NAG AA . 56.82 25.59 -6.26
O3 NAG AA . 56.86 25.36 -9.15
O4 NAG AA . 54.17 25.42 -10.23
O5 NAG AA . 53.70 23.57 -7.07
O6 NAG AA . 51.65 24.08 -9.96
O7 NAG AA . 58.09 23.88 -5.39
H2 NAG AA . 56.48 23.74 -7.24
H3 NAG AA . 55.29 26.31 -8.18
H4 NAG AA . 55.02 23.66 -9.55
H5 NAG AA . 52.82 25.14 -8.10
H61 NAG AA . 51.84 22.75 -8.43
H62 NAG AA . 53.06 22.64 -9.70
H81 NAG AA . 59.56 25.43 -4.13
H82 NAG AA . 58.17 26.49 -3.86
H83 NAG AA . 59.21 26.74 -5.26
HN2 NAG AA . 56.65 26.58 -6.30
HO3 NAG AA . 56.76 25.99 -9.84
HO6 NAG AA . 52.02 24.93 -10.07
C1 NAG AA . 54.81 24.98 -11.45
C2 NAG AA . 54.31 25.73 -12.68
C3 NAG AA . 54.80 25.08 -13.91
C4 NAG AA . 56.30 24.95 -13.91
C5 NAG AA . 56.87 24.43 -12.58
C6 NAG AA . 58.36 24.62 -12.60
C7 NAG AA . 52.07 26.95 -12.32
C8 NAG AA . 50.53 26.93 -12.33
N2 NAG AA . 52.81 25.74 -12.68
O3 NAG AA . 54.40 25.88 -15.06
O4 NAG AA . 56.66 24.04 -14.96
O5 NAG AA . 56.30 25.12 -11.41
O6 NAG AA . 58.65 25.99 -12.46
O7 NAG AA . 52.66 27.94 -12.03
H2 NAG AA . 54.70 26.74 -12.68
H3 NAG AA . 54.36 24.09 -13.99
H4 NAG AA . 56.73 25.92 -14.12
H5 NAG AA . 56.65 23.37 -12.51
H61 NAG AA . 58.77 24.26 -13.54
H62 NAG AA . 58.80 24.08 -11.77
H81 NAG AA . 50.16 27.78 -11.77
H82 NAG AA . 50.18 26.01 -11.88
H83 NAG AA . 50.17 27.00 -13.36
HN2 NAG AA . 52.30 24.91 -12.93
HO3 NAG AA . 54.48 25.37 -15.85
HO6 NAG AA . 57.92 26.43 -12.05
C1 BMA AA . 57.20 24.92 -15.96
C2 BMA AA . 58.53 24.61 -16.66
C3 BMA AA . 58.97 25.81 -17.47
C4 BMA AA . 57.84 26.33 -18.37
C5 BMA AA . 56.60 26.62 -17.53
C6 BMA AA . 55.42 27.12 -18.35
O2 BMA AA . 58.41 23.54 -17.58
O3 BMA AA . 60.12 25.53 -18.27
O4 BMA AA . 58.25 27.52 -19.03
O5 BMA AA . 56.22 25.40 -16.87
O6 BMA AA . 55.84 28.27 -19.07
H2 BMA AA . 59.30 24.40 -15.92
H3 BMA AA . 59.27 26.63 -16.80
H4 BMA AA . 57.58 25.55 -19.09
H5 BMA AA . 56.84 27.39 -16.77
H61 BMA AA . 54.59 27.34 -17.66
H62 BMA AA . 55.12 26.30 -19.02
HO2 BMA AA . 59.07 23.70 -18.26
HO3 BMA AA . 60.47 26.39 -18.55
HO4 BMA AA . 57.89 28.25 -18.51
HO6 BMA AA . 55.12 28.51 -19.67
C1 NAG BA . -24.44 -52.12 -7.94
C2 NAG BA . -23.97 -53.55 -8.29
C3 NAG BA . -22.68 -53.56 -9.01
C4 NAG BA . -22.82 -52.71 -10.21
C5 NAG BA . -23.01 -51.26 -9.74
C6 NAG BA . -23.06 -50.39 -10.94
C7 NAG BA . -22.73 -54.71 -6.24
C8 NAG BA . -22.77 -55.73 -5.09
N2 NAG BA . -23.92 -54.51 -7.11
O3 NAG BA . -22.34 -54.93 -9.37
O4 NAG BA . -21.65 -52.87 -11.01
O5 NAG BA . -24.27 -51.08 -9.01
O6 NAG BA . -24.14 -50.79 -11.73
O7 NAG BA . -21.73 -54.10 -6.38
H2 NAG BA . -24.72 -53.92 -8.98
H3 NAG BA . -21.89 -53.16 -8.39
H4 NAG BA . -23.70 -53.02 -10.75
H5 NAG BA . -22.18 -50.97 -9.11
H61 NAG BA . -22.15 -50.49 -11.50
H62 NAG BA . -23.22 -49.37 -10.62
H81 NAG BA . -21.89 -55.61 -4.47
H82 NAG BA . -22.79 -56.73 -5.50
H83 NAG BA . -23.65 -55.56 -4.48
HN2 NAG BA . -24.72 -55.07 -6.93
HO3 NAG BA . -23.01 -55.30 -9.94
HO6 NAG BA . -23.86 -50.93 -12.62
C1 NAG BA . -21.57 -54.06 -11.82
C2 NAG BA . -22.37 -54.02 -13.12
C3 NAG BA . -21.85 -53.02 -14.09
C4 NAG BA . -20.39 -53.24 -14.37
C5 NAG BA . -19.52 -53.40 -13.11
C6 NAG BA . -19.29 -52.04 -12.51
C7 NAG BA . -22.90 -56.53 -13.11
C8 NAG BA . -22.83 -57.91 -13.77
N2 NAG BA . -22.30 -55.37 -13.77
O3 NAG BA . -22.06 -51.69 -13.56
O4 NAG BA . -20.26 -54.45 -15.15
O5 NAG BA . -20.11 -54.32 -12.11
O6 NAG BA . -18.38 -52.16 -11.44
O7 NAG BA . -23.44 -56.41 -12.05
H2 NAG BA . -23.42 -53.84 -12.92
H3 NAG BA . -22.41 -53.13 -15.02
H4 NAG BA . -20.03 -52.41 -14.95
H5 NAG BA . -18.57 -53.82 -13.42
H61 NAG BA . -20.22 -51.63 -12.14
H62 NAG BA . -18.88 -51.38 -13.25
H81 NAG BA . -23.15 -58.66 -13.07
H82 NAG BA . -21.82 -58.11 -14.09
H83 NAG BA . -23.49 -57.92 -14.64
HN2 NAG BA . -21.85 -55.46 -14.66
HO3 NAG BA . -21.94 -51.06 -14.25
HO6 NAG BA . -18.40 -53.05 -11.11
C1 BMA BA . -20.40 -54.45 -16.57
C2 BMA BA . -21.29 -55.49 -17.29
C3 BMA BA . -20.96 -55.50 -18.80
C4 BMA BA . -20.87 -54.08 -19.39
C5 BMA BA . -19.91 -53.23 -18.55
C6 BMA BA . -19.80 -51.80 -19.06
O2 BMA BA . -22.65 -55.17 -17.18
O3 BMA BA . -21.93 -56.26 -19.53
O4 BMA BA . -20.38 -54.16 -20.72
O5 BMA BA . -20.42 -53.19 -17.21
O6 BMA BA . -19.17 -51.83 -20.33
H2 BMA BA . -21.08 -56.47 -16.90
H3 BMA BA . -20.00 -56.00 -18.95
H4 BMA BA . -21.86 -53.62 -19.35
H5 BMA BA . -18.91 -53.68 -18.55
H61 BMA BA . -19.22 -51.22 -18.33
H62 BMA BA . -20.82 -51.38 -19.11
HO2 BMA BA . -22.69 -54.31 -16.75
HO3 BMA BA . -22.38 -56.81 -18.86
HO4 BMA BA . -21.11 -53.83 -21.28
HO6 BMA BA . -18.45 -52.47 -20.29
C1 NAG CA . -47.20 2.52 20.81
C2 NAG CA . -48.00 3.18 19.69
C3 NAG CA . -48.17 4.62 19.95
C4 NAG CA . -48.82 4.86 21.29
C5 NAG CA . -48.10 4.14 22.42
C6 NAG CA . -48.90 4.25 23.69
C7 NAG CA . -48.02 3.12 17.12
C8 NAG CA . -47.31 2.94 15.79
N2 NAG CA . -47.28 2.99 18.38
O3 NAG CA . -49.01 5.20 18.92
O4 NAG CA . -48.83 6.26 21.56
O5 NAG CA . -47.89 2.71 22.13
O6 NAG CA . -49.08 2.97 24.25
O7 NAG CA . -49.19 3.37 17.15
H2 NAG CA . -48.98 2.72 19.62
H3 NAG CA . -47.20 5.10 19.95
H4 NAG CA . -49.84 4.50 21.24
H5 NAG CA . -47.13 4.61 22.58
H61 NAG CA . -49.87 4.68 23.47
H62 NAG CA . -48.38 4.88 24.39
H81 NAG CA . -47.96 3.26 14.98
H82 NAG CA . -47.06 1.89 15.64
H83 NAG CA . -46.40 3.53 15.77
HN2 NAG CA . -46.30 2.79 18.37
HO3 NAG CA . -49.68 4.58 18.67
HO4 NAG CA . -49.64 6.50 21.96
HO6 NAG CA . -48.79 2.32 23.64
C1 NAG DA . -53.77 -19.50 0.38
C2 NAG DA . -53.40 -19.36 1.85
C3 NAG DA . -52.70 -20.58 2.35
C4 NAG DA . -53.52 -21.83 2.22
C5 NAG DA . -54.00 -22.04 0.78
C6 NAG DA . -55.10 -23.07 0.80
C7 NAG DA . -52.81 -17.11 2.95
C8 NAG DA . -51.83 -15.96 3.20
N2 NAG DA . -52.45 -18.22 2.08
O3 NAG DA . -52.37 -20.40 3.77
O4 NAG DA . -52.70 -22.95 2.56
O5 NAG DA . -54.51 -20.80 0.16
O6 NAG DA . -55.99 -22.81 -0.24
O7 NAG DA . -53.88 -17.08 3.47
H2 NAG DA . -54.29 -19.20 2.43
H3 NAG DA . -51.78 -20.69 1.80
H4 NAG DA . -54.36 -21.78 2.88
H5 NAG DA . -53.19 -22.44 0.19
H61 NAG DA . -55.61 -23.03 1.73
H62 NAG DA . -54.65 -24.06 0.67
H81 NAG DA . -52.32 -15.19 3.79
H82 NAG DA . -51.52 -15.55 2.25
H83 NAG DA . -50.94 -16.30 3.74
HN2 NAG DA . -51.54 -18.25 1.66
HO3 NAG DA . -51.81 -21.11 4.04
HO4 NAG DA . -53.20 -23.74 2.50
HO6 NAG DA . -55.85 -21.94 -0.57
C1 NAG EA . 17.65 -14.23 34.37
C2 NAG EA . 19.01 -14.35 33.67
C3 NAG EA . 19.46 -15.77 33.58
C4 NAG EA . 19.38 -16.50 34.88
C5 NAG EA . 18.03 -16.31 35.58
C6 NAG EA . 18.05 -16.95 36.94
C7 NAG EA . 19.30 -12.43 31.99
C8 NAG EA . 19.18 -11.89 30.57
N2 NAG EA . 18.89 -13.81 32.28
O3 NAG EA . 20.85 -15.77 33.14
O4 NAG EA . 19.57 -17.90 34.62
O5 NAG EA . 17.70 -14.89 35.71
O6 NAG EA . 16.89 -17.72 37.11
O7 NAG EA . 19.74 -11.75 32.86
H2 NAG EA . 19.73 -13.77 34.22
H3 NAG EA . 18.85 -16.27 32.85
H4 NAG EA . 20.16 -16.16 35.54
H5 NAG EA . 17.25 -16.79 34.98
H61 NAG EA . 18.10 -16.18 37.70
H62 NAG EA . 18.93 -17.59 37.02
H81 NAG EA . 19.50 -10.85 30.55
H82 NAG EA . 18.15 -11.94 30.24
H83 NAG EA . 19.79 -12.47 29.89
HN2 NAG EA . 18.51 -14.38 31.55
HO3 NAG EA . 21.08 -16.63 32.83
HO4 NAG EA . 20.06 -18.29 35.34
HO6 NAG EA . 16.84 -18.01 38.01
C1 NAG FA . 2.08 11.65 49.48
C2 NAG FA . 1.44 10.29 49.78
C3 NAG FA . 0.21 10.38 50.62
C4 NAG FA . 0.35 11.29 51.80
C5 NAG FA . 0.77 12.68 51.33
C6 NAG FA . 0.83 13.61 52.50
C7 NAG FA . 0.81 8.29 48.29
C8 NAG FA . 0.41 7.77 46.90
N2 NAG FA . 1.04 9.72 48.46
O3 NAG FA . -0.14 9.05 51.09
O4 NAG FA . -0.89 11.38 52.49
O5 NAG FA . 2.08 12.59 50.66
O6 NAG FA . 1.48 14.79 52.15
O7 NAG FA . 0.94 7.54 49.20
H2 NAG FA . 2.16 9.64 50.26
H3 NAG FA . -0.59 10.76 49.99
H4 NAG FA . 1.12 10.88 52.46
H5 NAG FA . 0.03 13.04 50.62
H61 NAG FA . 1.35 13.13 53.32
H62 NAG FA . -0.19 13.84 52.82
H81 NAG FA . 0.20 6.71 46.94
H82 NAG FA . 1.21 7.96 46.21
H83 NAG FA . -0.48 8.31 46.58
HN2 NAG FA . 0.92 10.33 47.68
HO3 NAG FA . 0.65 8.55 51.20
HO4 NAG FA . -0.73 11.42 53.42
HO6 NAG FA . 1.73 15.26 52.93
C1 NAG GA . -33.94 -51.72 17.97
C2 NAG GA . -33.98 -53.10 17.33
C3 NAG GA . -35.18 -53.25 16.47
C4 NAG GA . -36.45 -52.93 17.22
C5 NAG GA . -36.38 -51.59 17.97
C6 NAG GA . -37.59 -51.47 18.85
C7 NAG GA . -31.63 -54.08 17.02
C8 NAG GA . -30.36 -54.26 16.17
N2 NAG GA . -32.75 -53.28 16.50
O3 NAG GA . -35.25 -54.63 16.00
O4 NAG GA . -37.53 -52.87 16.28
O5 NAG GA . -35.18 -51.49 18.81
O6 NAG GA . -38.73 -51.27 18.04
O7 NAG GA . -31.70 -54.60 18.08
H2 NAG GA . -34.02 -53.86 18.11
H3 NAG GA . -35.11 -52.59 15.62
H4 NAG GA . -36.65 -53.72 17.93
H5 NAG GA . -36.38 -50.79 17.25
H61 NAG GA . -37.47 -50.61 19.50
H62 NAG GA . -37.72 -52.36 19.43
H81 NAG GA . -29.65 -54.87 16.71
H82 NAG GA . -29.92 -53.29 15.97
H83 NAG GA . -30.61 -54.74 15.23
HN2 NAG GA . -32.68 -52.85 15.61
HO3 NAG GA . -36.08 -54.76 15.56
HO4 NAG GA . -38.35 -52.92 16.74
HO6 NAG GA . -39.41 -50.86 18.55
C1 NAG HA . -10.53 -24.15 44.21
C2 NAG HA . -11.79 -23.31 44.47
C3 NAG HA . -11.59 -22.26 45.49
C4 NAG HA . -11.12 -22.82 46.78
C5 NAG HA . -9.85 -23.67 46.63
C6 NAG HA . -9.62 -24.39 47.92
C7 NAG HA . -13.53 -22.92 42.60
C8 NAG HA . -13.93 -22.15 41.32
N2 NAG HA . -12.24 -22.59 43.23
O3 NAG HA . -12.86 -21.58 45.69
O4 NAG HA . -10.81 -21.74 47.66
O5 NAG HA . -9.91 -24.63 45.50
O6 NAG HA . -10.76 -25.11 48.33
O7 NAG HA . -14.22 -23.77 43.04
H2 NAG HA . -12.57 -23.99 44.80
H3 NAG HA . -10.86 -21.55 45.15
H4 NAG HA . -11.91 -23.42 47.21
H5 NAG HA . -9.01 -23.00 46.46
H61 NAG HA . -9.39 -23.65 48.69
H62 NAG HA . -8.78 -25.06 47.83
H81 NAG HA . -14.69 -22.72 40.81
H82 NAG HA . -13.07 -22.04 40.68
H83 NAG HA . -14.32 -21.17 41.58
HN2 NAG HA . -11.66 -21.87 42.84
HO3 NAG HA . -12.82 -21.07 46.50
HO4 NAG HA . -10.95 -22.00 48.55
HO6 NAG HA . -11.17 -25.52 47.59
C1 NAG IA . -14.69 8.82 36.26
C2 NAG IA . -14.71 10.22 36.86
C3 NAG IA . -15.80 10.37 37.87
C4 NAG IA . -17.12 9.95 37.32
C5 NAG IA . -17.05 8.57 36.67
C6 NAG IA . -18.41 8.20 36.14
C7 NAG IA . -12.36 11.26 36.81
C8 NAG IA . -11.03 11.52 37.54
N2 NAG IA . -13.39 10.51 37.52
O3 NAG IA . -15.84 11.76 38.30
O4 NAG IA . -18.07 9.89 38.39
O5 NAG IA . -16.01 8.51 35.61
O6 NAG IA . -18.45 6.83 35.82
O7 NAG IA . -12.53 11.66 35.71
H2 NAG IA . -14.89 10.93 36.06
H3 NAG IA . -15.58 9.74 38.73
H4 NAG IA . -17.44 10.70 36.60
H5 NAG IA . -16.78 7.86 37.45
H61 NAG IA . -18.65 8.79 35.27
H62 NAG IA . -19.14 8.38 36.91
H81 NAG IA . -10.33 12.01 36.88
H82 NAG IA . -10.62 10.57 37.87
H83 NAG IA . -11.25 12.14 38.38
HN2 NAG IA . -13.20 10.18 38.45
HO3 NAG IA . -16.72 12.01 38.49
HO4 NAG IA . -18.81 10.44 38.19
HO6 NAG IA . -17.65 6.41 36.12
C1 NAG JA . -17.69 0.29 -49.64
C2 NAG JA . -16.94 -0.98 -50.06
C3 NAG JA . -15.74 -0.66 -50.87
C4 NAG JA . -16.11 0.16 -52.08
C5 NAG JA . -16.87 1.43 -51.69
C6 NAG JA . -17.36 2.11 -52.94
C7 NAG JA . -16.29 -3.19 -48.94
C8 NAG JA . -15.86 -3.98 -47.70
N2 NAG JA . -16.52 -1.74 -48.85
O3 NAG JA . -15.12 -1.90 -51.31
O4 NAG JA . -14.91 0.53 -52.77
O5 NAG JA . -18.04 1.13 -50.84
O6 NAG JA . -18.68 2.55 -52.74
O7 NAG JA . -16.45 -3.75 -49.97
H2 NAG JA . -17.61 -1.59 -50.66
H3 NAG JA . -15.04 -0.10 -50.26
H4 NAG JA . -16.73 -0.45 -52.73
H5 NAG JA . -16.21 2.10 -51.16
H61 NAG JA . -17.33 1.42 -53.77
H62 NAG JA . -16.72 2.96 -53.14
H81 NAG JA . -15.68 -5.01 -47.98
H82 NAG JA . -16.64 -3.95 -46.95
H83 NAG JA . -14.96 -3.55 -47.29
HN2 NAG JA . -16.38 -1.27 -47.97
HO3 NAG JA . -15.79 -2.55 -51.47
HO4 NAG JA . -15.02 0.35 -53.70
HO6 NAG JA . -19.07 2.07 -52.03
C1 NAG KA . -11.76 37.85 7.39
C2 NAG KA . -11.17 37.47 8.75
C3 NAG KA . -12.21 37.47 9.82
C4 NAG KA . -12.99 38.74 9.86
C5 NAG KA . -13.53 39.14 8.48
C6 NAG KA . -14.19 40.49 8.58
C7 NAG KA . -9.17 35.95 8.28
C8 NAG KA . -8.55 34.55 8.18
N2 NAG KA . -10.58 36.11 8.66
O3 NAG KA . -11.55 37.27 11.10
O4 NAG KA . -14.09 38.58 10.76
O5 NAG KA . -12.46 39.19 7.48
O6 NAG KA . -14.72 40.82 7.33
O7 NAG KA . -8.50 36.90 8.05
H2 NAG KA . -10.40 38.19 9.01
H3 NAG KA . -12.89 36.65 9.64
H4 NAG KA . -12.35 39.54 10.24
H5 NAG KA . -14.26 38.41 8.18
H61 NAG KA . -13.45 41.23 8.87
H62 NAG KA . -14.99 40.46 9.31
H81 NAG KA . -7.53 34.62 7.83
H82 NAG KA . -9.14 33.95 7.48
H83 NAG KA . -8.56 34.07 9.16
HN2 NAG KA . -11.14 35.29 8.84
HO3 NAG KA . -12.20 37.09 11.77
HO4 NAG KA . -14.19 39.35 11.30
HO6 NAG KA . -14.84 40.05 6.81
C1 NAG LA . -32.64 35.27 -14.72
C2 NAG LA . -31.52 34.27 -14.97
C3 NAG LA . -30.75 34.56 -16.21
C4 NAG LA . -31.62 34.84 -17.39
C5 NAG LA . -32.80 35.77 -17.09
C6 NAG LA . -33.67 35.82 -18.31
C7 NAG LA . -30.07 35.62 -13.32
C8 NAG LA . -29.15 35.67 -12.10
N2 NAG LA . -30.61 34.33 -13.79
O3 NAG LA . -29.94 33.39 -16.51
O4 NAG LA . -30.81 35.44 -18.41
O5 NAG LA . -33.57 35.33 -15.91
O6 NAG LA . -34.40 34.63 -18.41
O7 NAG LA . -30.35 36.63 -13.89
H2 NAG LA . -31.95 33.29 -15.05
H3 NAG LA . -30.11 35.41 -16.04
H4 NAG LA . -32.01 33.90 -17.77
H5 NAG LA . -32.41 36.77 -16.90
H61 NAG LA . -33.04 35.92 -19.19
H62 NAG LA . -34.34 36.67 -18.26
H81 NAG LA . -28.29 35.03 -12.29
H82 NAG LA . -29.69 35.31 -11.24
H83 NAG LA . -28.82 36.68 -11.93
HN2 NAG LA . -30.37 33.50 -13.30
HO3 NAG LA . -30.50 32.62 -16.53
HO4 NAG LA . -30.32 34.77 -18.86
HO6 NAG LA . -34.82 34.59 -19.27
C1 NAG MA . -2.57 27.58 -29.49
C2 NAG MA . -1.14 27.56 -30.05
C3 NAG MA . -0.94 28.57 -31.12
C4 NAG MA . -1.92 28.43 -32.25
C5 NAG MA . -3.37 28.36 -31.73
C6 NAG MA . -4.26 27.98 -32.88
C7 NAG MA . 0.04 28.93 -28.13
C8 NAG MA . -0.91 30.13 -28.21
N2 NAG MA . -0.09 27.75 -29.00
O3 NAG MA . 0.41 28.43 -31.65
O4 NAG MA . -1.79 29.55 -33.13
O5 NAG MA . -3.53 27.38 -30.65
O6 NAG MA . -3.90 26.69 -33.29
O7 NAG MA . 0.90 28.96 -27.33
H2 NAG MA . -1.02 26.59 -30.49
H3 NAG MA . -1.06 29.57 -30.71
H4 NAG MA . -1.70 27.51 -32.77
H5 NAG MA . -3.66 29.33 -31.36
H61 NAG MA . -4.14 28.69 -33.69
H62 NAG MA . -5.31 27.99 -32.56
H81 NAG MA . -0.86 30.69 -27.29
H82 NAG MA . -1.93 29.78 -28.33
H83 NAG MA . -0.62 30.75 -29.05
HN2 NAG MA . 0.57 27.01 -28.87
HO3 NAG MA . 0.66 29.22 -32.10
HO4 NAG MA . -1.95 29.25 -34.01
HO6 NAG MA . -3.72 26.17 -32.54
C1 NAG NA . 4.02 44.86 -22.28
C2 NAG NA . 2.69 45.58 -22.54
C3 NAG NA . 2.07 45.22 -23.83
C4 NAG NA . 3.01 45.38 -24.98
C5 NAG NA . 4.35 44.67 -24.74
C6 NAG NA . 5.27 45.05 -25.86
C7 NAG NA . 1.22 46.24 -20.52
C8 NAG NA . 0.17 45.85 -19.47
N2 NAG NA . 1.66 45.25 -21.49
O3 NAG NA . 0.93 46.10 -24.02
O4 NAG NA . 2.40 44.83 -26.14
O5 NAG NA . 4.97 45.01 -23.45
O6 NAG NA . 4.86 44.40 -27.04
O7 NAG NA . 1.69 47.33 -20.51
H2 NAG NA . 2.90 46.63 -22.52
H3 NAG NA . 1.73 44.20 -23.81
H4 NAG NA . 3.19 46.44 -25.12
H5 NAG NA . 4.19 43.60 -24.78
H61 NAG NA . 6.28 44.75 -25.63
H62 NAG NA . 5.23 46.12 -26.01
H81 NAG NA . 0.27 46.49 -18.60
H82 NAG NA . 0.32 44.82 -19.16
H83 NAG NA . -0.83 45.95 -19.89
HN2 NAG NA . 1.26 44.33 -21.48
HO3 NAG NA . 0.51 45.90 -24.84
HO4 NAG NA . 2.88 45.12 -26.90
HO6 NAG NA . 5.29 44.79 -27.78
C1 NAG OA . 2.05 -52.07 2.51
C2 NAG OA . 1.03 -52.40 3.59
C3 NAG OA . 1.70 -52.63 4.89
C4 NAG OA . 2.73 -53.72 4.78
C5 NAG OA . 3.72 -53.48 3.64
C6 NAG OA . 4.58 -54.70 3.45
C7 NAG OA . -1.33 -51.53 4.11
C8 NAG OA . -2.32 -50.38 4.25
N2 NAG OA . 0.06 -51.26 3.72
O3 NAG OA . 0.70 -53.02 5.87
O4 NAG OA . 3.46 -53.79 6.01
O5 NAG OA . 3.04 -53.19 2.36
O6 NAG OA . 4.55 -55.09 2.10
O7 NAG OA . -1.68 -52.64 4.32
H2 NAG OA . 0.49 -53.29 3.32
H3 NAG OA . 2.19 -51.72 5.21
H4 NAG OA . 2.23 -54.66 4.61
H5 NAG OA . 4.35 -52.64 3.89
H61 NAG OA . 4.21 -55.50 4.07
H62 NAG OA . 5.60 -54.47 3.73
H81 NAG OA . -3.21 -50.72 4.77
H82 NAG OA . -2.60 -50.01 3.27
H83 NAG OA . -1.87 -49.57 4.82
HN2 NAG OA . 0.36 -50.32 3.54
HO3 NAG OA . 0.01 -53.50 5.44
HO4 NAG OA . 3.60 -54.70 6.24
HO6 NAG OA . 3.81 -54.70 1.68
C1 NAG PA . 29.97 2.04 -28.41
C2 NAG PA . 29.79 3.55 -28.46
C3 NAG PA . 29.29 4.01 -29.78
C4 NAG PA . 30.08 3.45 -30.93
C5 NAG PA . 30.30 1.94 -30.81
C6 NAG PA . 31.21 1.47 -31.91
C7 NAG PA . 29.24 4.48 -26.13
C8 NAG PA . 28.21 4.90 -25.07
N2 NAG PA . 28.78 3.96 -27.42
O3 NAG PA . 29.38 5.46 -29.83
O4 NAG PA . 29.37 3.73 -32.15
O5 NAG PA . 30.88 1.58 -29.51
O6 NAG PA . 30.61 0.40 -32.59
O7 NAG PA . 30.40 4.59 -25.90
H2 NAG PA . 30.74 4.03 -28.25
H3 NAG PA . 28.26 3.71 -29.90
H4 NAG PA . 31.04 3.94 -30.97
H5 NAG PA . 29.34 1.44 -30.91
H61 NAG PA . 32.15 1.14 -31.47
H62 NAG PA . 31.40 2.29 -32.60
H81 NAG PA . 28.72 5.23 -24.18
H82 NAG PA . 27.57 4.06 -24.83
H83 NAG PA . 27.60 5.71 -25.46
HN2 NAG PA . 27.80 3.87 -27.60
HO3 NAG PA . 28.84 5.79 -30.55
HO4 NAG PA . 29.98 3.86 -32.85
HO6 NAG PA . 31.26 -0.03 -33.13
C1 NAG QA . -3.78 -37.68 -34.42
C2 NAG QA . -2.29 -37.36 -34.57
C3 NAG QA . -1.43 -38.58 -34.49
C4 NAG QA . -1.81 -39.51 -33.38
C5 NAG QA . -3.31 -39.79 -33.34
C6 NAG QA . -3.65 -40.69 -32.20
C7 NAG QA . -2.95 -36.60 -36.99
C8 NAG QA . -2.52 -35.92 -38.29
N2 NAG QA . -1.98 -36.71 -35.90
O3 NAG QA . -0.06 -38.16 -34.30
O4 NAG QA . -1.11 -40.75 -33.56
O5 NAG QA . -4.05 -38.52 -33.21
O6 NAG QA . -4.49 -41.72 -32.66
O7 NAG QA . -4.06 -37.00 -36.91
H2 NAG QA . -1.99 -36.70 -33.77
H3 NAG QA . -1.51 -39.11 -35.43
H4 NAG QA . -1.51 -39.08 -32.43
H5 NAG QA . -3.60 -40.26 -34.27
H61 NAG QA . -4.16 -40.14 -31.42
H62 NAG QA . -2.74 -41.13 -31.80
H81 NAG QA . -3.35 -35.94 -39.00
H82 NAG QA . -1.68 -36.44 -38.71
H83 NAG QA . -2.25 -34.90 -38.09
HN2 NAG QA . -1.06 -36.35 -36.04
HO3 NAG QA . 0.52 -38.82 -34.64
HO4 NAG QA . -0.26 -40.70 -33.16
HO6 NAG QA . -4.11 -42.13 -33.43
C1 NAG RA . 45.65 -18.46 -7.09
C2 NAG RA . 45.76 -19.54 -8.18
C3 NAG RA . 45.71 -20.95 -7.69
C4 NAG RA . 46.36 -21.10 -6.34
C5 NAG RA . 45.78 -20.07 -5.37
C6 NAG RA . 46.15 -20.32 -3.96
C7 NAG RA . 43.40 -18.81 -9.51
C8 NAG RA . 43.22 -18.86 -11.03
N2 NAG RA . 44.80 -19.29 -9.33
O3 NAG RA . 46.45 -21.77 -8.64
O4 NAG RA . 46.16 -22.42 -5.84
O5 NAG RA . 46.28 -18.76 -5.77
O6 NAG RA . 45.99 -21.68 -3.70
O7 NAG RA . 42.51 -18.44 -8.72
H2 NAG RA . 46.76 -19.42 -8.58
H3 NAG RA . 44.68 -21.29 -7.66
H4 NAG RA . 47.42 -20.93 -6.42
H5 NAG RA . 44.70 -20.07 -5.47
H61 NAG RA . 45.50 -19.75 -3.32
H62 NAG RA . 47.19 -20.01 -3.79
H81 NAG RA . 42.31 -18.43 -11.39
H82 NAG RA . 43.30 -19.89 -11.34
H83 NAG RA . 44.02 -18.30 -11.49
HN2 NAG RA . 45.25 -19.51 -10.22
HO3 NAG RA . 45.98 -21.88 -9.44
HO4 NAG RA . 45.33 -22.73 -6.16
HO6 NAG RA . 46.48 -21.93 -2.94
C1 NAG SA . 24.53 -25.71 -36.78
C2 NAG SA . 25.39 -26.73 -36.08
C3 NAG SA . 26.79 -26.25 -36.15
C4 NAG SA . 27.25 -26.15 -37.59
C5 NAG SA . 26.26 -25.45 -38.55
C6 NAG SA . 26.50 -25.91 -39.97
C7 NAG SA . 24.23 -28.07 -34.23
C8 NAG SA . 23.67 -28.17 -32.81
N2 NAG SA . 24.87 -26.83 -34.68
O3 NAG SA . 27.66 -27.16 -35.43
O4 NAG SA . 28.46 -25.40 -37.60
O5 NAG SA . 24.84 -25.70 -38.25
O6 NAG SA . 27.51 -25.14 -40.57
O7 NAG SA . 24.12 -28.99 -34.97
H2 NAG SA . 25.30 -27.68 -36.58
H3 NAG SA . 26.84 -25.26 -35.70
H4 NAG SA . 27.47 -27.14 -37.96
H5 NAG SA . 26.45 -24.39 -38.50
H61 NAG SA . 25.58 -25.79 -40.54
H62 NAG SA . 26.78 -26.96 -39.98
H81 NAG SA . 23.44 -29.21 -32.59
H82 NAG SA . 22.75 -27.59 -32.76
H83 NAG SA . 24.39 -27.79 -32.10
HN2 NAG SA . 24.94 -26.05 -34.04
HO3 NAG SA . 28.15 -26.69 -34.79
HO4 NAG SA . 28.27 -24.48 -37.49
HO6 NAG SA . 27.17 -24.74 -41.36
#